data_7TQT
#
_entry.id   7TQT
#
loop_
_entity.id
_entity.type
_entity.pdbx_description
1 polymer 'pAbC-5 light chain'
2 polymer 'pAbC-5 heavy chain'
3 polymer VP1
4 polymer VP2
5 polymer VP3
6 polymer VP4
7 non-polymer 'MYRISTIC ACID'
#
loop_
_entity_poly.entity_id
_entity_poly.type
_entity_poly.pdbx_seq_one_letter_code
_entity_poly.pdbx_strand_id
1 'polypeptide(L)'
;(UNK)(UNK)(UNK)(UNK)(UNK)(UNK)(UNK)(UNK)(UNK)(UNK)(UNK)(UNK)(UNK)(UNK)(UNK)(UNK)
(UNK)(UNK)(UNK)(UNK)(UNK)(UNK)(UNK)(UNK)(UNK)(UNK)(UNK)(UNK)(UNK)(UNK)(UNK)(UNK)
(UNK)(UNK)(UNK)(UNK)(UNK)(UNK)(UNK)(UNK)(UNK)(UNK)(UNK)(UNK)(UNK)(UNK)(UNK)(UNK)
(UNK)(UNK)(UNK)(UNK)(UNK)(UNK)(UNK)(UNK)(UNK)(UNK)(UNK)(UNK)(UNK)(UNK)(UNK)(UNK)
(UNK)(UNK)(UNK)(UNK)(UNK)(UNK)(UNK)(UNK)(UNK)(UNK)(UNK)(UNK)(UNK)(UNK)(UNK)(UNK)
(UNK)(UNK)(UNK)(UNK)(UNK)(UNK)(UNK)(UNK)(UNK)(UNK)(UNK)(UNK)(UNK)(UNK)(UNK)(UNK)
(UNK)(UNK)
;
L
2 'polypeptide(L)'
;(UNK)(UNK)(UNK)(UNK)(UNK)(UNK)(UNK)(UNK)(UNK)(UNK)(UNK)(UNK)(UNK)(UNK)(UNK)(UNK)
(UNK)(UNK)(UNK)(UNK)(UNK)(UNK)(UNK)(UNK)(UNK)(UNK)(UNK)(UNK)(UNK)(UNK)(UNK)(UNK)
(UNK)(UNK)(UNK)(UNK)(UNK)(UNK)(UNK)(UNK)(UNK)(UNK)(UNK)(UNK)(UNK)(UNK)(UNK)(UNK)
(UNK)(UNK)(UNK)(UNK)(UNK)(UNK)(UNK)(UNK)(UNK)(UNK)(UNK)(UNK)(UNK)(UNK)(UNK)(UNK)
(UNK)(UNK)(UNK)(UNK)(UNK)(UNK)(UNK)(UNK)(UNK)(UNK)(UNK)(UNK)(UNK)(UNK)(UNK)(UNK)
(UNK)(UNK)(UNK)(UNK)(UNK)(UNK)(UNK)(UNK)(UNK)(UNK)(UNK)(UNK)(UNK)(UNK)(UNK)(UNK)
(UNK)(UNK)(UNK)(UNK)(UNK)(UNK)(UNK)(UNK)(UNK)(UNK)(UNK)(UNK)
;
H
3 'polypeptide(L)'
;GIEDLIDTAIKNALRVSQPPSTQSTEATSGVNSQEVPALTAVETGASGQAIPSDVVETRHVVNYKTRSESCLESFFGRAA
CVTILSLTNSSKSGEEKKHFNIWNITYTDTVQLRRKLEFFTYSRFDLEMTFVFTENYPSTASGEVRNQVYQIMYIPPGAP
RPSSWDDYTWQSSSNPSIFYMYGNAPPRMSIPYVGIANAYSHFYDGFARVPLEGENTDAGDTFYGLVSINDFGVLAVRAV
NRSNPHTIHTSVRVYMKPKHIRCWCPRPPRAVLYRGEGVDMISSAILPLAKVDSITTF
;
a,e,i,m,q
4 'polypeptide(L)'
;SPNVEACGYSDRVRQITLGNSTITTQEAANAIVAYGEWPTYINDSEANPVDAPTEPDVSSNRFYTLESVSWKTTSRGWWW
KLPDCLKDMGMFGQNMYYHYLGRSGYTIHVQCNASKFHQGALGVFLIPEFVMACNTESKTSYVSYINANPGERGGEFTNT
YNPSNTDASEGRKFAALDYLLGSGVLAGNAFVYPHQIINLRTNNSATIVVPYVNSLVIDCMAKHNNWGIVILPLAPLAFA
ATSSPQVPITVTIAPMCTEFNGLRNITVPVHQ
;
b,f,j,n,r
5 'polypeptide(L)'
;GLPTMNTPGSNQFLTSDDFQSPCALPNFDVTPPIHIPGEVKNMMELAEIDTLIPMNAVDGKVNTMEMYQIPLNDNLSKAP
IFCLSLSPASDKRLSHTMLGEILNYYTHWTGSIRFTFLFCGSMMATGKLLLSYSPPGAKPPTNRKDAMLGTHIIWDLGLQ
SSCSMVAPWISNTVYRRCARDDFTEGGFITCFYQTRIVVPASTPTSMFMLGFVSACPDFSVRLLRDTPHISQSKLIGRTQ
;
c,g,k,o,s
6 'polypeptide(L)' MGAQVSTQKTGAHENQNVAANGSTINYTTINYYKDSASNSATRQDLSQDPSKFTEPVKDLMLKTAPALN d,h,l,p,t
#
loop_
_chem_comp.id
_chem_comp.type
_chem_comp.name
_chem_comp.formula
MYR non-polymer 'MYRISTIC ACID' 'C14 H28 O2'
#
# COMPACT_ATOMS: atom_id res chain seq x y z
N UNK A 1 -44.33 24.30 -5.58
CA UNK A 1 -44.59 23.79 -6.92
C UNK A 1 -46.07 23.41 -7.00
N UNK A 2 -46.50 22.92 -8.17
CA UNK A 2 -47.85 22.48 -8.49
C UNK A 2 -47.82 21.46 -9.62
N UNK A 3 -48.84 20.62 -9.60
CA UNK A 3 -49.14 19.69 -10.68
C UNK A 3 -50.48 20.14 -11.22
N UNK A 4 -50.48 20.68 -12.41
CA UNK A 4 -51.69 21.25 -12.94
C UNK A 4 -52.34 20.37 -13.97
N UNK A 5 -53.56 19.94 -13.75
CA UNK A 5 -54.12 19.08 -14.77
C UNK A 5 -54.04 19.84 -16.08
N UNK A 6 -53.57 19.18 -17.11
CA UNK A 6 -53.37 19.78 -18.43
C UNK A 6 -54.63 19.82 -19.25
N UNK A 7 -55.68 19.24 -18.72
CA UNK A 7 -56.93 19.18 -19.43
C UNK A 7 -58.06 19.16 -18.44
N UNK A 8 -59.19 19.74 -18.82
CA UNK A 8 -60.37 19.62 -17.98
C UNK A 8 -60.83 18.19 -17.95
N UNK A 9 -60.68 17.54 -19.10
CA UNK A 9 -61.07 16.17 -19.25
C UNK A 9 -60.34 15.48 -20.38
N UNK A 10 -60.35 14.17 -20.28
CA UNK A 10 -59.89 13.20 -21.23
C UNK A 10 -61.08 12.30 -21.44
N UNK A 11 -62.16 12.92 -21.92
CA UNK A 11 -63.46 12.27 -22.07
C UNK A 11 -63.55 11.53 -23.37
N UNK A 12 -62.79 10.46 -23.43
CA UNK A 12 -62.60 9.60 -24.57
C UNK A 12 -63.81 8.75 -24.92
N UNK A 13 -63.88 8.39 -26.19
CA UNK A 13 -64.85 7.42 -26.63
C UNK A 13 -64.39 6.09 -26.06
N UNK A 14 -65.31 5.17 -25.86
CA UNK A 14 -64.88 3.91 -25.28
C UNK A 14 -63.82 3.24 -26.12
N UNK A 15 -62.83 2.74 -25.42
CA UNK A 15 -61.66 2.03 -25.91
C UNK A 15 -60.82 2.85 -26.89
N UNK A 16 -60.99 4.16 -26.89
CA UNK A 16 -60.20 5.03 -27.74
C UNK A 16 -58.88 5.38 -27.08
N UNK A 17 -57.83 5.60 -27.86
CA UNK A 17 -56.61 6.06 -27.22
C UNK A 17 -56.87 7.44 -26.68
N UNK A 18 -56.32 7.77 -25.53
CA UNK A 18 -56.55 9.08 -24.95
C UNK A 18 -55.48 9.39 -23.95
N UNK A 19 -55.34 10.65 -23.59
CA UNK A 19 -54.37 10.91 -22.55
C UNK A 19 -54.72 12.06 -21.66
N UNK A 20 -54.31 11.89 -20.42
CA UNK A 20 -54.33 12.90 -19.41
C UNK A 20 -52.89 13.27 -19.19
N UNK A 21 -52.67 14.41 -18.61
CA UNK A 21 -51.34 14.86 -18.27
C UNK A 21 -51.48 16.00 -17.32
N UNK A 22 -50.39 16.39 -16.68
CA UNK A 22 -50.37 17.60 -15.90
C UNK A 22 -49.13 18.40 -16.24
N UNK A 23 -49.25 19.72 -16.16
CA UNK A 23 -48.14 20.60 -16.35
C UNK A 23 -47.39 20.70 -15.05
N UNK A 24 -46.10 20.89 -15.10
CA UNK A 24 -45.39 21.02 -13.83
C UNK A 24 -44.84 22.40 -13.62
N UNK A 25 -44.90 22.83 -12.36
CA UNK A 25 -44.37 24.11 -11.91
C UNK A 25 -42.89 24.05 -11.59
N UNK A 26 -42.29 22.87 -11.69
CA UNK A 26 -40.90 22.69 -11.38
C UNK A 26 -40.32 21.55 -12.20
N UNK A 27 -39.01 21.58 -12.44
CA UNK A 27 -38.36 20.54 -13.23
C UNK A 27 -38.05 19.31 -12.44
N UNK A 28 -39.11 18.63 -12.04
CA UNK A 28 -39.00 17.41 -11.30
C UNK A 28 -38.40 16.38 -12.24
N UNK A 29 -37.57 15.51 -11.70
CA UNK A 29 -36.96 14.41 -12.45
C UNK A 29 -37.82 13.16 -12.40
N UNK A 30 -38.96 13.26 -11.75
CA UNK A 30 -39.88 12.17 -11.57
C UNK A 30 -41.32 12.64 -11.61
N UNK A 31 -42.21 11.74 -11.98
CA UNK A 31 -43.62 12.00 -12.06
C UNK A 31 -44.39 10.73 -11.79
N UNK A 32 -45.61 10.89 -11.36
CA UNK A 32 -46.53 9.80 -11.14
C UNK A 32 -47.91 10.36 -11.17
N UNK A 33 -48.93 9.54 -11.40
CA UNK A 33 -50.30 9.99 -11.27
C UNK A 33 -51.14 8.83 -10.82
N UNK A 34 -52.04 9.05 -9.88
CA UNK A 34 -52.86 7.95 -9.42
C UNK A 34 -54.26 8.00 -10.00
N UNK A 35 -54.75 6.82 -10.39
CA UNK A 35 -56.07 6.71 -10.99
C UNK A 35 -57.18 6.63 -9.98
N UNK A 36 -58.02 7.63 -9.99
CA UNK A 36 -59.11 7.78 -9.05
C UNK A 36 -60.29 6.95 -9.45
N UNK A 37 -60.12 5.64 -9.35
CA UNK A 37 -61.16 4.72 -9.73
C UNK A 37 -62.35 5.01 -8.86
N UNK A 38 -63.53 4.83 -9.41
CA UNK A 38 -64.71 5.13 -8.65
C UNK A 38 -64.71 4.37 -7.35
N UNK A 39 -65.07 5.10 -6.30
CA UNK A 39 -65.19 4.55 -4.96
C UNK A 39 -63.93 3.84 -4.48
N UNK A 40 -62.76 4.39 -4.81
CA UNK A 40 -61.54 3.75 -4.35
C UNK A 40 -60.42 4.75 -4.13
N UNK A 41 -59.46 4.39 -3.28
CA UNK A 41 -58.29 5.21 -3.15
C UNK A 41 -57.62 5.16 -4.49
N UNK A 42 -57.10 6.27 -4.97
CA UNK A 42 -56.49 6.23 -6.27
C UNK A 42 -55.29 5.30 -6.30
N UNK A 43 -55.15 4.61 -7.43
CA UNK A 43 -54.05 3.67 -7.66
C UNK A 43 -52.84 4.34 -8.26
N UNK A 44 -51.71 4.30 -7.56
CA UNK A 44 -50.51 4.99 -8.01
C UNK A 44 -49.71 4.22 -9.04
N UNK A 45 -50.27 4.08 -10.25
CA UNK A 45 -49.52 3.41 -11.33
C UNK A 45 -48.43 4.32 -11.90
N UNK A 46 -47.47 4.74 -11.06
CA UNK A 46 -46.36 5.61 -11.51
C UNK A 46 -45.48 4.87 -12.53
N UNK A 47 -44.94 5.59 -13.51
CA UNK A 47 -44.11 4.98 -14.57
C UNK A 47 -42.79 4.43 -14.02
N UNK A 48 -42.32 3.32 -14.59
CA UNK A 48 -41.05 2.69 -14.14
C UNK A 48 -41.30 2.09 -12.76
N UNK A 49 -42.56 2.10 -12.31
CA UNK A 49 -42.95 1.45 -11.04
C UNK A 49 -44.29 0.81 -11.35
N UNK A 50 -44.35 0.05 -12.44
CA UNK A 50 -45.66 -0.25 -13.02
C UNK A 50 -46.28 -1.41 -12.23
N UNK A 51 -46.42 -1.27 -10.92
CA UNK A 51 -47.09 -2.32 -10.12
C UNK A 51 -48.55 -2.40 -10.58
N UNK A 52 -49.16 -3.59 -10.56
CA UNK A 52 -50.52 -3.72 -11.13
C UNK A 52 -50.42 -3.15 -12.54
N UNK A 53 -49.48 -3.66 -13.34
CA UNK A 53 -49.20 -3.04 -14.66
C UNK A 53 -50.50 -2.88 -15.45
N UNK A 54 -50.79 -1.66 -15.89
CA UNK A 54 -52.03 -1.54 -16.68
C UNK A 54 -51.67 -1.77 -18.15
N UNK A 55 -52.16 -2.88 -18.69
CA UNK A 55 -51.86 -3.33 -20.06
C UNK A 55 -51.76 -2.10 -20.97
N UNK A 56 -52.63 -1.13 -20.73
CA UNK A 56 -52.78 0.03 -21.58
C UNK A 56 -51.97 1.21 -21.09
N UNK A 57 -51.25 1.09 -19.98
CA UNK A 57 -50.56 2.27 -19.48
C UNK A 57 -49.62 2.77 -20.55
N UNK A 58 -49.63 4.07 -20.81
CA UNK A 58 -48.75 4.63 -21.84
C UNK A 58 -48.13 5.94 -21.38
N UNK A 59 -48.02 6.12 -20.07
CA UNK A 59 -47.49 7.35 -19.53
C UNK A 59 -46.04 7.30 -19.11
N UNK A 60 -45.31 8.35 -19.46
CA UNK A 60 -43.94 8.57 -19.03
C UNK A 60 -43.60 10.04 -19.17
N UNK A 61 -42.94 10.60 -18.17
CA UNK A 61 -42.51 11.99 -18.24
C UNK A 61 -41.44 12.30 -17.21
N UNK A 62 -40.64 13.31 -17.50
CA UNK A 62 -39.64 13.85 -16.57
C UNK A 62 -39.28 15.26 -17.01
N UNK A 63 -38.67 16.02 -16.11
CA UNK A 63 -38.19 17.37 -16.37
C UNK A 63 -39.33 18.32 -16.67
N UNK A 64 -40.11 18.56 -15.63
CA UNK A 64 -41.29 19.42 -15.63
C UNK A 64 -42.39 18.95 -16.56
N UNK A 65 -42.69 17.67 -16.48
CA UNK A 65 -43.73 17.07 -17.29
C UNK A 65 -44.37 15.96 -16.51
N UNK A 66 -45.62 15.66 -16.81
CA UNK A 66 -46.33 14.60 -16.10
C UNK A 66 -47.37 13.94 -16.98
N UNK A 67 -46.94 13.03 -17.83
CA UNK A 67 -47.87 12.35 -18.73
C UNK A 67 -48.73 11.40 -17.94
N UNK A 68 -49.98 11.22 -18.37
CA UNK A 68 -50.88 10.24 -17.79
C UNK A 68 -51.73 9.65 -18.93
N UNK A 69 -51.03 9.17 -19.95
CA UNK A 69 -51.59 8.59 -21.17
C UNK A 69 -51.96 7.12 -21.06
N UNK A 70 -52.89 6.68 -21.92
CA UNK A 70 -53.24 5.27 -22.05
C UNK A 70 -53.54 4.90 -23.49
N UNK A 71 -53.23 3.65 -23.82
CA UNK A 71 -53.45 3.07 -25.13
C UNK A 71 -54.91 3.02 -25.53
N UNK A 72 -55.80 2.81 -24.56
CA UNK A 72 -57.22 2.78 -24.84
C UNK A 72 -58.01 3.04 -23.57
N UNK A 73 -59.08 3.81 -23.67
CA UNK A 73 -60.02 4.03 -22.58
C UNK A 73 -61.03 2.90 -22.56
N UNK A 74 -60.51 1.70 -22.42
CA UNK A 74 -61.30 0.50 -22.44
C UNK A 74 -61.79 0.22 -21.05
N UNK A 75 -62.98 -0.37 -20.94
CA UNK A 75 -63.50 -0.70 -19.64
C UNK A 75 -63.63 0.56 -18.74
N UNK A 76 -62.87 0.60 -17.65
CA UNK A 76 -62.92 1.69 -16.68
C UNK A 76 -62.24 2.98 -17.13
N UNK A 77 -62.73 4.09 -16.59
CA UNK A 77 -62.09 5.38 -16.80
C UNK A 77 -61.99 6.04 -15.44
N UNK A 78 -60.92 6.79 -15.21
CA UNK A 78 -60.73 7.50 -13.96
C UNK A 78 -59.85 8.69 -14.16
N UNK A 79 -60.03 9.71 -13.35
CA UNK A 79 -59.16 10.86 -13.40
C UNK A 79 -57.77 10.48 -12.87
N UNK A 80 -56.70 11.00 -13.48
CA UNK A 80 -55.36 10.69 -12.98
C UNK A 80 -54.72 11.90 -12.30
N UNK A 81 -54.51 11.79 -11.00
CA UNK A 81 -53.97 12.89 -10.20
C UNK A 81 -52.46 12.83 -10.06
N UNK A 82 -51.80 13.72 -10.79
CA UNK A 82 -50.35 13.75 -10.81
C UNK A 82 -49.79 14.21 -9.47
N UNK A 83 -48.73 13.55 -9.00
CA UNK A 83 -48.07 13.95 -7.76
C UNK A 83 -46.66 13.38 -7.68
N UNK A 84 -45.70 14.18 -7.20
CA UNK A 84 -44.35 13.68 -6.99
C UNK A 84 -43.64 14.49 -5.91
N UNK A 85 -42.60 13.89 -5.32
CA UNK A 85 -41.72 14.47 -4.29
C UNK A 85 -42.38 14.48 -2.91
N UNK A 86 -41.63 14.90 -1.89
CA UNK A 86 -42.19 14.94 -0.54
C UNK A 86 -43.27 15.97 -0.49
N UNK A 87 -44.36 15.68 0.23
CA UNK A 87 -45.44 16.66 0.33
C UNK A 87 -45.81 17.09 -1.07
N UNK A 88 -45.99 16.09 -1.93
CA UNK A 88 -46.24 16.31 -3.33
C UNK A 88 -47.43 17.18 -3.58
N UNK A 89 -47.26 18.09 -4.51
CA UNK A 89 -48.32 19.00 -4.89
C UNK A 89 -49.27 18.31 -5.84
N UNK A 90 -50.10 17.43 -5.30
CA UNK A 90 -50.99 16.63 -6.11
C UNK A 90 -51.98 17.48 -6.91
N UNK A 91 -52.19 17.06 -8.15
CA UNK A 91 -53.12 17.65 -9.11
C UNK A 91 -54.53 17.26 -8.80
N UNK A 92 -55.47 18.07 -9.25
CA UNK A 92 -56.89 17.74 -9.12
C UNK A 92 -57.30 16.71 -10.17
N UNK A 93 -56.43 16.50 -11.15
CA UNK A 93 -56.58 15.57 -12.27
C UNK A 93 -57.55 16.02 -13.33
N UNK A 94 -57.32 15.56 -14.55
CA UNK A 94 -58.29 15.76 -15.62
C UNK A 94 -59.41 14.77 -15.38
N UNK A 95 -60.63 15.12 -15.70
CA UNK A 95 -61.73 14.18 -15.62
C UNK A 95 -61.56 13.13 -16.71
N UNK A 96 -62.17 11.97 -16.57
CA UNK A 96 -62.03 10.98 -17.62
C UNK A 96 -63.35 10.32 -17.91
N UNK A 97 -63.48 9.83 -19.12
CA UNK A 97 -64.68 9.12 -19.54
C UNK A 97 -64.32 8.12 -20.64
N UNK A 98 -65.22 7.15 -20.90
CA UNK A 98 -65.10 6.15 -21.97
C UNK A 98 -66.24 6.38 -22.96
N UNK B 1 -53.42 -6.69 2.53
CA UNK B 1 -53.61 -5.84 3.70
C UNK B 1 -54.19 -4.51 3.24
N UNK B 2 -55.07 -3.91 4.08
CA UNK B 2 -55.72 -2.61 3.86
C UNK B 2 -56.00 -2.00 5.20
N UNK B 3 -56.05 -0.67 5.27
CA UNK B 3 -56.37 -0.06 6.55
C UNK B 3 -57.78 -0.41 6.95
N UNK B 4 -57.99 -0.57 8.25
CA UNK B 4 -59.31 -0.85 8.79
C UNK B 4 -60.09 0.44 8.91
N UNK B 5 -59.34 1.53 8.89
CA UNK B 5 -59.82 2.87 9.07
C UNK B 5 -60.84 3.37 8.09
N UNK B 6 -61.85 4.00 8.66
CA UNK B 6 -62.91 4.70 7.99
C UNK B 6 -63.57 5.57 9.05
N UNK B 7 -64.15 6.69 8.68
CA UNK B 7 -64.88 7.47 9.67
C UNK B 7 -65.73 8.55 9.03
N UNK B 8 -66.49 9.24 9.86
CA UNK B 8 -67.29 10.38 9.43
C UNK B 8 -67.39 11.33 10.60
N UNK B 9 -67.68 12.58 10.34
CA UNK B 9 -67.79 13.57 11.40
C UNK B 9 -68.69 14.69 10.97
N UNK B 10 -69.18 15.46 11.94
CA UNK B 10 -70.02 16.62 11.69
C UNK B 10 -69.87 17.66 12.79
N UNK B 11 -68.74 18.37 12.83
CA UNK B 11 -68.47 19.30 13.91
C UNK B 11 -67.40 20.33 13.52
N UNK B 12 -67.83 21.50 13.07
CA UNK B 12 -66.90 22.52 12.54
C UNK B 12 -65.85 23.00 13.53
N UNK B 13 -66.19 23.06 14.81
CA UNK B 13 -65.25 23.57 15.81
C UNK B 13 -64.40 22.49 16.45
N UNK B 14 -64.62 21.24 16.06
CA UNK B 14 -63.96 20.11 16.67
C UNK B 14 -62.58 19.84 16.12
N UNK B 15 -61.77 19.16 16.92
CA UNK B 15 -60.55 18.64 16.36
C UNK B 15 -61.00 17.47 15.51
N UNK B 16 -60.35 17.25 14.38
CA UNK B 16 -60.77 16.16 13.52
C UNK B 16 -60.72 14.78 14.16
N UNK B 17 -59.74 14.53 15.02
CA UNK B 17 -59.62 13.21 15.64
C UNK B 17 -59.67 12.13 14.59
N UNK B 18 -58.96 12.34 13.48
CA UNK B 18 -58.94 11.42 12.37
C UNK B 18 -58.00 10.27 12.61
N UNK B 19 -58.39 9.43 13.55
CA UNK B 19 -57.64 8.25 13.89
C UNK B 19 -57.84 7.28 12.76
N UNK B 20 -56.87 6.40 12.52
CA UNK B 20 -57.02 5.49 11.40
C UNK B 20 -56.31 4.15 11.58
N UNK B 21 -57.08 3.14 12.00
CA UNK B 21 -56.55 1.81 12.25
C UNK B 21 -56.02 1.09 11.01
N UNK B 22 -54.87 0.43 11.19
CA UNK B 22 -54.24 -0.40 10.19
C UNK B 22 -54.66 -1.84 10.39
N UNK B 23 -54.49 -2.66 9.37
CA UNK B 23 -54.78 -4.06 9.56
C UNK B 23 -53.89 -4.93 8.70
N UNK B 24 -53.57 -6.11 9.23
CA UNK B 24 -52.76 -7.10 8.54
C UNK B 24 -51.44 -6.53 8.06
N UNK B 25 -50.85 -5.64 8.86
CA UNK B 25 -49.61 -5.02 8.45
C UNK B 25 -48.80 -4.58 9.64
N UNK B 26 -47.49 -4.49 9.44
CA UNK B 26 -46.62 -3.96 10.45
C UNK B 26 -46.84 -2.47 10.59
N UNK B 27 -46.69 -1.96 11.81
CA UNK B 27 -46.82 -0.53 12.08
C UNK B 27 -45.53 0.22 11.74
N UNK B 28 -44.53 -0.53 11.29
CA UNK B 28 -43.22 -0.03 10.90
C UNK B 28 -43.26 0.95 9.72
N UNK B 29 -44.17 0.76 8.77
CA UNK B 29 -44.19 1.67 7.64
C UNK B 29 -44.65 3.05 8.06
N UNK B 30 -44.02 4.08 7.54
CA UNK B 30 -44.43 5.43 7.83
C UNK B 30 -45.73 5.77 7.10
N UNK B 31 -46.57 6.59 7.71
CA UNK B 31 -47.79 7.03 7.06
C UNK B 31 -48.32 8.33 7.63
N UNK B 32 -49.05 9.05 6.77
CA UNK B 32 -49.78 10.26 7.08
C UNK B 32 -51.08 10.24 6.34
N UNK B 33 -52.11 10.87 6.87
CA UNK B 33 -53.36 10.87 6.13
C UNK B 33 -53.52 12.08 5.25
N UNK B 34 -53.76 11.82 3.96
CA UNK B 34 -53.96 12.86 2.98
C UNK B 34 -55.29 13.50 3.21
N UNK B 35 -55.37 14.82 3.03
CA UNK B 35 -56.66 15.45 3.15
C UNK B 35 -57.32 15.37 1.81
N UNK B 36 -58.30 14.50 1.68
CA UNK B 36 -58.97 14.24 0.42
C UNK B 36 -60.02 15.29 0.17
N UNK B 37 -59.51 16.47 -0.14
CA UNK B 37 -60.25 17.67 -0.42
C UNK B 37 -60.92 17.54 -1.76
N UNK B 38 -61.94 18.35 -1.99
CA UNK B 38 -62.67 18.31 -3.24
C UNK B 38 -61.80 18.51 -4.48
N UNK B 39 -60.74 19.33 -4.39
CA UNK B 39 -59.91 19.51 -5.57
C UNK B 39 -58.88 18.41 -5.70
N UNK B 40 -57.99 18.28 -4.74
CA UNK B 40 -56.95 17.25 -4.79
C UNK B 40 -56.60 16.82 -3.40
N UNK B 41 -56.26 15.55 -3.23
CA UNK B 41 -55.85 15.15 -1.90
C UNK B 41 -54.44 15.60 -1.62
N UNK B 42 -54.18 16.06 -0.41
CA UNK B 42 -52.79 16.39 -0.06
C UNK B 42 -52.50 16.35 1.43
N UNK B 43 -51.28 15.98 1.76
CA UNK B 43 -50.73 16.04 3.11
C UNK B 43 -49.24 15.83 3.02
N UNK B 44 -48.56 16.16 4.08
CA UNK B 44 -47.14 15.88 4.18
C UNK B 44 -46.98 14.69 5.08
N UNK B 45 -45.74 14.27 5.26
CA UNK B 45 -45.42 13.08 6.03
C UNK B 45 -45.71 13.15 7.53
N UNK B 46 -45.88 11.96 8.05
CA UNK B 46 -46.06 11.59 9.44
C UNK B 46 -45.39 10.25 9.44
N UNK B 47 -44.89 9.78 10.56
CA UNK B 47 -44.18 8.54 10.43
C UNK B 47 -44.10 7.65 11.64
N UNK B 48 -43.79 6.43 11.27
CA UNK B 48 -43.51 5.33 12.13
C UNK B 48 -42.20 5.65 12.80
N UNK B 49 -41.95 5.02 13.94
CA UNK B 49 -40.74 5.26 14.70
C UNK B 49 -40.59 6.71 15.14
N UNK B 50 -41.70 7.27 15.63
CA UNK B 50 -41.76 8.61 16.22
C UNK B 50 -41.26 9.78 15.36
N UNK B 51 -41.86 10.01 14.20
CA UNK B 51 -41.38 11.12 13.39
C UNK B 51 -42.52 11.74 12.58
N UNK B 52 -42.36 13.00 12.16
CA UNK B 52 -43.34 13.64 11.30
C UNK B 52 -42.75 14.83 10.58
N UNK B 53 -43.38 15.23 9.48
CA UNK B 53 -43.02 16.40 8.72
C UNK B 53 -44.28 17.01 8.15
N UNK B 54 -45.14 17.51 9.05
CA UNK B 54 -46.48 17.99 8.71
C UNK B 54 -46.42 19.16 7.74
N UNK B 55 -47.44 19.24 6.89
CA UNK B 55 -47.56 20.25 5.86
C UNK B 55 -47.74 21.61 6.48
N UNK B 56 -47.25 22.63 5.77
CA UNK B 56 -47.41 24.00 6.25
C UNK B 56 -48.88 24.35 6.40
N UNK B 57 -49.72 23.78 5.56
CA UNK B 57 -51.14 24.03 5.56
C UNK B 57 -51.88 23.18 6.59
N UNK B 58 -51.20 22.31 7.31
CA UNK B 58 -51.88 21.44 8.24
C UNK B 58 -52.22 22.16 9.54
N UNK B 59 -53.41 21.89 10.06
CA UNK B 59 -53.83 22.37 11.39
C UNK B 59 -53.69 21.24 12.39
N UNK B 60 -53.17 20.12 11.90
CA UNK B 60 -53.07 18.90 12.67
C UNK B 60 -51.76 18.55 13.24
N UNK B 61 -51.87 17.88 14.35
CA UNK B 61 -50.75 17.25 14.98
C UNK B 61 -50.72 15.81 14.54
N UNK B 62 -49.59 15.36 14.06
CA UNK B 62 -49.47 13.98 13.70
C UNK B 62 -49.46 13.20 14.99
N UNK B 63 -50.04 12.02 14.97
CA UNK B 63 -50.03 11.21 16.16
C UNK B 63 -50.30 9.78 15.78
N UNK B 64 -49.93 8.85 16.65
CA UNK B 64 -50.24 7.45 16.42
C UNK B 64 -50.36 6.71 17.74
N UNK B 65 -51.13 5.64 17.67
CA UNK B 65 -51.44 4.74 18.74
C UNK B 65 -50.61 3.45 18.76
N UNK B 66 -50.59 2.82 19.94
CA UNK B 66 -49.95 1.51 20.16
C UNK B 66 -50.78 0.41 19.50
N UNK B 67 -51.95 0.82 19.08
CA UNK B 67 -52.97 0.03 18.42
C UNK B 67 -52.68 -0.11 16.95
N UNK B 68 -51.56 0.47 16.49
CA UNK B 68 -51.22 0.45 15.08
C UNK B 68 -52.30 1.15 14.32
N UNK B 69 -52.64 2.33 14.83
CA UNK B 69 -53.64 3.21 14.28
C UNK B 69 -53.15 4.64 14.31
N UNK B 70 -53.51 5.42 13.32
CA UNK B 70 -53.18 6.83 13.38
C UNK B 70 -54.01 7.42 14.47
N UNK B 71 -53.54 8.45 15.13
CA UNK B 71 -54.31 9.12 16.15
C UNK B 71 -54.23 10.64 15.98
N UNK B 72 -53.98 11.06 14.75
CA UNK B 72 -53.78 12.46 14.37
C UNK B 72 -55.05 13.29 14.45
N UNK B 73 -54.89 14.61 14.69
CA UNK B 73 -56.08 15.46 14.69
C UNK B 73 -55.83 16.90 14.31
N UNK B 74 -56.68 17.43 13.41
CA UNK B 74 -56.66 18.82 12.95
C UNK B 74 -57.48 19.72 13.80
N UNK B 75 -56.86 20.77 14.32
CA UNK B 75 -57.56 21.71 15.16
C UNK B 75 -58.50 22.55 14.34
N UNK B 76 -59.65 22.92 14.92
CA UNK B 76 -60.58 23.82 14.24
C UNK B 76 -60.86 23.33 12.83
N UNK B 77 -61.28 22.08 12.70
CA UNK B 77 -61.45 21.48 11.38
C UNK B 77 -62.77 21.87 10.75
N UNK B 78 -62.88 23.17 10.42
CA UNK B 78 -64.09 23.75 9.84
C UNK B 78 -64.27 23.37 8.37
N UNK B 79 -63.16 23.17 7.65
CA UNK B 79 -63.24 22.80 6.25
C UNK B 79 -63.20 21.29 6.18
N UNK B 80 -64.06 20.69 5.37
CA UNK B 80 -64.05 19.23 5.29
C UNK B 80 -63.24 18.68 4.14
N UNK B 81 -62.59 17.57 4.41
CA UNK B 81 -61.85 16.72 3.51
C UNK B 81 -61.83 15.37 4.18
N UNK B 82 -61.71 14.27 3.46
CA UNK B 82 -61.61 13.01 4.20
C UNK B 82 -60.15 12.65 4.45
N UNK B 83 -59.79 12.27 5.65
CA UNK B 83 -58.39 11.94 5.92
C UNK B 83 -58.07 10.48 5.62
N UNK B 84 -57.33 10.26 4.52
CA UNK B 84 -56.99 8.92 4.04
C UNK B 84 -55.59 8.50 4.43
N UNK B 85 -55.48 7.62 5.43
CA UNK B 85 -54.17 7.23 5.93
C UNK B 85 -53.34 6.52 4.87
N UNK B 86 -52.09 6.93 4.73
CA UNK B 86 -51.11 6.41 3.79
C UNK B 86 -50.40 5.17 4.32
N UNK B 87 -49.42 4.73 3.56
CA UNK B 87 -48.61 3.57 3.86
C UNK B 87 -47.26 3.73 3.18
N UNK B 88 -46.24 3.09 3.71
CA UNK B 88 -44.93 3.02 3.07
C UNK B 88 -44.35 4.38 2.67
N UNK B 89 -44.50 5.39 3.52
CA UNK B 89 -43.93 6.69 3.21
C UNK B 89 -42.41 6.64 3.38
N UNK B 90 -41.67 7.40 2.57
CA UNK B 90 -40.21 7.42 2.72
C UNK B 90 -39.63 8.72 2.18
N UNK B 91 -38.45 9.11 2.69
CA UNK B 91 -37.75 10.32 2.21
C UNK B 91 -36.42 10.06 1.47
N UNK B 92 -35.59 9.14 1.96
CA UNK B 92 -34.26 8.90 1.37
C UNK B 92 -34.35 8.03 0.12
N UNK B 93 -35.48 7.38 -0.01
CA UNK B 93 -35.80 6.46 -1.08
C UNK B 93 -36.00 7.22 -2.36
N UNK B 94 -35.77 6.56 -3.49
CA UNK B 94 -36.02 7.23 -4.77
C UNK B 94 -37.49 7.62 -4.93
N UNK B 95 -38.39 6.80 -4.40
CA UNK B 95 -39.81 7.06 -4.53
C UNK B 95 -40.58 6.33 -3.44
N UNK B 96 -41.80 6.79 -3.18
CA UNK B 96 -42.71 6.13 -2.26
C UNK B 96 -44.14 6.25 -2.79
N UNK B 97 -44.97 5.27 -2.47
CA UNK B 97 -46.38 5.25 -2.87
C UNK B 97 -47.17 4.48 -1.84
N UNK B 98 -48.48 4.72 -1.76
CA UNK B 98 -49.28 4.04 -0.74
C UNK B 98 -50.63 3.54 -1.16
N UNK B 99 -51.05 2.46 -0.52
CA UNK B 99 -52.42 1.99 -0.63
C UNK B 99 -53.18 2.63 0.52
N UNK B 100 -53.87 3.71 0.23
CA UNK B 100 -54.51 4.50 1.28
C UNK B 100 -55.80 3.89 1.83
N UNK B 101 -56.14 4.33 3.03
CA UNK B 101 -57.33 3.99 3.79
C UNK B 101 -58.60 4.54 3.18
N UNK B 102 -59.75 3.96 3.58
CA UNK B 102 -61.09 4.37 3.15
C UNK B 102 -61.36 5.82 3.55
N UNK B 103 -60.65 6.26 4.57
CA UNK B 103 -60.64 7.59 5.13
C UNK B 103 -61.74 8.00 6.07
N UNK B 104 -61.35 8.97 6.89
CA UNK B 104 -62.17 9.65 7.85
C UNK B 104 -62.80 10.91 7.29
N UNK B 105 -64.09 10.85 6.99
CA UNK B 105 -64.85 11.94 6.40
C UNK B 105 -65.11 13.01 7.43
N UNK B 106 -65.45 14.20 6.96
CA UNK B 106 -65.71 15.31 7.84
C UNK B 106 -66.81 16.19 7.30
N UNK B 107 -67.43 16.94 8.20
CA UNK B 107 -68.50 17.87 7.93
C UNK B 107 -68.55 18.86 9.09
N UNK B 108 -69.26 19.99 8.91
CA UNK B 108 -69.48 21.04 9.91
C UNK B 108 -70.45 20.59 11.01
N GLN C 18 13.32 22.37 -24.19
CA GLN C 18 12.27 23.13 -23.53
C GLN C 18 10.96 22.89 -24.31
N PRO C 19 9.72 23.00 -23.68
CA PRO C 19 8.42 22.90 -24.33
C PRO C 19 8.22 24.17 -25.12
N PRO C 20 7.41 24.18 -26.16
CA PRO C 20 7.07 25.37 -26.86
C PRO C 20 6.19 26.26 -26.01
N SER C 21 6.39 27.54 -26.16
CA SER C 21 5.62 28.60 -25.55
C SER C 21 4.76 29.22 -26.64
N THR C 22 3.88 30.13 -26.28
CA THR C 22 3.09 30.80 -27.29
C THR C 22 4.04 31.76 -27.94
N GLN C 23 3.69 32.31 -29.09
CA GLN C 23 4.66 33.19 -29.70
C GLN C 23 4.85 34.48 -28.94
N SER C 24 6.06 35.01 -29.03
CA SER C 24 6.42 36.31 -28.52
C SER C 24 5.99 37.37 -29.49
N THR C 25 5.77 38.58 -29.01
CA THR C 25 5.46 39.67 -29.91
C THR C 25 6.72 40.51 -30.12
N GLU C 26 7.02 40.79 -31.38
CA GLU C 26 8.19 41.56 -31.76
C GLU C 26 7.91 43.05 -31.62
N ALA C 27 8.94 43.84 -31.42
CA ALA C 27 8.79 45.29 -31.35
C ALA C 27 8.52 45.89 -32.71
N THR C 28 7.66 46.90 -32.76
CA THR C 28 7.35 47.58 -34.00
C THR C 28 7.31 49.08 -33.86
N SER C 29 7.22 49.75 -35.00
CA SER C 29 7.10 51.20 -35.02
C SER C 29 6.04 51.59 -36.03
N GLY C 30 6.00 52.86 -36.39
CA GLY C 30 5.00 53.32 -37.34
C GLY C 30 5.27 52.73 -38.70
N VAL C 31 4.20 52.47 -39.44
CA VAL C 31 4.32 51.90 -40.76
C VAL C 31 3.55 52.68 -41.80
N ASN C 32 4.21 52.93 -42.92
CA ASN C 32 3.59 53.58 -44.06
C ASN C 32 4.03 52.82 -45.29
N SER C 33 3.21 51.89 -45.74
CA SER C 33 3.55 51.00 -46.82
C SER C 33 2.30 50.57 -47.54
N GLN C 34 2.47 49.77 -48.58
CA GLN C 34 1.38 49.27 -49.41
C GLN C 34 0.88 47.92 -48.90
N GLU C 35 1.41 47.49 -47.76
CA GLU C 35 1.06 46.24 -47.12
C GLU C 35 -0.27 46.40 -46.45
N VAL C 36 -1.08 45.35 -46.44
CA VAL C 36 -2.36 45.47 -45.80
C VAL C 36 -2.70 44.32 -44.86
N PRO C 37 -1.92 44.07 -43.81
CA PRO C 37 -2.17 42.97 -42.89
C PRO C 37 -3.48 43.12 -42.12
N ALA C 38 -3.97 44.35 -42.03
CA ALA C 38 -5.19 44.61 -41.31
C ALA C 38 -6.42 44.45 -42.16
N LEU C 39 -6.25 44.23 -43.46
CA LEU C 39 -7.42 44.10 -44.32
C LEU C 39 -7.49 42.68 -44.78
N THR C 40 -8.69 42.19 -44.99
CA THR C 40 -8.79 40.83 -45.44
C THR C 40 -10.05 40.54 -46.25
N ALA C 41 -10.31 39.27 -46.44
CA ALA C 41 -11.46 38.79 -47.16
C ALA C 41 -11.95 37.55 -46.46
N VAL C 42 -12.89 37.75 -45.54
CA VAL C 42 -13.45 36.69 -44.71
C VAL C 42 -14.08 35.63 -45.58
N GLU C 43 -14.52 36.04 -46.76
CA GLU C 43 -15.19 35.19 -47.71
C GLU C 43 -14.35 34.01 -48.11
N THR C 44 -13.04 34.11 -47.99
CA THR C 44 -12.18 33.03 -48.39
C THR C 44 -12.30 31.85 -47.45
N GLY C 45 -12.83 32.06 -46.26
CA GLY C 45 -12.96 31.00 -45.27
C GLY C 45 -11.80 31.04 -44.33
N ALA C 46 -10.84 31.89 -44.62
CA ALA C 46 -9.70 32.04 -43.77
C ALA C 46 -10.06 33.01 -42.67
N SER C 47 -9.48 32.81 -41.52
CA SER C 47 -9.61 33.69 -40.40
C SER C 47 -8.70 34.87 -40.62
N GLY C 48 -8.91 35.95 -39.90
CA GLY C 48 -8.02 37.07 -40.03
C GLY C 48 -6.67 36.62 -39.49
N GLN C 49 -5.59 37.20 -40.01
CA GLN C 49 -4.28 36.80 -39.53
C GLN C 49 -3.56 37.86 -38.71
N ALA C 50 -4.20 39.00 -38.50
CA ALA C 50 -3.54 40.10 -37.83
C ALA C 50 -3.21 39.83 -36.38
N ILE C 51 -2.05 40.33 -35.97
CA ILE C 51 -1.63 40.27 -34.59
C ILE C 51 -1.29 41.71 -34.17
N PRO C 52 -1.15 42.03 -32.87
CA PRO C 52 -0.85 43.36 -32.39
C PRO C 52 0.32 44.02 -33.08
N SER C 53 1.34 43.26 -33.49
CA SER C 53 2.49 43.87 -34.13
C SER C 53 2.19 44.41 -35.53
N ASP C 54 1.08 44.00 -36.11
CA ASP C 54 0.73 44.47 -37.43
C ASP C 54 -0.10 45.71 -37.32
N VAL C 55 -0.88 45.80 -36.27
CA VAL C 55 -1.80 46.90 -36.15
C VAL C 55 -1.37 48.10 -35.28
N VAL C 56 -0.65 47.87 -34.19
CA VAL C 56 -0.25 48.95 -33.30
C VAL C 56 1.23 48.91 -33.02
N GLU C 57 1.79 49.99 -32.51
CA GLU C 57 3.17 49.88 -32.14
C GLU C 57 3.23 48.95 -30.93
N THR C 58 4.14 47.99 -30.96
CA THR C 58 4.34 47.04 -29.88
C THR C 58 5.76 47.04 -29.35
N ARG C 59 5.92 46.48 -28.17
CA ARG C 59 7.25 46.35 -27.61
C ARG C 59 7.66 44.93 -27.73
N HIS C 60 8.93 44.67 -27.58
CA HIS C 60 9.34 43.29 -27.55
C HIS C 60 8.87 42.72 -26.24
N VAL C 61 8.29 41.54 -26.29
CA VAL C 61 7.92 40.86 -25.07
C VAL C 61 8.48 39.48 -25.20
N VAL C 62 8.63 38.76 -24.10
CA VAL C 62 9.07 37.40 -24.23
C VAL C 62 8.03 36.49 -23.63
N ASN C 63 7.46 35.62 -24.43
CA ASN C 63 6.43 34.76 -23.93
C ASN C 63 6.91 33.39 -23.53
N TYR C 64 6.78 33.13 -22.24
CA TYR C 64 7.15 31.87 -21.63
C TYR C 64 5.92 31.09 -21.28
N LYS C 65 4.79 31.65 -21.62
CA LYS C 65 3.50 31.08 -21.33
C LYS C 65 3.27 29.97 -22.33
N THR C 66 2.59 28.91 -21.94
CA THR C 66 2.34 27.83 -22.87
C THR C 66 0.86 27.51 -22.95
N ARG C 67 0.51 26.48 -23.70
CA ARG C 67 -0.89 26.07 -23.88
C ARG C 67 -1.16 24.63 -23.49
N SER C 68 -0.39 24.09 -22.58
CA SER C 68 -0.58 22.69 -22.22
C SER C 68 -1.89 22.46 -21.50
N GLU C 69 -2.38 23.51 -20.89
CA GLU C 69 -3.58 23.51 -20.10
C GLU C 69 -4.81 23.27 -20.93
N SER C 70 -4.71 23.51 -22.22
CA SER C 70 -5.80 23.35 -23.12
C SER C 70 -5.57 22.27 -24.13
N CYS C 71 -4.55 21.45 -23.92
CA CYS C 71 -4.31 20.39 -24.87
C CYS C 71 -5.45 19.42 -24.70
N LEU C 72 -5.73 18.58 -25.69
CA LEU C 72 -6.86 17.68 -25.49
C LEU C 72 -6.73 16.74 -24.33
N GLU C 73 -5.53 16.25 -24.04
CA GLU C 73 -5.40 15.33 -22.93
C GLU C 73 -5.78 16.02 -21.61
N SER C 74 -5.46 17.31 -21.49
CA SER C 74 -5.78 18.08 -20.29
C SER C 74 -7.26 18.41 -20.24
N PHE C 75 -7.83 18.77 -21.38
CA PHE C 75 -9.23 19.16 -21.45
C PHE C 75 -10.09 18.02 -20.97
N PHE C 76 -9.75 16.84 -21.41
CA PHE C 76 -10.45 15.63 -21.09
C PHE C 76 -9.75 14.85 -19.99
N GLY C 77 -8.95 15.52 -19.20
CA GLY C 77 -8.14 14.86 -18.18
C GLY C 77 -8.79 14.57 -16.84
N ARG C 78 -10.09 14.78 -16.68
CA ARG C 78 -10.70 14.48 -15.39
C ARG C 78 -11.88 13.54 -15.49
N ALA C 79 -12.04 12.76 -14.43
CA ALA C 79 -13.18 11.85 -14.33
C ALA C 79 -14.46 12.62 -14.07
N ALA C 80 -15.56 12.16 -14.66
CA ALA C 80 -16.86 12.78 -14.43
C ALA C 80 -17.86 11.75 -14.02
N CYS C 81 -18.86 12.15 -13.24
CA CYS C 81 -19.90 11.16 -12.95
C CYS C 81 -20.75 10.95 -14.20
N VAL C 82 -20.95 9.70 -14.61
CA VAL C 82 -21.71 9.42 -15.82
C VAL C 82 -23.04 8.76 -15.62
N THR C 83 -23.27 8.17 -14.47
CA THR C 83 -24.57 7.55 -14.23
C THR C 83 -24.72 7.21 -12.77
N ILE C 84 -25.96 6.99 -12.35
CA ILE C 84 -26.25 6.54 -11.00
C ILE C 84 -27.03 5.25 -11.05
N LEU C 85 -26.58 4.24 -10.34
CA LEU C 85 -27.28 2.99 -10.30
C LEU C 85 -27.90 2.84 -8.93
N SER C 86 -29.01 2.13 -8.85
CA SER C 86 -29.70 1.88 -7.57
C SER C 86 -29.84 0.40 -7.24
N LEU C 87 -29.23 0.00 -6.12
CA LEU C 87 -29.22 -1.37 -5.62
C LEU C 87 -29.92 -1.44 -4.27
N THR C 88 -30.76 -2.44 -4.05
CA THR C 88 -31.40 -2.59 -2.75
C THR C 88 -31.30 -3.99 -2.17
N ASN C 89 -30.94 -4.08 -0.90
CA ASN C 89 -30.99 -5.37 -0.20
C ASN C 89 -32.35 -5.42 0.46
N SER C 90 -33.24 -6.30 -0.04
CA SER C 90 -34.63 -6.35 0.41
C SER C 90 -35.06 -7.56 1.24
N SER C 91 -35.52 -7.27 2.46
CA SER C 91 -35.99 -8.28 3.40
C SER C 91 -37.46 -8.61 3.18
N LYS C 92 -38.07 -7.92 2.24
CA LYS C 92 -39.46 -8.10 1.93
C LYS C 92 -39.63 -9.22 0.94
N SER C 93 -40.85 -9.70 0.80
CA SER C 93 -41.09 -10.73 -0.20
C SER C 93 -40.88 -10.16 -1.59
N GLY C 94 -41.12 -8.87 -1.77
CA GLY C 94 -40.90 -8.25 -3.05
C GLY C 94 -39.56 -7.53 -3.09
N GLU C 95 -39.32 -6.87 -4.22
CA GLU C 95 -38.10 -6.13 -4.51
C GLU C 95 -36.84 -6.97 -4.54
N GLU C 96 -36.94 -8.27 -4.72
CA GLU C 96 -35.72 -9.07 -4.82
C GLU C 96 -34.93 -8.61 -6.02
N LYS C 97 -35.66 -8.24 -7.06
CA LYS C 97 -35.16 -7.75 -8.31
C LYS C 97 -34.34 -6.49 -8.14
N LYS C 98 -34.49 -5.81 -7.03
CA LYS C 98 -33.77 -4.57 -6.88
C LYS C 98 -32.39 -4.85 -6.36
N HIS C 99 -32.04 -6.10 -6.14
CA HIS C 99 -30.69 -6.43 -5.68
C HIS C 99 -29.69 -6.24 -6.77
N PHE C 100 -30.13 -6.10 -8.02
CA PHE C 100 -29.15 -5.90 -9.05
C PHE C 100 -29.67 -4.88 -10.04
N ASN C 101 -28.75 -4.24 -10.72
CA ASN C 101 -29.12 -3.20 -11.64
C ASN C 101 -28.36 -3.26 -12.95
N ILE C 102 -29.07 -3.46 -14.06
CA ILE C 102 -28.37 -3.54 -15.34
C ILE C 102 -28.57 -2.27 -16.14
N TRP C 103 -27.47 -1.60 -16.40
CA TRP C 103 -27.45 -0.33 -17.11
C TRP C 103 -26.74 -0.37 -18.46
N ASN C 104 -27.31 0.29 -19.45
CA ASN C 104 -26.65 0.32 -20.75
C ASN C 104 -25.45 1.19 -20.63
N ILE C 105 -24.31 0.78 -21.15
CA ILE C 105 -23.18 1.67 -20.98
C ILE C 105 -23.25 2.81 -21.96
N THR C 106 -23.19 3.99 -21.39
CA THR C 106 -23.29 5.25 -22.08
C THR C 106 -22.77 6.37 -21.21
N TYR C 107 -22.47 7.49 -21.83
CA TYR C 107 -22.09 8.68 -21.10
C TYR C 107 -23.15 9.75 -21.25
N THR C 108 -24.22 9.41 -21.96
CA THR C 108 -25.25 10.38 -22.32
C THR C 108 -26.23 10.70 -21.22
N ASP C 109 -26.08 10.08 -20.07
CA ASP C 109 -26.96 10.36 -18.96
C ASP C 109 -26.52 11.71 -18.35
N THR C 110 -25.24 12.06 -18.55
CA THR C 110 -24.62 13.26 -18.00
C THR C 110 -24.35 14.36 -19.01
N VAL C 111 -24.89 15.55 -18.75
CA VAL C 111 -24.70 16.61 -19.72
C VAL C 111 -23.32 17.23 -19.70
N GLN C 112 -22.68 17.41 -18.54
CA GLN C 112 -21.39 18.06 -18.68
C GLN C 112 -20.38 17.24 -19.47
N LEU C 113 -20.36 15.93 -19.29
CA LEU C 113 -19.38 15.14 -19.99
C LEU C 113 -19.73 14.99 -21.45
N ARG C 114 -21.01 14.80 -21.78
CA ARG C 114 -21.25 14.58 -23.19
C ARG C 114 -20.99 15.87 -23.92
N ARG C 115 -21.22 17.02 -23.31
CA ARG C 115 -21.00 18.24 -24.02
C ARG C 115 -19.53 18.40 -24.35
N LYS C 116 -18.64 18.04 -23.41
CA LYS C 116 -17.23 18.14 -23.72
C LYS C 116 -16.82 17.19 -24.84
N LEU C 117 -17.32 15.97 -24.82
CA LEU C 117 -16.93 15.01 -25.84
C LEU C 117 -17.44 15.41 -27.21
N GLU C 118 -18.63 16.01 -27.23
CA GLU C 118 -19.30 16.41 -28.45
C GLU C 118 -18.66 17.60 -29.14
N PHE C 119 -17.54 18.10 -28.61
CA PHE C 119 -16.78 19.09 -29.35
C PHE C 119 -16.18 18.45 -30.57
N PHE C 120 -16.08 17.12 -30.63
CA PHE C 120 -15.48 16.49 -31.78
C PHE C 120 -16.38 15.52 -32.46
N THR C 121 -16.30 15.45 -33.78
CA THR C 121 -17.10 14.46 -34.45
C THR C 121 -16.61 13.06 -34.12
N TYR C 122 -15.29 12.89 -34.13
CA TYR C 122 -14.70 11.59 -33.90
C TYR C 122 -13.68 11.61 -32.78
N SER C 123 -13.55 10.49 -32.07
CA SER C 123 -12.55 10.41 -31.02
C SER C 123 -11.97 9.02 -30.83
N ARG C 124 -10.76 8.95 -30.35
CA ARG C 124 -10.14 7.66 -30.05
C ARG C 124 -9.46 7.73 -28.73
N PHE C 125 -9.86 6.91 -27.80
CA PHE C 125 -9.26 6.94 -26.48
C PHE C 125 -9.40 5.66 -25.73
N ASP C 126 -8.56 5.49 -24.72
CA ASP C 126 -8.67 4.40 -23.79
C ASP C 126 -9.53 4.98 -22.69
N LEU C 127 -10.21 4.18 -21.93
CA LEU C 127 -11.09 4.70 -20.90
C LEU C 127 -10.90 4.08 -19.55
N GLU C 128 -10.83 4.88 -18.51
CA GLU C 128 -10.78 4.21 -17.23
C GLU C 128 -11.99 4.54 -16.40
N MET C 129 -12.41 3.56 -15.63
CA MET C 129 -13.59 3.70 -14.80
C MET C 129 -13.28 3.54 -13.34
N THR C 130 -13.93 4.38 -12.57
CA THR C 130 -13.84 4.34 -11.11
C THR C 130 -15.24 4.33 -10.58
N PHE C 131 -15.47 3.61 -9.50
CA PHE C 131 -16.82 3.62 -8.98
C PHE C 131 -16.84 4.12 -7.57
N VAL C 132 -17.90 4.79 -7.19
CA VAL C 132 -18.06 5.23 -5.83
C VAL C 132 -19.32 4.67 -5.25
N PHE C 133 -19.19 3.95 -4.16
CA PHE C 133 -20.35 3.37 -3.53
C PHE C 133 -20.72 4.15 -2.31
N THR C 134 -22.00 4.34 -2.13
CA THR C 134 -22.50 4.94 -0.92
C THR C 134 -23.81 4.31 -0.54
N GLU C 135 -24.08 4.23 0.73
CA GLU C 135 -25.31 3.58 1.13
C GLU C 135 -25.94 4.17 2.36
N ASN C 136 -27.22 3.93 2.53
CA ASN C 136 -27.89 4.36 3.74
C ASN C 136 -28.88 3.33 4.17
N TYR C 137 -29.53 3.65 5.25
CA TYR C 137 -30.56 2.80 5.75
C TYR C 137 -31.89 3.55 5.55
N PRO C 138 -32.61 3.39 4.42
CA PRO C 138 -33.76 4.18 4.04
C PRO C 138 -35.02 3.99 4.87
N SER C 139 -35.12 2.89 5.60
CA SER C 139 -36.30 2.58 6.38
C SER C 139 -36.23 3.13 7.79
N THR C 140 -37.40 3.33 8.38
CA THR C 140 -37.50 3.79 9.75
C THR C 140 -36.97 2.75 10.72
N ALA C 141 -37.09 1.49 10.34
CA ALA C 141 -36.67 0.39 11.20
C ALA C 141 -35.19 0.09 11.09
N SER C 142 -34.36 1.00 11.58
CA SER C 142 -32.89 0.83 11.56
C SER C 142 -32.47 -0.29 12.48
N GLY C 143 -31.40 -0.97 12.10
CA GLY C 143 -30.84 -2.07 12.88
C GLY C 143 -29.57 -2.58 12.24
N GLU C 144 -29.01 -3.62 12.82
CA GLU C 144 -27.75 -4.13 12.33
C GLU C 144 -27.79 -4.73 10.94
N VAL C 145 -26.80 -4.32 10.17
CA VAL C 145 -26.53 -4.79 8.84
C VAL C 145 -25.03 -5.07 8.79
N ARG C 146 -24.63 -6.18 8.23
CA ARG C 146 -23.22 -6.51 8.14
C ARG C 146 -22.62 -5.72 7.01
N ASN C 147 -21.30 -5.54 6.99
CA ASN C 147 -20.71 -4.82 5.87
C ASN C 147 -20.98 -5.59 4.59
N GLN C 148 -21.47 -4.91 3.55
CA GLN C 148 -21.80 -5.59 2.30
C GLN C 148 -20.73 -5.50 1.24
N VAL C 149 -20.81 -6.44 0.32
CA VAL C 149 -19.90 -6.60 -0.80
C VAL C 149 -20.70 -6.51 -2.08
N TYR C 150 -20.12 -5.85 -3.07
CA TYR C 150 -20.79 -5.70 -4.34
C TYR C 150 -19.98 -6.27 -5.50
N GLN C 151 -20.68 -6.78 -6.50
CA GLN C 151 -20.04 -7.27 -7.72
C GLN C 151 -20.40 -6.46 -8.93
N ILE C 152 -19.39 -5.93 -9.59
CA ILE C 152 -19.64 -5.20 -10.82
C ILE C 152 -19.26 -6.08 -11.99
N MET C 153 -20.23 -6.54 -12.75
CA MET C 153 -19.94 -7.44 -13.86
C MET C 153 -20.22 -6.78 -15.17
N TYR C 154 -19.28 -6.89 -16.07
CA TYR C 154 -19.53 -6.37 -17.39
C TYR C 154 -20.09 -7.44 -18.24
N ILE C 155 -21.18 -7.14 -18.93
CA ILE C 155 -21.78 -8.11 -19.80
C ILE C 155 -21.61 -7.60 -21.22
N PRO C 156 -20.70 -8.17 -21.99
CA PRO C 156 -20.37 -7.80 -23.33
C PRO C 156 -21.57 -7.99 -24.22
N PRO C 157 -21.64 -7.32 -25.35
CA PRO C 157 -22.72 -7.46 -26.26
C PRO C 157 -22.71 -8.87 -26.71
N GLY C 158 -23.87 -9.49 -26.75
CA GLY C 158 -24.03 -10.87 -27.19
C GLY C 158 -24.03 -11.84 -26.02
N ALA C 159 -23.59 -11.38 -24.84
CA ALA C 159 -23.56 -12.22 -23.66
C ALA C 159 -24.95 -12.24 -23.06
N PRO C 160 -25.35 -13.27 -22.31
CA PRO C 160 -26.62 -13.36 -21.62
C PRO C 160 -26.71 -12.41 -20.44
N ARG C 161 -27.92 -11.97 -20.11
CA ARG C 161 -28.13 -11.14 -18.94
C ARG C 161 -28.59 -12.03 -17.81
N PRO C 162 -28.26 -11.74 -16.55
CA PRO C 162 -28.81 -12.42 -15.41
C PRO C 162 -30.25 -11.99 -15.23
N SER C 163 -31.10 -12.91 -14.76
CA SER C 163 -32.48 -12.59 -14.45
C SER C 163 -32.68 -12.16 -13.01
N SER C 164 -31.67 -12.43 -12.22
CA SER C 164 -31.69 -12.23 -10.78
C SER C 164 -30.31 -12.03 -10.22
N TRP C 165 -30.23 -11.43 -9.06
CA TRP C 165 -28.94 -11.24 -8.40
C TRP C 165 -28.26 -12.59 -8.13
N ASP C 166 -29.03 -13.68 -8.01
CA ASP C 166 -28.47 -14.99 -7.75
C ASP C 166 -28.43 -15.90 -8.98
N ASP C 167 -28.63 -15.30 -10.15
CA ASP C 167 -28.60 -15.99 -11.45
C ASP C 167 -27.23 -16.60 -11.74
N TYR C 168 -27.21 -17.78 -12.34
CA TYR C 168 -25.95 -18.45 -12.62
C TYR C 168 -24.99 -17.62 -13.49
N THR C 169 -25.46 -16.67 -14.28
CA THR C 169 -24.52 -15.94 -15.14
C THR C 169 -23.53 -15.09 -14.35
N TRP C 170 -23.77 -14.88 -13.05
CA TRP C 170 -22.88 -14.10 -12.22
C TRP C 170 -21.57 -14.85 -11.96
N GLN C 171 -21.48 -16.11 -12.44
CA GLN C 171 -20.29 -16.93 -12.33
C GLN C 171 -19.14 -16.22 -13.00
N SER C 172 -19.45 -15.41 -14.01
CA SER C 172 -18.44 -14.62 -14.69
C SER C 172 -17.25 -15.41 -15.19
N SER C 173 -17.47 -16.53 -15.89
CA SER C 173 -16.28 -17.28 -16.33
C SER C 173 -15.47 -16.55 -17.37
N SER C 174 -16.14 -15.74 -18.17
CA SER C 174 -15.48 -14.94 -19.18
C SER C 174 -15.77 -13.48 -18.92
N ASN C 175 -17.01 -13.17 -18.59
CA ASN C 175 -17.35 -11.79 -18.34
C ASN C 175 -16.45 -11.29 -17.21
N PRO C 176 -15.71 -10.19 -17.35
CA PRO C 176 -14.85 -9.68 -16.33
C PRO C 176 -15.70 -9.05 -15.25
N SER C 177 -15.23 -9.08 -14.00
CA SER C 177 -15.95 -8.41 -12.93
C SER C 177 -15.08 -7.99 -11.76
N ILE C 178 -15.58 -7.03 -10.98
CA ILE C 178 -14.91 -6.57 -9.78
C ILE C 178 -15.69 -6.81 -8.51
N PHE C 179 -15.05 -7.41 -7.56
CA PHE C 179 -15.65 -7.62 -6.26
C PHE C 179 -15.09 -6.59 -5.28
N TYR C 180 -15.97 -5.72 -4.86
CA TYR C 180 -15.61 -4.63 -3.97
C TYR C 180 -16.24 -4.74 -2.61
N MET C 181 -15.43 -4.60 -1.59
CA MET C 181 -15.98 -4.66 -0.26
C MET C 181 -16.16 -3.24 0.20
N TYR C 182 -17.34 -2.92 0.68
CA TYR C 182 -17.61 -1.55 1.02
C TYR C 182 -16.64 -1.07 2.07
N GLY C 183 -16.11 0.12 1.83
CA GLY C 183 -15.19 0.75 2.74
C GLY C 183 -13.76 0.70 2.23
N ASN C 184 -13.47 -0.16 1.27
CA ASN C 184 -12.12 -0.18 0.75
C ASN C 184 -11.97 0.91 -0.28
N ALA C 185 -10.79 1.06 -0.83
CA ALA C 185 -10.60 2.13 -1.78
C ALA C 185 -11.59 1.93 -2.91
N PRO C 186 -12.17 2.99 -3.47
CA PRO C 186 -13.11 2.90 -4.54
C PRO C 186 -12.49 2.00 -5.59
N PRO C 187 -13.23 1.03 -6.18
CA PRO C 187 -12.75 0.10 -7.15
C PRO C 187 -12.48 0.80 -8.44
N ARG C 188 -11.55 0.25 -9.20
CA ARG C 188 -11.12 0.86 -10.47
C ARG C 188 -10.54 -0.10 -11.51
N MET C 189 -10.79 0.20 -12.79
CA MET C 189 -10.22 -0.60 -13.88
C MET C 189 -9.99 0.18 -15.19
N SER C 190 -8.97 -0.20 -15.95
CA SER C 190 -8.72 0.39 -17.27
C SER C 190 -9.31 -0.41 -18.42
N ILE C 191 -9.95 0.29 -19.33
CA ILE C 191 -10.54 -0.28 -20.50
C ILE C 191 -9.80 0.26 -21.74
N PRO C 192 -9.31 -0.55 -22.66
CA PRO C 192 -8.65 -0.12 -23.86
C PRO C 192 -9.69 0.43 -24.82
N TYR C 193 -9.27 1.14 -25.84
CA TYR C 193 -10.19 1.54 -26.88
C TYR C 193 -10.81 0.28 -27.42
N VAL C 194 -12.12 0.23 -27.48
CA VAL C 194 -12.81 -0.98 -27.97
C VAL C 194 -13.76 -0.78 -29.13
N GLY C 195 -13.53 0.22 -29.96
CA GLY C 195 -14.42 0.41 -31.10
C GLY C 195 -14.14 -0.65 -32.17
N ILE C 196 -15.06 -0.80 -33.10
CA ILE C 196 -14.94 -1.74 -34.22
C ILE C 196 -14.64 -1.00 -35.48
N ALA C 197 -14.44 0.28 -35.25
CA ALA C 197 -14.07 1.32 -36.14
C ALA C 197 -12.76 1.79 -35.64
N ASN C 198 -12.07 2.61 -36.39
CA ASN C 198 -10.77 3.02 -35.96
C ASN C 198 -10.95 4.16 -34.95
N ALA C 199 -12.10 4.83 -35.03
CA ALA C 199 -12.44 5.88 -34.06
C ALA C 199 -13.90 5.74 -33.61
N TYR C 200 -14.19 6.22 -32.42
CA TYR C 200 -15.54 6.26 -31.92
C TYR C 200 -16.27 7.37 -32.63
N SER C 201 -17.53 7.16 -32.93
CA SER C 201 -18.31 8.20 -33.57
C SER C 201 -19.23 8.88 -32.58
N HIS C 202 -19.09 10.18 -32.42
CA HIS C 202 -19.97 10.89 -31.49
C HIS C 202 -21.30 11.19 -32.16
N PHE C 203 -21.27 11.28 -33.50
CA PHE C 203 -22.44 11.57 -34.29
C PHE C 203 -22.56 10.56 -35.42
N TYR C 204 -23.77 10.24 -35.83
CA TYR C 204 -23.93 9.36 -36.98
C TYR C 204 -25.13 9.70 -37.81
N ASP C 205 -24.91 10.37 -38.94
CA ASP C 205 -26.02 10.72 -39.81
C ASP C 205 -26.37 9.56 -40.71
N GLY C 206 -27.02 8.59 -40.14
CA GLY C 206 -27.34 7.41 -40.88
C GLY C 206 -28.27 6.49 -40.13
N PHE C 207 -28.53 5.36 -40.76
CA PHE C 207 -29.44 4.37 -40.24
C PHE C 207 -28.71 3.06 -40.02
N ALA C 208 -29.11 2.31 -39.00
CA ALA C 208 -28.45 1.02 -38.79
C ALA C 208 -28.66 0.05 -39.96
N ARG C 209 -29.82 0.12 -40.59
CA ARG C 209 -30.18 -0.76 -41.69
C ARG C 209 -30.83 0.07 -42.77
N VAL C 210 -30.70 -0.33 -44.05
CA VAL C 210 -31.36 0.40 -45.13
C VAL C 210 -32.69 -0.26 -45.47
N PRO C 211 -33.83 0.40 -45.29
CA PRO C 211 -35.12 -0.11 -45.68
C PRO C 211 -35.10 -0.23 -47.20
N LEU C 212 -35.59 -1.32 -47.73
CA LEU C 212 -35.63 -1.51 -49.18
C LEU C 212 -37.01 -1.26 -49.76
N GLU C 213 -37.07 -1.11 -51.06
CA GLU C 213 -38.29 -0.79 -51.81
C GLU C 213 -39.53 -1.56 -51.42
N GLY C 214 -39.42 -2.85 -51.12
CA GLY C 214 -40.62 -3.62 -50.79
C GLY C 214 -41.15 -3.38 -49.37
N GLU C 215 -40.42 -2.58 -48.59
CA GLU C 215 -40.77 -2.28 -47.21
C GLU C 215 -41.69 -1.08 -47.07
N ASN C 216 -42.31 -1.01 -45.90
CA ASN C 216 -43.24 0.06 -45.51
C ASN C 216 -42.55 1.42 -45.51
N THR C 217 -43.28 2.45 -45.95
CA THR C 217 -42.79 3.82 -46.04
C THR C 217 -42.60 4.48 -44.68
N ASP C 218 -43.17 3.90 -43.65
CA ASP C 218 -42.95 4.40 -42.30
C ASP C 218 -41.68 3.68 -41.95
N ALA C 219 -40.58 4.40 -42.02
CA ALA C 219 -39.29 3.78 -41.93
C ALA C 219 -38.36 4.54 -41.04
N GLY C 220 -38.79 4.76 -39.81
CA GLY C 220 -38.01 5.42 -38.78
C GLY C 220 -37.71 4.36 -37.75
N ASP C 221 -38.57 4.25 -36.75
CA ASP C 221 -38.51 3.18 -35.77
C ASP C 221 -37.19 2.95 -35.10
N THR C 222 -36.52 4.03 -34.69
CA THR C 222 -35.22 4.06 -33.98
C THR C 222 -34.04 3.70 -34.87
N PHE C 223 -34.25 3.46 -36.16
CA PHE C 223 -33.10 3.15 -36.98
C PHE C 223 -32.17 4.33 -37.12
N TYR C 224 -32.70 5.56 -37.10
CA TYR C 224 -31.89 6.76 -37.27
C TYR C 224 -31.07 7.17 -36.05
N GLY C 225 -29.81 7.51 -36.30
CA GLY C 225 -28.93 8.05 -35.27
C GLY C 225 -27.94 7.02 -34.78
N LEU C 226 -26.85 7.50 -34.17
CA LEU C 226 -25.76 6.63 -33.68
C LEU C 226 -26.18 5.70 -32.61
N VAL C 227 -27.26 6.04 -31.97
CA VAL C 227 -27.78 5.29 -30.88
C VAL C 227 -28.08 3.88 -31.35
N SER C 228 -28.59 3.75 -32.55
CA SER C 228 -29.01 2.49 -33.11
C SER C 228 -27.84 1.57 -33.45
N ILE C 229 -26.61 2.10 -33.44
CA ILE C 229 -25.45 1.30 -33.76
C ILE C 229 -24.49 1.22 -32.56
N ASN C 230 -24.96 1.68 -31.39
CA ASN C 230 -24.18 1.66 -30.18
C ASN C 230 -24.51 0.55 -29.23
N ASP C 231 -23.68 -0.46 -29.20
CA ASP C 231 -23.89 -1.59 -28.31
C ASP C 231 -22.55 -1.97 -27.75
N PHE C 232 -22.34 -1.50 -26.54
CA PHE C 232 -21.10 -1.67 -25.82
C PHE C 232 -21.34 -2.57 -24.65
N GLY C 233 -22.44 -3.30 -24.68
CA GLY C 233 -22.78 -4.17 -23.59
C GLY C 233 -23.40 -3.37 -22.48
N VAL C 234 -23.59 -4.03 -21.37
CA VAL C 234 -24.22 -3.42 -20.23
C VAL C 234 -23.39 -3.64 -19.00
N LEU C 235 -23.61 -2.83 -17.99
CA LEU C 235 -22.90 -3.07 -16.77
C LEU C 235 -23.92 -3.57 -15.76
N ALA C 236 -23.66 -4.71 -15.17
CA ALA C 236 -24.58 -5.33 -14.22
C ALA C 236 -24.01 -5.33 -12.84
N VAL C 237 -24.65 -4.62 -11.94
CA VAL C 237 -24.10 -4.54 -10.61
C VAL C 237 -25.03 -5.16 -9.59
N ARG C 238 -24.49 -6.00 -8.71
CA ARG C 238 -25.35 -6.57 -7.68
C ARG C 238 -24.75 -6.58 -6.30
N ALA C 239 -25.62 -6.58 -5.31
CA ALA C 239 -25.16 -6.89 -3.98
C ALA C 239 -24.86 -8.37 -4.03
N VAL C 240 -23.88 -8.87 -3.30
CA VAL C 240 -23.64 -10.30 -3.49
C VAL C 240 -24.17 -11.16 -2.36
N ASN C 241 -24.85 -10.54 -1.43
CA ASN C 241 -25.35 -11.29 -0.32
C ASN C 241 -26.82 -11.64 -0.41
N ARG C 242 -27.26 -12.38 0.59
CA ARG C 242 -28.64 -12.74 0.79
C ARG C 242 -29.27 -11.63 1.57
N SER C 243 -30.58 -11.58 1.59
CA SER C 243 -31.24 -10.52 2.29
C SER C 243 -30.99 -10.52 3.77
N ASN C 244 -30.91 -9.32 4.31
CA ASN C 244 -30.74 -9.05 5.71
C ASN C 244 -32.04 -8.40 6.18
N PRO C 245 -32.63 -8.74 7.35
CA PRO C 245 -33.88 -8.17 7.88
C PRO C 245 -33.97 -6.66 7.81
N HIS C 246 -32.84 -6.03 8.06
CA HIS C 246 -32.73 -4.60 8.01
C HIS C 246 -32.14 -4.27 6.64
N THR C 247 -32.90 -3.52 5.85
CA THR C 247 -32.58 -3.25 4.45
C THR C 247 -31.60 -2.12 4.17
N ILE C 248 -31.05 -2.14 2.95
CA ILE C 248 -30.11 -1.12 2.49
C ILE C 248 -30.35 -0.57 1.11
N HIS C 249 -30.20 0.74 0.96
CA HIS C 249 -30.26 1.36 -0.35
C HIS C 249 -28.89 1.88 -0.72
N THR C 250 -28.35 1.29 -1.76
CA THR C 250 -27.03 1.63 -2.21
C THR C 250 -27.05 2.32 -3.54
N SER C 251 -26.37 3.43 -3.58
CA SER C 251 -26.26 4.24 -4.76
C SER C 251 -24.86 4.11 -5.30
N VAL C 252 -24.77 3.77 -6.57
CA VAL C 252 -23.47 3.60 -7.15
C VAL C 252 -23.25 4.64 -8.19
N ARG C 253 -22.22 5.42 -8.00
CA ARG C 253 -21.92 6.44 -8.95
C ARG C 253 -20.77 5.97 -9.79
N VAL C 254 -20.96 6.04 -11.09
CA VAL C 254 -19.96 5.57 -12.00
C VAL C 254 -19.21 6.75 -12.56
N TYR C 255 -17.90 6.69 -12.53
CA TYR C 255 -17.08 7.77 -13.07
C TYR C 255 -16.29 7.34 -14.26
N MET C 256 -16.16 8.23 -15.23
CA MET C 256 -15.36 7.95 -16.40
C MET C 256 -14.38 9.01 -16.75
N LYS C 257 -13.20 8.56 -17.15
CA LYS C 257 -12.19 9.47 -17.63
C LYS C 257 -11.51 8.91 -18.86
N PRO C 258 -11.55 9.56 -20.02
CA PRO C 258 -10.90 9.11 -21.21
C PRO C 258 -9.43 9.33 -20.95
N LYS C 259 -8.59 8.55 -21.57
CA LYS C 259 -7.16 8.65 -21.44
C LYS C 259 -6.49 8.43 -22.78
N HIS C 260 -5.35 9.09 -23.04
CA HIS C 260 -4.65 8.85 -24.29
C HIS C 260 -5.59 9.17 -25.43
N ILE C 261 -6.09 10.40 -25.41
CA ILE C 261 -7.12 10.78 -26.37
C ILE C 261 -6.74 11.70 -27.52
N ARG C 262 -7.18 11.29 -28.70
CA ARG C 262 -7.04 12.07 -29.93
C ARG C 262 -8.43 12.35 -30.44
N CYS C 263 -8.61 13.47 -31.11
CA CYS C 263 -9.92 13.73 -31.71
C CYS C 263 -9.79 14.36 -33.07
N TRP C 264 -10.86 14.26 -33.84
CA TRP C 264 -10.88 14.79 -35.18
C TRP C 264 -12.14 15.52 -35.55
N CYS C 265 -12.00 16.46 -36.49
CA CYS C 265 -13.12 17.12 -37.09
C CYS C 265 -14.01 17.82 -36.07
N PRO C 266 -13.52 18.93 -35.51
CA PRO C 266 -14.11 19.66 -34.42
C PRO C 266 -15.40 20.26 -34.84
N ARG C 267 -16.27 20.46 -33.88
CA ARG C 267 -17.56 21.04 -34.10
C ARG C 267 -17.99 21.85 -32.88
N PRO C 268 -18.87 22.83 -33.04
CA PRO C 268 -19.37 23.64 -31.96
C PRO C 268 -20.26 22.84 -31.02
N PRO C 269 -20.29 23.20 -29.73
CA PRO C 269 -21.09 22.61 -28.66
C PRO C 269 -22.53 23.01 -28.74
N ARG C 270 -23.39 22.19 -28.15
CA ARG C 270 -24.82 22.47 -28.03
C ARG C 270 -25.10 23.56 -27.00
N ALA C 271 -25.97 24.51 -27.36
CA ALA C 271 -26.32 25.62 -26.48
C ALA C 271 -27.58 25.41 -25.68
N VAL C 272 -28.25 24.33 -25.93
CA VAL C 272 -29.54 24.06 -25.32
C VAL C 272 -29.56 22.73 -24.61
N LEU C 273 -30.54 22.54 -23.77
CA LEU C 273 -30.67 21.32 -23.01
C LEU C 273 -30.91 20.16 -23.95
N TYR C 274 -30.30 19.02 -23.62
CA TYR C 274 -30.39 17.78 -24.39
C TYR C 274 -31.72 17.09 -24.21
N ARG C 275 -32.20 16.43 -25.27
CA ARG C 275 -33.42 15.68 -25.15
C ARG C 275 -33.12 14.24 -25.46
N GLY C 276 -32.94 13.45 -24.44
CA GLY C 276 -32.61 12.05 -24.66
C GLY C 276 -31.19 11.82 -25.16
N GLU C 277 -31.06 10.73 -25.90
CA GLU C 277 -29.80 10.19 -26.39
C GLU C 277 -29.15 10.98 -27.53
N GLY C 278 -29.96 11.56 -28.37
CA GLY C 278 -29.49 12.21 -29.59
C GLY C 278 -29.39 13.71 -29.48
N VAL C 279 -29.76 14.39 -30.57
CA VAL C 279 -29.63 15.83 -30.64
C VAL C 279 -31.00 16.47 -30.67
N ASP C 280 -32.00 15.72 -30.27
CA ASP C 280 -33.38 16.16 -30.27
C ASP C 280 -33.53 17.38 -29.37
N MET C 281 -34.46 18.27 -29.72
CA MET C 281 -34.68 19.49 -28.96
C MET C 281 -36.04 19.58 -28.26
N ILE C 282 -36.03 20.22 -27.10
CA ILE C 282 -37.24 20.48 -26.35
C ILE C 282 -37.70 21.88 -26.68
N SER C 283 -38.99 22.06 -26.86
CA SER C 283 -39.56 23.35 -27.24
C SER C 283 -39.36 24.44 -26.21
N SER C 284 -39.12 24.04 -24.98
CA SER C 284 -38.91 24.94 -23.88
C SER C 284 -37.50 25.50 -23.82
N ALA C 285 -36.59 25.02 -24.67
CA ALA C 285 -35.22 25.51 -24.62
C ALA C 285 -34.69 25.79 -26.01
N ILE C 286 -35.41 26.62 -26.76
CA ILE C 286 -35.00 26.94 -28.16
C ILE C 286 -34.36 28.33 -28.20
N LEU C 287 -34.40 29.03 -27.05
CA LEU C 287 -33.99 30.46 -26.94
C LEU C 287 -32.86 30.59 -25.91
N PRO C 288 -31.61 30.04 -26.16
CA PRO C 288 -30.52 29.99 -25.19
C PRO C 288 -29.84 31.29 -24.80
N LEU C 289 -29.98 32.37 -25.56
CA LEU C 289 -29.22 33.55 -25.20
C LEU C 289 -30.04 34.64 -24.56
N ALA C 290 -29.36 35.38 -23.69
CA ALA C 290 -29.94 36.51 -23.00
C ALA C 290 -30.08 37.73 -23.87
N LYS C 291 -31.11 38.51 -23.59
CA LYS C 291 -31.33 39.77 -24.26
C LYS C 291 -30.56 40.90 -23.60
N VAL C 292 -30.35 41.97 -24.36
CA VAL C 292 -29.69 43.17 -23.87
C VAL C 292 -30.57 44.36 -24.15
N ASP C 293 -30.29 45.48 -23.51
CA ASP C 293 -31.10 46.67 -23.76
C ASP C 293 -30.83 47.29 -25.12
N SER C 294 -29.58 47.27 -25.55
CA SER C 294 -29.27 47.86 -26.84
C SER C 294 -27.98 47.32 -27.42
N ILE C 295 -27.81 47.55 -28.71
CA ILE C 295 -26.62 47.20 -29.47
C ILE C 295 -25.42 47.97 -28.93
N THR C 296 -25.68 49.21 -28.55
CA THR C 296 -24.70 50.13 -28.03
C THR C 296 -24.49 50.10 -26.50
N THR C 297 -25.06 49.12 -25.80
CA THR C 297 -24.75 48.99 -24.38
C THR C 297 -23.52 48.08 -24.27
N PHE C 298 -22.47 48.52 -23.53
CA PHE C 298 -21.18 47.80 -23.36
C PHE C 298 -21.31 46.55 -22.44
N TYR D 9 -3.14 35.55 -63.73
CA TYR D 9 -3.06 34.56 -62.65
C TYR D 9 -3.56 35.13 -61.30
N SER D 10 -4.65 35.93 -61.31
CA SER D 10 -5.28 36.51 -60.10
C SER D 10 -6.05 35.43 -59.36
N ASP D 11 -6.25 35.63 -58.08
CA ASP D 11 -6.97 34.69 -57.24
C ASP D 11 -8.46 34.67 -57.49
N ARG D 12 -8.96 35.71 -58.12
CA ARG D 12 -10.36 35.80 -58.36
C ARG D 12 -10.83 34.92 -59.50
N VAL D 13 -9.93 34.38 -60.32
CA VAL D 13 -10.37 33.61 -61.48
C VAL D 13 -9.99 32.17 -61.37
N ARG D 14 -10.96 31.27 -61.59
CA ARG D 14 -10.67 29.85 -61.46
C ARG D 14 -11.23 28.97 -62.58
N GLN D 15 -10.55 27.83 -62.78
CA GLN D 15 -11.00 26.80 -63.71
C GLN D 15 -10.87 25.43 -63.03
N ILE D 16 -11.99 24.73 -62.88
CA ILE D 16 -12.01 23.42 -62.21
C ILE D 16 -12.27 22.34 -63.22
N THR D 17 -11.34 21.41 -63.38
CA THR D 17 -11.47 20.40 -64.41
C THR D 17 -11.48 18.97 -63.89
N LEU D 18 -12.67 18.39 -63.73
CA LEU D 18 -12.75 17.03 -63.21
C LEU D 18 -13.47 16.17 -64.20
N GLY D 19 -13.00 14.97 -64.42
CA GLY D 19 -13.73 14.11 -65.32
C GLY D 19 -13.82 14.72 -66.71
N ASN D 20 -15.05 14.84 -67.20
CA ASN D 20 -15.33 15.38 -68.52
C ASN D 20 -16.13 16.67 -68.42
N SER D 21 -16.00 17.37 -67.30
CA SER D 21 -16.72 18.62 -67.14
C SER D 21 -15.86 19.71 -66.51
N THR D 22 -16.04 20.93 -67.00
CA THR D 22 -15.27 22.04 -66.46
C THR D 22 -16.15 23.17 -65.98
N ILE D 23 -15.81 23.65 -64.80
CA ILE D 23 -16.48 24.78 -64.21
C ILE D 23 -15.58 25.97 -64.15
N THR D 24 -16.02 27.07 -64.69
CA THR D 24 -15.19 28.24 -64.64
C THR D 24 -15.93 29.43 -64.10
N THR D 25 -15.16 30.37 -63.60
CA THR D 25 -15.70 31.64 -63.15
C THR D 25 -14.70 32.77 -63.23
N GLN D 26 -15.21 33.97 -63.47
CA GLN D 26 -14.38 35.16 -63.47
C GLN D 26 -14.31 35.75 -62.07
N GLU D 27 -15.08 35.16 -61.17
CA GLU D 27 -15.14 35.61 -59.80
C GLU D 27 -15.29 34.44 -58.83
N ALA D 28 -14.30 34.31 -57.96
CA ALA D 28 -14.22 33.29 -56.94
C ALA D 28 -13.30 33.67 -55.82
N ALA D 29 -13.47 33.04 -54.68
CA ALA D 29 -12.48 33.12 -53.62
C ALA D 29 -11.63 31.88 -53.75
N ASN D 30 -10.38 31.93 -53.33
CA ASN D 30 -9.58 30.71 -53.43
C ASN D 30 -10.25 29.57 -52.72
N ALA D 31 -10.23 28.40 -53.35
CA ALA D 31 -10.84 27.20 -52.83
C ALA D 31 -10.24 26.73 -51.54
N ILE D 32 -11.10 26.17 -50.72
CA ILE D 32 -10.75 25.57 -49.45
C ILE D 32 -10.47 24.13 -49.57
N VAL D 33 -9.42 23.68 -48.95
CA VAL D 33 -9.22 22.25 -48.93
C VAL D 33 -9.42 21.87 -47.50
N ALA D 34 -10.53 21.21 -47.20
CA ALA D 34 -10.82 21.03 -45.78
C ALA D 34 -9.70 20.28 -45.14
N TYR D 35 -9.29 20.80 -44.00
CA TYR D 35 -8.23 20.25 -43.18
C TYR D 35 -6.89 20.12 -43.91
N GLY D 36 -6.76 20.74 -45.07
CA GLY D 36 -5.54 20.72 -45.85
C GLY D 36 -5.34 19.41 -46.58
N GLU D 37 -6.37 18.58 -46.66
CA GLU D 37 -6.23 17.28 -47.27
C GLU D 37 -7.08 17.02 -48.49
N TRP D 38 -6.43 16.49 -49.52
CA TRP D 38 -7.09 16.12 -50.76
C TRP D 38 -7.60 14.70 -50.64
N PRO D 39 -8.69 14.32 -51.29
CA PRO D 39 -9.15 12.96 -51.38
C PRO D 39 -8.12 12.11 -52.08
N THR D 40 -7.91 10.91 -51.57
CA THR D 40 -7.00 9.93 -52.16
C THR D 40 -7.68 8.59 -52.17
N TYR D 41 -7.07 7.62 -52.83
CA TYR D 41 -7.51 6.22 -52.84
C TYR D 41 -7.03 5.52 -51.57
N ILE D 42 -7.72 4.48 -51.11
CA ILE D 42 -7.24 3.82 -49.90
C ILE D 42 -5.95 3.06 -50.16
N ASN D 43 -4.98 3.31 -49.29
CA ASN D 43 -3.67 2.68 -49.34
C ASN D 43 -3.79 1.24 -48.91
N ASP D 44 -2.93 0.38 -49.41
CA ASP D 44 -2.98 -1.02 -49.02
C ASP D 44 -2.91 -1.14 -47.50
N SER D 45 -2.11 -0.28 -46.88
CA SER D 45 -1.86 -0.30 -45.45
C SER D 45 -3.05 -0.02 -44.57
N GLU D 46 -4.10 0.58 -45.12
CA GLU D 46 -5.27 0.89 -44.31
C GLU D 46 -6.54 0.27 -44.91
N ALA D 47 -6.41 -0.68 -45.83
CA ALA D 47 -7.62 -1.26 -46.42
C ALA D 47 -8.33 -2.24 -45.50
N ASN D 48 -9.68 -2.23 -45.56
CA ASN D 48 -10.48 -3.22 -44.85
C ASN D 48 -10.91 -4.43 -45.70
N PRO D 49 -11.68 -4.25 -46.81
CA PRO D 49 -12.17 -5.28 -47.68
C PRO D 49 -11.04 -5.82 -48.49
N VAL D 50 -11.19 -7.02 -49.01
CA VAL D 50 -10.18 -7.61 -49.87
C VAL D 50 -10.57 -7.65 -51.33
N ASP D 51 -11.81 -7.33 -51.61
CA ASP D 51 -12.38 -7.34 -52.94
C ASP D 51 -11.63 -6.38 -53.84
N ALA D 52 -11.16 -6.82 -54.99
CA ALA D 52 -10.48 -5.84 -55.82
C ALA D 52 -11.50 -4.72 -56.06
N PRO D 53 -11.16 -3.44 -55.85
CA PRO D 53 -12.04 -2.31 -55.93
C PRO D 53 -12.46 -1.93 -57.31
N THR D 54 -13.62 -1.32 -57.38
CA THR D 54 -14.16 -0.68 -58.56
C THR D 54 -13.69 0.75 -58.48
N GLU D 55 -13.09 1.24 -59.55
CA GLU D 55 -12.62 2.63 -59.59
C GLU D 55 -13.18 3.29 -60.83
N PRO D 56 -14.39 3.84 -60.77
CA PRO D 56 -15.16 4.39 -61.88
C PRO D 56 -14.45 5.48 -62.64
N ASP D 57 -13.48 6.13 -62.04
CA ASP D 57 -12.76 7.19 -62.70
C ASP D 57 -13.75 8.22 -63.21
N VAL D 58 -13.64 8.60 -64.49
CA VAL D 58 -14.47 9.60 -65.16
C VAL D 58 -15.96 9.30 -65.12
N SER D 59 -16.34 8.05 -64.95
CA SER D 59 -17.75 7.75 -64.90
C SER D 59 -18.40 8.40 -63.69
N SER D 60 -17.66 8.53 -62.60
CA SER D 60 -18.21 9.15 -61.42
C SER D 60 -17.63 10.52 -61.13
N ASN D 61 -16.35 10.70 -61.38
CA ASN D 61 -15.67 11.92 -60.95
C ASN D 61 -15.85 13.05 -61.96
N ARG D 62 -17.09 13.50 -62.09
CA ARG D 62 -17.50 14.56 -63.00
C ARG D 62 -18.54 15.37 -62.24
N PHE D 63 -18.83 16.57 -62.68
CA PHE D 63 -19.81 17.34 -61.95
C PHE D 63 -21.24 17.11 -62.34
N TYR D 64 -22.09 17.12 -61.33
CA TYR D 64 -23.51 17.03 -61.50
C TYR D 64 -24.15 18.25 -60.85
N THR D 65 -25.25 18.73 -61.41
CA THR D 65 -25.88 19.87 -60.79
C THR D 65 -27.11 19.47 -60.04
N LEU D 66 -27.30 20.06 -58.89
CA LEU D 66 -28.47 19.76 -58.12
C LEU D 66 -29.51 20.75 -58.58
N GLU D 67 -30.78 20.44 -58.44
CA GLU D 67 -31.77 21.42 -58.85
C GLU D 67 -31.55 22.73 -58.11
N SER D 68 -31.55 23.83 -58.85
CA SER D 68 -31.34 25.16 -58.32
C SER D 68 -32.45 25.56 -57.37
N VAL D 69 -32.13 26.39 -56.38
CA VAL D 69 -33.17 26.86 -55.48
C VAL D 69 -33.24 28.36 -55.55
N SER D 70 -34.36 28.92 -55.15
CA SER D 70 -34.46 30.38 -55.16
C SER D 70 -34.23 30.94 -53.80
N TRP D 71 -33.49 32.03 -53.75
CA TRP D 71 -33.21 32.75 -52.54
C TRP D 71 -34.14 33.89 -52.39
N LYS D 72 -35.08 33.74 -51.50
CA LYS D 72 -36.06 34.74 -51.23
C LYS D 72 -35.56 35.47 -50.02
N THR D 73 -36.01 36.67 -49.84
CA THR D 73 -35.59 37.51 -48.74
C THR D 73 -36.08 37.00 -47.38
N THR D 74 -36.97 36.02 -47.40
CA THR D 74 -37.52 35.41 -46.22
C THR D 74 -36.96 34.01 -45.97
N SER D 75 -36.03 33.55 -46.81
CA SER D 75 -35.49 32.21 -46.67
C SER D 75 -34.69 32.06 -45.41
N ARG D 76 -34.73 30.89 -44.81
CA ARG D 76 -33.95 30.66 -43.63
C ARG D 76 -32.87 29.63 -43.86
N GLY D 77 -32.68 29.27 -45.11
CA GLY D 77 -31.63 28.32 -45.43
C GLY D 77 -32.09 27.06 -46.09
N TRP D 78 -31.10 26.35 -46.62
CA TRP D 78 -31.30 25.12 -47.34
C TRP D 78 -30.30 24.07 -46.91
N TRP D 79 -30.68 22.83 -46.97
CA TRP D 79 -29.73 21.78 -46.69
C TRP D 79 -29.85 20.60 -47.61
N TRP D 80 -28.72 19.96 -47.77
CA TRP D 80 -28.59 18.77 -48.56
C TRP D 80 -27.65 17.80 -47.90
N LYS D 81 -27.76 16.52 -48.21
CA LYS D 81 -26.76 15.58 -47.73
C LYS D 81 -25.92 15.25 -48.95
N LEU D 82 -24.59 15.18 -48.80
CA LEU D 82 -23.75 15.04 -50.00
C LEU D 82 -23.94 13.76 -50.81
N PRO D 83 -23.70 12.56 -50.27
CA PRO D 83 -23.89 11.33 -51.00
C PRO D 83 -25.34 11.11 -51.32
N ASP D 84 -26.24 11.71 -50.56
CA ASP D 84 -27.63 11.51 -50.87
C ASP D 84 -27.99 12.24 -52.14
N CYS D 85 -27.45 13.42 -52.32
CA CYS D 85 -27.77 14.19 -53.50
C CYS D 85 -27.36 13.50 -54.75
N LEU D 86 -26.26 12.82 -54.70
CA LEU D 86 -25.77 12.21 -55.91
C LEU D 86 -26.34 10.81 -56.12
N LYS D 87 -27.27 10.37 -55.30
CA LYS D 87 -27.76 9.01 -55.40
C LYS D 87 -28.37 8.65 -56.75
N ASP D 88 -28.93 9.59 -57.49
CA ASP D 88 -29.51 9.25 -58.78
C ASP D 88 -28.67 9.81 -59.94
N MET D 89 -27.47 10.24 -59.61
CA MET D 89 -26.64 10.89 -60.59
C MET D 89 -25.81 10.01 -61.49
N GLY D 90 -26.45 9.48 -62.50
CA GLY D 90 -25.77 8.68 -63.52
C GLY D 90 -25.06 7.45 -62.99
N MET D 91 -23.80 7.29 -63.40
CA MET D 91 -23.02 6.14 -62.97
C MET D 91 -22.64 6.15 -61.52
N PHE D 92 -22.48 7.33 -60.94
CA PHE D 92 -22.15 7.35 -59.53
C PHE D 92 -23.32 6.71 -58.81
N GLY D 93 -24.51 7.16 -59.18
CA GLY D 93 -25.70 6.64 -58.55
C GLY D 93 -25.82 5.13 -58.76
N GLN D 94 -25.49 4.63 -59.94
CA GLN D 94 -25.63 3.19 -60.12
C GLN D 94 -24.67 2.42 -59.27
N ASN D 95 -23.45 2.91 -59.12
CA ASN D 95 -22.49 2.17 -58.35
C ASN D 95 -22.89 2.14 -56.90
N MET D 96 -23.59 3.18 -56.45
CA MET D 96 -24.06 3.19 -55.08
C MET D 96 -25.05 2.09 -54.81
N TYR D 97 -25.87 1.75 -55.80
CA TYR D 97 -26.82 0.70 -55.53
C TYR D 97 -26.23 -0.66 -55.79
N TYR D 98 -25.23 -0.73 -56.65
CA TYR D 98 -24.56 -1.98 -56.95
C TYR D 98 -23.55 -2.43 -55.91
N HIS D 99 -22.99 -1.54 -55.10
CA HIS D 99 -22.02 -2.01 -54.13
C HIS D 99 -22.45 -1.75 -52.71
N TYR D 100 -22.08 -2.65 -51.82
CA TYR D 100 -22.34 -2.44 -50.41
C TYR D 100 -21.54 -1.28 -49.85
N LEU D 101 -20.27 -1.24 -50.18
CA LEU D 101 -19.39 -0.21 -49.70
C LEU D 101 -19.03 0.76 -50.78
N GLY D 102 -18.67 1.97 -50.36
CA GLY D 102 -18.15 2.96 -51.29
C GLY D 102 -17.61 4.15 -50.57
N ARG D 103 -16.72 4.85 -51.23
CA ARG D 103 -16.12 6.01 -50.66
C ARG D 103 -15.89 7.07 -51.69
N SER D 104 -16.09 8.31 -51.33
CA SER D 104 -15.73 9.38 -52.24
C SER D 104 -15.45 10.66 -51.48
N GLY D 105 -14.61 11.48 -52.07
CA GLY D 105 -14.42 12.84 -51.60
C GLY D 105 -15.33 13.64 -52.48
N TYR D 106 -15.35 14.94 -52.32
CA TYR D 106 -16.19 15.76 -53.17
C TYR D 106 -15.56 17.08 -53.55
N THR D 107 -15.99 17.65 -54.66
CA THR D 107 -15.69 19.03 -54.95
C THR D 107 -17.00 19.72 -55.03
N ILE D 108 -17.16 20.75 -54.24
CA ILE D 108 -18.41 21.46 -54.24
C ILE D 108 -18.24 22.87 -54.70
N HIS D 109 -19.00 23.22 -55.71
CA HIS D 109 -18.95 24.55 -56.26
C HIS D 109 -20.33 25.19 -56.18
N VAL D 110 -20.42 26.32 -55.51
CA VAL D 110 -21.70 26.98 -55.33
C VAL D 110 -21.68 28.34 -55.98
N GLN D 111 -22.70 28.63 -56.78
CA GLN D 111 -22.77 29.95 -57.42
C GLN D 111 -24.07 30.66 -57.18
N CYS D 112 -23.99 31.98 -57.15
CA CYS D 112 -25.17 32.82 -57.06
C CYS D 112 -24.90 34.18 -57.66
N ASN D 113 -25.48 34.44 -58.83
CA ASN D 113 -25.23 35.69 -59.53
C ASN D 113 -26.07 36.80 -58.96
N ALA D 114 -25.54 38.00 -58.99
CA ALA D 114 -26.26 39.16 -58.51
C ALA D 114 -25.72 40.42 -59.13
N SER D 115 -26.50 41.48 -59.08
CA SER D 115 -26.12 42.78 -59.55
C SER D 115 -25.26 43.46 -58.52
N LYS D 116 -24.52 44.47 -58.96
CA LYS D 116 -23.67 45.28 -58.10
C LYS D 116 -24.51 45.99 -57.03
N PHE D 117 -25.81 46.08 -57.30
CA PHE D 117 -26.78 46.73 -56.45
C PHE D 117 -27.45 45.77 -55.47
N HIS D 118 -27.08 44.49 -55.49
CA HIS D 118 -27.63 43.55 -54.53
C HIS D 118 -26.71 43.46 -53.35
N GLN D 119 -27.29 43.11 -52.22
CA GLN D 119 -26.52 42.92 -51.00
C GLN D 119 -27.01 41.67 -50.30
N GLY D 120 -26.18 41.11 -49.42
CA GLY D 120 -26.55 39.90 -48.69
C GLY D 120 -25.44 38.87 -48.79
N ALA D 121 -25.52 37.80 -47.99
CA ALA D 121 -24.46 36.82 -48.01
C ALA D 121 -24.93 35.43 -47.64
N LEU D 122 -24.35 34.45 -48.30
CA LEU D 122 -24.64 33.05 -48.08
C LEU D 122 -23.47 32.29 -47.54
N GLY D 123 -23.60 31.74 -46.37
CA GLY D 123 -22.50 30.98 -45.88
C GLY D 123 -22.65 29.59 -46.40
N VAL D 124 -21.57 28.99 -46.81
CA VAL D 124 -21.59 27.61 -47.24
C VAL D 124 -20.77 26.83 -46.25
N PHE D 125 -21.42 25.93 -45.54
CA PHE D 125 -20.72 25.18 -44.50
C PHE D 125 -20.81 23.70 -44.76
N LEU D 126 -19.71 23.00 -44.54
CA LEU D 126 -19.76 21.56 -44.70
C LEU D 126 -19.58 20.88 -43.39
N ILE D 127 -20.55 20.09 -43.05
CA ILE D 127 -20.57 19.46 -41.78
C ILE D 127 -20.35 17.97 -41.88
N PRO D 128 -19.25 17.42 -41.38
CA PRO D 128 -19.03 16.02 -41.43
C PRO D 128 -20.06 15.54 -40.46
N GLU D 129 -20.68 14.42 -40.72
CA GLU D 129 -21.70 13.92 -39.81
C GLU D 129 -22.75 14.95 -39.46
N PHE D 130 -23.50 15.40 -40.45
CA PHE D 130 -24.51 16.40 -40.16
C PHE D 130 -25.74 15.73 -39.64
N VAL D 131 -25.94 15.83 -38.34
CA VAL D 131 -27.03 15.15 -37.70
C VAL D 131 -28.03 16.14 -37.21
N MET D 132 -29.23 15.99 -37.71
CA MET D 132 -30.33 16.87 -37.39
C MET D 132 -31.29 16.18 -36.44
N ALA D 133 -31.92 16.99 -35.61
CA ALA D 133 -32.91 16.63 -34.60
C ALA D 133 -34.24 16.19 -35.17
N CYS D 134 -34.91 15.28 -34.46
CA CYS D 134 -36.24 14.80 -34.79
C CYS D 134 -37.34 15.84 -34.55
N ASN D 135 -38.19 16.10 -35.55
CA ASN D 135 -39.24 17.10 -35.36
C ASN D 135 -40.53 16.52 -34.81
N THR D 136 -40.43 15.58 -33.90
CA THR D 136 -41.63 14.99 -33.36
C THR D 136 -41.79 15.30 -31.89
N GLU D 137 -40.69 15.60 -31.20
CA GLU D 137 -40.73 15.62 -29.75
C GLU D 137 -41.18 14.19 -29.49
N SER D 138 -42.27 13.92 -28.80
CA SER D 138 -42.67 12.52 -28.60
C SER D 138 -41.50 11.58 -28.31
N LYS D 139 -41.43 10.50 -29.10
CA LYS D 139 -40.36 9.51 -29.09
C LYS D 139 -39.10 10.10 -29.74
N THR D 140 -37.94 9.87 -29.12
CA THR D 140 -36.71 10.42 -29.67
C THR D 140 -36.17 9.67 -30.87
N SER D 141 -35.33 10.37 -31.62
CA SER D 141 -34.62 9.86 -32.77
C SER D 141 -35.54 9.17 -33.76
N TYR D 142 -36.70 9.73 -34.00
CA TYR D 142 -37.63 9.14 -34.93
C TYR D 142 -37.63 9.92 -36.22
N VAL D 143 -36.92 9.40 -37.19
CA VAL D 143 -36.78 10.08 -38.47
C VAL D 143 -36.96 9.05 -39.55
N SER D 144 -37.73 9.32 -40.60
CA SER D 144 -37.83 8.26 -41.59
C SER D 144 -36.70 8.32 -42.58
N TYR D 145 -36.44 7.18 -43.21
CA TYR D 145 -35.45 7.07 -44.25
C TYR D 145 -35.78 7.99 -45.41
N ILE D 146 -37.06 8.02 -45.76
CA ILE D 146 -37.48 8.78 -46.91
C ILE D 146 -37.28 10.26 -46.72
N ASN D 147 -37.66 10.78 -45.57
CA ASN D 147 -37.51 12.21 -45.37
C ASN D 147 -36.08 12.59 -45.05
N ALA D 148 -35.33 11.67 -44.46
CA ALA D 148 -33.95 11.92 -44.12
C ALA D 148 -33.11 12.11 -45.35
N ASN D 149 -33.48 11.40 -46.42
CA ASN D 149 -32.76 11.40 -47.67
C ASN D 149 -33.57 11.95 -48.85
N PRO D 150 -33.71 13.29 -48.99
CA PRO D 150 -34.51 13.97 -49.99
C PRO D 150 -33.94 13.94 -51.41
N GLY D 151 -32.68 13.55 -51.56
CA GLY D 151 -32.02 13.59 -52.86
C GLY D 151 -31.55 15.00 -53.15
N GLU D 152 -31.34 15.31 -54.44
CA GLU D 152 -30.77 16.58 -54.90
C GLU D 152 -31.68 17.74 -54.63
N ARG D 153 -32.92 17.41 -54.34
CA ARG D 153 -33.95 18.37 -54.03
C ARG D 153 -33.61 19.08 -52.74
N GLY D 154 -33.01 18.36 -51.78
CA GLY D 154 -32.68 18.91 -50.48
C GLY D 154 -33.93 19.17 -49.66
N GLY D 155 -33.76 20.04 -48.68
CA GLY D 155 -34.82 20.46 -47.78
C GLY D 155 -34.45 21.81 -47.24
N GLU D 156 -35.28 22.38 -46.37
CA GLU D 156 -34.98 23.71 -45.88
C GLU D 156 -35.02 23.85 -44.38
N PHE D 157 -34.72 25.07 -43.94
CA PHE D 157 -34.76 25.44 -42.54
C PHE D 157 -35.88 26.43 -42.27
N THR D 158 -36.39 26.44 -41.05
CA THR D 158 -37.39 27.38 -40.64
C THR D 158 -36.91 28.15 -39.43
N ASN D 159 -37.58 29.26 -39.14
CA ASN D 159 -37.22 30.06 -37.97
C ASN D 159 -38.14 29.82 -36.81
N THR D 160 -38.95 28.79 -36.91
CA THR D 160 -39.86 28.42 -35.86
C THR D 160 -39.74 26.95 -35.58
N TYR D 161 -40.06 26.57 -34.35
CA TYR D 161 -40.03 25.18 -33.95
C TYR D 161 -41.39 24.73 -33.55
N ASN D 162 -41.85 23.70 -34.21
CA ASN D 162 -43.15 23.17 -33.96
C ASN D 162 -43.06 21.67 -34.16
N PRO D 163 -42.61 20.91 -33.16
CA PRO D 163 -42.45 19.49 -33.21
C PRO D 163 -43.82 18.91 -33.26
N SER D 164 -44.00 17.86 -34.02
CA SER D 164 -45.31 17.29 -34.14
C SER D 164 -45.56 16.22 -33.10
N ASN D 165 -45.76 16.67 -31.87
CA ASN D 165 -45.89 15.78 -30.72
C ASN D 165 -47.12 14.88 -30.82
N THR D 166 -48.09 15.29 -31.62
CA THR D 166 -49.32 14.56 -31.79
C THR D 166 -49.47 13.85 -33.14
N ASP D 167 -48.47 13.93 -34.02
CA ASP D 167 -48.61 13.31 -35.36
C ASP D 167 -47.28 12.91 -36.00
N ALA D 168 -47.11 11.64 -36.25
CA ALA D 168 -45.87 11.22 -36.87
C ALA D 168 -45.64 11.83 -38.26
N SER D 169 -46.68 12.15 -39.04
CA SER D 169 -46.41 12.57 -40.42
C SER D 169 -45.50 13.79 -40.58
N GLU D 170 -45.54 14.74 -39.64
CA GLU D 170 -44.68 15.92 -39.69
C GLU D 170 -43.47 15.70 -38.79
N GLY D 171 -43.48 14.55 -38.12
CA GLY D 171 -42.49 14.11 -37.15
C GLY D 171 -41.35 13.35 -37.78
N ARG D 172 -41.62 12.73 -38.93
CA ARG D 172 -40.62 11.94 -39.66
C ARG D 172 -39.55 12.85 -40.27
N LYS D 173 -39.81 14.16 -40.22
CA LYS D 173 -39.01 15.24 -40.74
C LYS D 173 -38.01 15.75 -39.73
N PHE D 174 -37.01 16.46 -40.21
CA PHE D 174 -36.07 17.09 -39.30
C PHE D 174 -36.53 18.42 -38.80
N ALA D 175 -36.15 18.71 -37.57
CA ALA D 175 -36.42 19.97 -36.91
C ALA D 175 -35.39 20.95 -37.35
N ALA D 176 -35.50 21.33 -38.60
CA ALA D 176 -34.50 22.14 -39.25
C ALA D 176 -34.59 23.59 -38.86
N LEU D 177 -34.16 23.90 -37.66
CA LEU D 177 -34.18 25.28 -37.21
C LEU D 177 -32.95 25.93 -37.73
N ASP D 178 -33.06 27.12 -38.28
CA ASP D 178 -31.87 27.76 -38.84
C ASP D 178 -30.93 28.24 -37.76
N TYR D 179 -31.47 28.87 -36.72
CA TYR D 179 -30.60 29.56 -35.73
C TYR D 179 -29.94 28.55 -34.76
N LEU D 180 -30.44 27.31 -34.69
CA LEU D 180 -29.77 26.25 -33.99
C LEU D 180 -29.22 25.17 -34.91
N LEU D 181 -29.16 25.46 -36.22
CA LEU D 181 -28.62 24.55 -37.24
C LEU D 181 -29.24 23.16 -37.26
N GLY D 182 -30.48 23.05 -36.82
CA GLY D 182 -31.15 21.78 -36.80
C GLY D 182 -30.71 20.85 -35.67
N SER D 183 -29.76 21.27 -34.83
CA SER D 183 -29.21 20.40 -33.78
C SER D 183 -29.16 20.95 -32.35
N GLY D 184 -29.41 22.24 -32.16
CA GLY D 184 -29.29 22.83 -30.83
C GLY D 184 -28.01 23.63 -30.69
N VAL D 185 -27.20 23.58 -31.73
CA VAL D 185 -25.95 24.29 -31.80
C VAL D 185 -26.12 25.61 -32.51
N LEU D 186 -25.66 26.69 -31.89
CA LEU D 186 -25.81 28.01 -32.46
C LEU D 186 -25.10 28.20 -33.77
N ALA D 187 -25.81 28.80 -34.72
CA ALA D 187 -25.37 29.09 -36.07
C ALA D 187 -24.13 29.95 -36.12
N GLY D 188 -23.92 30.81 -35.15
CA GLY D 188 -22.77 31.68 -35.21
C GLY D 188 -21.46 30.92 -35.12
N ASN D 189 -21.51 29.67 -34.65
CA ASN D 189 -20.31 28.89 -34.52
C ASN D 189 -20.23 27.88 -35.65
N ALA D 190 -21.05 28.06 -36.67
CA ALA D 190 -21.05 27.18 -37.83
C ALA D 190 -19.72 27.23 -38.53
N PHE D 191 -19.03 28.33 -38.33
CA PHE D 191 -17.75 28.71 -38.90
C PHE D 191 -16.62 27.81 -38.45
N VAL D 192 -16.88 27.00 -37.42
CA VAL D 192 -15.93 26.01 -36.95
C VAL D 192 -15.75 24.99 -38.06
N TYR D 193 -16.82 24.66 -38.76
CA TYR D 193 -16.78 23.71 -39.83
C TYR D 193 -16.11 24.39 -41.02
N PRO D 194 -15.45 23.68 -41.94
CA PRO D 194 -14.88 24.28 -43.12
C PRO D 194 -15.97 25.04 -43.80
N HIS D 195 -15.68 26.27 -44.21
CA HIS D 195 -16.68 27.09 -44.84
C HIS D 195 -16.13 28.16 -45.70
N GLN D 196 -16.96 28.65 -46.60
CA GLN D 196 -16.57 29.76 -47.44
C GLN D 196 -17.82 30.61 -47.58
N ILE D 197 -17.70 31.90 -47.75
CA ILE D 197 -18.90 32.72 -47.79
C ILE D 197 -19.08 33.39 -49.12
N ILE D 198 -20.27 33.32 -49.67
CA ILE D 198 -20.51 34.04 -50.89
C ILE D 198 -21.15 35.36 -50.52
N ASN D 199 -20.38 36.41 -50.67
CA ASN D 199 -20.79 37.76 -50.33
C ASN D 199 -21.11 38.43 -51.60
N LEU D 200 -22.38 38.75 -51.83
CA LEU D 200 -22.81 39.25 -53.12
C LEU D 200 -22.13 40.56 -53.45
N ARG D 201 -21.60 41.22 -52.45
CA ARG D 201 -20.88 42.46 -52.66
C ARG D 201 -19.71 42.26 -53.61
N THR D 202 -19.01 41.14 -53.48
CA THR D 202 -17.82 40.85 -54.23
C THR D 202 -17.90 39.48 -54.90
N ASN D 203 -17.59 38.48 -54.10
CA ASN D 203 -17.50 37.09 -54.50
C ASN D 203 -18.82 36.41 -54.81
N ASN D 204 -18.96 35.93 -56.04
CA ASN D 204 -20.18 35.26 -56.50
C ASN D 204 -20.10 33.73 -56.48
N SER D 205 -19.02 33.17 -55.95
CA SER D 205 -18.94 31.72 -55.93
C SER D 205 -18.08 31.17 -54.79
N ALA D 206 -18.25 29.89 -54.51
CA ALA D 206 -17.42 29.25 -53.50
C ALA D 206 -17.02 27.87 -53.91
N THR D 207 -15.80 27.48 -53.58
CA THR D 207 -15.35 26.13 -53.88
C THR D 207 -14.73 25.46 -52.67
N ILE D 208 -15.22 24.27 -52.34
CA ILE D 208 -14.63 23.52 -51.25
C ILE D 208 -14.30 22.09 -51.65
N VAL D 209 -13.07 21.67 -51.35
CA VAL D 209 -12.61 20.32 -51.58
C VAL D 209 -12.85 19.56 -50.28
N VAL D 210 -13.55 18.46 -50.42
CA VAL D 210 -13.99 17.68 -49.30
C VAL D 210 -13.37 16.28 -49.23
N PRO D 211 -12.54 15.96 -48.24
CA PRO D 211 -11.90 14.69 -48.07
C PRO D 211 -12.95 13.73 -47.55
N TYR D 212 -12.75 12.45 -47.72
CA TYR D 212 -13.66 11.53 -47.07
C TYR D 212 -13.37 11.52 -45.60
N VAL D 213 -14.42 11.66 -44.80
CA VAL D 213 -14.26 11.63 -43.37
C VAL D 213 -15.18 10.64 -42.71
N ASN D 214 -14.59 9.72 -41.97
CA ASN D 214 -15.34 8.72 -41.23
C ASN D 214 -14.44 8.13 -40.15
N SER D 215 -14.99 7.22 -39.34
CA SER D 215 -14.25 6.45 -38.35
C SER D 215 -13.76 5.18 -38.98
N LEU D 216 -14.27 4.94 -40.16
CA LEU D 216 -13.97 3.82 -41.01
C LEU D 216 -13.26 4.32 -42.24
N VAL D 217 -12.46 3.47 -42.86
CA VAL D 217 -11.84 3.88 -44.10
C VAL D 217 -12.85 3.92 -45.24
N ILE D 218 -13.85 3.04 -45.20
CA ILE D 218 -14.90 2.95 -46.20
C ILE D 218 -16.21 2.58 -45.50
N ASP D 219 -17.35 3.03 -46.01
CA ASP D 219 -18.63 2.69 -45.38
C ASP D 219 -19.72 2.45 -46.44
N CYS D 220 -20.92 2.14 -45.99
CA CYS D 220 -22.04 1.91 -46.90
C CYS D 220 -22.82 3.18 -47.15
N MET D 221 -22.83 3.64 -48.40
CA MET D 221 -23.46 4.91 -48.71
C MET D 221 -24.96 4.89 -48.55
N ALA D 222 -25.56 3.71 -48.65
CA ALA D 222 -27.00 3.61 -48.48
C ALA D 222 -27.39 3.79 -47.01
N LYS D 223 -26.45 3.62 -46.09
CA LYS D 223 -26.76 3.76 -44.69
C LYS D 223 -26.26 5.05 -44.11
N HIS D 224 -25.16 5.56 -44.64
CA HIS D 224 -24.56 6.69 -43.99
C HIS D 224 -24.17 7.87 -44.84
N ASN D 225 -24.59 9.05 -44.40
CA ASN D 225 -24.23 10.28 -45.07
C ASN D 225 -23.00 10.86 -44.39
N ASN D 226 -21.85 10.74 -45.03
CA ASN D 226 -20.61 11.15 -44.40
C ASN D 226 -20.52 12.64 -44.16
N TRP D 227 -21.12 13.40 -45.05
CA TRP D 227 -21.12 14.84 -44.99
C TRP D 227 -22.46 15.43 -45.34
N GLY D 228 -22.75 16.59 -44.78
CA GLY D 228 -23.90 17.36 -45.20
C GLY D 228 -23.47 18.78 -45.59
N ILE D 229 -24.34 19.46 -46.31
CA ILE D 229 -24.11 20.83 -46.73
C ILE D 229 -25.22 21.77 -46.34
N VAL D 230 -24.81 22.87 -45.74
CA VAL D 230 -25.74 23.90 -45.35
C VAL D 230 -25.46 25.23 -45.96
N ILE D 231 -26.49 25.79 -46.57
CA ILE D 231 -26.38 27.12 -47.11
C ILE D 231 -27.28 28.01 -46.29
N LEU D 232 -26.66 28.97 -45.63
CA LEU D 232 -27.35 29.81 -44.69
C LEU D 232 -27.31 31.29 -45.09
N PRO D 233 -28.44 31.99 -45.21
CA PRO D 233 -28.50 33.39 -45.54
C PRO D 233 -28.17 34.25 -44.35
N LEU D 234 -26.87 34.28 -44.08
CA LEU D 234 -26.26 34.97 -42.95
C LEU D 234 -26.56 36.44 -42.99
N ALA D 235 -26.57 37.02 -44.19
CA ALA D 235 -26.91 38.43 -44.33
C ALA D 235 -28.08 38.38 -45.31
N PRO D 236 -29.11 39.19 -45.11
CA PRO D 236 -30.33 39.10 -45.87
C PRO D 236 -30.09 39.52 -47.27
N LEU D 237 -30.86 38.94 -48.17
CA LEU D 237 -30.83 39.37 -49.53
C LEU D 237 -31.59 40.65 -49.62
N ALA D 238 -31.05 41.62 -50.33
CA ALA D 238 -31.76 42.85 -50.50
C ALA D 238 -31.37 43.54 -51.78
N PHE D 239 -32.27 44.39 -52.21
CA PHE D 239 -32.13 45.18 -53.40
C PHE D 239 -33.03 46.36 -53.16
N ALA D 240 -32.79 47.50 -53.78
CA ALA D 240 -33.69 48.62 -53.53
C ALA D 240 -35.13 48.33 -53.93
N ALA D 241 -35.34 47.54 -54.99
CA ALA D 241 -36.69 47.27 -55.41
C ALA D 241 -37.47 46.54 -54.33
N THR D 242 -38.74 46.93 -54.19
CA THR D 242 -39.67 46.36 -53.21
C THR D 242 -40.11 44.97 -53.63
N SER D 243 -39.79 44.66 -54.87
CA SER D 243 -40.07 43.39 -55.49
C SER D 243 -39.29 42.30 -54.79
N SER D 244 -38.28 42.71 -54.00
CA SER D 244 -37.51 41.79 -53.20
C SER D 244 -37.08 40.63 -54.06
N PRO D 245 -36.28 40.90 -55.09
CA PRO D 245 -35.95 39.97 -56.14
C PRO D 245 -35.35 38.73 -55.58
N GLN D 246 -35.78 37.62 -56.13
CA GLN D 246 -35.14 36.37 -55.71
C GLN D 246 -33.95 36.14 -56.64
N VAL D 247 -32.97 35.44 -56.15
CA VAL D 247 -31.85 35.08 -57.01
C VAL D 247 -31.68 33.59 -56.91
N PRO D 248 -31.23 32.90 -57.94
CA PRO D 248 -31.00 31.48 -57.91
C PRO D 248 -29.73 31.17 -57.15
N ILE D 249 -29.70 30.00 -56.55
CA ILE D 249 -28.49 29.44 -55.97
C ILE D 249 -28.28 28.07 -56.58
N THR D 250 -27.12 27.85 -57.16
CA THR D 250 -26.87 26.56 -57.77
C THR D 250 -25.74 25.84 -57.10
N VAL D 251 -26.00 24.59 -56.73
CA VAL D 251 -24.98 23.79 -56.08
C VAL D 251 -24.56 22.66 -57.01
N THR D 252 -23.28 22.64 -57.36
CA THR D 252 -22.77 21.66 -58.29
C THR D 252 -21.73 20.78 -57.60
N ILE D 253 -21.93 19.47 -57.66
CA ILE D 253 -21.03 18.57 -56.94
C ILE D 253 -20.46 17.42 -57.76
N ALA D 254 -19.16 17.20 -57.61
CA ALA D 254 -18.53 16.04 -58.21
C ALA D 254 -17.93 15.21 -57.11
N PRO D 255 -17.98 13.89 -57.14
CA PRO D 255 -17.29 13.04 -56.22
C PRO D 255 -15.82 13.05 -56.63
N MET D 256 -14.92 12.69 -55.73
CA MET D 256 -13.50 12.59 -56.07
C MET D 256 -12.88 11.28 -55.62
N CYS D 257 -11.95 10.77 -56.43
CA CYS D 257 -11.25 9.52 -56.08
C CYS D 257 -12.24 8.46 -55.67
N THR D 258 -13.33 8.34 -56.39
CA THR D 258 -14.36 7.41 -56.00
C THR D 258 -13.92 5.97 -56.12
N GLU D 259 -14.25 5.17 -55.11
CA GLU D 259 -14.06 3.73 -55.21
C GLU D 259 -15.21 2.99 -54.57
N PHE D 260 -15.50 1.80 -55.07
CA PHE D 260 -16.53 0.95 -54.50
C PHE D 260 -16.06 -0.47 -54.27
N ASN D 261 -16.64 -1.11 -53.26
CA ASN D 261 -16.27 -2.49 -52.92
C ASN D 261 -17.49 -3.30 -52.54
N GLY D 262 -17.47 -4.61 -52.79
CA GLY D 262 -18.61 -5.40 -52.35
C GLY D 262 -19.74 -5.43 -53.37
N LEU D 263 -19.42 -5.80 -54.61
CA LEU D 263 -20.45 -5.85 -55.64
C LEU D 263 -21.51 -6.87 -55.25
N ARG D 264 -22.76 -6.45 -55.32
CA ARG D 264 -23.94 -7.20 -54.92
C ARG D 264 -25.07 -7.00 -55.91
N ASN D 265 -26.19 -7.67 -55.70
CA ASN D 265 -27.31 -7.40 -56.58
C ASN D 265 -27.78 -5.99 -56.30
N ILE D 266 -28.13 -5.27 -57.36
CA ILE D 266 -28.54 -3.89 -57.21
C ILE D 266 -29.73 -3.74 -56.31
N THR D 267 -29.65 -2.75 -55.45
CA THR D 267 -30.71 -2.52 -54.52
C THR D 267 -31.53 -1.30 -54.86
N VAL D 268 -32.72 -1.24 -54.29
CA VAL D 268 -33.56 -0.07 -54.40
C VAL D 268 -34.08 0.20 -53.00
N PRO D 269 -33.94 1.40 -52.44
CA PRO D 269 -34.37 1.82 -51.13
C PRO D 269 -35.86 2.04 -51.07
N VAL D 270 -36.40 2.15 -49.87
CA VAL D 270 -37.80 2.53 -49.77
C VAL D 270 -38.02 3.86 -50.43
N HIS D 271 -38.99 3.88 -51.31
CA HIS D 271 -39.41 5.02 -52.10
C HIS D 271 -40.56 5.75 -51.42
N GLN D 272 -40.68 7.08 -51.68
CA GLN D 272 -41.80 7.96 -51.29
C GLN D 272 -43.20 7.31 -51.49
N GLY E 1 7.29 -7.98 3.17
CA GLY E 1 8.59 -7.93 3.79
C GLY E 1 9.14 -6.51 3.92
N LEU E 2 9.03 -5.69 2.85
CA LEU E 2 9.51 -4.30 2.80
C LEU E 2 8.62 -3.38 3.63
N PRO E 3 9.10 -2.77 4.71
CA PRO E 3 8.31 -1.93 5.56
C PRO E 3 7.90 -0.68 4.82
N THR E 4 6.65 -0.28 5.02
CA THR E 4 6.09 0.88 4.38
C THR E 4 5.19 1.69 5.30
N MET E 5 5.03 2.96 4.96
CA MET E 5 4.16 3.84 5.73
C MET E 5 3.16 4.58 4.86
N ASN E 6 1.88 4.43 5.11
CA ASN E 6 0.92 5.08 4.23
C ASN E 6 0.80 6.56 4.56
N THR E 7 0.88 7.40 3.55
CA THR E 7 0.83 8.85 3.74
C THR E 7 -0.62 9.33 3.76
N PRO E 8 -0.89 10.54 4.21
CA PRO E 8 -2.16 11.19 4.06
C PRO E 8 -2.40 11.20 2.58
N GLY E 9 -3.65 11.12 2.18
CA GLY E 9 -4.02 11.07 0.78
C GLY E 9 -4.22 9.63 0.31
N SER E 10 -3.81 8.68 1.12
CA SER E 10 -3.97 7.28 0.80
C SER E 10 -5.43 6.86 0.77
N ASN E 11 -5.78 5.97 -0.17
CA ASN E 11 -7.12 5.42 -0.35
C ASN E 11 -8.21 6.46 -0.57
N GLN E 12 -7.95 7.44 -1.42
CA GLN E 12 -8.92 8.48 -1.73
C GLN E 12 -9.11 8.49 -3.24
N PHE E 13 -10.26 8.93 -3.70
CA PHE E 13 -10.44 9.08 -5.14
C PHE E 13 -10.43 10.49 -5.62
N LEU E 14 -9.38 10.81 -6.34
CA LEU E 14 -9.16 12.11 -6.90
C LEU E 14 -9.51 12.08 -8.38
N THR E 15 -10.35 12.98 -8.84
CA THR E 15 -10.78 12.96 -10.24
C THR E 15 -9.68 13.41 -11.19
N SER E 16 -8.65 14.00 -10.61
CA SER E 16 -7.46 14.51 -11.28
C SER E 16 -6.32 13.48 -11.22
N ASP E 17 -6.58 12.31 -10.62
CA ASP E 17 -5.61 11.24 -10.43
C ASP E 17 -5.00 10.75 -11.73
N ASP E 18 -3.69 10.53 -11.74
CA ASP E 18 -3.01 10.03 -12.93
C ASP E 18 -2.16 8.80 -12.61
N PHE E 19 -2.69 7.95 -11.75
CA PHE E 19 -2.00 6.72 -11.38
C PHE E 19 -2.37 5.61 -12.33
N GLN E 20 -1.51 4.61 -12.44
CA GLN E 20 -1.70 3.45 -13.30
C GLN E 20 -2.69 2.47 -12.69
N SER E 21 -3.37 1.71 -13.55
CA SER E 21 -4.35 0.76 -13.05
C SER E 21 -4.44 -0.50 -13.89
N PRO E 22 -4.89 -1.64 -13.33
CA PRO E 22 -5.07 -2.90 -14.03
C PRO E 22 -6.02 -2.76 -15.16
N CYS E 23 -5.78 -3.53 -16.20
CA CYS E 23 -6.67 -3.54 -17.34
C CYS E 23 -7.72 -4.60 -17.12
N ALA E 24 -8.96 -4.23 -17.34
CA ALA E 24 -10.06 -5.17 -17.18
C ALA E 24 -10.11 -6.15 -18.32
N LEU E 25 -9.52 -5.81 -19.45
CA LEU E 25 -9.60 -6.64 -20.62
C LEU E 25 -8.20 -6.94 -21.20
N PRO E 26 -7.36 -7.74 -20.52
CA PRO E 26 -5.96 -7.99 -20.81
C PRO E 26 -5.76 -8.58 -22.18
N ASN E 27 -4.67 -8.17 -22.82
CA ASN E 27 -4.25 -8.62 -24.12
C ASN E 27 -5.20 -8.24 -25.24
N PHE E 28 -6.09 -7.30 -24.99
CA PHE E 28 -7.01 -6.91 -26.02
C PHE E 28 -6.36 -6.36 -27.26
N ASP E 29 -6.82 -6.85 -28.41
CA ASP E 29 -6.25 -6.39 -29.67
C ASP E 29 -7.00 -5.14 -30.13
N VAL E 30 -6.32 -4.01 -30.02
CA VAL E 30 -6.88 -2.69 -30.31
C VAL E 30 -6.89 -2.42 -31.80
N THR E 31 -8.03 -1.98 -32.30
CA THR E 31 -8.24 -1.67 -33.69
C THR E 31 -7.14 -0.68 -34.05
N PRO E 32 -6.40 -0.87 -35.15
CA PRO E 32 -5.30 -0.02 -35.52
C PRO E 32 -5.78 1.35 -35.84
N PRO E 33 -4.94 2.37 -35.70
CA PRO E 33 -5.22 3.73 -36.08
C PRO E 33 -5.18 3.83 -37.57
N ILE E 34 -5.92 4.77 -38.11
CA ILE E 34 -5.91 5.10 -39.53
C ILE E 34 -5.77 6.58 -39.62
N HIS E 35 -5.44 7.08 -40.78
CA HIS E 35 -5.44 8.51 -40.88
C HIS E 35 -6.86 9.04 -40.95
N ILE E 36 -7.15 10.03 -40.12
CA ILE E 36 -8.43 10.70 -40.13
C ILE E 36 -8.12 12.18 -40.29
N PRO E 37 -8.69 12.87 -41.27
CA PRO E 37 -8.51 14.28 -41.51
C PRO E 37 -8.99 15.10 -40.35
N GLY E 38 -8.38 16.25 -40.16
CA GLY E 38 -8.88 17.18 -39.16
C GLY E 38 -8.47 16.89 -37.73
N GLU E 39 -7.34 16.25 -37.51
CA GLU E 39 -6.94 15.99 -36.13
C GLU E 39 -6.74 17.27 -35.38
N VAL E 40 -7.24 17.30 -34.17
CA VAL E 40 -7.12 18.43 -33.26
C VAL E 40 -6.21 18.00 -32.14
N LYS E 41 -5.19 18.79 -31.85
CA LYS E 41 -4.24 18.43 -30.81
C LYS E 41 -4.45 19.28 -29.58
N ASN E 42 -4.95 20.48 -29.79
CA ASN E 42 -5.15 21.42 -28.70
C ASN E 42 -6.47 22.14 -28.91
N MET E 43 -7.20 22.42 -27.83
CA MET E 43 -8.47 23.10 -27.92
C MET E 43 -8.28 24.52 -28.40
N MET E 44 -7.09 25.04 -28.23
CA MET E 44 -6.80 26.38 -28.62
C MET E 44 -6.87 26.52 -30.13
N GLU E 45 -6.70 25.42 -30.86
CA GLU E 45 -6.75 25.46 -32.30
C GLU E 45 -8.16 25.79 -32.74
N LEU E 46 -9.13 25.57 -31.87
CA LEU E 46 -10.49 25.85 -32.23
C LEU E 46 -10.79 27.27 -31.79
N ALA E 47 -10.12 27.69 -30.72
CA ALA E 47 -10.28 29.04 -30.17
C ALA E 47 -9.81 30.10 -31.18
N GLU E 48 -8.84 29.73 -32.01
CA GLU E 48 -8.32 30.63 -33.02
C GLU E 48 -9.24 30.75 -34.25
N ILE E 49 -10.32 30.00 -34.32
CA ILE E 49 -11.21 30.10 -35.48
C ILE E 49 -12.16 31.27 -35.33
N ASP E 50 -12.25 32.12 -36.34
CA ASP E 50 -13.16 33.26 -36.29
C ASP E 50 -14.62 32.83 -36.36
N THR E 51 -15.42 33.20 -35.35
CA THR E 51 -16.85 32.85 -35.40
C THR E 51 -17.65 34.11 -35.17
N LEU E 52 -18.96 34.07 -35.40
CA LEU E 52 -19.75 35.28 -35.30
C LEU E 52 -20.12 35.71 -33.91
N ILE E 53 -20.27 37.00 -33.77
CA ILE E 53 -20.68 37.60 -32.53
C ILE E 53 -22.16 37.94 -32.55
N PRO E 54 -23.01 37.37 -31.68
CA PRO E 54 -24.44 37.60 -31.58
C PRO E 54 -24.68 38.91 -30.86
N MET E 55 -24.24 39.98 -31.50
CA MET E 55 -24.25 41.32 -30.97
C MET E 55 -25.62 41.92 -30.89
N ASN E 56 -26.47 41.63 -31.84
CA ASN E 56 -27.75 42.29 -31.90
C ASN E 56 -28.73 41.48 -31.10
N ALA E 57 -28.57 41.55 -29.79
CA ALA E 57 -29.28 40.72 -28.84
C ALA E 57 -30.42 41.47 -28.20
N VAL E 58 -30.92 42.43 -28.90
CA VAL E 58 -31.98 43.25 -28.39
C VAL E 58 -33.29 42.52 -28.52
N ASP E 59 -34.30 43.02 -27.83
CA ASP E 59 -35.56 42.33 -27.90
C ASP E 59 -36.02 42.26 -29.35
N GLY E 60 -36.40 41.07 -29.79
CA GLY E 60 -36.86 40.82 -31.15
C GLY E 60 -35.77 40.31 -32.09
N LYS E 61 -34.53 40.41 -31.67
CA LYS E 61 -33.41 39.94 -32.48
C LYS E 61 -32.78 38.81 -31.73
N VAL E 62 -32.90 38.90 -30.43
CA VAL E 62 -32.31 37.91 -29.58
C VAL E 62 -32.89 36.55 -29.94
N ASN E 63 -32.02 35.59 -30.04
CA ASN E 63 -32.29 34.21 -30.37
C ASN E 63 -32.84 33.92 -31.77
N THR E 64 -32.62 34.82 -32.70
CA THR E 64 -32.94 34.52 -34.09
C THR E 64 -31.76 34.88 -34.98
N MET E 65 -31.83 34.62 -36.28
CA MET E 65 -30.67 34.87 -37.12
C MET E 65 -30.23 36.30 -37.25
N GLU E 66 -31.15 37.22 -37.10
CA GLU E 66 -30.85 38.62 -37.18
C GLU E 66 -29.92 39.07 -36.07
N MET E 67 -29.74 38.24 -35.05
CA MET E 67 -28.91 38.51 -33.90
C MET E 67 -27.46 38.70 -34.30
N TYR E 68 -27.08 38.12 -35.41
CA TYR E 68 -25.71 38.22 -35.84
C TYR E 68 -25.51 39.30 -36.88
N GLN E 69 -26.52 40.10 -37.13
CA GLN E 69 -26.43 41.11 -38.14
C GLN E 69 -26.34 42.51 -37.55
N ILE E 70 -25.19 43.16 -37.70
CA ILE E 70 -24.98 44.49 -37.14
C ILE E 70 -25.57 45.45 -38.14
N PRO E 71 -26.55 46.26 -37.81
CA PRO E 71 -27.18 47.16 -38.73
C PRO E 71 -26.26 48.31 -39.06
N LEU E 72 -26.32 48.74 -40.28
CA LEU E 72 -25.64 49.91 -40.81
C LEU E 72 -26.60 50.71 -41.67
N ASN E 73 -26.42 52.02 -41.72
CA ASN E 73 -27.30 52.85 -42.53
C ASN E 73 -26.57 54.06 -43.12
N ASP E 74 -27.11 54.63 -44.21
CA ASP E 74 -26.48 55.81 -44.80
C ASP E 74 -26.87 57.13 -44.13
N ASN E 75 -27.70 57.07 -43.10
CA ASN E 75 -28.09 58.26 -42.37
C ASN E 75 -26.88 58.81 -41.67
N LEU E 76 -26.84 60.11 -41.50
CA LEU E 76 -25.74 60.69 -40.80
C LEU E 76 -26.03 60.80 -39.32
N SER E 77 -25.18 60.16 -38.53
CA SER E 77 -25.29 60.14 -37.09
C SER E 77 -23.93 59.97 -36.46
N LYS E 78 -23.71 60.68 -35.37
CA LYS E 78 -22.45 60.59 -34.63
C LYS E 78 -22.51 59.50 -33.57
N ALA E 79 -23.66 58.89 -33.42
CA ALA E 79 -23.87 57.85 -32.44
C ALA E 79 -23.04 56.64 -32.79
N PRO E 80 -22.62 55.83 -31.82
CA PRO E 80 -21.93 54.59 -32.05
C PRO E 80 -22.90 53.64 -32.67
N ILE E 81 -22.39 52.74 -33.49
CA ILE E 81 -23.21 51.71 -34.07
C ILE E 81 -23.24 50.55 -33.10
N PHE E 82 -22.14 50.32 -32.39
CA PHE E 82 -22.13 49.25 -31.40
C PHE E 82 -21.16 49.47 -30.28
N CYS E 83 -21.39 48.73 -29.19
CA CYS E 83 -20.51 48.72 -28.03
C CYS E 83 -20.39 47.33 -27.40
N LEU E 84 -19.17 46.92 -27.02
CA LEU E 84 -18.99 45.66 -26.30
C LEU E 84 -18.07 45.78 -25.09
N SER E 85 -18.47 45.19 -23.97
CA SER E 85 -17.53 45.06 -22.86
C SER E 85 -16.56 43.94 -23.23
N LEU E 86 -15.26 44.16 -23.08
CA LEU E 86 -14.33 43.10 -23.47
C LEU E 86 -14.08 42.10 -22.38
N SER E 87 -15.05 41.25 -22.23
CA SER E 87 -15.04 40.23 -21.21
C SER E 87 -15.59 38.98 -21.91
N PRO E 88 -14.71 38.24 -22.60
CA PRO E 88 -14.99 37.22 -23.59
C PRO E 88 -15.73 35.99 -23.10
N ALA E 89 -15.74 35.77 -21.80
CA ALA E 89 -16.44 34.62 -21.26
C ALA E 89 -17.47 35.07 -20.25
N SER E 90 -17.87 36.33 -20.35
CA SER E 90 -18.85 36.90 -19.43
C SER E 90 -19.93 37.64 -20.19
N ASP E 91 -19.51 38.56 -21.06
CA ASP E 91 -20.43 39.36 -21.83
C ASP E 91 -21.42 38.46 -22.52
N LYS E 92 -22.69 38.77 -22.37
CA LYS E 92 -23.78 37.98 -22.93
C LYS E 92 -23.57 37.75 -24.42
N ARG E 93 -22.99 38.75 -25.07
CA ARG E 93 -22.74 38.73 -26.49
C ARG E 93 -21.51 37.89 -26.89
N LEU E 94 -20.53 37.74 -26.00
CA LEU E 94 -19.31 37.03 -26.36
C LEU E 94 -19.21 35.62 -25.79
N SER E 95 -19.89 35.35 -24.69
CA SER E 95 -19.74 34.09 -23.97
C SER E 95 -20.23 32.91 -24.77
N HIS E 96 -20.96 33.15 -25.84
CA HIS E 96 -21.46 32.05 -26.65
C HIS E 96 -20.87 31.95 -28.05
N THR E 97 -19.77 32.67 -28.29
CA THR E 97 -19.06 32.58 -29.55
C THR E 97 -18.17 31.37 -29.39
N MET E 98 -17.51 30.86 -30.42
CA MET E 98 -16.70 29.68 -30.13
C MET E 98 -15.60 30.00 -29.16
N LEU E 99 -15.06 31.21 -29.23
CA LEU E 99 -14.01 31.57 -28.32
C LEU E 99 -14.55 31.59 -26.91
N GLY E 100 -15.73 32.17 -26.73
CA GLY E 100 -16.35 32.23 -25.44
C GLY E 100 -16.64 30.83 -24.91
N GLU E 101 -17.12 29.93 -25.77
CA GLU E 101 -17.47 28.60 -25.31
C GLU E 101 -16.26 27.84 -24.86
N ILE E 102 -15.14 28.02 -25.53
CA ILE E 102 -13.95 27.35 -25.07
C ILE E 102 -13.55 27.95 -23.75
N LEU E 103 -13.57 29.28 -23.66
CA LEU E 103 -13.22 29.97 -22.43
C LEU E 103 -14.17 29.74 -21.30
N ASN E 104 -15.37 29.30 -21.56
CA ASN E 104 -16.30 29.03 -20.49
C ASN E 104 -15.83 27.84 -19.65
N TYR E 105 -14.86 27.09 -20.15
CA TYR E 105 -14.31 25.96 -19.43
C TYR E 105 -13.04 26.34 -18.73
N TYR E 106 -12.68 27.61 -18.76
CA TYR E 106 -11.48 28.07 -18.12
C TYR E 106 -11.77 29.17 -17.12
N THR E 107 -10.94 29.22 -16.10
CA THR E 107 -11.11 30.19 -15.06
C THR E 107 -10.38 31.47 -15.34
N HIS E 108 -9.22 31.34 -15.94
CA HIS E 108 -8.31 32.44 -16.17
C HIS E 108 -7.84 32.40 -17.61
N TRP E 109 -7.64 33.56 -18.21
CA TRP E 109 -7.23 33.64 -19.61
C TRP E 109 -6.35 34.83 -19.91
N THR E 110 -5.61 34.74 -20.99
CA THR E 110 -4.76 35.84 -21.39
C THR E 110 -4.36 35.88 -22.84
N GLY E 111 -3.92 37.05 -23.28
CA GLY E 111 -3.41 37.29 -24.62
C GLY E 111 -4.36 38.12 -25.45
N SER E 112 -3.89 38.61 -26.58
CA SER E 112 -4.71 39.49 -27.40
C SER E 112 -5.87 38.75 -28.07
N ILE E 113 -6.90 39.53 -28.41
CA ILE E 113 -8.11 39.05 -29.09
C ILE E 113 -8.40 39.82 -30.37
N ARG E 114 -8.69 39.10 -31.44
CA ARG E 114 -8.97 39.76 -32.70
C ARG E 114 -10.43 39.81 -33.09
N PHE E 115 -10.84 40.99 -33.56
CA PHE E 115 -12.17 41.23 -34.04
C PHE E 115 -12.19 41.55 -35.52
N THR E 116 -12.91 40.76 -36.28
CA THR E 116 -12.94 40.92 -37.73
C THR E 116 -14.32 41.31 -38.20
N PHE E 117 -14.37 42.30 -39.06
CA PHE E 117 -15.64 42.77 -39.56
C PHE E 117 -15.78 42.63 -41.06
N LEU E 118 -16.88 41.99 -41.45
CA LEU E 118 -17.24 41.74 -42.84
C LEU E 118 -18.42 42.57 -43.33
N PHE E 119 -18.19 43.43 -44.32
CA PHE E 119 -19.28 44.27 -44.81
C PHE E 119 -20.03 43.52 -45.89
N CYS E 120 -21.35 43.39 -45.74
CA CYS E 120 -22.16 42.63 -46.71
C CYS E 120 -23.11 43.50 -47.53
N GLY E 121 -22.74 44.76 -47.71
CA GLY E 121 -23.57 45.71 -48.46
C GLY E 121 -23.37 45.49 -49.94
N SER E 122 -23.95 46.34 -50.75
CA SER E 122 -23.82 46.14 -52.19
C SER E 122 -22.45 46.61 -52.64
N MET E 123 -22.01 46.27 -53.86
CA MET E 123 -20.70 46.71 -54.34
C MET E 123 -20.69 48.19 -54.51
N MET E 124 -21.85 48.70 -54.84
CA MET E 124 -22.05 50.10 -55.05
C MET E 124 -21.91 50.96 -53.79
N ALA E 125 -22.03 50.37 -52.61
CA ALA E 125 -21.96 51.14 -51.38
C ALA E 125 -20.53 51.42 -50.94
N THR E 126 -20.30 52.62 -50.41
CA THR E 126 -18.97 52.94 -49.84
C THR E 126 -19.10 53.71 -48.51
N GLY E 127 -17.97 54.08 -47.91
CA GLY E 127 -17.97 54.79 -46.63
C GLY E 127 -16.74 54.37 -45.81
N LYS E 128 -16.70 54.78 -44.53
CA LYS E 128 -15.55 54.46 -43.68
C LYS E 128 -15.99 54.16 -42.26
N LEU E 129 -15.51 53.07 -41.68
CA LEU E 129 -15.90 52.79 -40.30
C LEU E 129 -14.73 52.86 -39.34
N LEU E 130 -14.98 53.41 -38.15
CA LEU E 130 -13.96 53.50 -37.12
C LEU E 130 -14.11 52.44 -36.06
N LEU E 131 -13.13 51.59 -35.92
CA LEU E 131 -13.19 50.59 -34.88
C LEU E 131 -12.25 51.07 -33.80
N SER E 132 -12.65 50.94 -32.54
CA SER E 132 -11.77 51.38 -31.45
C SER E 132 -11.83 50.58 -30.17
N TYR E 133 -10.66 50.39 -29.58
CA TYR E 133 -10.48 49.72 -28.31
C TYR E 133 -9.74 50.56 -27.29
N SER E 134 -10.25 50.58 -26.06
CA SER E 134 -9.55 51.27 -25.00
C SER E 134 -9.49 50.35 -23.76
N PRO E 135 -8.42 50.44 -22.95
CA PRO E 135 -8.24 49.76 -21.71
C PRO E 135 -9.36 50.12 -20.75
N PRO E 136 -9.62 49.28 -19.74
CA PRO E 136 -10.67 49.37 -18.76
C PRO E 136 -10.50 50.45 -17.75
N GLY E 137 -10.63 51.66 -18.20
CA GLY E 137 -10.52 52.77 -17.32
C GLY E 137 -11.23 53.94 -17.93
N ALA E 138 -11.16 55.06 -17.24
CA ALA E 138 -11.82 56.26 -17.68
C ALA E 138 -13.26 55.95 -17.97
N LYS E 139 -13.80 56.34 -19.13
CA LYS E 139 -15.19 56.04 -19.37
C LYS E 139 -15.35 55.31 -20.70
N PRO E 140 -16.40 54.52 -20.91
CA PRO E 140 -16.65 53.94 -22.20
C PRO E 140 -16.84 55.15 -23.09
N PRO E 141 -16.36 55.17 -24.31
CA PRO E 141 -16.59 56.28 -25.20
C PRO E 141 -18.05 56.23 -25.60
N THR E 142 -18.68 57.38 -25.69
CA THR E 142 -20.03 57.49 -26.18
C THR E 142 -20.02 58.48 -27.32
N ASN E 143 -18.81 58.83 -27.72
CA ASN E 143 -18.56 59.83 -28.73
C ASN E 143 -17.31 59.45 -29.49
N ARG E 144 -17.34 59.65 -30.80
CA ARG E 144 -16.22 59.34 -31.68
C ARG E 144 -14.96 60.08 -31.22
N LYS E 145 -15.15 61.29 -30.71
CA LYS E 145 -14.06 62.11 -30.23
C LYS E 145 -13.24 61.36 -29.19
N ASP E 146 -13.89 60.63 -28.29
CA ASP E 146 -13.17 59.94 -27.24
C ASP E 146 -12.72 58.61 -27.77
N ALA E 147 -13.45 58.04 -28.71
CA ALA E 147 -13.07 56.76 -29.28
C ALA E 147 -11.69 56.88 -29.93
N MET E 148 -11.39 58.05 -30.50
CA MET E 148 -10.10 58.34 -31.13
C MET E 148 -8.95 58.30 -30.13
N LEU E 149 -9.24 58.58 -28.86
CA LEU E 149 -8.21 58.63 -27.85
C LEU E 149 -8.09 57.24 -27.26
N GLY E 150 -7.45 56.40 -28.05
CA GLY E 150 -7.32 54.97 -27.79
C GLY E 150 -6.74 54.28 -29.00
N THR E 151 -6.88 52.96 -29.05
CA THR E 151 -6.34 52.18 -30.16
C THR E 151 -7.39 52.10 -31.22
N HIS E 152 -7.07 52.49 -32.43
CA HIS E 152 -8.13 52.44 -33.40
C HIS E 152 -7.66 52.28 -34.82
N ILE E 153 -8.58 51.80 -35.64
CA ILE E 153 -8.37 51.64 -37.06
C ILE E 153 -9.51 52.20 -37.88
N ILE E 154 -9.17 52.88 -38.96
CA ILE E 154 -10.21 53.35 -39.85
C ILE E 154 -10.19 52.49 -41.08
N TRP E 155 -11.33 51.88 -41.33
CA TRP E 155 -11.55 50.94 -42.40
C TRP E 155 -12.23 51.50 -43.63
N ASP E 156 -11.51 51.52 -44.73
CA ASP E 156 -12.05 51.98 -46.00
C ASP E 156 -12.90 50.90 -46.58
N LEU E 157 -14.17 51.14 -46.81
CA LEU E 157 -14.95 50.08 -47.38
C LEU E 157 -14.56 50.01 -48.84
N GLY E 158 -14.30 48.82 -49.36
CA GLY E 158 -13.87 48.70 -50.75
C GLY E 158 -13.86 47.25 -51.19
N LEU E 159 -12.94 46.91 -52.09
CA LEU E 159 -12.84 45.56 -52.61
C LEU E 159 -12.38 44.58 -51.56
N GLN E 160 -11.60 45.06 -50.60
CA GLN E 160 -11.25 44.16 -49.53
C GLN E 160 -12.41 44.44 -48.61
N SER E 161 -13.29 43.46 -48.53
CA SER E 161 -14.56 43.53 -47.85
C SER E 161 -14.49 43.46 -46.37
N SER E 162 -13.34 43.08 -45.85
CA SER E 162 -13.21 42.90 -44.44
C SER E 162 -11.99 43.57 -43.87
N CYS E 163 -11.99 43.74 -42.56
CA CYS E 163 -10.82 44.25 -41.87
C CYS E 163 -10.81 43.75 -40.48
N SER E 164 -9.72 43.96 -39.78
CA SER E 164 -9.73 43.57 -38.40
C SER E 164 -8.95 44.49 -37.50
N MET E 165 -9.35 44.44 -36.24
CA MET E 165 -8.73 45.16 -35.16
C MET E 165 -8.33 44.18 -34.10
N VAL E 166 -7.20 44.39 -33.49
CA VAL E 166 -6.80 43.50 -32.43
C VAL E 166 -6.71 44.26 -31.16
N ALA E 167 -7.37 43.76 -30.14
CA ALA E 167 -7.28 44.38 -28.85
C ALA E 167 -6.02 43.77 -28.25
N PRO E 168 -4.95 44.54 -28.05
CA PRO E 168 -3.66 44.10 -27.61
C PRO E 168 -3.74 43.70 -26.17
N TRP E 169 -2.84 42.87 -25.71
CA TRP E 169 -2.91 42.55 -24.30
C TRP E 169 -2.44 43.66 -23.41
N ILE E 170 -3.39 44.42 -22.96
CA ILE E 170 -3.11 45.47 -22.01
C ILE E 170 -3.84 45.09 -20.76
N SER E 171 -3.10 44.82 -19.73
CA SER E 171 -3.66 44.43 -18.45
C SER E 171 -2.64 44.65 -17.40
N ASN E 172 -3.10 44.90 -16.19
CA ASN E 172 -2.18 44.96 -15.09
C ASN E 172 -1.78 43.55 -14.68
N THR E 173 -2.61 42.57 -15.00
CA THR E 173 -2.35 41.22 -14.60
C THR E 173 -1.81 40.38 -15.72
N VAL E 174 -1.32 39.20 -15.38
CA VAL E 174 -0.82 38.28 -16.38
C VAL E 174 -2.03 37.62 -16.98
N TYR E 175 -2.96 37.24 -16.09
CA TYR E 175 -4.19 36.50 -16.49
C TYR E 175 -5.41 37.20 -15.90
N ARG E 176 -6.46 37.33 -16.71
CA ARG E 176 -7.71 37.91 -16.27
C ARG E 176 -8.65 36.79 -15.96
N ARG E 177 -9.61 37.02 -15.09
CA ARG E 177 -10.59 36.00 -14.82
C ARG E 177 -11.64 35.97 -15.91
N CYS E 178 -12.20 34.80 -16.14
CA CYS E 178 -13.31 34.67 -17.06
C CYS E 178 -14.57 35.20 -16.43
N ALA E 179 -14.69 34.98 -15.12
CA ALA E 179 -15.84 35.40 -14.35
C ALA E 179 -16.00 36.90 -14.39
N ARG E 180 -17.24 37.38 -14.41
CA ARG E 180 -17.39 38.83 -14.41
C ARG E 180 -16.68 39.34 -13.20
N ASP E 181 -15.85 40.35 -13.41
CA ASP E 181 -15.03 40.90 -12.35
C ASP E 181 -14.58 42.33 -12.65
N ASP E 182 -14.93 43.27 -11.76
CA ASP E 182 -14.54 44.68 -11.97
C ASP E 182 -13.03 44.83 -11.93
N PHE E 183 -12.36 44.06 -11.08
CA PHE E 183 -10.93 44.15 -10.93
C PHE E 183 -10.24 43.79 -12.21
N THR E 184 -10.72 42.74 -12.82
CA THR E 184 -10.12 42.25 -14.05
C THR E 184 -10.87 42.67 -15.32
N GLU E 185 -11.72 43.71 -15.26
CA GLU E 185 -12.49 44.15 -16.43
C GLU E 185 -11.58 44.36 -17.62
N GLY E 186 -11.97 43.85 -18.80
CA GLY E 186 -11.11 43.91 -19.98
C GLY E 186 -11.07 45.12 -20.91
N GLY E 187 -11.91 46.13 -20.70
CA GLY E 187 -11.86 47.28 -21.60
C GLY E 187 -13.06 47.40 -22.48
N PHE E 188 -13.02 48.34 -23.39
CA PHE E 188 -14.19 48.61 -24.19
C PHE E 188 -13.91 48.61 -25.66
N ILE E 189 -14.84 48.03 -26.43
CA ILE E 189 -14.77 48.07 -27.88
C ILE E 189 -15.98 48.78 -28.45
N THR E 190 -15.72 49.73 -29.30
CA THR E 190 -16.79 50.48 -29.92
C THR E 190 -16.59 50.69 -31.39
N CYS E 191 -17.65 51.11 -32.06
CA CYS E 191 -17.54 51.51 -33.44
C CYS E 191 -18.46 52.66 -33.81
N PHE E 192 -17.88 53.61 -34.52
CA PHE E 192 -18.52 54.83 -35.02
C PHE E 192 -18.37 55.00 -36.51
N TYR E 193 -19.26 55.72 -37.14
CA TYR E 193 -19.00 55.99 -38.53
C TYR E 193 -17.92 57.03 -38.58
N GLN E 194 -16.98 56.88 -39.50
CA GLN E 194 -15.98 57.91 -39.68
C GLN E 194 -16.53 58.79 -40.78
N THR E 195 -17.10 58.10 -41.78
CA THR E 195 -17.77 58.65 -42.94
C THR E 195 -19.08 57.88 -43.06
N ARG E 196 -20.18 58.57 -43.29
CA ARG E 196 -21.45 57.88 -43.37
C ARG E 196 -21.40 56.97 -44.56
N ILE E 197 -22.22 55.94 -44.55
CA ILE E 197 -22.24 55.08 -45.72
C ILE E 197 -22.92 55.83 -46.82
N VAL E 198 -22.31 55.83 -47.97
CA VAL E 198 -22.81 56.54 -49.12
C VAL E 198 -23.46 55.59 -50.08
N VAL E 199 -24.73 55.86 -50.34
CA VAL E 199 -25.56 55.01 -51.16
C VAL E 199 -26.07 55.71 -52.41
N PRO E 200 -25.74 55.21 -53.61
CA PRO E 200 -26.20 55.70 -54.88
C PRO E 200 -27.62 55.25 -55.13
N ALA E 201 -28.28 55.84 -56.11
CA ALA E 201 -29.62 55.43 -56.43
C ALA E 201 -29.66 53.96 -56.76
N SER E 202 -30.76 53.32 -56.38
CA SER E 202 -31.07 51.90 -56.57
C SER E 202 -30.31 50.96 -55.64
N THR E 203 -29.55 51.52 -54.72
CA THR E 203 -28.87 50.73 -53.71
C THR E 203 -29.68 50.88 -52.40
N PRO E 204 -29.89 49.81 -51.60
CA PRO E 204 -30.55 49.86 -50.32
C PRO E 204 -29.83 50.82 -49.38
N THR E 205 -30.57 51.45 -48.49
CA THR E 205 -29.99 52.38 -47.53
C THR E 205 -29.55 51.73 -46.23
N SER E 206 -29.95 50.49 -46.03
CA SER E 206 -29.56 49.75 -44.84
C SER E 206 -28.72 48.58 -45.28
N MET E 207 -27.76 48.24 -44.44
CA MET E 207 -26.81 47.16 -44.68
C MET E 207 -26.51 46.42 -43.42
N PHE E 208 -25.95 45.25 -43.58
CA PHE E 208 -25.52 44.55 -42.41
C PHE E 208 -24.07 44.21 -42.48
N MET E 209 -23.50 44.15 -41.31
CA MET E 209 -22.14 43.74 -41.13
C MET E 209 -22.08 42.56 -40.20
N LEU E 210 -21.19 41.63 -40.51
CA LEU E 210 -21.05 40.47 -39.67
C LEU E 210 -19.77 40.59 -38.86
N GLY E 211 -19.89 40.64 -37.55
CA GLY E 211 -18.70 40.75 -36.72
C GLY E 211 -18.27 39.35 -36.28
N PHE E 212 -16.96 39.15 -36.19
CA PHE E 212 -16.35 37.91 -35.78
C PHE E 212 -15.32 38.08 -34.68
N VAL E 213 -15.16 37.06 -33.86
CA VAL E 213 -14.12 37.09 -32.84
C VAL E 213 -13.29 35.81 -32.80
N SER E 214 -11.99 35.96 -32.54
CA SER E 214 -11.09 34.81 -32.37
C SER E 214 -9.88 35.09 -31.49
N ALA E 215 -9.29 34.02 -30.97
CA ALA E 215 -8.05 34.12 -30.20
C ALA E 215 -6.89 34.46 -31.11
N CYS E 216 -5.96 35.25 -30.59
CA CYS E 216 -4.74 35.51 -31.33
C CYS E 216 -3.70 34.45 -30.98
N PRO E 217 -2.64 34.27 -31.76
CA PRO E 217 -1.55 33.34 -31.49
C PRO E 217 -0.91 33.44 -30.10
N ASP E 218 -0.93 34.59 -29.42
CA ASP E 218 -0.31 34.67 -28.11
C ASP E 218 -1.24 34.26 -26.97
N PHE E 219 -2.47 33.91 -27.32
CA PHE E 219 -3.54 33.57 -26.39
C PHE E 219 -3.31 32.24 -25.67
N SER E 220 -3.67 32.22 -24.38
CA SER E 220 -3.59 31.03 -23.54
C SER E 220 -4.63 31.04 -22.44
N VAL E 221 -4.85 29.88 -21.86
CA VAL E 221 -5.74 29.71 -20.71
C VAL E 221 -5.01 28.92 -19.67
N ARG E 222 -5.38 29.08 -18.38
CA ARG E 222 -4.61 28.54 -17.22
C ARG E 222 -5.24 27.27 -16.64
N LEU E 223 -6.56 27.25 -16.44
CA LEU E 223 -7.23 26.43 -15.42
C LEU E 223 -8.63 25.98 -15.80
N LEU E 224 -8.89 24.68 -15.77
CA LEU E 224 -10.23 24.19 -16.11
C LEU E 224 -11.28 24.36 -15.05
N ARG E 225 -12.51 24.61 -15.50
CA ARG E 225 -13.68 24.69 -14.64
C ARG E 225 -14.93 24.24 -15.37
N ASP E 226 -15.96 23.92 -14.61
CA ASP E 226 -17.25 23.57 -15.22
C ASP E 226 -17.99 24.79 -15.73
N THR E 227 -18.73 24.60 -16.82
CA THR E 227 -19.49 25.65 -17.48
C THR E 227 -20.91 25.83 -16.99
N PRO E 228 -21.34 27.03 -16.60
CA PRO E 228 -22.70 27.32 -16.21
C PRO E 228 -23.54 27.60 -17.45
N HIS E 229 -23.48 26.69 -18.41
CA HIS E 229 -24.16 26.88 -19.67
C HIS E 229 -25.00 25.70 -20.11
N ILE E 230 -24.92 24.61 -19.38
CA ILE E 230 -25.68 23.42 -19.71
C ILE E 230 -26.07 22.87 -18.36
N SER E 231 -27.24 22.28 -18.28
CA SER E 231 -27.76 21.71 -17.06
C SER E 231 -28.73 20.60 -17.36
N GLN E 232 -29.26 20.01 -16.31
CA GLN E 232 -30.21 18.92 -16.43
C GLN E 232 -30.96 18.76 -15.14
N SER E 233 -32.06 18.02 -15.18
CA SER E 233 -32.78 17.71 -13.97
C SER E 233 -31.93 16.76 -13.18
N LYS E 234 -32.19 16.62 -11.90
CA LYS E 234 -31.37 15.73 -11.13
C LYS E 234 -31.51 14.30 -11.62
N LEU E 235 -30.39 13.59 -11.68
CA LEU E 235 -30.40 12.23 -12.14
C LEU E 235 -30.77 11.26 -11.04
N ILE E 236 -31.73 10.38 -11.32
CA ILE E 236 -32.18 9.38 -10.38
C ILE E 236 -31.93 7.98 -10.94
N GLY E 237 -31.32 7.13 -10.09
CA GLY E 237 -30.84 5.80 -10.48
C GLY E 237 -31.95 4.89 -10.93
N ARG E 238 -31.69 4.09 -11.97
CA ARG E 238 -32.75 3.20 -12.50
C ARG E 238 -33.17 2.25 -11.40
N THR E 239 -34.46 2.00 -11.25
CA THR E 239 -34.92 0.99 -10.27
C THR E 239 -36.35 0.53 -10.61
N GLY F 2 14.04 -0.52 -15.79
CA GLY F 2 13.41 -0.04 -17.00
C GLY F 2 12.54 1.21 -16.79
N ALA F 3 13.00 2.16 -15.94
CA ALA F 3 12.31 3.41 -15.62
C ALA F 3 12.48 4.46 -16.70
N GLN F 4 11.44 5.26 -16.84
CA GLN F 4 11.44 6.40 -17.69
C GLN F 4 11.77 7.58 -16.80
N VAL F 5 12.54 8.51 -17.30
CA VAL F 5 12.88 9.68 -16.51
C VAL F 5 12.58 10.92 -17.33
N SER F 6 11.91 11.87 -16.72
CA SER F 6 11.58 13.10 -17.44
C SER F 6 11.40 14.30 -16.54
N THR F 7 11.25 15.44 -17.17
CA THR F 7 11.09 16.74 -16.53
C THR F 7 9.67 17.00 -16.06
N GLN F 8 9.55 17.54 -14.86
CA GLN F 8 8.31 17.94 -14.25
C GLN F 8 7.87 19.33 -14.70
N LYS F 9 6.59 19.60 -14.61
CA LYS F 9 6.12 20.95 -14.90
C LYS F 9 6.51 21.82 -13.73
N THR F 10 6.92 23.06 -13.98
CA THR F 10 7.38 23.91 -12.89
C THR F 10 6.30 24.49 -12.00
N GLY F 11 6.73 24.89 -10.80
CA GLY F 11 5.91 25.50 -9.76
C GLY F 11 6.48 26.78 -9.16
N ALA F 12 6.03 27.11 -7.96
CA ALA F 12 6.31 28.41 -7.34
C ALA F 12 7.77 28.73 -7.09
N HIS F 13 8.54 27.74 -6.70
CA HIS F 13 9.92 27.95 -6.31
C HIS F 13 10.88 27.58 -7.42
N GLU F 14 10.36 27.37 -8.60
CA GLU F 14 11.18 26.91 -9.68
C GLU F 14 11.91 27.99 -10.44
N ASN F 15 12.65 27.51 -11.42
CA ASN F 15 13.52 28.27 -12.28
C ASN F 15 12.77 29.12 -13.27
N GLN F 16 13.49 29.59 -14.27
CA GLN F 16 12.99 30.53 -15.25
C GLN F 16 12.07 29.89 -16.29
N ASN F 17 11.55 28.71 -15.97
CA ASN F 17 10.65 27.92 -16.78
C ASN F 17 11.38 27.54 -18.03
N VAL F 18 12.63 27.19 -17.79
CA VAL F 18 13.55 26.73 -18.81
C VAL F 18 13.91 25.28 -18.57
N ALA F 19 13.65 24.77 -17.38
CA ALA F 19 13.95 23.38 -17.09
C ALA F 19 15.38 23.03 -17.47
N ALA F 20 16.29 23.94 -17.22
CA ALA F 20 17.69 23.78 -17.52
C ALA F 20 18.45 24.37 -16.38
N ASN F 21 17.83 24.29 -15.23
CA ASN F 21 18.37 24.83 -14.03
C ASN F 21 17.93 23.99 -12.85
N GLY F 22 18.77 23.03 -12.50
CA GLY F 22 18.50 22.05 -11.45
C GLY F 22 18.04 20.73 -12.02
N SER F 23 18.38 19.65 -11.31
CA SER F 23 18.01 18.28 -11.65
C SER F 23 16.90 17.84 -10.72
N THR F 24 16.46 18.77 -9.91
CA THR F 24 15.48 18.55 -8.87
C THR F 24 14.09 18.66 -9.42
N ILE F 25 14.04 18.93 -10.70
CA ILE F 25 12.85 19.05 -11.50
C ILE F 25 12.60 17.75 -12.25
N ASN F 26 13.43 16.73 -12.03
CA ASN F 26 13.18 15.48 -12.71
C ASN F 26 12.31 14.58 -11.87
N TYR F 27 11.62 13.63 -12.51
CA TYR F 27 10.84 12.64 -11.78
C TYR F 27 10.90 11.34 -12.56
N THR F 28 10.54 10.25 -11.90
CA THR F 28 10.61 8.97 -12.59
C THR F 28 9.32 8.20 -12.58
N THR F 29 9.21 7.25 -13.51
CA THR F 29 8.07 6.36 -13.54
C THR F 29 8.36 5.03 -14.23
N ILE F 30 7.69 3.98 -13.78
CA ILE F 30 7.79 2.64 -14.34
C ILE F 30 6.41 2.11 -14.69
N ASN F 31 6.24 1.54 -15.87
CA ASN F 31 4.94 0.97 -16.20
C ASN F 31 4.82 -0.41 -15.57
N TYR F 32 3.69 -0.65 -14.89
CA TYR F 32 3.51 -1.91 -14.16
C TYR F 32 2.49 -2.86 -14.70
N TYR F 33 1.94 -2.57 -15.86
CA TYR F 33 0.90 -3.42 -16.40
C TYR F 33 1.21 -3.81 -17.84
N LYS F 34 0.77 -4.98 -18.26
CA LYS F 34 1.02 -5.47 -19.62
C LYS F 34 0.40 -4.69 -20.77
N ASP F 35 -0.77 -4.10 -20.57
CA ASP F 35 -1.40 -3.36 -21.65
C ASP F 35 -1.06 -1.89 -21.48
N SER F 36 -0.74 -1.17 -22.55
CA SER F 36 -0.40 0.25 -22.42
C SER F 36 -1.56 1.11 -21.97
N ALA F 37 -2.77 0.59 -22.11
CA ALA F 37 -4.00 1.28 -21.72
C ALA F 37 -4.02 1.52 -20.20
N SER F 38 -3.20 0.77 -19.48
CA SER F 38 -3.08 0.85 -18.05
C SER F 38 -2.09 1.88 -17.58
N ASN F 39 -1.38 2.51 -18.50
CA ASN F 39 -0.36 3.46 -18.13
C ASN F 39 -0.98 4.77 -17.73
N SER F 40 -0.13 5.69 -17.33
CA SER F 40 -0.55 7.03 -16.96
C SER F 40 -0.79 7.77 -18.25
N ALA F 41 -1.36 8.95 -18.18
CA ALA F 41 -1.58 9.74 -19.37
C ALA F 41 -0.23 10.03 -20.02
N THR F 42 -0.22 10.23 -21.32
CA THR F 42 1.03 10.44 -22.04
C THR F 42 1.64 11.77 -21.75
N ARG F 43 2.88 11.90 -22.18
CA ARG F 43 3.60 13.15 -22.07
C ARG F 43 2.86 14.08 -22.99
N GLN F 44 2.74 15.34 -22.61
CA GLN F 44 1.98 16.22 -23.46
C GLN F 44 2.71 16.63 -24.72
N ASP F 45 2.02 16.45 -25.83
CA ASP F 45 2.49 16.83 -27.13
C ASP F 45 1.94 18.21 -27.39
N LEU F 46 2.79 19.19 -27.36
CA LEU F 46 2.32 20.54 -27.46
C LEU F 46 2.44 21.08 -28.85
N SER F 47 2.78 20.20 -29.80
CA SER F 47 2.85 20.64 -31.17
C SER F 47 1.44 21.00 -31.60
N GLN F 48 1.32 22.10 -32.32
CA GLN F 48 0.04 22.59 -32.78
C GLN F 48 0.12 23.02 -34.23
N ASP F 49 -1.00 22.97 -34.93
CA ASP F 49 -1.05 23.40 -36.31
C ASP F 49 -2.44 23.90 -36.68
N PRO F 50 -2.85 25.06 -36.14
CA PRO F 50 -4.17 25.62 -36.26
C PRO F 50 -4.50 26.01 -37.68
N SER F 51 -3.50 26.10 -38.55
CA SER F 51 -3.73 26.53 -39.92
C SER F 51 -4.64 25.59 -40.67
N LYS F 52 -4.78 24.36 -40.20
CA LYS F 52 -5.64 23.42 -40.90
C LYS F 52 -7.10 23.72 -40.64
N PHE F 53 -7.36 24.54 -39.65
CA PHE F 53 -8.71 24.92 -39.32
C PHE F 53 -8.93 26.41 -39.53
N THR F 54 -7.86 27.22 -39.43
CA THR F 54 -8.01 28.67 -39.52
C THR F 54 -7.67 29.25 -40.88
N GLU F 55 -6.92 28.53 -41.72
CA GLU F 55 -6.64 29.04 -43.04
C GLU F 55 -6.41 27.89 -44.00
N PRO F 56 -7.40 27.02 -44.21
CA PRO F 56 -7.34 25.85 -45.05
C PRO F 56 -7.51 26.22 -46.52
N VAL F 57 -6.59 27.01 -47.04
CA VAL F 57 -6.78 27.53 -48.39
C VAL F 57 -5.79 26.91 -49.37
N LYS F 58 -6.30 26.40 -50.49
CA LYS F 58 -5.43 25.75 -51.47
C LYS F 58 -4.32 26.67 -51.97
N ASP F 59 -4.72 27.86 -52.37
CA ASP F 59 -3.81 28.82 -52.93
C ASP F 59 -3.48 29.84 -51.86
N LEU F 60 -2.29 29.69 -51.31
CA LEU F 60 -1.83 30.45 -50.16
C LEU F 60 -1.73 31.95 -50.34
N MET F 61 -2.28 32.65 -49.36
CA MET F 61 -2.23 34.10 -49.28
C MET F 61 -1.20 34.47 -48.25
N LEU F 62 -0.53 35.58 -48.45
CA LEU F 62 0.36 36.04 -47.42
C LEU F 62 -0.46 37.02 -46.63
N LYS F 63 -0.24 37.14 -45.34
CA LYS F 63 -1.13 38.05 -44.62
C LYS F 63 -1.08 39.50 -45.03
N THR F 64 0.02 39.98 -45.61
CA THR F 64 0.12 41.37 -46.01
C THR F 64 -0.34 41.61 -47.43
N ALA F 65 -0.60 40.54 -48.15
CA ALA F 65 -1.02 40.61 -49.52
C ALA F 65 -2.49 41.01 -49.52
N PRO F 66 -3.03 41.61 -50.57
CA PRO F 66 -4.43 41.79 -50.70
C PRO F 66 -4.97 40.38 -50.60
N ALA F 67 -6.10 40.19 -49.94
CA ALA F 67 -6.62 38.83 -49.88
C ALA F 67 -7.11 38.51 -51.26
N LEU F 68 -7.65 39.53 -51.90
CA LEU F 68 -8.16 39.40 -53.25
C LEU F 68 -7.48 40.46 -54.14
N ASN F 69 -6.78 40.04 -55.22
CA ASN F 69 -6.03 40.93 -56.12
C ASN F 69 -6.92 41.34 -57.30
N SER G 17 10.49 -9.50 -31.49
CA SER G 17 10.14 -8.66 -32.63
C SER G 17 8.65 -8.27 -32.51
N GLN G 18 7.98 -7.97 -33.65
CA GLN G 18 6.57 -7.62 -33.77
C GLN G 18 5.69 -8.86 -33.58
N PRO G 19 4.66 -8.85 -32.73
CA PRO G 19 3.76 -9.95 -32.57
C PRO G 19 3.23 -10.32 -33.94
N PRO G 20 3.40 -11.56 -34.43
CA PRO G 20 2.95 -12.00 -35.72
C PRO G 20 1.46 -11.82 -35.92
N SER G 21 1.11 -11.29 -37.08
CA SER G 21 -0.26 -11.03 -37.46
C SER G 21 -0.89 -12.14 -38.27
N THR G 22 -2.20 -12.03 -38.48
CA THR G 22 -2.94 -12.99 -39.27
C THR G 22 -2.65 -12.76 -40.74
N GLN G 23 -3.10 -13.68 -41.57
CA GLN G 23 -2.75 -13.63 -42.99
C GLN G 23 -3.13 -12.37 -43.74
N SER G 24 -2.15 -11.80 -44.44
CA SER G 24 -2.33 -10.61 -45.28
C SER G 24 -2.88 -11.04 -46.63
N THR G 25 -3.49 -10.11 -47.34
CA THR G 25 -3.99 -10.47 -48.66
C THR G 25 -3.15 -9.94 -49.77
N GLU G 26 -2.70 -10.83 -50.63
CA GLU G 26 -1.96 -10.40 -51.78
C GLU G 26 -2.97 -10.10 -52.84
N ALA G 27 -2.66 -9.13 -53.69
CA ALA G 27 -3.50 -8.77 -54.81
C ALA G 27 -3.42 -9.86 -55.85
N THR G 28 -4.48 -10.02 -56.62
CA THR G 28 -4.42 -11.01 -57.70
C THR G 28 -5.40 -10.66 -58.79
N SER G 29 -5.10 -11.12 -59.99
CA SER G 29 -5.98 -10.92 -61.13
C SER G 29 -6.75 -12.18 -61.47
N GLY G 30 -7.40 -12.18 -62.62
CA GLY G 30 -8.21 -13.33 -63.03
C GLY G 30 -7.33 -14.51 -63.39
N VAL G 31 -7.81 -15.72 -63.15
CA VAL G 31 -7.05 -16.90 -63.46
C VAL G 31 -7.75 -17.84 -64.41
N ASN G 32 -7.08 -18.16 -65.52
CA ASN G 32 -7.60 -19.09 -66.52
C ASN G 32 -6.70 -20.30 -66.68
N SER G 33 -5.90 -20.52 -65.66
CA SER G 33 -4.96 -21.60 -65.61
C SER G 33 -5.63 -22.89 -65.15
N GLN G 34 -4.89 -23.98 -65.18
CA GLN G 34 -5.44 -25.24 -64.75
C GLN G 34 -5.21 -25.57 -63.29
N GLU G 35 -4.55 -24.69 -62.54
CA GLU G 35 -4.42 -24.93 -61.11
C GLU G 35 -5.81 -24.70 -60.54
N VAL G 36 -6.30 -25.57 -59.66
CA VAL G 36 -7.65 -25.27 -59.20
C VAL G 36 -7.78 -25.38 -57.69
N PRO G 37 -7.40 -24.36 -56.91
CA PRO G 37 -7.49 -24.34 -55.47
C PRO G 37 -8.94 -24.34 -55.00
N ALA G 38 -9.84 -24.01 -55.91
CA ALA G 38 -11.25 -23.97 -55.63
C ALA G 38 -11.84 -25.36 -55.45
N LEU G 39 -11.24 -26.39 -56.04
CA LEU G 39 -11.83 -27.70 -55.92
C LEU G 39 -10.98 -28.57 -55.07
N THR G 40 -11.62 -29.41 -54.30
CA THR G 40 -10.90 -30.25 -53.39
C THR G 40 -11.68 -31.49 -53.05
N ALA G 41 -11.29 -32.12 -51.97
CA ALA G 41 -11.95 -33.28 -51.45
C ALA G 41 -11.73 -33.24 -49.98
N VAL G 42 -12.79 -33.40 -49.20
CA VAL G 42 -12.62 -33.35 -47.76
C VAL G 42 -12.68 -34.73 -47.20
N GLU G 43 -12.76 -35.69 -48.08
CA GLU G 43 -12.83 -37.09 -47.75
C GLU G 43 -11.52 -37.56 -47.20
N THR G 44 -10.51 -36.79 -47.50
CA THR G 44 -9.16 -37.09 -47.16
C THR G 44 -8.93 -36.81 -45.70
N GLY G 45 -9.82 -36.04 -45.07
CA GLY G 45 -9.68 -35.69 -43.67
C GLY G 45 -9.14 -34.28 -43.53
N ALA G 46 -8.67 -33.72 -44.63
CA ALA G 46 -8.16 -32.37 -44.60
C ALA G 46 -9.31 -31.41 -44.80
N SER G 47 -9.15 -30.22 -44.25
CA SER G 47 -10.06 -29.12 -44.43
C SER G 47 -9.78 -28.42 -45.75
N GLY G 48 -10.73 -27.64 -46.26
CA GLY G 48 -10.50 -26.89 -47.47
C GLY G 48 -9.44 -25.85 -47.16
N GLN G 49 -8.63 -25.46 -48.14
CA GLN G 49 -7.61 -24.45 -47.88
C GLN G 49 -7.79 -23.12 -48.57
N ALA G 50 -8.86 -22.98 -49.35
CA ALA G 50 -9.03 -21.77 -50.17
C ALA G 50 -9.20 -20.49 -49.37
N ILE G 51 -8.61 -19.43 -49.89
CA ILE G 51 -8.71 -18.10 -49.32
C ILE G 51 -9.20 -17.15 -50.43
N PRO G 52 -9.63 -15.92 -50.15
CA PRO G 52 -10.11 -14.99 -51.15
C PRO G 52 -9.18 -14.80 -52.34
N SER G 53 -7.86 -14.92 -52.17
CA SER G 53 -6.97 -14.71 -53.32
C SER G 53 -7.00 -15.88 -54.31
N ASP G 54 -7.61 -16.99 -53.90
CA ASP G 54 -7.75 -18.14 -54.75
C ASP G 54 -9.08 -18.07 -55.49
N VAL G 55 -10.06 -17.48 -54.81
CA VAL G 55 -11.43 -17.46 -55.31
C VAL G 55 -11.82 -16.21 -56.12
N VAL G 56 -11.43 -15.02 -55.69
CA VAL G 56 -11.83 -13.78 -56.36
C VAL G 56 -10.64 -12.92 -56.70
N GLU G 57 -10.84 -11.95 -57.58
CA GLU G 57 -9.78 -10.98 -57.81
C GLU G 57 -9.67 -10.16 -56.52
N THR G 58 -8.44 -9.85 -56.09
CA THR G 58 -8.24 -9.13 -54.83
C THR G 58 -7.33 -7.95 -54.91
N ARG G 59 -7.42 -7.13 -53.87
CA ARG G 59 -6.53 -5.99 -53.70
C ARG G 59 -5.57 -6.36 -52.62
N HIS G 60 -4.44 -5.69 -52.56
CA HIS G 60 -3.57 -6.00 -51.46
C HIS G 60 -4.12 -5.39 -50.19
N VAL G 61 -4.08 -6.15 -49.11
CA VAL G 61 -4.49 -5.65 -47.80
C VAL G 61 -3.46 -5.99 -46.75
N VAL G 62 -2.99 -4.98 -46.03
CA VAL G 62 -2.02 -5.28 -44.99
C VAL G 62 -2.74 -5.71 -43.73
N ASN G 63 -2.40 -6.87 -43.22
CA ASN G 63 -3.10 -7.36 -42.06
C ASN G 63 -2.23 -7.34 -40.83
N TYR G 64 -2.54 -6.45 -39.89
CA TYR G 64 -1.76 -6.35 -38.67
C TYR G 64 -2.50 -6.89 -37.48
N LYS G 65 -3.65 -7.49 -37.70
CA LYS G 65 -4.47 -7.95 -36.59
C LYS G 65 -3.82 -9.14 -35.90
N THR G 66 -3.93 -9.20 -34.58
CA THR G 66 -3.25 -10.24 -33.81
C THR G 66 -4.14 -11.20 -33.03
N ARG G 67 -3.92 -12.48 -33.19
CA ARG G 67 -4.72 -13.49 -32.47
C ARG G 67 -4.25 -13.69 -31.04
N SER G 68 -4.40 -12.64 -30.22
CA SER G 68 -3.95 -12.70 -28.84
C SER G 68 -5.00 -13.13 -27.87
N GLU G 69 -6.26 -12.83 -28.16
CA GLU G 69 -7.32 -13.11 -27.19
C GLU G 69 -7.83 -14.50 -27.33
N SER G 70 -7.30 -15.15 -28.33
CA SER G 70 -7.58 -16.50 -28.67
C SER G 70 -6.43 -17.38 -28.22
N CYS G 71 -5.41 -16.82 -27.59
CA CYS G 71 -4.35 -17.68 -27.11
C CYS G 71 -4.97 -18.45 -25.98
N LEU G 72 -4.54 -19.67 -25.73
CA LEU G 72 -5.19 -20.39 -24.65
C LEU G 72 -4.97 -19.73 -23.30
N GLU G 73 -3.85 -19.07 -23.12
CA GLU G 73 -3.59 -18.41 -21.85
C GLU G 73 -4.62 -17.33 -21.61
N SER G 74 -5.01 -16.63 -22.66
CA SER G 74 -5.99 -15.57 -22.56
C SER G 74 -7.38 -16.13 -22.38
N PHE G 75 -7.69 -17.20 -23.12
CA PHE G 75 -9.00 -17.82 -23.12
C PHE G 75 -9.36 -18.28 -21.72
N PHE G 76 -8.40 -18.90 -21.05
CA PHE G 76 -8.60 -19.42 -19.71
C PHE G 76 -8.07 -18.50 -18.62
N GLY G 77 -7.78 -17.25 -18.95
CA GLY G 77 -7.13 -16.36 -17.99
C GLY G 77 -8.00 -15.62 -16.98
N ARG G 78 -9.31 -15.84 -16.96
CA ARG G 78 -10.15 -15.10 -16.02
C ARG G 78 -10.75 -16.02 -14.98
N ALA G 79 -10.78 -15.55 -13.73
CA ALA G 79 -11.31 -16.38 -12.65
C ALA G 79 -12.80 -16.55 -12.75
N ALA G 80 -13.25 -17.79 -12.62
CA ALA G 80 -14.66 -18.14 -12.65
C ALA G 80 -15.14 -18.54 -11.29
N CYS G 81 -16.41 -18.34 -10.99
CA CYS G 81 -16.89 -18.90 -9.75
C CYS G 81 -16.98 -20.39 -9.94
N VAL G 82 -16.51 -21.13 -8.95
CA VAL G 82 -16.53 -22.56 -8.93
C VAL G 82 -17.52 -23.10 -7.93
N THR G 83 -17.56 -22.53 -6.75
CA THR G 83 -18.52 -23.08 -5.78
C THR G 83 -18.94 -22.07 -4.75
N ILE G 84 -20.09 -22.32 -4.17
CA ILE G 84 -20.58 -21.47 -3.10
C ILE G 84 -20.81 -22.32 -1.88
N LEU G 85 -20.17 -22.03 -0.78
CA LEU G 85 -20.39 -22.84 0.39
C LEU G 85 -21.15 -22.06 1.44
N SER G 86 -22.04 -22.75 2.12
CA SER G 86 -22.83 -22.17 3.19
C SER G 86 -22.39 -22.58 4.57
N LEU G 87 -22.00 -21.60 5.36
CA LEU G 87 -21.58 -21.79 6.74
C LEU G 87 -22.49 -20.96 7.64
N THR G 88 -22.79 -21.44 8.83
CA THR G 88 -23.54 -20.62 9.74
C THR G 88 -22.88 -20.61 11.11
N ASN G 89 -22.66 -19.44 11.67
CA ASN G 89 -22.13 -19.39 13.02
C ASN G 89 -23.31 -19.16 13.94
N SER G 90 -23.70 -20.20 14.69
CA SER G 90 -24.89 -20.14 15.52
C SER G 90 -24.73 -20.73 16.91
N SER G 91 -25.43 -20.15 17.86
CA SER G 91 -25.44 -20.60 19.25
C SER G 91 -26.40 -21.75 19.53
N LYS G 92 -27.27 -22.06 18.58
CA LYS G 92 -28.21 -23.14 18.82
C LYS G 92 -27.43 -24.44 18.71
N SER G 93 -27.56 -25.33 19.69
CA SER G 93 -26.77 -26.56 19.64
C SER G 93 -27.10 -27.45 18.45
N GLY G 94 -28.33 -27.40 17.99
CA GLY G 94 -28.73 -28.24 16.87
C GLY G 94 -28.17 -27.75 15.55
N GLU G 95 -27.58 -26.57 15.54
CA GLU G 95 -27.03 -25.99 14.34
C GLU G 95 -25.51 -25.98 14.39
N GLU G 96 -24.91 -26.54 15.44
CA GLU G 96 -23.46 -26.43 15.60
C GLU G 96 -22.67 -27.02 14.46
N LYS G 97 -23.17 -28.08 13.87
CA LYS G 97 -22.49 -28.71 12.76
C LYS G 97 -22.40 -27.79 11.55
N LYS G 98 -23.22 -26.74 11.51
CA LYS G 98 -23.23 -25.87 10.37
C LYS G 98 -22.14 -24.84 10.46
N HIS G 99 -21.40 -24.86 11.56
CA HIS G 99 -20.32 -23.94 11.81
C HIS G 99 -19.20 -24.13 10.77
N PHE G 100 -19.15 -25.32 10.11
CA PHE G 100 -18.12 -25.54 9.12
C PHE G 100 -18.67 -26.31 7.92
N ASN G 101 -17.97 -26.24 6.80
CA ASN G 101 -18.40 -26.86 5.57
C ASN G 101 -17.27 -27.52 4.78
N ILE G 102 -17.39 -28.83 4.53
CA ILE G 102 -16.33 -29.51 3.79
C ILE G 102 -16.78 -29.79 2.36
N TRP G 103 -16.04 -29.23 1.41
CA TRP G 103 -16.32 -29.34 -0.01
C TRP G 103 -15.32 -30.19 -0.77
N ASN G 104 -15.78 -31.00 -1.69
CA ASN G 104 -14.84 -31.79 -2.46
C ASN G 104 -14.11 -30.91 -3.42
N ILE G 105 -12.83 -31.15 -3.65
CA ILE G 105 -12.20 -30.33 -4.64
C ILE G 105 -12.71 -30.76 -5.99
N THR G 106 -13.22 -29.80 -6.73
CA THR G 106 -13.78 -30.03 -8.06
C THR G 106 -14.02 -28.76 -8.80
N TYR G 107 -14.12 -28.86 -10.13
CA TYR G 107 -14.52 -27.72 -10.94
C TYR G 107 -15.86 -28.02 -11.61
N THR G 108 -16.49 -29.13 -11.25
CA THR G 108 -17.69 -29.59 -11.91
C THR G 108 -18.99 -28.97 -11.43
N ASP G 109 -18.90 -28.15 -10.41
CA ASP G 109 -20.07 -27.51 -9.83
C ASP G 109 -20.65 -26.40 -10.70
N THR G 110 -19.80 -25.72 -11.46
CA THR G 110 -20.29 -24.62 -12.29
C THR G 110 -20.06 -24.90 -13.76
N VAL G 111 -21.13 -24.72 -14.50
CA VAL G 111 -21.12 -25.05 -15.90
C VAL G 111 -20.34 -24.11 -16.80
N GLN G 112 -20.29 -22.81 -16.51
CA GLN G 112 -19.59 -22.01 -17.49
C GLN G 112 -18.11 -22.35 -17.59
N LEU G 113 -17.49 -22.69 -16.48
CA LEU G 113 -16.08 -23.04 -16.52
C LEU G 113 -15.88 -24.42 -17.12
N ARG G 114 -16.73 -25.38 -16.76
CA ARG G 114 -16.52 -26.72 -17.28
C ARG G 114 -16.56 -26.72 -18.76
N ARG G 115 -17.45 -25.91 -19.29
CA ARG G 115 -17.62 -25.88 -20.70
C ARG G 115 -16.34 -25.55 -21.44
N LYS G 116 -15.48 -24.72 -20.87
CA LYS G 116 -14.28 -24.34 -21.57
C LYS G 116 -13.18 -25.33 -21.28
N LEU G 117 -13.11 -25.82 -20.04
CA LEU G 117 -12.04 -26.73 -19.69
C LEU G 117 -12.15 -28.04 -20.44
N GLU G 118 -13.38 -28.46 -20.65
CA GLU G 118 -13.67 -29.72 -21.27
C GLU G 118 -13.46 -29.68 -22.78
N PHE G 119 -13.01 -28.55 -23.32
CA PHE G 119 -12.69 -28.48 -24.72
C PHE G 119 -11.44 -29.30 -24.96
N PHE G 120 -10.62 -29.52 -23.94
CA PHE G 120 -9.42 -30.26 -24.24
C PHE G 120 -9.41 -31.54 -23.48
N THR G 121 -8.90 -32.57 -24.12
CA THR G 121 -8.84 -33.84 -23.44
C THR G 121 -7.85 -33.75 -22.30
N TYR G 122 -6.70 -33.10 -22.55
CA TYR G 122 -5.66 -33.00 -21.52
C TYR G 122 -5.22 -31.57 -21.32
N SER G 123 -4.80 -31.26 -20.10
CA SER G 123 -4.25 -29.94 -19.83
C SER G 123 -3.25 -29.92 -18.69
N ARG G 124 -2.40 -28.92 -18.70
CA ARG G 124 -1.47 -28.73 -17.60
C ARG G 124 -1.45 -27.30 -17.23
N PHE G 125 -1.63 -27.00 -15.97
CA PHE G 125 -1.61 -25.63 -15.53
C PHE G 125 -1.42 -25.48 -14.06
N ASP G 126 -1.04 -24.29 -13.66
CA ASP G 126 -0.98 -23.91 -12.27
C ASP G 126 -2.32 -23.24 -11.98
N LEU G 127 -2.78 -23.28 -10.75
CA LEU G 127 -4.08 -22.71 -10.42
C LEU G 127 -4.09 -21.54 -9.44
N GLU G 128 -4.80 -20.48 -9.80
CA GLU G 128 -4.98 -19.39 -8.85
C GLU G 128 -6.33 -19.49 -8.19
N MET G 129 -6.33 -19.48 -6.85
CA MET G 129 -7.59 -19.48 -6.12
C MET G 129 -7.80 -18.25 -5.29
N THR G 130 -9.02 -17.74 -5.33
CA THR G 130 -9.39 -16.60 -4.50
C THR G 130 -10.72 -16.87 -3.87
N PHE G 131 -11.04 -16.10 -2.83
CA PHE G 131 -12.34 -16.28 -2.21
C PHE G 131 -13.07 -14.98 -2.01
N VAL G 132 -14.38 -15.02 -2.09
CA VAL G 132 -15.18 -13.85 -1.81
C VAL G 132 -16.15 -14.15 -0.68
N PHE G 133 -16.12 -13.34 0.36
CA PHE G 133 -17.02 -13.59 1.48
C PHE G 133 -18.07 -12.52 1.63
N THR G 134 -19.24 -12.94 2.06
CA THR G 134 -20.31 -12.01 2.44
C THR G 134 -21.15 -12.63 3.54
N GLU G 135 -21.77 -11.81 4.37
CA GLU G 135 -22.56 -12.34 5.47
C GLU G 135 -23.80 -11.52 5.84
N ASN G 136 -24.77 -12.17 6.48
CA ASN G 136 -26.01 -11.51 6.90
C ASN G 136 -26.60 -12.15 8.15
N TYR G 137 -27.69 -11.59 8.64
CA TYR G 137 -28.37 -12.18 9.78
C TYR G 137 -29.60 -12.88 9.23
N PRO G 138 -29.61 -14.23 9.08
CA PRO G 138 -30.67 -14.99 8.45
C PRO G 138 -31.91 -15.09 9.33
N SER G 139 -31.72 -14.77 10.60
CA SER G 139 -32.74 -14.88 11.60
C SER G 139 -33.62 -13.67 11.60
N THR G 140 -34.73 -13.77 12.32
CA THR G 140 -35.63 -12.64 12.46
C THR G 140 -34.97 -11.48 13.18
N ALA G 141 -34.22 -11.78 14.24
CA ALA G 141 -33.61 -10.74 15.06
C ALA G 141 -32.10 -10.67 14.97
N SER G 142 -31.64 -9.52 14.50
CA SER G 142 -30.24 -9.18 14.35
C SER G 142 -29.73 -8.64 15.69
N GLY G 143 -28.42 -8.49 15.83
CA GLY G 143 -27.84 -7.94 17.04
C GLY G 143 -26.34 -7.85 16.90
N GLU G 144 -25.64 -7.43 17.95
CA GLU G 144 -24.20 -7.29 17.75
C GLU G 144 -23.48 -8.62 17.63
N VAL G 145 -22.72 -8.73 16.54
CA VAL G 145 -21.87 -9.88 16.23
C VAL G 145 -20.50 -9.35 15.80
N ARG G 146 -19.45 -9.91 16.36
CA ARG G 146 -18.12 -9.43 16.06
C ARG G 146 -17.59 -9.95 14.73
N ASN G 147 -16.60 -9.27 14.20
CA ASN G 147 -15.97 -9.64 12.94
C ASN G 147 -15.38 -11.05 13.00
N GLN G 148 -15.78 -11.86 12.03
CA GLN G 148 -15.31 -13.21 12.01
C GLN G 148 -14.12 -13.39 11.11
N VAL G 149 -13.30 -14.35 11.50
CA VAL G 149 -12.17 -14.73 10.72
C VAL G 149 -12.50 -16.11 10.21
N TYR G 150 -12.14 -16.36 8.98
CA TYR G 150 -12.40 -17.65 8.42
C TYR G 150 -11.14 -18.42 8.25
N GLN G 151 -11.23 -19.72 8.49
CA GLN G 151 -10.11 -20.61 8.26
C GLN G 151 -10.38 -21.52 7.11
N ILE G 152 -9.56 -21.42 6.11
CA ILE G 152 -9.69 -22.24 4.93
C ILE G 152 -8.53 -23.20 4.92
N MET G 153 -8.78 -24.50 4.88
CA MET G 153 -7.64 -25.40 4.85
C MET G 153 -7.82 -26.53 3.89
N TYR G 154 -6.73 -26.95 3.31
CA TYR G 154 -6.80 -28.08 2.41
C TYR G 154 -6.45 -29.35 3.07
N ILE G 155 -7.31 -30.33 2.89
CA ILE G 155 -7.08 -31.62 3.44
C ILE G 155 -6.94 -32.61 2.30
N PRO G 156 -5.71 -32.99 1.94
CA PRO G 156 -5.38 -33.87 0.86
C PRO G 156 -6.04 -35.19 1.10
N PRO G 157 -6.27 -36.00 0.10
CA PRO G 157 -6.89 -37.27 0.29
C PRO G 157 -5.97 -38.07 1.17
N GLY G 158 -6.54 -38.71 2.17
CA GLY G 158 -5.79 -39.53 3.10
C GLY G 158 -5.46 -38.77 4.38
N ALA G 159 -5.57 -37.46 4.34
CA ALA G 159 -5.32 -36.67 5.52
C ALA G 159 -6.58 -36.80 6.34
N PRO G 160 -6.53 -36.71 7.66
CA PRO G 160 -7.70 -36.78 8.49
C PRO G 160 -8.56 -35.56 8.27
N ARG G 161 -9.87 -35.74 8.35
CA ARG G 161 -10.79 -34.63 8.20
C ARG G 161 -11.44 -34.39 9.54
N PRO G 162 -11.81 -33.15 9.87
CA PRO G 162 -12.45 -32.81 11.11
C PRO G 162 -13.85 -33.35 11.19
N SER G 163 -14.30 -33.74 12.38
CA SER G 163 -15.68 -34.14 12.56
C SER G 163 -16.53 -32.97 13.01
N SER G 164 -15.86 -31.93 13.45
CA SER G 164 -16.49 -30.76 14.02
C SER G 164 -15.69 -29.51 13.75
N TRP G 165 -16.33 -28.38 13.91
CA TRP G 165 -15.61 -27.14 13.69
C TRP G 165 -14.44 -26.95 14.63
N ASP G 166 -14.50 -27.51 15.84
CA ASP G 166 -13.43 -27.36 16.80
C ASP G 166 -12.53 -28.59 16.91
N ASP G 167 -12.63 -29.46 15.92
CA ASP G 167 -11.84 -30.66 15.84
C ASP G 167 -10.38 -30.32 15.78
N TYR G 168 -9.56 -31.05 16.53
CA TYR G 168 -8.13 -30.84 16.65
C TYR G 168 -7.41 -30.79 15.31
N THR G 169 -7.97 -31.35 14.24
CA THR G 169 -7.24 -31.32 13.00
C THR G 169 -7.06 -29.89 12.47
N TRP G 170 -7.79 -28.92 13.03
CA TRP G 170 -7.62 -27.52 12.56
C TRP G 170 -6.29 -26.92 13.08
N GLN G 171 -5.47 -27.72 13.75
CA GLN G 171 -4.11 -27.35 14.13
C GLN G 171 -3.32 -27.09 12.87
N SER G 172 -3.67 -27.82 11.81
CA SER G 172 -3.08 -27.64 10.50
C SER G 172 -1.57 -27.66 10.52
N SER G 173 -0.96 -28.64 11.16
CA SER G 173 0.49 -28.61 11.22
C SER G 173 1.15 -28.79 9.87
N SER G 174 0.53 -29.57 9.01
CA SER G 174 1.05 -29.78 7.68
C SER G 174 0.07 -29.29 6.65
N ASN G 175 -1.20 -29.56 6.87
CA ASN G 175 -2.18 -29.13 5.90
C ASN G 175 -2.09 -27.61 5.78
N PRO G 176 -1.90 -27.02 4.59
CA PRO G 176 -1.78 -25.60 4.41
C PRO G 176 -3.12 -24.94 4.65
N SER G 177 -3.11 -23.72 5.17
CA SER G 177 -4.36 -23.01 5.42
C SER G 177 -4.24 -21.49 5.42
N ILE G 178 -5.39 -20.81 5.28
CA ILE G 178 -5.51 -19.36 5.32
C ILE G 178 -6.46 -18.82 6.36
N PHE G 179 -6.00 -17.84 7.11
CA PHE G 179 -6.84 -17.14 8.06
C PHE G 179 -7.17 -15.74 7.53
N TYR G 180 -8.44 -15.53 7.23
CA TYR G 180 -8.91 -14.28 6.63
C TYR G 180 -9.90 -13.48 7.44
N MET G 181 -9.61 -12.21 7.68
CA MET G 181 -10.54 -11.38 8.43
C MET G 181 -11.56 -10.82 7.50
N TYR G 182 -12.81 -10.96 7.86
CA TYR G 182 -13.81 -10.43 7.00
C TYR G 182 -13.63 -8.94 6.81
N GLY G 183 -13.65 -8.53 5.56
CA GLY G 183 -13.52 -7.12 5.22
C GLY G 183 -12.16 -6.74 4.69
N ASN G 184 -11.17 -7.58 4.90
CA ASN G 184 -9.88 -7.23 4.35
C ASN G 184 -9.86 -7.70 2.91
N ALA G 185 -8.77 -7.47 2.20
CA ALA G 185 -8.80 -7.84 0.80
C ALA G 185 -9.12 -9.32 0.66
N PRO G 186 -9.91 -9.72 -0.33
CA PRO G 186 -10.27 -11.10 -0.56
C PRO G 186 -8.98 -11.88 -0.57
N PRO G 187 -8.91 -13.05 0.09
CA PRO G 187 -7.74 -13.88 0.17
C PRO G 187 -7.43 -14.53 -1.16
N ARG G 188 -6.15 -14.80 -1.38
CA ARG G 188 -5.62 -15.42 -2.60
C ARG G 188 -4.44 -16.34 -2.38
N MET G 189 -4.38 -17.42 -3.16
CA MET G 189 -3.23 -18.33 -3.10
C MET G 189 -2.89 -19.03 -4.42
N SER G 190 -1.61 -19.30 -4.65
CA SER G 190 -1.21 -20.06 -5.84
C SER G 190 -0.97 -21.53 -5.57
N ILE G 191 -1.51 -22.36 -6.42
CA ILE G 191 -1.33 -23.79 -6.33
C ILE G 191 -0.63 -24.31 -7.59
N PRO G 192 0.50 -24.96 -7.49
CA PRO G 192 1.24 -25.49 -8.61
C PRO G 192 0.48 -26.65 -9.17
N TYR G 193 0.73 -27.03 -10.40
CA TYR G 193 0.12 -28.21 -10.97
C TYR G 193 0.33 -29.36 -10.04
N VAL G 194 -0.72 -30.10 -9.71
CA VAL G 194 -0.64 -31.21 -8.76
C VAL G 194 -0.97 -32.58 -9.32
N GLY G 195 -0.93 -32.76 -10.60
CA GLY G 195 -1.27 -34.06 -11.13
C GLY G 195 -0.18 -35.09 -10.81
N ILE G 196 -0.58 -36.36 -10.88
CA ILE G 196 0.31 -37.50 -10.63
C ILE G 196 0.60 -38.20 -11.92
N ALA G 197 0.08 -37.57 -12.95
CA ALA G 197 0.18 -37.88 -14.33
C ALA G 197 0.92 -36.73 -14.92
N ASN G 198 1.21 -36.77 -16.20
CA ASN G 198 1.96 -35.68 -16.75
C ASN G 198 1.01 -34.60 -17.24
N ALA G 199 -0.30 -34.85 -17.08
CA ALA G 199 -1.36 -33.91 -17.43
C ALA G 199 -2.61 -34.25 -16.66
N TYR G 200 -3.47 -33.26 -16.49
CA TYR G 200 -4.73 -33.54 -15.91
C TYR G 200 -5.54 -34.05 -17.06
N SER G 201 -6.37 -35.04 -16.84
CA SER G 201 -7.25 -35.44 -17.90
C SER G 201 -8.59 -34.89 -17.55
N HIS G 202 -9.34 -34.50 -18.55
CA HIS G 202 -10.70 -34.04 -18.31
C HIS G 202 -11.70 -35.14 -18.56
N PHE G 203 -11.22 -36.28 -19.04
CA PHE G 203 -12.07 -37.42 -19.33
C PHE G 203 -11.44 -38.75 -18.94
N TYR G 204 -12.25 -39.73 -18.59
CA TYR G 204 -11.60 -41.02 -18.41
C TYR G 204 -12.45 -42.16 -18.86
N ASP G 205 -12.11 -42.70 -20.01
CA ASP G 205 -12.87 -43.80 -20.59
C ASP G 205 -12.38 -45.09 -20.01
N GLY G 206 -12.80 -45.33 -18.78
CA GLY G 206 -12.34 -46.50 -18.09
C GLY G 206 -12.85 -46.65 -16.67
N PHE G 207 -12.34 -47.67 -16.01
CA PHE G 207 -12.74 -48.02 -14.67
C PHE G 207 -11.60 -47.94 -13.69
N ALA G 208 -11.91 -47.60 -12.45
CA ALA G 208 -10.88 -47.59 -11.42
C ALA G 208 -10.26 -48.95 -11.20
N ARG G 209 -11.09 -49.97 -11.24
CA ARG G 209 -10.65 -51.31 -10.99
C ARG G 209 -11.12 -52.19 -12.11
N VAL G 210 -10.42 -53.26 -12.38
CA VAL G 210 -10.91 -54.19 -13.37
C VAL G 210 -11.57 -55.33 -12.64
N PRO G 211 -12.89 -55.54 -12.72
CA PRO G 211 -13.55 -56.62 -12.07
C PRO G 211 -13.02 -57.86 -12.69
N LEU G 212 -12.78 -58.89 -11.90
CA LEU G 212 -12.23 -60.13 -12.41
C LEU G 212 -13.26 -61.23 -12.48
N GLU G 213 -12.89 -62.32 -13.11
CA GLU G 213 -13.78 -63.46 -13.20
C GLU G 213 -14.26 -63.85 -11.82
N GLY G 214 -15.57 -64.07 -11.70
CA GLY G 214 -16.15 -64.40 -10.42
C GLY G 214 -16.43 -63.07 -9.75
N GLU G 215 -16.22 -62.99 -8.45
CA GLU G 215 -16.49 -61.77 -7.70
C GLU G 215 -17.93 -61.29 -7.92
N ASN G 216 -18.06 -60.06 -8.40
CA ASN G 216 -19.30 -59.38 -8.69
C ASN G 216 -19.69 -59.62 -10.13
N THR G 217 -20.84 -60.23 -10.34
CA THR G 217 -21.33 -60.61 -11.65
C THR G 217 -21.14 -59.54 -12.70
N ASP G 218 -21.43 -58.28 -12.39
CA ASP G 218 -21.28 -57.24 -13.39
C ASP G 218 -20.96 -55.90 -12.74
N ALA G 219 -19.77 -55.81 -12.16
CA ALA G 219 -19.29 -54.64 -11.45
C ALA G 219 -18.78 -53.56 -12.40
N GLY G 220 -18.64 -52.36 -11.86
CA GLY G 220 -18.08 -51.21 -12.55
C GLY G 220 -19.05 -50.08 -12.63
N ASP G 221 -20.29 -50.39 -12.35
CA ASP G 221 -21.37 -49.44 -12.39
C ASP G 221 -21.15 -48.36 -11.35
N THR G 222 -20.49 -48.70 -10.28
CA THR G 222 -20.20 -47.76 -9.21
C THR G 222 -18.81 -47.14 -9.31
N PHE G 223 -18.02 -47.46 -10.35
CA PHE G 223 -16.69 -46.88 -10.46
C PHE G 223 -16.17 -46.56 -11.87
N TYR G 224 -17.09 -46.24 -12.79
CA TYR G 224 -16.74 -45.84 -14.15
C TYR G 224 -16.58 -44.34 -14.27
N GLY G 225 -15.52 -43.90 -14.92
CA GLY G 225 -15.33 -42.48 -15.19
C GLY G 225 -14.37 -41.73 -14.27
N LEU G 226 -14.06 -40.51 -14.70
CA LEU G 226 -13.11 -39.60 -14.07
C LEU G 226 -13.48 -39.27 -12.65
N VAL G 227 -14.77 -39.35 -12.41
CA VAL G 227 -15.41 -39.04 -11.16
C VAL G 227 -14.96 -40.00 -10.06
N SER G 228 -14.51 -41.18 -10.47
CA SER G 228 -14.01 -42.21 -9.60
C SER G 228 -12.49 -42.09 -9.50
N ILE G 229 -11.87 -41.83 -10.64
CA ILE G 229 -10.42 -41.86 -10.78
C ILE G 229 -9.62 -40.76 -10.10
N ASN G 230 -10.06 -39.51 -10.19
CA ASN G 230 -9.23 -38.48 -9.57
C ASN G 230 -9.76 -37.75 -8.36
N ASP G 231 -9.28 -38.23 -7.22
CA ASP G 231 -9.56 -37.75 -5.89
C ASP G 231 -8.55 -36.69 -5.48
N PHE G 232 -9.01 -35.45 -5.35
CA PHE G 232 -8.14 -34.32 -5.03
C PHE G 232 -8.30 -33.86 -3.60
N GLY G 233 -8.95 -34.66 -2.77
CA GLY G 233 -9.17 -34.29 -1.38
C GLY G 233 -10.28 -33.27 -1.26
N VAL G 234 -10.32 -32.61 -0.11
CA VAL G 234 -11.38 -31.64 0.18
C VAL G 234 -10.84 -30.31 0.69
N LEU G 235 -11.67 -29.30 0.59
CA LEU G 235 -11.32 -28.02 1.16
C LEU G 235 -12.27 -27.81 2.31
N ALA G 236 -11.73 -27.55 3.48
CA ALA G 236 -12.57 -27.35 4.64
C ALA G 236 -12.58 -25.91 5.06
N VAL G 237 -13.75 -25.34 5.14
CA VAL G 237 -13.85 -23.97 5.55
C VAL G 237 -14.65 -23.88 6.81
N ARG G 238 -14.06 -23.29 7.85
CA ARG G 238 -14.79 -23.13 9.14
C ARG G 238 -14.84 -21.65 9.50
N ALA G 239 -15.83 -21.27 10.31
CA ALA G 239 -15.71 -20.02 11.03
C ALA G 239 -14.74 -20.34 12.14
N VAL G 240 -14.00 -19.35 12.63
CA VAL G 240 -12.94 -19.60 13.66
C VAL G 240 -13.39 -19.05 15.01
N ASN G 241 -14.38 -18.16 14.99
CA ASN G 241 -14.98 -17.51 16.13
C ASN G 241 -15.99 -18.43 16.79
N ARG G 242 -16.08 -18.31 18.09
CA ARG G 242 -17.06 -19.07 18.85
C ARG G 242 -18.41 -18.43 18.56
N SER G 243 -19.49 -19.07 18.97
CA SER G 243 -20.85 -18.58 18.67
C SER G 243 -21.32 -17.34 19.42
N ASN G 244 -22.39 -16.76 18.86
CA ASN G 244 -23.00 -15.56 19.40
C ASN G 244 -24.51 -15.73 19.53
N PRO G 245 -25.19 -15.00 20.45
CA PRO G 245 -26.63 -14.92 20.62
C PRO G 245 -27.37 -14.61 19.34
N HIS G 246 -26.76 -13.82 18.48
CA HIS G 246 -27.33 -13.50 17.20
C HIS G 246 -26.45 -14.23 16.25
N THR G 247 -27.05 -14.84 15.27
CA THR G 247 -26.28 -15.69 14.42
C THR G 247 -26.10 -15.13 13.03
N ILE G 248 -25.05 -15.63 12.39
CA ILE G 248 -24.67 -15.18 11.06
C ILE G 248 -24.58 -16.22 9.99
N HIS G 249 -25.19 -15.91 8.86
CA HIS G 249 -25.07 -16.76 7.72
C HIS G 249 -23.95 -16.22 6.91
N THR G 250 -23.01 -17.06 6.60
CA THR G 250 -21.87 -16.62 5.84
C THR G 250 -21.68 -17.44 4.58
N SER G 251 -21.56 -16.70 3.50
CA SER G 251 -21.44 -17.28 2.19
C SER G 251 -20.03 -17.11 1.67
N VAL G 252 -19.43 -18.20 1.24
CA VAL G 252 -18.11 -18.04 0.65
C VAL G 252 -18.11 -18.55 -0.77
N ARG G 253 -17.61 -17.72 -1.65
CA ARG G 253 -17.54 -18.10 -3.02
C ARG G 253 -16.11 -18.34 -3.41
N VAL G 254 -15.89 -19.45 -4.07
CA VAL G 254 -14.57 -19.85 -4.50
C VAL G 254 -14.42 -19.57 -5.95
N TYR G 255 -13.35 -18.86 -6.31
CA TYR G 255 -13.06 -18.51 -7.69
C TYR G 255 -11.77 -19.14 -8.16
N MET G 256 -11.74 -19.55 -9.43
CA MET G 256 -10.53 -20.15 -10.00
C MET G 256 -10.16 -19.78 -11.42
N LYS G 257 -8.85 -19.73 -11.68
CA LYS G 257 -8.39 -19.66 -13.07
C LYS G 257 -7.11 -20.44 -13.28
N PRO G 258 -6.98 -21.16 -14.39
CA PRO G 258 -5.75 -21.74 -14.84
C PRO G 258 -4.80 -20.63 -15.15
N LYS G 259 -3.54 -20.85 -14.89
CA LYS G 259 -2.52 -19.90 -15.22
C LYS G 259 -1.35 -20.72 -15.75
N HIS G 260 -0.58 -20.22 -16.72
CA HIS G 260 0.54 -21.00 -17.23
C HIS G 260 -0.03 -22.31 -17.79
N ILE G 261 -0.93 -22.18 -18.75
CA ILE G 261 -1.66 -23.33 -19.28
C ILE G 261 -1.31 -23.80 -20.69
N ARG G 262 -1.28 -25.13 -20.83
CA ARG G 262 -1.08 -25.81 -22.10
C ARG G 262 -2.20 -26.84 -22.27
N CYS G 263 -2.66 -27.05 -23.49
CA CYS G 263 -3.71 -28.05 -23.73
C CYS G 263 -3.44 -28.94 -24.94
N TRP G 264 -4.00 -30.14 -24.91
CA TRP G 264 -3.85 -31.09 -26.00
C TRP G 264 -5.14 -31.78 -26.41
N CYS G 265 -5.20 -32.17 -27.68
CA CYS G 265 -6.28 -33.00 -28.16
C CYS G 265 -7.68 -32.39 -27.97
N PRO G 266 -8.06 -31.40 -28.80
CA PRO G 266 -9.27 -30.60 -28.72
C PRO G 266 -10.50 -31.46 -28.94
N ARG G 267 -11.62 -31.02 -28.38
CA ARG G 267 -12.88 -31.71 -28.46
C ARG G 267 -14.02 -30.74 -28.79
N PRO G 268 -15.18 -31.22 -29.28
CA PRO G 268 -16.37 -30.44 -29.51
C PRO G 268 -16.88 -29.89 -28.18
N PRO G 269 -17.57 -28.77 -28.19
CA PRO G 269 -18.22 -28.16 -27.05
C PRO G 269 -19.43 -28.98 -26.72
N ARG G 270 -19.89 -28.95 -25.48
CA ARG G 270 -21.08 -29.71 -25.14
C ARG G 270 -22.36 -28.99 -25.53
N ALA G 271 -23.27 -29.71 -26.16
CA ALA G 271 -24.53 -29.12 -26.57
C ALA G 271 -25.62 -29.29 -25.51
N VAL G 272 -25.52 -30.37 -24.77
CA VAL G 272 -26.49 -30.73 -23.74
C VAL G 272 -26.10 -30.23 -22.36
N LEU G 273 -27.05 -29.72 -21.61
CA LEU G 273 -26.70 -29.23 -20.29
C LEU G 273 -26.18 -30.41 -19.51
N TYR G 274 -25.15 -30.19 -18.70
CA TYR G 274 -24.55 -31.30 -18.00
C TYR G 274 -25.43 -31.91 -16.94
N ARG G 275 -25.56 -33.24 -16.94
CA ARG G 275 -26.27 -33.87 -15.84
C ARG G 275 -25.25 -34.18 -14.76
N GLY G 276 -24.78 -33.14 -14.10
CA GLY G 276 -23.78 -33.31 -13.06
C GLY G 276 -22.37 -33.61 -13.56
N GLU G 277 -21.60 -34.29 -12.71
CA GLU G 277 -20.16 -34.57 -12.87
C GLU G 277 -19.76 -35.58 -13.95
N GLY G 278 -20.72 -36.31 -14.49
CA GLY G 278 -20.45 -37.31 -15.52
C GLY G 278 -20.66 -36.66 -16.87
N VAL G 279 -20.92 -37.45 -17.90
CA VAL G 279 -21.13 -36.86 -19.23
C VAL G 279 -22.57 -37.09 -19.60
N ASP G 280 -23.32 -37.52 -18.60
CA ASP G 280 -24.70 -37.92 -18.68
C ASP G 280 -25.64 -36.83 -19.10
N MET G 281 -26.74 -37.25 -19.72
CA MET G 281 -27.76 -36.37 -20.24
C MET G 281 -29.09 -36.54 -19.53
N ILE G 282 -29.85 -35.47 -19.46
CA ILE G 282 -31.21 -35.50 -18.94
C ILE G 282 -32.14 -35.61 -20.13
N SER G 283 -33.18 -36.44 -20.04
CA SER G 283 -34.08 -36.64 -21.19
C SER G 283 -34.87 -35.40 -21.56
N SER G 284 -34.95 -34.47 -20.63
CA SER G 284 -35.67 -33.24 -20.82
C SER G 284 -34.88 -32.19 -21.59
N ALA G 285 -33.60 -32.41 -21.87
CA ALA G 285 -32.84 -31.36 -22.55
C ALA G 285 -31.84 -31.89 -23.55
N ILE G 286 -32.29 -32.65 -24.53
CA ILE G 286 -31.37 -33.22 -25.52
C ILE G 286 -31.64 -32.64 -26.88
N LEU G 287 -32.22 -31.45 -26.91
CA LEU G 287 -32.56 -30.81 -28.16
C LEU G 287 -31.95 -29.41 -28.25
N PRO G 288 -30.63 -29.26 -28.49
CA PRO G 288 -29.88 -28.03 -28.45
C PRO G 288 -30.22 -26.95 -29.48
N LEU G 289 -30.87 -27.30 -30.59
CA LEU G 289 -31.10 -26.27 -31.58
C LEU G 289 -32.55 -25.92 -31.81
N ALA G 290 -32.75 -24.65 -32.12
CA ALA G 290 -34.04 -24.12 -32.50
C ALA G 290 -34.30 -24.41 -33.97
N LYS G 291 -35.55 -24.58 -34.32
CA LYS G 291 -35.97 -24.80 -35.71
C LYS G 291 -36.06 -23.52 -36.52
N VAL G 292 -35.96 -23.68 -37.83
CA VAL G 292 -36.16 -22.61 -38.79
C VAL G 292 -37.21 -23.13 -39.75
N ASP G 293 -38.08 -22.27 -40.26
CA ASP G 293 -39.16 -22.77 -41.11
C ASP G 293 -38.71 -23.64 -42.28
N SER G 294 -37.60 -23.31 -42.94
CA SER G 294 -37.14 -24.15 -44.03
C SER G 294 -35.69 -23.87 -44.38
N ILE G 295 -35.13 -24.70 -45.25
CA ILE G 295 -33.76 -24.55 -45.76
C ILE G 295 -33.57 -23.24 -46.49
N THR G 296 -34.61 -22.83 -47.21
CA THR G 296 -34.60 -21.63 -47.99
C THR G 296 -35.10 -20.40 -47.25
N THR G 297 -35.34 -20.53 -45.95
CA THR G 297 -35.73 -19.40 -45.15
C THR G 297 -34.48 -18.86 -44.49
N PHE G 298 -34.20 -17.54 -44.60
CA PHE G 298 -33.00 -16.91 -43.98
C PHE G 298 -33.24 -16.75 -42.48
N SER H 10 0.33 -42.90 -57.20
CA SER H 10 -0.70 -41.92 -56.92
C SER H 10 -1.25 -42.12 -55.52
N ASP H 11 -1.89 -41.11 -54.98
CA ASP H 11 -2.41 -41.16 -53.62
C ASP H 11 -3.56 -42.14 -53.39
N ARG H 12 -4.31 -42.39 -54.44
CA ARG H 12 -5.45 -43.26 -54.40
C ARG H 12 -5.11 -44.74 -54.31
N VAL H 13 -3.88 -45.14 -54.60
CA VAL H 13 -3.61 -46.56 -54.55
C VAL H 13 -2.59 -46.80 -53.48
N ARG H 14 -2.95 -47.64 -52.52
CA ARG H 14 -2.05 -47.83 -51.41
C ARG H 14 -1.85 -49.25 -50.99
N GLN H 15 -0.70 -49.46 -50.37
CA GLN H 15 -0.36 -50.70 -49.72
C GLN H 15 0.32 -50.42 -48.42
N ILE H 16 -0.20 -51.01 -47.36
CA ILE H 16 0.40 -50.86 -46.06
C ILE H 16 0.66 -52.20 -45.44
N THR H 17 1.83 -52.36 -44.86
CA THR H 17 2.12 -53.61 -44.22
C THR H 17 2.59 -53.42 -42.82
N LEU H 18 2.20 -54.34 -41.97
CA LEU H 18 2.68 -54.41 -40.61
C LEU H 18 2.82 -55.86 -40.26
N GLY H 19 3.93 -56.24 -39.67
CA GLY H 19 4.09 -57.62 -39.28
C GLY H 19 3.99 -58.52 -40.49
N ASN H 20 3.10 -59.51 -40.41
CA ASN H 20 2.90 -60.48 -41.46
C ASN H 20 1.61 -60.29 -42.21
N SER H 21 1.05 -59.09 -42.21
CA SER H 21 -0.20 -58.87 -42.93
C SER H 21 -0.24 -57.59 -43.77
N THR H 22 -0.67 -57.77 -45.02
CA THR H 22 -0.72 -56.70 -46.00
C THR H 22 -2.11 -56.28 -46.41
N ILE H 23 -2.34 -54.98 -46.38
CA ILE H 23 -3.58 -54.39 -46.83
C ILE H 23 -3.39 -53.56 -48.05
N THR H 24 -4.19 -53.85 -49.07
CA THR H 24 -4.12 -53.09 -50.29
C THR H 24 -5.47 -52.53 -50.66
N THR H 25 -5.44 -51.40 -51.35
CA THR H 25 -6.66 -50.78 -51.88
C THR H 25 -6.41 -49.97 -53.12
N GLN H 26 -7.39 -49.95 -54.00
CA GLN H 26 -7.31 -49.14 -55.20
C GLN H 26 -8.04 -47.81 -55.10
N GLU H 27 -8.74 -47.58 -53.98
CA GLU H 27 -9.52 -46.36 -53.85
C GLU H 27 -9.40 -45.76 -52.45
N ALA H 28 -8.23 -45.20 -52.16
CA ALA H 28 -7.94 -44.64 -50.84
C ALA H 28 -8.07 -43.14 -50.78
N ALA H 29 -8.63 -42.66 -49.68
CA ALA H 29 -8.68 -41.22 -49.44
C ALA H 29 -7.36 -40.77 -48.81
N ASN H 30 -6.29 -40.82 -49.60
CA ASN H 30 -4.94 -40.55 -49.08
C ASN H 30 -4.76 -41.35 -47.79
N ALA H 31 -4.23 -40.72 -46.75
CA ALA H 31 -4.12 -41.30 -45.43
C ALA H 31 -3.91 -40.20 -44.39
N ILE H 32 -4.39 -40.41 -43.17
CA ILE H 32 -4.19 -39.46 -42.07
C ILE H 32 -3.35 -39.94 -40.94
N VAL H 33 -2.45 -39.09 -40.49
CA VAL H 33 -1.66 -39.39 -39.31
C VAL H 33 -2.09 -38.36 -38.29
N ALA H 34 -2.72 -38.80 -37.21
CA ALA H 34 -3.29 -37.83 -36.31
C ALA H 34 -2.24 -36.90 -35.80
N TYR H 35 -2.55 -35.63 -35.86
CA TYR H 35 -1.72 -34.54 -35.40
C TYR H 35 -0.38 -34.47 -36.13
N GLY H 36 -0.19 -35.28 -37.17
CA GLY H 36 1.06 -35.30 -37.91
C GLY H 36 2.13 -36.05 -37.14
N GLU H 37 1.74 -36.75 -36.08
CA GLU H 37 2.67 -37.44 -35.22
C GLU H 37 2.65 -38.94 -35.40
N TRP H 38 3.73 -39.46 -35.96
CA TRP H 38 3.85 -40.86 -36.24
C TRP H 38 4.01 -41.58 -34.89
N PRO H 39 3.36 -42.71 -34.63
CA PRO H 39 3.48 -43.48 -33.41
C PRO H 39 4.90 -43.90 -33.12
N THR H 40 5.27 -43.84 -31.87
CA THR H 40 6.62 -44.23 -31.47
C THR H 40 6.66 -44.95 -30.13
N TYR H 41 7.88 -45.23 -29.69
CA TYR H 41 8.25 -45.95 -28.48
C TYR H 41 8.66 -44.96 -27.41
N ILE H 42 8.58 -45.35 -26.14
CA ILE H 42 8.97 -44.45 -25.07
C ILE H 42 10.48 -44.31 -24.98
N ASN H 43 10.91 -43.06 -24.99
CA ASN H 43 12.30 -42.67 -24.90
C ASN H 43 12.77 -42.79 -23.49
N ASP H 44 14.05 -42.99 -23.29
CA ASP H 44 14.56 -43.08 -21.93
C ASP H 44 14.21 -41.81 -21.13
N SER H 45 14.21 -40.66 -21.81
CA SER H 45 13.95 -39.37 -21.20
C SER H 45 12.53 -39.21 -20.66
N GLU H 46 11.62 -40.05 -21.11
CA GLU H 46 10.25 -40.02 -20.66
C GLU H 46 9.86 -41.34 -20.02
N ALA H 47 10.82 -42.19 -19.71
CA ALA H 47 10.44 -43.47 -19.15
C ALA H 47 9.82 -43.29 -17.79
N ASN H 48 8.72 -44.01 -17.56
CA ASN H 48 8.10 -43.99 -16.26
C ASN H 48 8.38 -45.24 -15.40
N PRO H 49 8.12 -46.48 -15.87
CA PRO H 49 8.38 -47.69 -15.11
C PRO H 49 9.84 -48.01 -15.28
N VAL H 50 10.40 -48.64 -14.26
CA VAL H 50 11.79 -49.10 -14.29
C VAL H 50 11.98 -50.40 -15.04
N ASP H 51 11.00 -51.28 -14.96
CA ASP H 51 11.03 -52.63 -15.51
C ASP H 51 11.41 -52.65 -16.97
N ALA H 52 12.35 -53.51 -17.36
CA ALA H 52 12.71 -53.54 -18.75
C ALA H 52 11.46 -53.92 -19.58
N PRO H 53 11.12 -53.19 -20.64
CA PRO H 53 9.97 -53.40 -21.50
C PRO H 53 10.11 -54.56 -22.44
N THR H 54 8.96 -55.05 -22.85
CA THR H 54 8.81 -56.06 -23.86
C THR H 54 8.29 -55.42 -25.11
N GLU H 55 8.90 -55.76 -26.24
CA GLU H 55 8.50 -55.25 -27.55
C GLU H 55 8.20 -56.43 -28.46
N PRO H 56 6.97 -56.98 -28.45
CA PRO H 56 6.53 -58.17 -29.15
C PRO H 56 6.73 -58.11 -30.66
N ASP H 57 6.82 -56.88 -31.18
CA ASP H 57 7.03 -56.67 -32.59
C ASP H 57 5.97 -57.41 -33.40
N VAL H 58 6.42 -58.20 -34.38
CA VAL H 58 5.57 -58.96 -35.27
C VAL H 58 4.59 -59.88 -34.60
N SER H 59 4.86 -60.37 -33.41
CA SER H 59 3.90 -61.27 -32.83
C SER H 59 2.58 -60.58 -32.52
N SER H 60 2.58 -59.26 -32.32
CA SER H 60 1.34 -58.58 -32.03
C SER H 60 1.01 -57.52 -33.08
N ASN H 61 2.00 -57.07 -33.86
CA ASN H 61 1.76 -56.00 -34.82
C ASN H 61 1.25 -56.52 -36.14
N ARG H 62 0.04 -57.00 -36.10
CA ARG H 62 -0.67 -57.61 -37.19
C ARG H 62 -1.98 -56.91 -37.42
N PHE H 63 -2.45 -56.90 -38.64
CA PHE H 63 -3.77 -56.38 -38.91
C PHE H 63 -4.78 -57.45 -38.65
N TYR H 64 -5.72 -57.15 -37.78
CA TYR H 64 -6.73 -58.09 -37.39
C TYR H 64 -8.08 -57.59 -37.81
N THR H 65 -9.01 -58.48 -38.09
CA THR H 65 -10.31 -57.97 -38.47
C THR H 65 -11.32 -58.14 -37.38
N LEU H 66 -12.23 -57.20 -37.34
CA LEU H 66 -13.36 -57.26 -36.45
C LEU H 66 -14.53 -57.83 -37.21
N GLU H 67 -15.49 -58.40 -36.49
CA GLU H 67 -16.66 -58.86 -37.19
C GLU H 67 -17.23 -57.67 -37.91
N SER H 68 -17.57 -57.84 -39.18
CA SER H 68 -18.10 -56.76 -39.97
C SER H 68 -19.49 -56.39 -39.53
N VAL H 69 -19.94 -55.22 -39.94
CA VAL H 69 -21.28 -54.80 -39.60
C VAL H 69 -22.02 -54.47 -40.86
N SER H 70 -23.34 -54.47 -40.80
CA SER H 70 -24.10 -54.13 -41.98
C SER H 70 -24.58 -52.71 -41.97
N TRP H 71 -24.40 -52.04 -43.10
CA TRP H 71 -24.89 -50.70 -43.27
C TRP H 71 -26.24 -50.82 -43.90
N LYS H 72 -27.23 -50.45 -43.15
CA LYS H 72 -28.60 -50.50 -43.56
C LYS H 72 -29.05 -49.06 -43.64
N THR H 73 -30.15 -48.80 -44.30
CA THR H 73 -30.64 -47.45 -44.46
C THR H 73 -31.19 -46.86 -43.16
N THR H 74 -31.34 -47.70 -42.16
CA THR H 74 -31.83 -47.33 -40.86
C THR H 74 -30.73 -47.35 -39.80
N SER H 75 -29.49 -47.65 -40.19
CA SER H 75 -28.40 -47.71 -39.23
C SER H 75 -28.15 -46.33 -38.70
N ARG H 76 -27.79 -46.20 -37.43
CA ARG H 76 -27.48 -44.87 -36.92
C ARG H 76 -26.01 -44.67 -36.69
N GLY H 77 -25.27 -45.75 -36.50
CA GLY H 77 -23.85 -45.65 -36.28
C GLY H 77 -23.33 -46.87 -35.56
N TRP H 78 -22.00 -46.97 -35.52
CA TRP H 78 -21.30 -48.07 -34.89
C TRP H 78 -20.16 -47.57 -34.04
N TRP H 79 -19.84 -48.27 -32.97
CA TRP H 79 -18.65 -47.86 -32.23
C TRP H 79 -17.89 -48.98 -31.56
N TRP H 80 -16.61 -48.72 -31.37
CA TRP H 80 -15.72 -49.66 -30.70
C TRP H 80 -14.79 -48.97 -29.72
N LYS H 81 -14.37 -49.68 -28.70
CA LYS H 81 -13.31 -49.17 -27.86
C LYS H 81 -12.08 -49.83 -28.43
N LEU H 82 -11.05 -49.07 -28.76
CA LEU H 82 -9.95 -49.63 -29.52
C LEU H 82 -9.08 -50.72 -28.86
N PRO H 83 -8.40 -50.51 -27.72
CA PRO H 83 -7.62 -51.56 -27.12
C PRO H 83 -8.51 -52.69 -26.67
N ASP H 84 -9.78 -52.39 -26.42
CA ASP H 84 -10.71 -53.41 -26.03
C ASP H 84 -11.06 -54.29 -27.23
N CYS H 85 -11.27 -53.71 -28.40
CA CYS H 85 -11.71 -54.57 -29.48
C CYS H 85 -10.65 -55.57 -29.90
N LEU H 86 -9.39 -55.26 -29.64
CA LEU H 86 -8.34 -56.19 -29.98
C LEU H 86 -8.00 -57.17 -28.86
N LYS H 87 -8.69 -57.08 -27.73
CA LYS H 87 -8.35 -57.91 -26.58
C LYS H 87 -8.65 -59.36 -26.82
N ASP H 88 -9.50 -59.62 -27.78
CA ASP H 88 -9.93 -60.95 -28.07
C ASP H 88 -8.99 -61.66 -29.02
N MET H 89 -7.99 -60.97 -29.56
CA MET H 89 -7.18 -61.68 -30.55
C MET H 89 -5.69 -61.40 -30.68
N GLY H 90 -5.00 -62.47 -31.02
CA GLY H 90 -3.59 -62.47 -31.32
C GLY H 90 -2.77 -62.29 -30.08
N MET H 91 -1.48 -62.02 -30.26
CA MET H 91 -0.67 -61.83 -29.09
C MET H 91 -0.96 -60.50 -28.48
N PHE H 92 -1.51 -59.58 -29.25
CA PHE H 92 -1.80 -58.29 -28.66
C PHE H 92 -2.80 -58.53 -27.55
N GLY H 93 -3.87 -59.26 -27.88
CA GLY H 93 -4.87 -59.53 -26.90
C GLY H 93 -4.31 -60.29 -25.72
N GLN H 94 -3.41 -61.23 -25.98
CA GLN H 94 -2.86 -61.98 -24.87
C GLN H 94 -1.92 -61.18 -23.99
N ASN H 95 -1.12 -60.32 -24.58
CA ASN H 95 -0.15 -59.59 -23.81
C ASN H 95 -0.84 -58.66 -22.85
N MET H 96 -2.01 -58.17 -23.22
CA MET H 96 -2.75 -57.28 -22.35
C MET H 96 -3.23 -57.96 -21.08
N TYR H 97 -3.21 -59.29 -21.03
CA TYR H 97 -3.62 -59.95 -19.82
C TYR H 97 -2.44 -60.50 -19.08
N TYR H 98 -1.26 -60.25 -19.64
CA TYR H 98 -0.04 -60.79 -19.03
C TYR H 98 0.73 -59.64 -18.36
N HIS H 99 0.48 -58.40 -18.79
CA HIS H 99 1.20 -57.27 -18.23
C HIS H 99 0.28 -56.22 -17.64
N TYR H 100 0.75 -55.60 -16.58
CA TYR H 100 0.01 -54.52 -15.98
C TYR H 100 -0.10 -53.32 -16.86
N LEU H 101 1.02 -52.93 -17.44
CA LEU H 101 1.09 -51.74 -18.25
C LEU H 101 1.33 -52.06 -19.71
N GLY H 102 0.88 -51.14 -20.57
CA GLY H 102 1.20 -51.25 -21.97
C GLY H 102 0.89 -49.96 -22.72
N ARG H 103 1.45 -49.90 -23.91
CA ARG H 103 1.35 -48.79 -24.82
C ARG H 103 1.10 -49.28 -26.21
N SER H 104 0.21 -48.66 -26.94
CA SER H 104 0.05 -49.06 -28.33
C SER H 104 -0.47 -47.95 -29.22
N GLY H 105 0.12 -47.76 -30.39
CA GLY H 105 -0.40 -46.83 -31.37
C GLY H 105 -1.23 -47.68 -32.26
N TYR H 106 -1.98 -47.11 -33.18
CA TYR H 106 -2.78 -47.97 -34.03
C TYR H 106 -2.88 -47.53 -35.47
N THR H 107 -3.07 -48.48 -36.34
CA THR H 107 -3.42 -48.21 -37.71
C THR H 107 -4.79 -48.78 -37.95
N ILE H 108 -5.72 -47.91 -38.31
CA ILE H 108 -7.09 -48.34 -38.51
C ILE H 108 -7.53 -48.16 -39.94
N HIS H 109 -7.94 -49.25 -40.55
CA HIS H 109 -8.36 -49.27 -41.93
C HIS H 109 -9.83 -49.61 -42.05
N VAL H 110 -10.58 -48.76 -42.69
CA VAL H 110 -12.00 -49.03 -42.84
C VAL H 110 -12.36 -49.14 -44.28
N GLN H 111 -13.04 -50.22 -44.64
CA GLN H 111 -13.47 -50.44 -46.01
C GLN H 111 -14.98 -50.66 -46.14
N CYS H 112 -15.56 -50.03 -47.16
CA CYS H 112 -16.97 -50.18 -47.47
C CYS H 112 -17.14 -50.33 -48.98
N ASN H 113 -17.39 -51.55 -49.43
CA ASN H 113 -17.45 -51.87 -50.84
C ASN H 113 -18.84 -51.70 -51.45
N ALA H 114 -18.98 -50.73 -52.34
CA ALA H 114 -20.28 -50.42 -52.93
C ALA H 114 -20.10 -50.06 -54.39
N SER H 115 -21.15 -50.16 -55.18
CA SER H 115 -21.05 -49.87 -56.59
C SER H 115 -21.15 -48.38 -56.83
N LYS H 116 -20.87 -48.00 -58.06
CA LYS H 116 -20.97 -46.64 -58.53
C LYS H 116 -22.41 -46.11 -58.49
N PHE H 117 -23.37 -47.03 -58.38
CA PHE H 117 -24.78 -46.71 -58.34
C PHE H 117 -25.29 -46.48 -56.94
N HIS H 118 -24.44 -46.70 -55.94
CA HIS H 118 -24.82 -46.49 -54.56
C HIS H 118 -24.44 -45.10 -54.16
N GLN H 119 -25.15 -44.57 -53.19
CA GLN H 119 -24.79 -43.26 -52.67
C GLN H 119 -24.76 -43.32 -51.16
N GLY H 120 -24.40 -42.21 -50.52
CA GLY H 120 -24.27 -42.18 -49.07
C GLY H 120 -22.80 -42.08 -48.70
N ALA H 121 -22.52 -41.84 -47.42
CA ALA H 121 -21.15 -41.67 -46.97
C ALA H 121 -21.00 -42.01 -45.51
N LEU H 122 -19.81 -42.49 -45.15
CA LEU H 122 -19.50 -42.81 -43.77
C LEU H 122 -18.40 -41.97 -43.17
N GLY H 123 -18.70 -41.34 -42.06
CA GLY H 123 -17.70 -40.55 -41.38
C GLY H 123 -17.00 -41.45 -40.42
N VAL H 124 -15.68 -41.45 -40.46
CA VAL H 124 -14.92 -42.28 -39.55
C VAL H 124 -14.11 -41.39 -38.66
N PHE H 125 -14.36 -41.48 -37.37
CA PHE H 125 -13.68 -40.61 -36.43
C PHE H 125 -12.95 -41.40 -35.37
N LEU H 126 -11.76 -40.95 -35.03
CA LEU H 126 -11.06 -41.59 -33.94
C LEU H 126 -11.05 -40.63 -32.81
N ILE H 127 -11.66 -41.05 -31.73
CA ILE H 127 -11.86 -40.15 -30.63
C ILE H 127 -11.10 -40.58 -29.38
N PRO H 128 -10.16 -39.79 -28.87
CA PRO H 128 -9.47 -40.08 -27.65
C PRO H 128 -10.51 -40.04 -26.58
N GLU H 129 -10.40 -40.86 -25.57
CA GLU H 129 -11.33 -40.78 -24.47
C GLU H 129 -12.81 -40.75 -24.85
N PHE H 130 -13.27 -41.74 -25.58
CA PHE H 130 -14.67 -41.74 -25.98
C PHE H 130 -15.59 -42.19 -24.87
N VAL H 131 -15.77 -41.29 -23.92
CA VAL H 131 -16.59 -41.53 -22.76
C VAL H 131 -18.02 -41.30 -23.15
N MET H 132 -18.87 -42.28 -22.91
CA MET H 132 -20.28 -42.19 -23.24
C MET H 132 -21.14 -42.06 -21.99
N ALA H 133 -22.29 -41.42 -22.15
CA ALA H 133 -23.30 -41.22 -21.12
C ALA H 133 -23.98 -42.53 -20.74
N CYS H 134 -24.40 -42.65 -19.50
CA CYS H 134 -25.15 -43.82 -19.05
C CYS H 134 -26.63 -43.70 -19.38
N ASN H 135 -27.26 -44.81 -19.78
CA ASN H 135 -28.68 -44.77 -20.11
C ASN H 135 -29.62 -44.89 -18.92
N THR H 136 -29.50 -43.97 -17.98
CA THR H 136 -30.42 -43.92 -16.85
C THR H 136 -30.45 -42.55 -16.23
N GLU H 137 -31.55 -42.19 -15.61
CA GLU H 137 -31.59 -40.95 -14.86
C GLU H 137 -31.46 -41.19 -13.37
N SER H 138 -31.29 -42.45 -12.97
CA SER H 138 -31.20 -42.78 -11.55
C SER H 138 -29.82 -42.57 -10.90
N LYS H 139 -28.75 -42.69 -11.67
CA LYS H 139 -27.38 -42.62 -11.16
C LYS H 139 -26.43 -41.97 -12.16
N THR H 140 -25.32 -41.40 -11.70
CA THR H 140 -24.34 -40.80 -12.62
C THR H 140 -23.26 -41.77 -13.08
N SER H 141 -23.07 -41.83 -14.39
CA SER H 141 -22.06 -42.66 -15.06
C SER H 141 -22.14 -44.08 -14.58
N TYR H 142 -23.36 -44.57 -14.43
CA TYR H 142 -23.57 -45.89 -13.89
C TYR H 142 -23.49 -46.97 -14.94
N VAL H 143 -22.29 -47.24 -15.40
CA VAL H 143 -22.11 -48.21 -16.48
C VAL H 143 -21.19 -49.33 -16.06
N SER H 144 -21.62 -50.56 -16.24
CA SER H 144 -20.82 -51.71 -15.82
C SER H 144 -19.64 -51.94 -16.72
N TYR H 145 -18.68 -52.73 -16.24
CA TYR H 145 -17.52 -53.07 -17.02
C TYR H 145 -17.93 -53.82 -18.27
N ILE H 146 -18.78 -54.82 -18.12
CA ILE H 146 -19.12 -55.61 -19.29
C ILE H 146 -19.78 -54.79 -20.36
N ASN H 147 -20.71 -53.94 -20.00
CA ASN H 147 -21.45 -53.23 -21.03
C ASN H 147 -20.68 -52.04 -21.56
N ALA H 148 -19.51 -51.78 -21.04
CA ALA H 148 -18.71 -50.68 -21.48
C ALA H 148 -17.59 -51.18 -22.36
N ASN H 149 -17.48 -52.49 -22.49
CA ASN H 149 -16.38 -53.12 -23.18
C ASN H 149 -16.83 -54.28 -24.07
N PRO H 150 -17.45 -53.99 -25.23
CA PRO H 150 -18.07 -54.91 -26.16
C PRO H 150 -17.10 -55.75 -27.01
N GLY H 151 -15.80 -55.51 -26.84
CA GLY H 151 -14.75 -56.25 -27.51
C GLY H 151 -14.83 -56.22 -29.00
N GLU H 152 -14.64 -57.39 -29.59
CA GLU H 152 -14.66 -57.58 -31.02
C GLU H 152 -15.97 -57.17 -31.66
N ARG H 153 -17.09 -57.37 -30.95
CA ARG H 153 -18.39 -57.12 -31.51
C ARG H 153 -18.67 -55.64 -31.63
N GLY H 154 -18.34 -54.90 -30.61
CA GLY H 154 -18.59 -53.47 -30.64
C GLY H 154 -20.03 -53.17 -30.28
N GLY H 155 -20.41 -51.90 -30.39
CA GLY H 155 -21.77 -51.47 -30.08
C GLY H 155 -22.30 -50.62 -31.22
N GLU H 156 -23.48 -50.02 -31.01
CA GLU H 156 -24.09 -49.21 -32.05
C GLU H 156 -24.77 -48.00 -31.46
N PHE H 157 -25.28 -47.14 -32.33
CA PHE H 157 -26.00 -45.96 -31.91
C PHE H 157 -27.49 -46.04 -32.19
N THR H 158 -28.24 -45.29 -31.41
CA THR H 158 -29.67 -45.10 -31.54
C THR H 158 -30.02 -43.68 -31.85
N ASN H 159 -31.30 -43.41 -32.07
CA ASN H 159 -31.73 -42.06 -32.33
C ASN H 159 -32.74 -41.57 -31.31
N THR H 160 -32.95 -42.34 -30.26
CA THR H 160 -33.87 -41.95 -29.21
C THR H 160 -33.23 -42.12 -27.86
N TYR H 161 -33.69 -41.35 -26.88
CA TYR H 161 -33.14 -41.51 -25.55
C TYR H 161 -34.20 -41.96 -24.60
N ASN H 162 -34.03 -43.16 -24.12
CA ASN H 162 -34.96 -43.79 -23.22
C ASN H 162 -34.20 -44.36 -22.05
N PRO H 163 -33.80 -43.52 -21.08
CA PRO H 163 -33.04 -43.91 -19.92
C PRO H 163 -33.93 -44.84 -19.14
N SER H 164 -33.36 -45.87 -18.56
CA SER H 164 -34.14 -46.86 -17.84
C SER H 164 -34.40 -46.61 -16.39
N ASN H 165 -35.47 -47.23 -15.91
CA ASN H 165 -35.74 -47.25 -14.50
C ASN H 165 -34.78 -48.26 -13.93
N THR H 166 -34.17 -47.91 -12.81
CA THR H 166 -33.21 -48.76 -12.13
C THR H 166 -32.34 -49.52 -13.13
N ASP H 167 -32.16 -50.81 -12.90
CA ASP H 167 -31.43 -51.69 -13.79
C ASP H 167 -32.34 -52.65 -14.52
N ALA H 168 -33.59 -52.26 -14.74
CA ALA H 168 -34.57 -53.15 -15.35
C ALA H 168 -34.12 -53.67 -16.71
N SER H 169 -33.49 -52.83 -17.49
CA SER H 169 -32.98 -53.23 -18.78
C SER H 169 -31.93 -52.26 -19.25
N GLU H 170 -30.72 -52.75 -19.46
CA GLU H 170 -29.62 -51.90 -19.92
C GLU H 170 -29.47 -50.62 -19.07
N GLY H 171 -29.65 -50.74 -17.76
CA GLY H 171 -29.56 -49.55 -16.90
C GLY H 171 -28.14 -49.34 -16.46
N ARG H 172 -27.28 -50.24 -16.90
CA ARG H 172 -25.87 -50.21 -16.63
C ARG H 172 -25.12 -50.14 -17.95
N LYS H 173 -25.83 -49.76 -19.02
CA LYS H 173 -25.27 -49.67 -20.34
C LYS H 173 -25.35 -48.24 -20.83
N PHE H 174 -24.51 -47.90 -21.80
CA PHE H 174 -24.46 -46.56 -22.35
C PHE H 174 -25.64 -46.15 -23.19
N ALA H 175 -25.96 -44.89 -23.06
CA ALA H 175 -26.92 -44.18 -23.87
C ALA H 175 -26.21 -43.98 -25.18
N ALA H 176 -26.91 -43.95 -26.30
CA ALA H 176 -26.11 -43.77 -27.49
C ALA H 176 -26.75 -42.94 -28.55
N LEU H 177 -27.12 -41.71 -28.25
CA LEU H 177 -27.74 -40.94 -29.33
C LEU H 177 -26.71 -40.69 -30.39
N ASP H 178 -27.08 -40.87 -31.64
CA ASP H 178 -26.13 -40.68 -32.72
C ASP H 178 -25.78 -39.23 -32.95
N TYR H 179 -26.79 -38.37 -32.96
CA TYR H 179 -26.60 -36.97 -33.28
C TYR H 179 -25.76 -36.25 -32.21
N LEU H 180 -25.71 -36.82 -31.00
CA LEU H 180 -24.91 -36.27 -29.91
C LEU H 180 -23.71 -37.14 -29.53
N LEU H 181 -23.40 -38.13 -30.37
CA LEU H 181 -22.31 -39.10 -30.20
C LEU H 181 -22.37 -39.84 -28.89
N GLY H 182 -23.53 -39.98 -28.29
CA GLY H 182 -23.66 -40.69 -27.05
C GLY H 182 -23.14 -39.90 -25.85
N SER H 183 -22.69 -38.65 -26.04
CA SER H 183 -22.11 -37.91 -24.92
C SER H 183 -22.66 -36.50 -24.73
N GLY H 184 -23.55 -36.04 -25.60
CA GLY H 184 -24.07 -34.69 -25.42
C GLY H 184 -23.36 -33.62 -26.23
N VAL H 185 -22.61 -34.03 -27.26
CA VAL H 185 -21.90 -33.06 -28.09
C VAL H 185 -22.43 -33.21 -29.49
N LEU H 186 -22.60 -32.16 -30.24
CA LEU H 186 -23.12 -32.39 -31.58
C LEU H 186 -22.12 -33.06 -32.47
N ALA H 187 -22.61 -34.05 -33.22
CA ALA H 187 -21.84 -34.86 -34.15
C ALA H 187 -21.22 -34.02 -35.24
N GLY H 188 -21.83 -32.91 -35.56
CA GLY H 188 -21.33 -32.06 -36.62
C GLY H 188 -19.96 -31.49 -36.31
N ASN H 189 -19.57 -31.50 -35.03
CA ASN H 189 -18.29 -30.97 -34.65
C ASN H 189 -17.27 -32.07 -34.40
N ALA H 190 -17.63 -33.30 -34.78
CA ALA H 190 -16.80 -34.50 -34.60
C ALA H 190 -15.56 -34.43 -35.44
N PHE H 191 -15.58 -33.54 -36.41
CA PHE H 191 -14.55 -33.33 -37.40
C PHE H 191 -13.31 -32.71 -36.77
N VAL H 192 -13.43 -32.28 -35.51
CA VAL H 192 -12.28 -31.80 -34.79
C VAL H 192 -11.33 -32.96 -34.51
N TYR H 193 -11.87 -34.18 -34.44
CA TYR H 193 -11.10 -35.36 -34.16
C TYR H 193 -10.48 -35.82 -35.46
N PRO H 194 -9.37 -36.57 -35.45
CA PRO H 194 -8.81 -37.12 -36.66
C PRO H 194 -9.92 -37.89 -37.33
N HIS H 195 -10.10 -37.68 -38.62
CA HIS H 195 -11.16 -38.36 -39.32
C HIS H 195 -10.94 -38.43 -40.80
N GLN H 196 -11.69 -39.30 -41.42
CA GLN H 196 -11.78 -39.42 -42.87
C GLN H 196 -13.23 -39.74 -43.22
N ILE H 197 -13.65 -39.46 -44.45
CA ILE H 197 -15.01 -39.80 -44.84
C ILE H 197 -14.97 -40.70 -46.02
N ILE H 198 -15.67 -41.81 -45.99
CA ILE H 198 -15.67 -42.60 -47.20
C ILE H 198 -16.96 -42.29 -47.94
N ASN H 199 -16.85 -41.53 -49.01
CA ASN H 199 -17.96 -41.18 -49.86
C ASN H 199 -18.02 -42.26 -50.89
N LEU H 200 -19.16 -42.89 -51.06
CA LEU H 200 -19.13 -44.02 -51.97
C LEU H 200 -18.82 -43.61 -53.42
N ARG H 201 -18.95 -42.32 -53.73
CA ARG H 201 -18.65 -41.82 -55.06
C ARG H 201 -17.17 -41.75 -55.40
N THR H 202 -16.32 -41.75 -54.37
CA THR H 202 -14.90 -41.56 -54.61
C THR H 202 -14.00 -42.64 -54.07
N ASN H 203 -14.24 -43.08 -52.84
CA ASN H 203 -13.31 -43.97 -52.18
C ASN H 203 -14.00 -45.19 -51.64
N ASN H 204 -13.27 -46.29 -51.45
CA ASN H 204 -13.94 -47.39 -50.80
C ASN H 204 -13.27 -47.59 -49.46
N SER H 205 -12.20 -46.84 -49.21
CA SER H 205 -11.55 -47.01 -47.94
C SER H 205 -10.87 -45.75 -47.45
N ALA H 206 -10.58 -45.79 -46.17
CA ALA H 206 -9.89 -44.71 -45.47
C ALA H 206 -8.95 -45.32 -44.44
N THR H 207 -7.81 -44.66 -44.22
CA THR H 207 -6.84 -45.16 -43.25
C THR H 207 -6.37 -44.06 -42.30
N ILE H 208 -6.47 -44.32 -41.01
CA ILE H 208 -6.01 -43.35 -40.04
C ILE H 208 -5.02 -43.99 -39.08
N VAL H 209 -3.88 -43.35 -38.91
CA VAL H 209 -2.83 -43.78 -38.01
C VAL H 209 -2.82 -42.88 -36.78
N VAL H 210 -2.84 -43.47 -35.61
CA VAL H 210 -2.80 -42.67 -34.41
C VAL H 210 -1.70 -43.05 -33.43
N PRO H 211 -1.12 -42.09 -32.73
CA PRO H 211 -0.13 -42.26 -31.70
C PRO H 211 -0.79 -42.76 -30.44
N TYR H 212 -0.02 -43.31 -29.54
CA TYR H 212 -0.61 -43.58 -28.25
C TYR H 212 -0.94 -42.25 -27.61
N VAL H 213 -2.15 -42.09 -27.09
CA VAL H 213 -2.49 -40.83 -26.45
C VAL H 213 -3.00 -40.99 -25.04
N ASN H 214 -2.28 -40.38 -24.11
CA ASN H 214 -2.68 -40.42 -22.72
C ASN H 214 -2.01 -39.26 -21.99
N SER H 215 -2.28 -39.14 -20.70
CA SER H 215 -1.62 -38.19 -19.82
C SER H 215 -0.35 -38.85 -19.28
N LEU H 216 -0.24 -40.10 -19.60
CA LEU H 216 0.82 -41.00 -19.22
C LEU H 216 1.55 -41.52 -20.41
N VAL H 217 2.76 -41.98 -20.20
CA VAL H 217 3.47 -42.60 -21.30
C VAL H 217 2.96 -44.02 -21.53
N ILE H 218 2.54 -44.67 -20.46
CA ILE H 218 2.07 -46.04 -20.52
C ILE H 218 0.94 -46.20 -19.50
N ASP H 219 -0.05 -47.08 -19.74
CA ASP H 219 -1.11 -47.28 -18.73
C ASP H 219 -1.66 -48.71 -18.74
N CYS H 220 -2.62 -49.02 -17.88
CA CYS H 220 -3.15 -50.36 -17.84
C CYS H 220 -4.30 -50.50 -18.80
N MET H 221 -4.12 -51.37 -19.79
CA MET H 221 -5.08 -51.57 -20.87
C MET H 221 -6.40 -52.13 -20.39
N ALA H 222 -6.39 -52.86 -19.29
CA ALA H 222 -7.61 -53.44 -18.77
C ALA H 222 -8.48 -52.40 -18.08
N LYS H 223 -7.91 -51.24 -17.75
CA LYS H 223 -8.67 -50.22 -17.05
C LYS H 223 -9.01 -49.05 -17.96
N HIS H 224 -8.11 -48.73 -18.88
CA HIS H 224 -8.28 -47.52 -19.66
C HIS H 224 -8.27 -47.68 -21.18
N ASN H 225 -9.35 -47.25 -21.81
CA ASN H 225 -9.46 -47.30 -23.25
C ASN H 225 -8.98 -45.97 -23.83
N ASN H 226 -7.80 -45.94 -24.41
CA ASN H 226 -7.26 -44.65 -24.85
C ASN H 226 -8.02 -43.98 -25.98
N TRP H 227 -8.51 -44.80 -26.89
CA TRP H 227 -9.22 -44.33 -28.06
C TRP H 227 -10.45 -45.16 -28.31
N GLY H 228 -11.44 -44.56 -28.95
CA GLY H 228 -12.57 -45.29 -29.47
C GLY H 228 -12.69 -45.01 -30.98
N ILE H 229 -13.50 -45.80 -31.64
CA ILE H 229 -13.76 -45.66 -33.06
C ILE H 229 -15.22 -45.38 -33.27
N VAL H 230 -15.53 -44.31 -33.98
CA VAL H 230 -16.92 -43.99 -34.29
C VAL H 230 -17.18 -43.88 -35.77
N ILE H 231 -18.16 -44.64 -36.25
CA ILE H 231 -18.52 -44.57 -37.66
C ILE H 231 -19.97 -44.16 -37.83
N LEU H 232 -20.20 -43.10 -38.60
CA LEU H 232 -21.56 -42.61 -38.77
C LEU H 232 -22.01 -42.49 -40.23
N PRO H 233 -23.29 -42.73 -40.53
CA PRO H 233 -23.92 -42.58 -41.83
C PRO H 233 -24.22 -41.12 -42.08
N LEU H 234 -23.17 -40.36 -42.33
CA LEU H 234 -23.26 -38.92 -42.52
C LEU H 234 -24.17 -38.60 -43.68
N ALA H 235 -24.13 -39.43 -44.70
CA ALA H 235 -25.06 -39.28 -45.79
C ALA H 235 -25.72 -40.64 -45.83
N PRO H 236 -27.03 -40.73 -46.00
CA PRO H 236 -27.75 -41.96 -45.87
C PRO H 236 -27.43 -42.92 -46.96
N LEU H 237 -27.46 -44.20 -46.65
CA LEU H 237 -27.25 -45.18 -47.68
C LEU H 237 -28.44 -45.18 -48.57
N ALA H 238 -28.21 -45.21 -49.86
CA ALA H 238 -29.31 -45.30 -50.78
C ALA H 238 -28.86 -45.97 -52.04
N PHE H 239 -29.82 -46.52 -52.76
CA PHE H 239 -29.51 -47.26 -53.96
C PHE H 239 -30.68 -47.30 -54.92
N ALA H 240 -30.38 -47.61 -56.16
CA ALA H 240 -31.33 -47.70 -57.25
C ALA H 240 -32.47 -48.70 -57.04
N PRO H 245 -31.07 -51.50 -49.52
CA PRO H 245 -29.71 -51.82 -49.82
C PRO H 245 -29.03 -52.19 -48.55
N GLN H 246 -27.98 -52.95 -48.68
CA GLN H 246 -27.16 -53.26 -47.54
C GLN H 246 -25.73 -53.36 -47.99
N VAL H 247 -24.85 -52.69 -47.29
CA VAL H 247 -23.45 -52.74 -47.63
C VAL H 247 -22.63 -53.10 -46.40
N PRO H 248 -21.83 -54.15 -46.39
CA PRO H 248 -21.04 -54.51 -45.25
C PRO H 248 -19.91 -53.51 -45.07
N ILE H 249 -19.54 -53.29 -43.83
CA ILE H 249 -18.41 -52.45 -43.47
C ILE H 249 -17.42 -53.27 -42.69
N THR H 250 -16.18 -53.28 -43.13
CA THR H 250 -15.17 -54.04 -42.43
C THR H 250 -14.12 -53.14 -41.86
N VAL H 251 -13.84 -53.34 -40.58
CA VAL H 251 -12.84 -52.55 -39.90
C VAL H 251 -11.68 -53.47 -39.54
N THR H 252 -10.51 -53.10 -40.02
CA THR H 252 -9.29 -53.87 -39.82
C THR H 252 -8.27 -53.03 -39.04
N ILE H 253 -7.80 -53.57 -37.93
CA ILE H 253 -6.93 -52.80 -37.06
C ILE H 253 -5.64 -53.49 -36.68
N ALA H 254 -4.54 -52.75 -36.75
CA ALA H 254 -3.29 -53.27 -36.24
C ALA H 254 -2.76 -52.32 -35.19
N PRO H 255 -2.20 -52.80 -34.10
CA PRO H 255 -1.50 -52.03 -33.13
C PRO H 255 -0.17 -51.77 -33.76
N MET H 256 0.53 -50.76 -33.30
CA MET H 256 1.90 -50.57 -33.76
C MET H 256 2.75 -49.95 -32.70
N CYS H 257 4.06 -50.16 -32.79
CA CYS H 257 4.99 -49.57 -31.85
C CYS H 257 4.54 -49.86 -30.43
N THR H 258 4.29 -51.12 -30.13
CA THR H 258 3.76 -51.42 -28.82
C THR H 258 4.83 -51.78 -27.84
N GLU H 259 4.49 -51.57 -26.57
CA GLU H 259 5.34 -51.92 -25.45
C GLU H 259 4.54 -52.49 -24.30
N PHE H 260 5.12 -53.43 -23.57
CA PHE H 260 4.50 -53.95 -22.36
C PHE H 260 5.46 -53.98 -21.18
N ASN H 261 4.92 -53.76 -19.98
CA ASN H 261 5.71 -53.77 -18.75
C ASN H 261 5.00 -54.39 -17.57
N GLY H 262 5.76 -54.94 -16.63
CA GLY H 262 5.09 -55.42 -15.45
C GLY H 262 4.44 -56.78 -15.58
N LEU H 263 5.21 -57.80 -15.94
CA LEU H 263 4.58 -59.09 -16.08
C LEU H 263 3.95 -59.46 -14.75
N ARG H 264 2.70 -59.85 -14.82
CA ARG H 264 1.88 -60.17 -13.66
C ARG H 264 1.16 -61.48 -13.81
N ASN H 265 0.24 -61.72 -12.89
CA ASN H 265 -0.55 -62.92 -12.93
C ASN H 265 -1.48 -62.83 -14.13
N ILE H 266 -1.84 -63.98 -14.66
CA ILE H 266 -2.76 -63.89 -15.82
C ILE H 266 -4.01 -63.20 -15.34
N THR H 267 -4.41 -62.18 -16.08
CA THR H 267 -5.59 -61.46 -15.74
C THR H 267 -6.77 -61.95 -16.49
N VAL H 268 -7.81 -62.28 -15.77
CA VAL H 268 -9.01 -62.71 -16.43
C VAL H 268 -10.12 -61.82 -15.92
N PRO H 269 -10.67 -60.93 -16.77
CA PRO H 269 -11.67 -59.95 -16.45
C PRO H 269 -13.00 -60.65 -16.26
N VAL H 270 -13.92 -59.97 -15.63
CA VAL H 270 -15.26 -60.49 -15.46
C VAL H 270 -15.92 -60.73 -16.82
N HIS H 271 -16.59 -61.91 -16.98
CA HIS H 271 -17.28 -62.32 -18.21
C HIS H 271 -18.69 -61.74 -18.22
N GLY I 1 7.99 1.99 6.94
CA GLY I 1 9.30 2.53 6.66
C GLY I 1 9.24 3.50 5.48
N LEU I 2 9.18 2.96 4.24
CA LEU I 2 9.10 3.71 2.98
C LEU I 2 7.72 4.34 2.76
N PRO I 3 7.58 5.67 2.73
CA PRO I 3 6.31 6.34 2.55
C PRO I 3 5.66 5.93 1.21
N THR I 4 4.38 5.59 1.28
CA THR I 4 3.58 5.11 0.16
C THR I 4 2.16 5.63 0.15
N MET I 5 1.52 5.63 -1.01
CA MET I 5 0.12 6.05 -1.05
C MET I 5 -0.76 5.01 -1.73
N ASN I 6 -1.84 4.57 -1.11
CA ASN I 6 -2.69 3.59 -1.77
C ASN I 6 -3.59 4.32 -2.75
N THR I 7 -3.67 3.81 -3.98
CA THR I 7 -4.46 4.43 -5.04
C THR I 7 -5.85 3.77 -5.15
N PRO I 8 -6.82 4.38 -5.86
CA PRO I 8 -8.11 3.80 -6.15
C PRO I 8 -7.83 2.49 -6.80
N GLY I 9 -8.68 1.51 -6.54
CA GLY I 9 -8.51 0.17 -7.04
C GLY I 9 -7.84 -0.74 -6.00
N SER I 10 -7.31 -0.16 -4.95
CA SER I 10 -6.66 -0.93 -3.89
C SER I 10 -7.67 -1.81 -3.13
N ASN I 11 -7.24 -3.01 -2.75
CA ASN I 11 -8.02 -3.98 -1.99
C ASN I 11 -9.34 -4.37 -2.65
N GLN I 12 -9.29 -4.66 -3.95
CA GLN I 12 -10.44 -5.09 -4.74
C GLN I 12 -10.06 -6.34 -5.47
N PHE I 13 -11.02 -7.18 -5.81
CA PHE I 13 -10.74 -8.36 -6.64
C PHE I 13 -11.26 -8.32 -8.05
N LEU I 14 -10.35 -8.34 -9.01
CA LEU I 14 -10.74 -8.30 -10.40
C LEU I 14 -10.51 -9.68 -11.02
N THR I 15 -11.50 -10.21 -11.71
CA THR I 15 -11.35 -11.56 -12.26
C THR I 15 -10.33 -11.62 -13.40
N SER I 16 -9.99 -10.44 -13.90
CA SER I 16 -9.03 -10.22 -14.97
C SER I 16 -7.61 -9.90 -14.44
N ASP I 17 -7.43 -9.94 -13.13
CA ASP I 17 -6.15 -9.66 -12.49
C ASP I 17 -5.06 -10.57 -12.98
N ASP I 18 -3.84 -10.04 -13.02
CA ASP I 18 -2.69 -10.84 -13.40
C ASP I 18 -1.54 -10.46 -12.47
N PHE I 19 -1.65 -10.92 -11.24
CA PHE I 19 -0.71 -10.58 -10.20
C PHE I 19 -0.12 -11.81 -9.62
N GLN I 20 1.03 -11.63 -9.03
CA GLN I 20 1.73 -12.69 -8.36
C GLN I 20 1.10 -12.95 -7.03
N SER I 21 1.25 -14.17 -6.55
CA SER I 21 0.72 -14.50 -5.24
C SER I 21 1.54 -15.62 -4.62
N PRO I 22 1.61 -15.73 -3.30
CA PRO I 22 2.35 -16.74 -2.60
C PRO I 22 1.80 -18.10 -2.87
N CYS I 23 2.70 -19.06 -2.94
CA CYS I 23 2.34 -20.43 -3.18
C CYS I 23 1.88 -21.11 -1.91
N ALA I 24 0.75 -21.77 -1.99
CA ALA I 24 0.16 -22.49 -0.87
C ALA I 24 0.91 -23.79 -0.59
N LEU I 25 1.64 -24.29 -1.57
CA LEU I 25 2.39 -25.54 -1.50
C LEU I 25 3.87 -25.31 -1.84
N PRO I 26 4.69 -24.71 -0.97
CA PRO I 26 6.05 -24.32 -1.25
C PRO I 26 6.93 -25.47 -1.68
N ASN I 27 7.81 -25.19 -2.65
CA ASN I 27 8.77 -26.15 -3.16
C ASN I 27 8.13 -27.42 -3.68
N PHE I 28 6.96 -27.32 -4.29
CA PHE I 28 6.29 -28.50 -4.82
C PHE I 28 6.88 -28.96 -6.14
N ASP I 29 7.09 -30.25 -6.26
CA ASP I 29 7.60 -30.87 -7.48
C ASP I 29 6.51 -31.11 -8.49
N VAL I 30 6.56 -30.35 -9.57
CA VAL I 30 5.58 -30.47 -10.62
C VAL I 30 6.01 -31.60 -11.53
N THR I 31 5.11 -32.56 -11.70
CA THR I 31 5.38 -33.74 -12.48
C THR I 31 5.87 -33.26 -13.83
N PRO I 32 7.06 -33.68 -14.30
CA PRO I 32 7.66 -33.24 -15.54
C PRO I 32 6.73 -33.44 -16.71
N PRO I 33 6.79 -32.56 -17.70
CA PRO I 33 6.02 -32.61 -18.92
C PRO I 33 6.55 -33.69 -19.82
N ILE I 34 5.70 -34.19 -20.69
CA ILE I 34 6.09 -35.12 -21.73
C ILE I 34 5.56 -34.57 -23.04
N HIS I 35 6.05 -35.08 -24.15
CA HIS I 35 5.52 -34.61 -25.41
C HIS I 35 4.16 -35.20 -25.73
N ILE I 36 3.13 -34.59 -25.16
CA ILE I 36 1.77 -35.04 -25.34
C ILE I 36 1.40 -34.60 -26.74
N PRO I 37 0.88 -35.48 -27.60
CA PRO I 37 0.53 -35.21 -28.97
C PRO I 37 -0.67 -34.30 -29.09
N GLY I 38 -0.76 -33.62 -30.21
CA GLY I 38 -1.96 -32.82 -30.48
C GLY I 38 -2.05 -31.49 -29.75
N GLU I 39 -0.92 -30.89 -29.45
CA GLU I 39 -0.93 -29.61 -28.74
C GLU I 39 -1.67 -28.52 -29.46
N VAL I 40 -2.46 -27.79 -28.70
CA VAL I 40 -3.21 -26.65 -29.15
C VAL I 40 -2.59 -25.45 -28.46
N LYS I 41 -2.30 -24.40 -29.19
CA LYS I 41 -1.76 -23.21 -28.57
C LYS I 41 -2.75 -22.06 -28.63
N ASN I 42 -3.62 -22.09 -29.63
CA ASN I 42 -4.53 -21.00 -29.88
C ASN I 42 -5.90 -21.53 -30.32
N MET I 43 -6.97 -20.89 -29.88
CA MET I 43 -8.32 -21.28 -30.23
C MET I 43 -8.61 -21.13 -31.71
N MET I 44 -7.85 -20.31 -32.39
CA MET I 44 -8.08 -20.11 -33.80
C MET I 44 -7.67 -21.34 -34.58
N GLU I 45 -6.84 -22.18 -33.99
CA GLU I 45 -6.40 -23.40 -34.63
C GLU I 45 -7.60 -24.32 -34.72
N LEU I 46 -8.61 -24.08 -33.90
CA LEU I 46 -9.77 -24.92 -33.93
C LEU I 46 -10.80 -24.25 -34.81
N ALA I 47 -10.77 -22.92 -34.85
CA ALA I 47 -11.70 -22.14 -35.68
C ALA I 47 -11.55 -22.48 -37.16
N GLU I 48 -10.32 -22.82 -37.56
CA GLU I 48 -10.00 -23.15 -38.94
C GLU I 48 -10.35 -24.60 -39.34
N ILE I 49 -10.87 -25.39 -38.42
CA ILE I 49 -11.22 -26.77 -38.76
C ILE I 49 -12.62 -26.83 -39.35
N ASP I 50 -12.77 -27.49 -40.49
CA ASP I 50 -14.08 -27.61 -41.10
C ASP I 50 -15.02 -28.51 -40.32
N THR I 51 -16.18 -27.97 -39.93
CA THR I 51 -17.18 -28.75 -39.21
C THR I 51 -18.49 -28.63 -39.98
N LEU I 52 -19.46 -29.51 -39.73
CA LEU I 52 -20.70 -29.47 -40.49
C LEU I 52 -21.68 -28.41 -40.08
N ILE I 53 -22.40 -27.94 -41.08
CA ILE I 53 -23.44 -26.96 -40.88
C ILE I 53 -24.79 -27.64 -40.76
N PRO I 54 -25.52 -27.48 -39.66
CA PRO I 54 -26.83 -28.05 -39.40
C PRO I 54 -27.85 -27.25 -40.19
N MET I 55 -27.76 -27.38 -41.51
CA MET I 55 -28.54 -26.62 -42.45
C MET I 55 -29.98 -27.05 -42.55
N ASN I 56 -30.26 -28.31 -42.33
CA ASN I 56 -31.61 -28.76 -42.57
C ASN I 56 -32.41 -28.54 -41.31
N ALA I 57 -32.75 -27.28 -41.12
CA ALA I 57 -33.38 -26.75 -39.93
C ALA I 57 -34.90 -26.89 -39.94
N VAL I 58 -35.44 -27.45 -40.99
CA VAL I 58 -36.88 -27.59 -41.12
C VAL I 58 -37.37 -28.45 -39.99
N ASP I 59 -38.49 -28.08 -39.42
CA ASP I 59 -39.03 -28.86 -38.33
C ASP I 59 -39.15 -30.31 -38.75
N GLY I 60 -38.69 -31.17 -37.87
CA GLY I 60 -38.63 -32.61 -38.06
C GLY I 60 -37.24 -33.11 -38.39
N LYS I 61 -36.37 -32.20 -38.79
CA LYS I 61 -34.99 -32.53 -39.10
C LYS I 61 -34.09 -31.87 -38.09
N VAL I 62 -34.71 -31.22 -37.15
CA VAL I 62 -34.01 -30.48 -36.12
C VAL I 62 -33.68 -31.39 -34.98
N ASN I 63 -32.46 -31.29 -34.49
CA ASN I 63 -31.91 -32.10 -33.40
C ASN I 63 -31.91 -33.59 -33.70
N THR I 64 -31.59 -33.92 -34.93
CA THR I 64 -31.45 -35.29 -35.36
C THR I 64 -30.26 -35.41 -36.30
N MET I 65 -29.92 -36.61 -36.74
CA MET I 65 -28.75 -36.75 -37.62
C MET I 65 -28.97 -36.14 -38.98
N GLU I 66 -30.21 -36.16 -39.44
CA GLU I 66 -30.59 -35.66 -40.74
C GLU I 66 -30.42 -34.16 -40.87
N MET I 67 -30.18 -33.49 -39.74
CA MET I 67 -30.03 -32.07 -39.64
C MET I 67 -28.89 -31.56 -40.49
N TYR I 68 -27.94 -32.42 -40.77
CA TYR I 68 -26.80 -31.98 -41.53
C TYR I 68 -26.89 -32.41 -42.98
N GLN I 69 -28.00 -32.99 -43.39
CA GLN I 69 -28.13 -33.52 -44.73
C GLN I 69 -28.99 -32.62 -45.61
N ILE I 70 -28.38 -32.03 -46.63
CA ILE I 70 -29.09 -31.10 -47.49
C ILE I 70 -29.57 -31.85 -48.72
N PRO I 71 -30.87 -31.98 -48.95
CA PRO I 71 -31.41 -32.72 -50.06
C PRO I 71 -31.21 -32.00 -51.37
N LEU I 72 -30.99 -32.78 -52.40
CA LEU I 72 -30.94 -32.35 -53.77
C LEU I 72 -31.76 -33.30 -54.61
N ASN I 73 -32.36 -32.79 -55.67
CA ASN I 73 -33.13 -33.63 -56.56
C ASN I 73 -32.74 -33.34 -57.98
N ASP I 74 -33.03 -34.25 -58.89
CA ASP I 74 -32.77 -33.98 -60.30
C ASP I 74 -33.91 -33.26 -60.98
N ASN I 75 -34.94 -32.92 -60.20
CA ASN I 75 -36.11 -32.21 -60.67
C ASN I 75 -35.74 -30.81 -61.10
N LEU I 76 -36.19 -30.39 -62.27
CA LEU I 76 -35.85 -29.04 -62.66
C LEU I 76 -36.47 -28.04 -61.71
N SER I 77 -35.63 -27.15 -61.23
CA SER I 77 -36.03 -26.12 -60.31
C SER I 77 -35.15 -24.91 -60.43
N LYS I 78 -35.73 -23.74 -60.23
CA LYS I 78 -35.00 -22.49 -60.22
C LYS I 78 -35.06 -21.87 -58.83
N ALA I 79 -35.56 -22.64 -57.89
CA ALA I 79 -35.73 -22.21 -56.52
C ALA I 79 -34.39 -22.12 -55.84
N PRO I 80 -34.22 -21.29 -54.81
CA PRO I 80 -33.08 -21.30 -53.96
C PRO I 80 -33.12 -22.65 -53.31
N ILE I 81 -31.98 -23.20 -52.99
CA ILE I 81 -31.96 -24.45 -52.25
C ILE I 81 -31.15 -24.34 -50.97
N PHE I 82 -30.77 -23.12 -50.61
CA PHE I 82 -29.94 -22.87 -49.45
C PHE I 82 -29.99 -21.41 -49.01
N CYS I 83 -30.28 -21.11 -47.74
CA CYS I 83 -30.29 -19.73 -47.23
C CYS I 83 -29.66 -19.44 -45.85
N LEU I 84 -28.40 -19.00 -45.81
CA LEU I 84 -27.71 -18.66 -44.53
C LEU I 84 -27.63 -17.15 -44.33
N SER I 85 -27.67 -16.71 -43.06
CA SER I 85 -27.57 -15.28 -42.69
C SER I 85 -26.16 -14.86 -42.27
N LEU I 86 -25.25 -15.80 -42.37
CA LEU I 86 -23.80 -15.72 -42.12
C LEU I 86 -23.31 -15.52 -40.72
N SER I 87 -23.90 -14.61 -39.95
CA SER I 87 -23.39 -14.35 -38.60
C SER I 87 -23.06 -15.65 -37.92
N PRO I 88 -21.78 -16.03 -37.85
CA PRO I 88 -21.35 -17.29 -37.31
C PRO I 88 -21.83 -17.56 -35.91
N ALA I 89 -21.94 -16.51 -35.11
CA ALA I 89 -22.35 -16.71 -33.73
C ALA I 89 -23.86 -16.59 -33.50
N SER I 90 -24.56 -15.78 -34.30
CA SER I 90 -25.98 -15.55 -34.03
C SER I 90 -26.97 -16.30 -34.93
N ASP I 91 -26.51 -16.79 -36.07
CA ASP I 91 -27.36 -17.51 -37.00
C ASP I 91 -27.72 -18.83 -36.37
N LYS I 92 -29.00 -19.15 -36.26
CA LYS I 92 -29.39 -20.38 -35.57
C LYS I 92 -28.71 -21.61 -36.15
N ARG I 93 -28.39 -21.58 -37.44
CA ARG I 93 -27.75 -22.69 -38.10
C ARG I 93 -26.24 -22.74 -37.90
N LEU I 94 -25.63 -21.63 -37.55
CA LEU I 94 -24.18 -21.60 -37.44
C LEU I 94 -23.69 -21.53 -36.01
N SER I 95 -24.51 -21.04 -35.11
CA SER I 95 -24.10 -20.79 -33.73
C SER I 95 -23.71 -22.04 -32.98
N HIS I 96 -24.14 -23.19 -33.47
CA HIS I 96 -23.86 -24.47 -32.85
C HIS I 96 -22.74 -25.25 -33.51
N THR I 97 -22.13 -24.67 -34.53
CA THR I 97 -21.02 -25.34 -35.19
C THR I 97 -19.83 -24.99 -34.34
N MET I 98 -18.72 -25.66 -34.52
CA MET I 98 -17.57 -25.28 -33.71
C MET I 98 -17.14 -23.86 -33.96
N LEU I 99 -17.22 -23.38 -35.20
CA LEU I 99 -16.78 -22.01 -35.41
C LEU I 99 -17.70 -21.08 -34.66
N GLY I 100 -19.00 -21.32 -34.76
CA GLY I 100 -19.97 -20.47 -34.10
C GLY I 100 -19.81 -20.52 -32.59
N GLU I 101 -19.54 -21.70 -32.05
CA GLU I 101 -19.43 -21.78 -30.62
C GLU I 101 -18.20 -21.06 -30.17
N ILE I 102 -17.09 -21.15 -30.90
CA ILE I 102 -15.90 -20.43 -30.46
C ILE I 102 -16.24 -18.96 -30.44
N LEU I 103 -16.91 -18.49 -31.48
CA LEU I 103 -17.31 -17.10 -31.53
C LEU I 103 -18.31 -16.73 -30.47
N ASN I 104 -19.04 -17.66 -29.89
CA ASN I 104 -19.94 -17.28 -28.82
C ASN I 104 -19.20 -17.01 -27.51
N TYR I 105 -17.88 -17.10 -27.53
CA TYR I 105 -17.07 -16.69 -26.39
C TYR I 105 -16.41 -15.38 -26.71
N TYR I 106 -16.78 -14.76 -27.83
CA TYR I 106 -16.18 -13.50 -28.19
C TYR I 106 -17.21 -12.44 -28.57
N THR I 107 -16.88 -11.20 -28.35
CA THR I 107 -17.77 -10.09 -28.68
C THR I 107 -17.72 -9.66 -30.12
N HIS I 108 -16.55 -9.75 -30.71
CA HIS I 108 -16.34 -9.28 -32.06
C HIS I 108 -15.46 -10.21 -32.86
N TRP I 109 -15.61 -10.14 -34.17
CA TRP I 109 -14.82 -10.97 -35.05
C TRP I 109 -14.56 -10.37 -36.42
N THR I 110 -13.51 -10.85 -37.05
CA THR I 110 -13.13 -10.45 -38.40
C THR I 110 -12.66 -11.58 -39.27
N GLY I 111 -12.38 -11.26 -40.51
CA GLY I 111 -11.83 -12.21 -41.49
C GLY I 111 -12.84 -12.90 -42.35
N SER I 112 -12.32 -13.55 -43.37
CA SER I 112 -13.09 -14.21 -44.40
C SER I 112 -13.55 -15.57 -43.88
N ILE I 113 -14.69 -16.05 -44.40
CA ILE I 113 -15.22 -17.35 -43.99
C ILE I 113 -15.33 -18.31 -45.16
N ARG I 114 -14.90 -19.55 -44.96
CA ARG I 114 -14.97 -20.52 -46.02
C ARG I 114 -16.08 -21.54 -45.85
N PHE I 115 -16.75 -21.81 -46.94
CA PHE I 115 -17.81 -22.78 -46.98
C PHE I 115 -17.47 -23.90 -47.93
N THR I 116 -17.39 -25.10 -47.40
CA THR I 116 -16.97 -26.22 -48.23
C THR I 116 -18.10 -27.20 -48.38
N PHE I 117 -18.31 -27.66 -49.59
CA PHE I 117 -19.39 -28.61 -49.80
C PHE I 117 -18.90 -29.91 -50.37
N LEU I 118 -19.58 -31.00 -49.98
CA LEU I 118 -19.30 -32.36 -50.44
C LEU I 118 -20.54 -33.01 -51.02
N PHE I 119 -20.43 -33.52 -52.24
CA PHE I 119 -21.57 -34.18 -52.87
C PHE I 119 -21.53 -35.65 -52.52
N CYS I 120 -22.62 -36.20 -51.98
CA CYS I 120 -22.66 -37.61 -51.59
C CYS I 120 -23.73 -38.41 -52.33
N GLY I 121 -23.93 -38.05 -53.58
CA GLY I 121 -24.92 -38.72 -54.42
C GLY I 121 -24.28 -39.90 -55.12
N SER I 122 -24.87 -40.39 -56.20
CA SER I 122 -24.29 -41.53 -56.89
C SER I 122 -23.06 -41.06 -57.63
N MET I 123 -22.20 -42.01 -58.03
CA MET I 123 -21.01 -41.68 -58.79
C MET I 123 -21.44 -41.34 -60.20
N MET I 124 -22.55 -41.93 -60.55
CA MET I 124 -23.16 -41.83 -61.85
C MET I 124 -23.77 -40.46 -62.16
N ALA I 125 -24.27 -39.77 -61.14
CA ALA I 125 -24.91 -38.46 -61.35
C ALA I 125 -23.88 -37.35 -61.50
N THR I 126 -24.21 -36.37 -62.33
CA THR I 126 -23.39 -35.17 -62.55
C THR I 126 -24.22 -33.89 -62.61
N GLY I 127 -23.57 -32.75 -62.78
CA GLY I 127 -24.28 -31.47 -62.84
C GLY I 127 -23.46 -30.35 -62.24
N LYS I 128 -24.05 -29.16 -62.19
CA LYS I 128 -23.36 -27.98 -61.69
C LYS I 128 -24.21 -27.15 -60.73
N LEU I 129 -23.59 -26.71 -59.65
CA LEU I 129 -24.25 -25.85 -58.66
C LEU I 129 -23.63 -24.47 -58.55
N LEU I 130 -24.47 -23.48 -58.30
CA LEU I 130 -24.03 -22.12 -58.07
C LEU I 130 -23.96 -21.79 -56.61
N LEU I 131 -22.77 -21.51 -56.12
CA LEU I 131 -22.58 -21.16 -54.72
C LEU I 131 -22.30 -19.69 -54.66
N SER I 132 -23.08 -18.95 -53.88
CA SER I 132 -22.91 -17.52 -53.91
C SER I 132 -23.08 -16.71 -52.64
N TYR I 133 -22.21 -15.72 -52.51
CA TYR I 133 -22.26 -14.77 -51.43
C TYR I 133 -22.59 -13.37 -51.90
N SER I 134 -23.63 -12.84 -51.30
CA SER I 134 -24.09 -11.51 -51.62
C SER I 134 -23.92 -10.60 -50.42
N PRO I 135 -23.17 -9.51 -50.54
CA PRO I 135 -22.97 -8.53 -49.50
C PRO I 135 -24.34 -8.00 -49.03
N PRO I 136 -24.43 -7.53 -47.80
CA PRO I 136 -25.59 -7.02 -47.09
C PRO I 136 -26.08 -5.72 -47.63
N GLY I 137 -27.25 -5.28 -47.11
CA GLY I 137 -27.85 -4.02 -47.51
C GLY I 137 -28.53 -4.16 -48.86
N ALA I 138 -28.99 -5.36 -49.16
CA ALA I 138 -29.60 -5.64 -50.43
C ALA I 138 -30.71 -6.63 -50.34
N LYS I 139 -31.56 -6.60 -51.34
CA LYS I 139 -32.65 -7.52 -51.41
C LYS I 139 -32.07 -8.91 -51.38
N PRO I 140 -32.60 -9.85 -50.60
CA PRO I 140 -32.13 -11.20 -50.54
C PRO I 140 -32.12 -11.76 -51.94
N PRO I 141 -31.24 -12.69 -52.25
CA PRO I 141 -31.07 -13.29 -53.54
C PRO I 141 -32.26 -14.19 -53.84
N THR I 142 -33.31 -13.56 -54.32
CA THR I 142 -34.58 -14.18 -54.64
C THR I 142 -34.42 -15.24 -55.71
N ASN I 143 -33.59 -14.96 -56.68
CA ASN I 143 -33.39 -15.88 -57.77
C ASN I 143 -31.94 -16.04 -58.18
N ARG I 144 -31.72 -16.88 -59.18
CA ARG I 144 -30.39 -17.17 -59.64
C ARG I 144 -29.73 -15.92 -60.18
N LYS I 145 -30.48 -15.04 -60.82
CA LYS I 145 -29.90 -13.84 -61.38
C LYS I 145 -29.19 -13.04 -60.30
N ASP I 146 -29.83 -12.85 -59.16
CA ASP I 146 -29.20 -12.05 -58.13
C ASP I 146 -27.99 -12.77 -57.57
N ALA I 147 -28.09 -14.08 -57.47
CA ALA I 147 -26.98 -14.85 -56.97
C ALA I 147 -25.76 -14.69 -57.90
N MET I 148 -26.02 -14.60 -59.21
CA MET I 148 -24.97 -14.44 -60.22
C MET I 148 -24.34 -13.06 -60.14
N LEU I 149 -25.10 -12.06 -59.73
CA LEU I 149 -24.53 -10.71 -59.63
C LEU I 149 -23.49 -10.63 -58.52
N GLY I 150 -23.68 -11.41 -57.46
CA GLY I 150 -22.76 -11.36 -56.32
C GLY I 150 -21.51 -12.23 -56.53
N THR I 151 -20.80 -12.54 -55.45
CA THR I 151 -19.56 -13.30 -55.56
C THR I 151 -19.87 -14.76 -55.64
N HIS I 152 -19.38 -15.42 -56.66
CA HIS I 152 -19.77 -16.80 -56.77
C HIS I 152 -18.84 -17.69 -57.51
N ILE I 153 -19.02 -18.98 -57.28
CA ILE I 153 -18.30 -19.99 -58.03
C ILE I 153 -19.26 -21.03 -58.57
N ILE I 154 -18.82 -21.74 -59.58
CA ILE I 154 -19.61 -22.85 -60.07
C ILE I 154 -18.90 -24.13 -59.75
N TRP I 155 -19.61 -25.01 -59.10
CA TRP I 155 -19.08 -26.28 -58.72
C TRP I 155 -19.51 -27.35 -59.68
N ASP I 156 -18.57 -27.81 -60.47
CA ASP I 156 -18.80 -28.79 -61.50
C ASP I 156 -18.53 -30.15 -60.89
N LEU I 157 -19.59 -30.94 -60.68
CA LEU I 157 -19.45 -32.20 -59.98
C LEU I 157 -18.65 -33.21 -60.80
N GLY I 158 -17.72 -33.88 -60.13
CA GLY I 158 -16.86 -34.86 -60.79
C GLY I 158 -16.05 -35.63 -59.75
N LEU I 159 -14.79 -35.94 -60.09
CA LEU I 159 -13.92 -36.67 -59.17
C LEU I 159 -13.62 -35.85 -57.94
N GLN I 160 -13.40 -34.57 -58.13
CA GLN I 160 -13.07 -33.78 -56.98
C GLN I 160 -14.41 -33.49 -56.35
N SER I 161 -14.75 -34.36 -55.41
CA SER I 161 -16.03 -34.45 -54.75
C SER I 161 -16.42 -33.26 -53.91
N SER I 162 -15.47 -32.37 -53.62
CA SER I 162 -15.78 -31.21 -52.82
C SER I 162 -15.35 -29.91 -53.49
N CYS I 163 -15.85 -28.81 -52.96
CA CYS I 163 -15.40 -27.51 -53.43
C CYS I 163 -15.47 -26.48 -52.35
N SER I 164 -14.77 -25.38 -52.53
CA SER I 164 -14.85 -24.35 -51.53
C SER I 164 -15.17 -22.99 -52.07
N MET I 165 -16.16 -22.38 -51.45
CA MET I 165 -16.58 -21.03 -51.76
C MET I 165 -16.10 -20.16 -50.63
N VAL I 166 -15.59 -19.00 -50.94
CA VAL I 166 -15.16 -18.12 -49.88
C VAL I 166 -15.92 -16.84 -49.93
N ALA I 167 -16.41 -16.44 -48.76
CA ALA I 167 -17.12 -15.20 -48.56
C ALA I 167 -16.10 -14.26 -47.94
N PRO I 168 -15.44 -13.38 -48.74
CA PRO I 168 -14.35 -12.54 -48.34
C PRO I 168 -14.78 -11.57 -47.29
N TRP I 169 -13.86 -11.07 -46.51
CA TRP I 169 -14.22 -10.11 -45.48
C TRP I 169 -14.55 -8.75 -45.97
N ILE I 170 -15.75 -8.59 -46.46
CA ILE I 170 -16.17 -7.31 -46.95
C ILE I 170 -17.04 -6.74 -45.88
N SER I 171 -16.58 -5.70 -45.27
CA SER I 171 -17.26 -5.12 -44.14
C SER I 171 -16.96 -3.67 -44.06
N ASN I 172 -17.91 -2.87 -43.62
CA ASN I 172 -17.59 -1.46 -43.44
C ASN I 172 -16.80 -1.32 -42.17
N THR I 173 -17.16 -2.11 -41.20
CA THR I 173 -16.47 -2.07 -39.94
C THR I 173 -15.26 -2.94 -40.06
N VAL I 174 -14.32 -2.75 -39.14
CA VAL I 174 -13.13 -3.56 -39.14
C VAL I 174 -13.53 -4.91 -38.62
N TYR I 175 -14.30 -4.86 -37.54
CA TYR I 175 -14.81 -6.04 -36.89
C TYR I 175 -16.32 -5.98 -36.82
N ARG I 176 -16.96 -7.11 -36.84
CA ARG I 176 -18.39 -7.13 -36.68
C ARG I 176 -18.71 -7.71 -35.33
N ARG I 177 -19.89 -7.40 -34.81
CA ARG I 177 -20.28 -7.97 -33.54
C ARG I 177 -20.66 -9.41 -33.76
N CYS I 178 -20.40 -10.24 -32.76
CA CYS I 178 -20.84 -11.63 -32.79
C CYS I 178 -22.35 -11.69 -32.54
N ALA I 179 -22.83 -10.69 -31.84
CA ALA I 179 -24.20 -10.49 -31.42
C ALA I 179 -25.09 -10.20 -32.60
N ARG I 180 -26.39 -10.45 -32.49
CA ARG I 180 -27.29 -10.16 -33.59
C ARG I 180 -27.58 -8.69 -33.72
N ASP I 181 -26.60 -8.03 -34.28
CA ASP I 181 -26.56 -6.62 -34.52
C ASP I 181 -27.03 -6.30 -35.92
N ASP I 182 -28.20 -5.68 -36.04
CA ASP I 182 -28.77 -5.41 -37.35
C ASP I 182 -27.85 -4.48 -38.17
N PHE I 183 -27.01 -3.72 -37.49
CA PHE I 183 -26.06 -2.81 -38.10
C PHE I 183 -25.01 -3.54 -38.90
N THR I 184 -24.50 -4.65 -38.37
CA THR I 184 -23.45 -5.38 -39.02
C THR I 184 -24.03 -6.64 -39.63
N GLU I 185 -24.90 -6.42 -40.61
CA GLU I 185 -25.60 -7.46 -41.32
C GLU I 185 -24.60 -8.37 -42.00
N GLY I 186 -24.82 -9.68 -41.91
CA GLY I 186 -23.91 -10.66 -42.49
C GLY I 186 -23.81 -10.66 -44.01
N GLY I 187 -24.95 -10.46 -44.67
CA GLY I 187 -25.11 -10.60 -46.11
C GLY I 187 -25.83 -11.91 -46.30
N PHE I 188 -25.78 -12.48 -47.49
CA PHE I 188 -26.54 -13.68 -47.72
C PHE I 188 -25.71 -14.76 -48.38
N ILE I 189 -25.85 -16.00 -47.94
CA ILE I 189 -25.26 -17.12 -48.69
C ILE I 189 -26.32 -17.99 -49.21
N THR I 190 -26.28 -18.19 -50.51
CA THR I 190 -27.28 -19.01 -51.13
C THR I 190 -26.74 -19.97 -52.15
N CYS I 191 -27.64 -20.74 -52.71
CA CYS I 191 -27.31 -21.70 -53.75
C CYS I 191 -28.46 -21.98 -54.68
N PHE I 192 -28.12 -22.02 -55.95
CA PHE I 192 -29.05 -22.32 -57.03
C PHE I 192 -28.50 -23.38 -57.93
N TYR I 193 -29.35 -24.10 -58.62
CA TYR I 193 -28.79 -25.01 -59.56
C TYR I 193 -28.27 -24.22 -60.74
N GLN I 194 -27.10 -24.58 -61.25
CA GLN I 194 -26.59 -23.94 -62.45
C GLN I 194 -27.23 -24.66 -63.59
N THR I 195 -27.45 -25.95 -63.35
CA THR I 195 -28.11 -26.85 -64.28
C THR I 195 -28.76 -27.96 -63.48
N ARG I 196 -29.78 -28.57 -64.03
CA ARG I 196 -30.45 -29.68 -63.38
C ARG I 196 -29.46 -30.81 -63.18
N ILE I 197 -29.56 -31.51 -62.06
CA ILE I 197 -28.65 -32.61 -61.86
C ILE I 197 -29.03 -33.66 -62.87
N VAL I 198 -28.04 -34.16 -63.55
CA VAL I 198 -28.23 -35.14 -64.57
C VAL I 198 -28.06 -36.49 -63.96
N VAL I 199 -29.13 -37.26 -64.01
CA VAL I 199 -29.11 -38.55 -63.40
C VAL I 199 -29.48 -39.58 -64.45
N PRO I 200 -28.63 -40.58 -64.72
CA PRO I 200 -28.86 -41.64 -65.66
C PRO I 200 -29.87 -42.59 -65.08
N ALA I 201 -30.38 -43.47 -65.91
CA ALA I 201 -31.36 -44.43 -65.45
C ALA I 201 -30.77 -45.36 -64.41
N SER I 202 -31.67 -45.83 -63.55
CA SER I 202 -31.40 -46.77 -62.48
C SER I 202 -30.39 -46.34 -61.43
N THR I 203 -30.49 -45.10 -61.00
CA THR I 203 -29.69 -44.58 -59.91
C THR I 203 -30.71 -43.87 -59.04
N PRO I 204 -30.39 -43.49 -57.81
CA PRO I 204 -31.20 -42.62 -57.00
C PRO I 204 -31.33 -41.29 -57.73
N THR I 205 -32.47 -40.62 -57.55
CA THR I 205 -32.76 -39.32 -58.16
C THR I 205 -32.83 -38.23 -57.10
N SER I 206 -32.56 -38.66 -55.88
CA SER I 206 -32.57 -37.84 -54.69
C SER I 206 -31.35 -38.18 -53.90
N MET I 207 -30.56 -37.17 -53.65
CA MET I 207 -29.27 -37.31 -53.04
C MET I 207 -28.97 -36.22 -52.04
N PHE I 208 -27.91 -36.42 -51.27
CA PHE I 208 -27.56 -35.40 -50.29
C PHE I 208 -26.22 -34.78 -50.47
N MET I 209 -26.17 -33.54 -50.04
CA MET I 209 -24.98 -32.73 -49.94
C MET I 209 -24.68 -32.40 -48.48
N LEU I 210 -23.40 -32.38 -48.14
CA LEU I 210 -23.01 -31.96 -46.81
C LEU I 210 -22.32 -30.62 -46.95
N GLY I 211 -22.49 -29.74 -45.96
CA GLY I 211 -21.79 -28.47 -46.02
C GLY I 211 -21.00 -28.27 -44.76
N PHE I 212 -19.89 -27.59 -44.89
CA PHE I 212 -18.98 -27.30 -43.81
C PHE I 212 -18.65 -25.84 -43.71
N VAL I 213 -18.37 -25.40 -42.50
CA VAL I 213 -17.95 -24.03 -42.27
C VAL I 213 -16.66 -23.96 -41.48
N SER I 214 -15.77 -23.06 -41.89
CA SER I 214 -14.51 -22.84 -41.20
C SER I 214 -13.95 -21.44 -41.38
N ALA I 215 -13.08 -21.06 -40.46
CA ALA I 215 -12.37 -19.80 -40.56
C ALA I 215 -11.29 -19.81 -41.63
N CYS I 216 -11.06 -18.66 -42.27
CA CYS I 216 -9.95 -18.51 -43.18
C CYS I 216 -8.75 -18.03 -42.36
N PRO I 217 -7.51 -18.12 -42.85
CA PRO I 217 -6.30 -17.65 -42.18
C PRO I 217 -6.24 -16.17 -41.78
N ASP I 218 -7.11 -15.30 -42.33
CA ASP I 218 -7.08 -13.89 -41.95
C ASP I 218 -8.05 -13.60 -40.80
N PHE I 219 -8.70 -14.65 -40.30
CA PHE I 219 -9.69 -14.64 -39.23
C PHE I 219 -9.15 -14.41 -37.85
N SER I 220 -9.88 -13.63 -37.07
CA SER I 220 -9.52 -13.44 -35.67
C SER I 220 -10.72 -12.99 -34.84
N VAL I 221 -10.53 -13.01 -33.53
CA VAL I 221 -11.55 -12.62 -32.57
C VAL I 221 -11.01 -11.61 -31.60
N ARG I 222 -11.91 -10.92 -30.90
CA ARG I 222 -11.45 -9.93 -29.91
C ARG I 222 -11.79 -10.29 -28.46
N LEU I 223 -12.60 -9.46 -27.78
CA LEU I 223 -12.87 -9.65 -26.36
C LEU I 223 -13.62 -10.91 -26.06
N LEU I 224 -13.22 -11.53 -24.98
CA LEU I 224 -13.82 -12.74 -24.47
C LEU I 224 -15.14 -12.40 -23.75
N ARG I 225 -16.19 -13.24 -23.89
CA ARG I 225 -17.47 -13.07 -23.21
C ARG I 225 -18.10 -14.40 -22.83
N ASP I 226 -19.05 -14.38 -21.89
CA ASP I 226 -19.77 -15.61 -21.56
C ASP I 226 -20.63 -16.06 -22.73
N THR I 227 -20.69 -17.37 -22.96
CA THR I 227 -21.53 -17.95 -24.01
C THR I 227 -22.94 -18.14 -23.48
N PRO I 228 -23.98 -17.84 -24.24
CA PRO I 228 -25.38 -17.99 -23.90
C PRO I 228 -25.90 -19.39 -24.11
N HIS I 229 -25.05 -20.32 -24.50
CA HIS I 229 -25.54 -21.64 -24.81
C HIS I 229 -25.52 -22.61 -23.66
N ILE I 230 -25.08 -22.18 -22.49
CA ILE I 230 -25.07 -23.10 -21.38
C ILE I 230 -25.69 -22.43 -20.18
N SER I 231 -26.38 -23.22 -19.37
CA SER I 231 -27.04 -22.75 -18.18
C SER I 231 -27.16 -23.83 -17.13
N GLN I 232 -27.63 -23.43 -15.97
CA GLN I 232 -27.81 -24.34 -14.88
C GLN I 232 -28.78 -23.80 -13.87
N SER I 233 -29.24 -24.66 -12.97
CA SER I 233 -30.08 -24.20 -11.88
C SER I 233 -29.18 -23.46 -10.89
N LYS I 234 -29.78 -22.64 -10.01
CA LYS I 234 -29.08 -21.84 -9.00
C LYS I 234 -28.35 -22.72 -7.98
N GLY J 2 16.97 -7.49 -10.63
CA GLY J 2 16.85 -8.58 -11.58
C GLY J 2 15.54 -8.57 -12.39
N ALA J 3 15.02 -7.37 -12.70
CA ALA J 3 13.78 -7.13 -13.47
C ALA J 3 13.92 -7.49 -14.92
N GLN J 4 12.86 -8.00 -15.47
CA GLN J 4 12.82 -8.30 -16.87
C GLN J 4 11.91 -7.29 -17.50
N VAL J 5 12.08 -7.05 -18.78
CA VAL J 5 11.19 -6.14 -19.45
C VAL J 5 10.63 -6.70 -20.73
N SER J 6 9.50 -6.16 -21.16
CA SER J 6 8.91 -6.56 -22.43
C SER J 6 8.08 -5.45 -23.04
N THR J 7 7.76 -5.59 -24.30
CA THR J 7 6.94 -4.63 -24.99
C THR J 7 5.50 -4.70 -24.45
N GLN J 8 4.90 -3.54 -24.19
CA GLN J 8 3.50 -3.49 -23.76
C GLN J 8 2.61 -3.57 -24.98
N LYS J 9 1.40 -4.06 -24.82
CA LYS J 9 0.52 -4.09 -25.96
C LYS J 9 0.11 -2.66 -26.25
N THR J 10 -0.05 -2.30 -27.51
CA THR J 10 -0.38 -0.92 -27.81
C THR J 10 -1.80 -0.53 -27.41
N GLY J 11 -2.01 0.79 -27.32
CA GLY J 11 -3.28 1.38 -26.94
C GLY J 11 -3.72 2.48 -27.89
N ALA J 12 -4.67 3.28 -27.45
CA ALA J 12 -5.29 4.27 -28.34
C ALA J 12 -4.36 5.33 -28.92
N HIS J 13 -3.42 5.81 -28.13
CA HIS J 13 -2.54 6.88 -28.55
C HIS J 13 -1.19 6.34 -28.95
N GLU J 14 -1.12 5.04 -29.09
CA GLU J 14 0.14 4.44 -29.37
C GLU J 14 0.45 4.39 -30.84
N ASN J 15 1.59 3.83 -31.11
CA ASN J 15 2.16 3.72 -32.42
C ASN J 15 1.50 2.63 -33.23
N GLN J 16 2.07 2.39 -34.40
CA GLN J 16 1.52 1.47 -35.33
C GLN J 16 1.73 0.10 -34.76
N ASN J 17 1.28 -0.90 -35.48
CA ASN J 17 1.27 -2.26 -35.00
C ASN J 17 2.65 -2.89 -34.91
N VAL J 18 3.64 -2.14 -35.37
CA VAL J 18 5.02 -2.54 -35.30
C VAL J 18 5.48 -2.55 -33.85
N ALA J 19 4.89 -1.67 -33.02
CA ALA J 19 5.18 -1.52 -31.60
C ALA J 19 6.65 -1.26 -31.31
N ALA J 20 7.39 -0.85 -32.33
CA ALA J 20 8.81 -0.58 -32.27
C ALA J 20 9.14 0.88 -32.08
N ASN J 21 8.13 1.72 -32.12
CA ASN J 21 8.35 3.15 -32.03
C ASN J 21 8.08 3.75 -30.65
N GLY J 22 9.14 3.99 -29.91
CA GLY J 22 9.05 4.52 -28.54
C GLY J 22 9.45 3.50 -27.48
N SER J 23 10.42 3.90 -26.67
CA SER J 23 11.00 3.10 -25.57
C SER J 23 10.09 3.17 -24.36
N THR J 24 9.08 4.00 -24.50
CA THR J 24 8.11 4.28 -23.50
C THR J 24 7.05 3.17 -23.41
N ILE J 25 7.02 2.29 -24.41
CA ILE J 25 6.11 1.17 -24.39
C ILE J 25 6.93 0.06 -23.76
N ASN J 26 6.76 -0.15 -22.47
CA ASN J 26 7.70 -0.99 -21.75
C ASN J 26 7.23 -1.50 -20.40
N TYR J 27 6.76 -2.75 -20.31
CA TYR J 27 6.31 -3.17 -18.95
C TYR J 27 7.41 -3.96 -18.26
N THR J 28 7.65 -3.53 -17.04
CA THR J 28 8.76 -4.01 -16.21
C THR J 28 8.27 -4.90 -15.10
N THR J 29 8.90 -6.05 -14.92
CA THR J 29 8.47 -6.96 -13.87
C THR J 29 9.54 -7.75 -13.16
N ILE J 30 9.30 -7.98 -11.87
CA ILE J 30 10.14 -8.74 -10.96
C ILE J 30 9.33 -9.83 -10.30
N ASN J 31 9.82 -11.05 -10.29
CA ASN J 31 9.11 -12.12 -9.59
C ASN J 31 9.51 -12.05 -8.11
N TYR J 32 8.54 -12.17 -7.21
CA TYR J 32 8.79 -12.05 -5.78
C TYR J 32 8.70 -13.34 -4.98
N TYR J 33 8.52 -14.47 -5.64
CA TYR J 33 8.33 -15.72 -4.95
C TYR J 33 9.28 -16.79 -5.46
N LYS J 34 9.58 -17.79 -4.63
CA LYS J 34 10.49 -18.86 -5.06
C LYS J 34 9.90 -19.90 -5.99
N ASP J 35 8.60 -20.08 -5.97
CA ASP J 35 7.94 -21.06 -6.82
C ASP J 35 7.49 -20.35 -8.07
N SER J 36 7.84 -20.82 -9.27
CA SER J 36 7.42 -20.07 -10.46
C SER J 36 5.90 -20.12 -10.67
N ALA J 37 5.21 -21.01 -9.97
CA ALA J 37 3.76 -21.13 -10.02
C ALA J 37 3.11 -19.84 -9.50
N SER J 38 3.88 -19.04 -8.76
CA SER J 38 3.45 -17.80 -8.19
C SER J 38 3.60 -16.63 -9.14
N ASN J 39 4.25 -16.85 -10.27
CA ASN J 39 4.49 -15.79 -11.25
C ASN J 39 3.24 -15.45 -11.98
N SER J 40 3.20 -14.25 -12.53
CA SER J 40 2.08 -13.80 -13.33
C SER J 40 2.10 -14.59 -14.61
N ALA J 41 1.03 -14.47 -15.40
CA ALA J 41 0.87 -15.24 -16.63
C ALA J 41 1.98 -14.98 -17.64
N THR J 42 2.17 -15.96 -18.52
CA THR J 42 3.20 -15.93 -19.54
C THR J 42 2.93 -14.93 -20.64
N ARG J 43 3.96 -14.72 -21.44
CA ARG J 43 3.90 -13.83 -22.59
C ARG J 43 3.02 -14.46 -23.62
N GLN J 44 2.28 -13.64 -24.36
CA GLN J 44 1.45 -14.20 -25.40
C GLN J 44 2.28 -15.04 -26.33
N ASP J 45 1.80 -16.22 -26.64
CA ASP J 45 2.48 -17.08 -27.58
C ASP J 45 1.60 -17.18 -28.79
N LEU J 46 2.01 -16.53 -29.84
CA LEU J 46 1.24 -16.44 -31.06
C LEU J 46 1.66 -17.49 -32.07
N SER J 47 2.54 -18.39 -31.65
CA SER J 47 2.95 -19.47 -32.52
C SER J 47 1.76 -20.36 -32.77
N GLN J 48 1.56 -20.73 -34.02
CA GLN J 48 0.43 -21.55 -34.41
C GLN J 48 0.85 -22.62 -35.38
N ASP J 49 0.17 -23.73 -35.34
CA ASP J 49 0.40 -24.83 -36.25
C ASP J 49 -0.92 -25.52 -36.51
N PRO J 50 -1.73 -25.02 -37.45
CA PRO J 50 -3.04 -25.54 -37.75
C PRO J 50 -2.99 -26.85 -38.50
N SER J 51 -1.85 -27.20 -39.08
CA SER J 51 -1.81 -28.39 -39.95
C SER J 51 -2.10 -29.65 -39.19
N LYS J 52 -1.81 -29.63 -37.90
CA LYS J 52 -2.05 -30.77 -37.05
C LYS J 52 -3.51 -31.16 -37.05
N PHE J 53 -4.38 -30.19 -37.23
CA PHE J 53 -5.77 -30.48 -37.16
C PHE J 53 -6.47 -30.29 -38.50
N THR J 54 -5.92 -29.45 -39.38
CA THR J 54 -6.60 -29.16 -40.64
C THR J 54 -6.00 -29.86 -41.84
N GLU J 55 -4.76 -30.30 -41.76
CA GLU J 55 -4.15 -30.97 -42.87
C GLU J 55 -3.18 -32.07 -42.44
N PRO J 56 -3.54 -32.99 -41.53
CA PRO J 56 -2.67 -34.06 -41.08
C PRO J 56 -2.62 -35.22 -42.07
N VAL J 57 -2.20 -34.92 -43.28
CA VAL J 57 -2.20 -35.88 -44.36
C VAL J 57 -0.80 -36.43 -44.53
N LYS J 58 -0.68 -37.75 -44.58
CA LYS J 58 0.63 -38.36 -44.70
C LYS J 58 1.29 -37.99 -46.02
N ASP J 59 0.49 -37.96 -47.07
CA ASP J 59 0.91 -37.63 -48.40
C ASP J 59 1.15 -36.15 -48.49
N LEU J 60 1.98 -35.71 -49.43
CA LEU J 60 2.08 -34.28 -49.57
C LEU J 60 0.97 -33.77 -50.43
N MET J 61 0.12 -32.96 -49.83
CA MET J 61 -1.02 -32.43 -50.55
C MET J 61 -0.76 -30.98 -50.85
N LEU J 62 -1.05 -30.59 -52.07
CA LEU J 62 -0.89 -29.22 -52.50
C LEU J 62 -2.26 -28.63 -52.70
N LYS J 63 -2.42 -27.32 -52.51
CA LYS J 63 -3.76 -26.78 -52.73
C LYS J 63 -4.16 -26.68 -54.20
N THR J 64 -3.20 -26.59 -55.12
CA THR J 64 -3.56 -26.44 -56.51
C THR J 64 -3.73 -27.75 -57.23
N ALA J 65 -3.06 -28.76 -56.70
CA ALA J 65 -3.12 -30.08 -57.24
C ALA J 65 -4.50 -30.59 -56.94
N PRO J 66 -5.07 -31.47 -57.73
CA PRO J 66 -6.33 -32.06 -57.38
C PRO J 66 -6.10 -32.78 -56.09
N ALA J 67 -7.05 -32.69 -55.16
CA ALA J 67 -6.88 -33.39 -53.89
C ALA J 67 -6.78 -34.85 -54.14
N LEU J 68 -7.52 -35.32 -55.12
CA LEU J 68 -7.54 -36.72 -55.47
C LEU J 68 -6.73 -36.94 -56.74
N ASN J 69 -5.60 -37.69 -56.60
CA ASN J 69 -4.54 -38.06 -57.56
C ASN J 69 -3.26 -37.40 -57.07
N VAL K 16 22.69 -20.84 -9.89
CA VAL K 16 21.86 -21.15 -11.07
C VAL K 16 22.03 -22.63 -11.60
N SER K 17 22.66 -23.51 -10.79
CA SER K 17 22.89 -24.94 -11.07
C SER K 17 21.62 -25.75 -11.00
N GLN K 18 21.54 -26.80 -11.79
CA GLN K 18 20.40 -27.70 -11.71
C GLN K 18 20.52 -28.48 -10.42
N PRO K 19 19.46 -28.64 -9.60
CA PRO K 19 19.49 -29.41 -8.39
C PRO K 19 19.62 -30.88 -8.76
N PRO K 20 20.21 -31.71 -7.90
CA PRO K 20 20.34 -33.14 -8.10
C PRO K 20 19.02 -33.84 -7.98
N SER K 21 18.88 -34.91 -8.73
CA SER K 21 17.74 -35.80 -8.74
C SER K 21 17.97 -37.06 -7.92
N THR K 22 16.91 -37.84 -7.75
CA THR K 22 17.02 -39.09 -7.04
C THR K 22 17.69 -40.06 -7.98
N GLN K 23 18.08 -41.21 -7.48
CA GLN K 23 18.88 -42.11 -8.30
C GLN K 23 18.24 -42.56 -9.61
N SER K 24 18.99 -42.39 -10.70
CA SER K 24 18.60 -42.81 -12.04
C SER K 24 18.87 -44.29 -12.27
N THR K 25 18.30 -44.85 -13.34
CA THR K 25 18.54 -46.26 -13.61
C THR K 25 19.28 -46.53 -14.90
N GLU K 26 20.34 -47.33 -14.81
CA GLU K 26 21.08 -47.71 -16.00
C GLU K 26 20.46 -48.95 -16.60
N ALA K 27 20.42 -49.02 -17.93
CA ALA K 27 19.85 -50.21 -18.52
C ALA K 27 20.70 -51.36 -18.08
N THR K 28 20.05 -52.44 -17.64
CA THR K 28 20.78 -53.58 -17.15
C THR K 28 20.23 -54.90 -17.66
N SER K 29 21.12 -55.77 -18.14
CA SER K 29 20.78 -57.10 -18.63
C SER K 29 20.63 -58.05 -17.48
N GLY K 30 20.11 -59.24 -17.74
CA GLY K 30 20.07 -60.21 -16.68
C GLY K 30 21.49 -60.72 -16.52
N VAL K 31 21.80 -61.34 -15.39
CA VAL K 31 23.13 -61.89 -15.18
C VAL K 31 23.11 -63.29 -14.59
N ASN K 32 24.23 -63.98 -14.72
CA ASN K 32 24.50 -65.28 -14.13
C ASN K 32 25.70 -65.18 -13.20
N SER K 33 25.81 -64.02 -12.58
CA SER K 33 26.90 -63.65 -11.71
C SER K 33 27.02 -64.54 -10.51
N GLN K 34 28.26 -64.77 -10.10
CA GLN K 34 28.53 -65.58 -8.92
C GLN K 34 28.67 -64.67 -7.71
N GLU K 35 28.62 -63.37 -7.95
CA GLU K 35 28.69 -62.31 -6.96
C GLU K 35 27.35 -61.59 -7.05
N VAL K 36 26.43 -61.97 -6.18
CA VAL K 36 25.07 -61.50 -6.27
C VAL K 36 24.67 -60.69 -5.04
N PRO K 37 24.33 -59.39 -5.20
CA PRO K 37 24.04 -58.40 -4.17
C PRO K 37 22.76 -58.71 -3.40
N ALA K 38 21.97 -59.64 -3.90
CA ALA K 38 20.74 -59.99 -3.24
C ALA K 38 21.00 -60.53 -1.85
N LEU K 39 22.12 -61.22 -1.62
CA LEU K 39 22.30 -61.75 -0.28
C LEU K 39 23.23 -60.87 0.49
N THR K 40 22.97 -60.78 1.78
CA THR K 40 23.78 -59.96 2.65
C THR K 40 23.69 -60.44 4.09
N ALA K 41 24.04 -59.58 5.02
CA ALA K 41 23.93 -59.93 6.41
C ALA K 41 23.48 -58.71 7.15
N VAL K 42 22.17 -58.58 7.34
CA VAL K 42 21.58 -57.39 7.95
C VAL K 42 22.03 -57.27 9.38
N GLU K 43 22.54 -58.37 9.93
CA GLU K 43 23.05 -58.47 11.28
C GLU K 43 24.17 -57.49 11.52
N THR K 44 24.82 -57.06 10.46
CA THR K 44 25.92 -56.14 10.55
C THR K 44 25.46 -54.78 10.94
N GLY K 45 24.16 -54.52 10.86
CA GLY K 45 23.62 -53.21 11.16
C GLY K 45 23.47 -52.42 9.89
N ALA K 46 23.87 -53.02 8.77
CA ALA K 46 23.76 -52.34 7.51
C ALA K 46 22.66 -52.92 6.64
N SER K 47 21.91 -52.02 6.04
CA SER K 47 20.86 -52.35 5.09
C SER K 47 21.44 -52.84 3.78
N GLY K 48 20.78 -53.77 3.11
CA GLY K 48 21.23 -54.18 1.78
C GLY K 48 20.97 -52.99 0.89
N GLN K 49 21.72 -52.83 -0.20
CA GLN K 49 21.51 -51.65 -1.04
C GLN K 49 20.93 -51.89 -2.41
N ALA K 50 20.32 -53.04 -2.62
CA ALA K 50 19.81 -53.33 -3.95
C ALA K 50 18.80 -52.31 -4.46
N ILE K 51 18.94 -52.02 -5.72
CA ILE K 51 18.07 -51.13 -6.49
C ILE K 51 17.55 -52.10 -7.54
N PRO K 52 16.41 -51.92 -8.21
CA PRO K 52 15.86 -52.89 -9.14
C PRO K 52 16.84 -53.43 -10.18
N SER K 53 17.82 -52.65 -10.64
CA SER K 53 18.75 -53.16 -11.64
C SER K 53 19.63 -54.30 -11.12
N ASP K 54 19.68 -54.47 -9.81
CA ASP K 54 20.45 -55.51 -9.17
C ASP K 54 19.65 -56.79 -9.02
N VAL K 55 18.35 -56.71 -9.23
CA VAL K 55 17.46 -57.83 -8.99
C VAL K 55 16.85 -58.34 -10.29
N VAL K 56 16.34 -57.41 -11.10
CA VAL K 56 15.65 -57.71 -12.34
C VAL K 56 16.24 -56.95 -13.49
N GLU K 57 15.92 -57.35 -14.70
CA GLU K 57 16.33 -56.59 -15.86
C GLU K 57 15.60 -55.24 -15.86
N THR K 58 16.33 -54.17 -16.16
CA THR K 58 15.75 -52.83 -16.17
C THR K 58 16.09 -52.01 -17.39
N ARG K 59 15.28 -51.01 -17.64
CA ARG K 59 15.54 -50.12 -18.75
C ARG K 59 16.25 -48.91 -18.27
N HIS K 60 16.84 -48.16 -19.17
CA HIS K 60 17.41 -46.92 -18.70
C HIS K 60 16.28 -45.96 -18.39
N VAL K 61 16.38 -45.28 -17.27
CA VAL K 61 15.39 -44.27 -16.91
C VAL K 61 16.05 -42.98 -16.53
N VAL K 62 15.64 -41.89 -17.20
CA VAL K 62 16.20 -40.62 -16.84
C VAL K 62 15.41 -40.09 -15.66
N ASN K 63 16.09 -39.81 -14.59
CA ASN K 63 15.42 -39.38 -13.39
C ASN K 63 15.62 -37.92 -13.07
N TYR K 64 14.56 -37.12 -13.22
CA TYR K 64 14.62 -35.69 -12.91
C TYR K 64 13.80 -35.35 -11.69
N LYS K 65 13.41 -36.37 -10.94
CA LYS K 65 12.59 -36.19 -9.75
C LYS K 65 13.48 -35.77 -8.60
N THR K 66 12.97 -34.96 -7.68
CA THR K 66 13.78 -34.55 -6.53
C THR K 66 13.10 -34.81 -5.21
N ARG K 67 13.82 -34.53 -4.14
CA ARG K 67 13.37 -34.68 -2.76
C ARG K 67 13.18 -33.36 -2.06
N SER K 68 12.70 -32.39 -2.80
CA SER K 68 12.53 -31.04 -2.29
C SER K 68 11.55 -30.94 -1.12
N GLU K 69 10.47 -31.67 -1.18
CA GLU K 69 9.41 -31.56 -0.19
C GLU K 69 9.72 -32.28 1.09
N SER K 70 10.79 -33.02 1.09
CA SER K 70 11.19 -33.79 2.22
C SER K 70 12.41 -33.18 2.87
N CYS K 71 12.82 -32.00 2.43
CA CYS K 71 13.95 -31.36 3.06
C CYS K 71 13.50 -31.00 4.43
N LEU K 72 14.38 -31.00 5.43
CA LEU K 72 13.87 -30.67 6.77
C LEU K 72 13.27 -29.29 6.82
N GLU K 73 13.83 -28.38 6.04
CA GLU K 73 13.35 -27.01 6.00
C GLU K 73 11.91 -26.97 5.47
N SER K 74 11.56 -27.87 4.55
CA SER K 74 10.22 -27.91 3.99
C SER K 74 9.28 -28.66 4.93
N PHE K 75 9.77 -29.73 5.54
CA PHE K 75 8.98 -30.60 6.42
C PHE K 75 8.44 -29.81 7.57
N PHE K 76 9.31 -29.02 8.16
CA PHE K 76 8.99 -28.20 9.29
C PHE K 76 8.69 -26.76 8.89
N GLY K 77 8.38 -26.55 7.62
CA GLY K 77 8.18 -25.21 7.10
C GLY K 77 6.77 -24.66 7.19
N ARG K 78 5.88 -25.30 7.94
CA ARG K 78 4.52 -24.81 8.03
C ARG K 78 4.25 -24.33 9.45
N ALA K 79 3.47 -23.26 9.58
CA ALA K 79 3.07 -22.80 10.90
C ALA K 79 2.03 -23.75 11.42
N ALA K 80 2.04 -23.98 12.71
CA ALA K 80 1.05 -24.86 13.31
C ALA K 80 0.44 -24.22 14.50
N CYS K 81 -0.81 -24.54 14.78
CA CYS K 81 -1.35 -24.00 16.01
C CYS K 81 -0.65 -24.72 17.13
N VAL K 82 -0.14 -23.95 18.08
CA VAL K 82 0.53 -24.53 19.23
C VAL K 82 -0.25 -24.34 20.49
N THR K 83 -1.01 -23.28 20.60
CA THR K 83 -1.79 -23.15 21.82
C THR K 83 -2.96 -22.24 21.62
N ILE K 84 -3.98 -22.39 22.43
CA ILE K 84 -5.08 -21.47 22.38
C ILE K 84 -5.28 -20.83 23.73
N LEU K 85 -5.21 -19.52 23.77
CA LEU K 85 -5.34 -18.82 25.02
C LEU K 85 -6.65 -18.06 25.04
N SER K 86 -7.25 -17.88 26.22
CA SER K 86 -8.47 -17.08 26.26
C SER K 86 -8.50 -16.13 27.44
N LEU K 87 -9.19 -15.02 27.21
CA LEU K 87 -9.34 -13.92 28.15
C LEU K 87 -10.72 -13.25 28.04
N THR K 88 -11.18 -12.66 29.14
CA THR K 88 -12.48 -12.01 29.10
C THR K 88 -12.50 -10.54 29.50
N ASN K 89 -13.11 -9.72 28.65
CA ASN K 89 -13.31 -8.31 28.97
C ASN K 89 -14.71 -8.14 29.51
N SER K 90 -14.81 -7.93 30.80
CA SER K 90 -16.10 -7.84 31.45
C SER K 90 -16.03 -6.93 32.63
N SER K 91 -17.18 -6.57 33.19
CA SER K 91 -17.17 -5.71 34.33
C SER K 91 -18.08 -6.21 35.43
N LYS K 92 -17.53 -7.12 36.22
CA LYS K 92 -18.20 -7.74 37.36
C LYS K 92 -17.13 -7.89 38.42
N SER K 93 -17.52 -7.96 39.69
CA SER K 93 -16.52 -8.03 40.76
C SER K 93 -15.62 -9.26 40.75
N GLY K 94 -16.08 -10.38 40.21
CA GLY K 94 -15.27 -11.58 40.19
C GLY K 94 -14.50 -11.80 38.90
N GLU K 95 -14.54 -10.83 37.99
CA GLU K 95 -13.93 -11.00 36.67
C GLU K 95 -12.54 -10.41 36.43
N GLU K 96 -11.97 -9.68 37.37
CA GLU K 96 -10.67 -9.05 37.08
C GLU K 96 -9.60 -10.05 36.70
N LYS K 97 -9.60 -11.17 37.38
CA LYS K 97 -8.62 -12.22 37.18
C LYS K 97 -8.70 -12.86 35.79
N LYS K 98 -9.83 -12.70 35.12
CA LYS K 98 -10.02 -13.32 33.83
C LYS K 98 -9.63 -12.41 32.70
N HIS K 99 -9.25 -11.18 33.01
CA HIS K 99 -8.95 -10.19 31.99
C HIS K 99 -7.69 -10.52 31.18
N PHE K 100 -6.79 -11.32 31.75
CA PHE K 100 -5.54 -11.63 31.10
C PHE K 100 -5.17 -13.10 31.30
N ASN K 101 -4.32 -13.61 30.43
CA ASN K 101 -3.90 -15.00 30.41
C ASN K 101 -2.40 -15.22 30.38
N ILE K 102 -1.88 -15.92 31.38
CA ILE K 102 -0.45 -16.19 31.42
C ILE K 102 -0.20 -17.62 30.97
N TRP K 103 0.68 -17.80 29.98
CA TRP K 103 0.95 -19.14 29.45
C TRP K 103 2.41 -19.52 29.28
N ASN K 104 2.72 -20.76 29.63
CA ASN K 104 4.08 -21.29 29.52
C ASN K 104 4.45 -21.53 28.09
N ILE K 105 5.62 -21.08 27.68
CA ILE K 105 5.94 -21.34 26.30
C ILE K 105 6.40 -22.76 26.10
N THR K 106 5.70 -23.44 25.22
CA THR K 106 5.96 -24.83 24.91
C THR K 106 5.26 -25.22 23.63
N TYR K 107 5.67 -26.31 23.02
CA TYR K 107 4.96 -26.86 21.88
C TYR K 107 4.17 -28.10 22.27
N THR K 108 4.26 -28.45 23.55
CA THR K 108 3.64 -29.62 24.13
C THR K 108 2.15 -29.63 23.96
N ASP K 109 1.52 -28.48 24.06
CA ASP K 109 0.09 -28.39 24.00
C ASP K 109 -0.56 -29.01 22.76
N THR K 110 0.10 -29.03 21.58
CA THR K 110 -0.58 -29.61 20.42
C THR K 110 0.20 -30.79 19.85
N VAL K 111 -0.53 -31.86 19.61
CA VAL K 111 0.11 -33.08 19.17
C VAL K 111 0.64 -33.14 17.77
N GLN K 112 0.02 -32.48 16.80
CA GLN K 112 0.58 -32.69 15.48
C GLN K 112 2.00 -32.12 15.34
N LEU K 113 2.24 -30.95 15.90
CA LEU K 113 3.57 -30.39 15.78
C LEU K 113 4.52 -31.13 16.64
N ARG K 114 4.09 -31.48 17.85
CA ARG K 114 5.00 -32.15 18.71
C ARG K 114 5.52 -33.41 18.06
N ARG K 115 4.64 -34.18 17.43
CA ARG K 115 5.08 -35.42 16.85
C ARG K 115 6.10 -35.22 15.78
N LYS K 116 5.93 -34.19 14.95
CA LYS K 116 6.92 -33.96 13.92
C LYS K 116 8.28 -33.63 14.54
N LEU K 117 8.29 -32.81 15.59
CA LEU K 117 9.54 -32.44 16.23
C LEU K 117 10.22 -33.64 16.87
N GLU K 118 9.43 -34.56 17.41
CA GLU K 118 9.95 -35.75 18.09
C GLU K 118 10.64 -36.74 17.16
N PHE K 119 10.65 -36.50 15.84
CA PHE K 119 11.44 -37.36 14.96
C PHE K 119 12.90 -37.18 15.23
N PHE K 120 13.30 -36.08 15.86
CA PHE K 120 14.70 -35.82 16.10
C PHE K 120 15.01 -35.70 17.57
N THR K 121 16.24 -35.98 17.95
CA THR K 121 16.55 -35.86 19.35
C THR K 121 16.91 -34.42 19.65
N TYR K 122 17.61 -33.77 18.72
CA TYR K 122 18.05 -32.39 18.93
C TYR K 122 17.69 -31.58 17.72
N SER K 123 17.45 -30.28 17.92
CA SER K 123 17.16 -29.42 16.79
C SER K 123 17.59 -27.99 17.03
N ARG K 124 17.91 -27.29 15.97
CA ARG K 124 18.29 -25.90 16.09
C ARG K 124 17.56 -25.09 15.06
N PHE K 125 16.88 -24.05 15.50
CA PHE K 125 16.10 -23.23 14.60
C PHE K 125 15.73 -21.87 15.13
N ASP K 126 15.31 -21.01 14.22
CA ASP K 126 14.72 -19.73 14.53
C ASP K 126 13.20 -19.92 14.45
N LEU K 127 12.42 -19.07 15.09
CA LEU K 127 10.96 -19.18 15.01
C LEU K 127 10.18 -17.98 14.60
N GLU K 128 9.06 -18.24 13.96
CA GLU K 128 8.14 -17.15 13.74
C GLU K 128 6.90 -17.36 14.56
N MET K 129 6.45 -16.27 15.18
CA MET K 129 5.22 -16.30 15.94
C MET K 129 4.18 -15.50 15.22
N THR K 130 3.00 -16.09 15.04
CA THR K 130 1.88 -15.43 14.39
C THR K 130 0.65 -15.57 15.26
N PHE K 131 -0.11 -14.50 15.42
CA PHE K 131 -1.27 -14.64 16.31
C PHE K 131 -2.61 -14.40 15.64
N VAL K 132 -3.47 -15.39 15.69
CA VAL K 132 -4.77 -15.24 15.10
C VAL K 132 -5.74 -14.95 16.21
N PHE K 133 -6.30 -13.73 16.22
CA PHE K 133 -7.25 -13.32 17.29
C PHE K 133 -8.70 -13.51 16.79
N THR K 134 -9.58 -13.88 17.71
CA THR K 134 -11.02 -13.83 17.53
C THR K 134 -11.80 -13.49 18.78
N GLU K 135 -13.04 -13.04 18.58
CA GLU K 135 -13.92 -12.77 19.70
C GLU K 135 -15.40 -13.02 19.41
N ASN K 136 -16.17 -13.26 20.49
CA ASN K 136 -17.61 -13.50 20.42
C ASN K 136 -18.27 -13.11 21.74
N TYR K 137 -19.58 -13.07 21.77
CA TYR K 137 -20.26 -12.78 23.00
C TYR K 137 -20.66 -14.04 23.73
N PRO K 138 -20.25 -14.25 24.98
CA PRO K 138 -20.57 -15.39 25.81
C PRO K 138 -21.87 -15.17 26.56
N SER K 139 -22.50 -14.04 26.29
CA SER K 139 -23.67 -13.60 26.99
C SER K 139 -24.66 -12.96 26.07
N THR K 140 -25.92 -13.20 26.40
CA THR K 140 -27.07 -12.78 25.64
C THR K 140 -27.26 -11.28 25.64
N ALA K 141 -26.52 -10.57 26.47
CA ALA K 141 -26.64 -9.12 26.47
C ALA K 141 -26.42 -8.59 25.07
N SER K 142 -25.48 -9.20 24.33
CA SER K 142 -25.20 -8.84 22.95
C SER K 142 -25.04 -7.34 22.75
N GLY K 143 -24.39 -6.67 23.69
CA GLY K 143 -24.30 -5.23 23.54
C GLY K 143 -23.09 -4.82 22.74
N GLU K 144 -23.04 -3.53 22.43
CA GLU K 144 -21.95 -2.97 21.66
C GLU K 144 -20.71 -2.77 22.52
N VAL K 145 -19.57 -3.10 21.94
CA VAL K 145 -18.27 -2.91 22.54
C VAL K 145 -17.42 -2.25 21.48
N ARG K 146 -16.33 -1.64 21.87
CA ARG K 146 -15.48 -0.98 20.89
C ARG K 146 -14.40 -1.92 20.43
N ASN K 147 -13.81 -1.63 19.27
CA ASN K 147 -12.72 -2.46 18.82
C ASN K 147 -11.58 -2.35 19.81
N GLN K 148 -11.10 -3.49 20.25
CA GLN K 148 -10.05 -3.51 21.25
C GLN K 148 -8.66 -3.79 20.74
N VAL K 149 -7.72 -3.30 21.53
CA VAL K 149 -6.30 -3.50 21.39
C VAL K 149 -5.89 -4.54 22.38
N TYR K 150 -5.08 -5.46 21.96
CA TYR K 150 -4.63 -6.51 22.82
C TYR K 150 -3.13 -6.47 22.91
N GLN K 151 -2.60 -6.83 24.07
CA GLN K 151 -1.17 -6.84 24.28
C GLN K 151 -0.62 -8.19 24.60
N ILE K 152 0.37 -8.60 23.84
CA ILE K 152 1.06 -9.84 24.11
C ILE K 152 2.46 -9.51 24.55
N MET K 153 2.73 -9.70 25.82
CA MET K 153 4.01 -9.36 26.41
C MET K 153 4.81 -10.59 26.72
N TYR K 154 6.09 -10.56 26.47
CA TYR K 154 6.88 -11.73 26.83
C TYR K 154 7.66 -11.50 28.07
N ILE K 155 7.53 -12.44 28.98
CA ILE K 155 8.21 -12.38 30.24
C ILE K 155 9.20 -13.55 30.34
N PRO K 156 10.49 -13.32 30.13
CA PRO K 156 11.55 -14.28 30.18
C PRO K 156 11.60 -14.83 31.57
N PRO K 157 12.17 -16.00 31.78
CA PRO K 157 12.19 -16.61 33.08
C PRO K 157 12.99 -15.74 34.02
N GLY K 158 12.44 -15.56 35.20
CA GLY K 158 13.04 -14.80 36.27
C GLY K 158 12.58 -13.34 36.25
N ALA K 159 11.95 -12.92 35.15
CA ALA K 159 11.45 -11.56 35.03
C ALA K 159 10.20 -11.51 35.91
N PRO K 160 9.77 -10.36 36.42
CA PRO K 160 8.58 -10.23 37.21
C PRO K 160 7.34 -10.48 36.39
N ARG K 161 6.31 -11.00 37.02
CA ARG K 161 5.07 -11.24 36.33
C ARG K 161 3.99 -10.35 36.91
N PRO K 162 2.97 -9.95 36.12
CA PRO K 162 1.85 -9.15 36.54
C PRO K 162 0.96 -9.87 37.51
N SER K 163 0.39 -9.11 38.46
CA SER K 163 -0.56 -9.69 39.40
C SER K 163 -1.97 -9.56 38.86
N SER K 164 -2.15 -8.57 38.01
CA SER K 164 -3.41 -8.28 37.37
C SER K 164 -3.14 -7.73 36.01
N TRP K 165 -4.20 -7.47 35.27
CA TRP K 165 -4.09 -6.95 33.92
C TRP K 165 -3.70 -5.51 33.92
N ASP K 166 -3.97 -4.88 35.03
CA ASP K 166 -3.70 -3.50 35.22
C ASP K 166 -2.66 -3.48 36.31
N ASP K 167 -1.42 -3.36 35.90
CA ASP K 167 -0.29 -3.44 36.79
C ASP K 167 0.87 -2.71 36.17
N TYR K 168 1.98 -2.64 36.88
CA TYR K 168 3.15 -1.95 36.37
C TYR K 168 3.96 -2.78 35.43
N THR K 169 3.88 -4.10 35.51
CA THR K 169 4.79 -4.89 34.68
C THR K 169 4.45 -4.76 33.21
N TRP K 170 3.24 -4.32 32.93
CA TRP K 170 2.75 -4.17 31.58
C TRP K 170 3.40 -3.00 30.85
N GLN K 171 4.22 -2.22 31.60
CA GLN K 171 4.97 -1.11 31.08
C GLN K 171 5.98 -1.64 30.07
N SER K 172 6.46 -2.87 30.31
CA SER K 172 7.36 -3.58 29.43
C SER K 172 8.54 -2.74 28.98
N SER K 173 9.32 -2.21 29.91
CA SER K 173 10.43 -1.34 29.52
C SER K 173 11.63 -2.10 28.96
N SER K 174 11.78 -3.34 29.35
CA SER K 174 12.87 -4.15 28.83
C SER K 174 12.32 -5.35 28.08
N ASN K 175 11.21 -5.89 28.55
CA ASN K 175 10.59 -7.01 27.90
C ASN K 175 10.02 -6.56 26.56
N PRO K 176 10.07 -7.36 25.50
CA PRO K 176 9.43 -7.05 24.24
C PRO K 176 7.96 -7.25 24.45
N SER K 177 7.15 -6.49 23.72
CA SER K 177 5.71 -6.61 23.77
C SER K 177 5.04 -6.14 22.51
N ILE K 178 4.02 -6.86 22.06
CA ILE K 178 3.32 -6.44 20.86
C ILE K 178 1.85 -6.07 21.06
N PHE K 179 1.49 -4.95 20.49
CA PHE K 179 0.15 -4.44 20.54
C PHE K 179 -0.51 -4.58 19.19
N TYR K 180 -1.69 -5.21 19.19
CA TYR K 180 -2.42 -5.57 17.93
C TYR K 180 -3.87 -5.10 18.03
N MET K 181 -4.44 -4.62 16.92
CA MET K 181 -5.85 -4.32 16.91
C MET K 181 -6.64 -5.41 16.26
N TYR K 182 -7.75 -5.69 16.87
CA TYR K 182 -8.65 -6.63 16.29
C TYR K 182 -9.16 -6.10 14.96
N GLY K 183 -9.17 -6.97 13.95
CA GLY K 183 -9.63 -6.62 12.61
C GLY K 183 -8.48 -6.37 11.64
N ASN K 184 -7.29 -6.15 12.18
CA ASN K 184 -6.14 -5.92 11.32
C ASN K 184 -5.43 -7.22 11.02
N ALA K 185 -4.37 -7.14 10.22
CA ALA K 185 -3.66 -8.34 9.86
C ALA K 185 -3.15 -8.99 11.13
N PRO K 186 -3.08 -10.31 11.22
CA PRO K 186 -2.54 -10.99 12.36
C PRO K 186 -1.16 -10.44 12.57
N PRO K 187 -0.76 -10.12 13.80
CA PRO K 187 0.55 -9.65 14.14
C PRO K 187 1.53 -10.78 14.00
N ARG K 188 2.76 -10.44 13.68
CA ARG K 188 3.84 -11.40 13.51
C ARG K 188 5.23 -10.91 13.94
N MET K 189 6.04 -11.80 14.51
CA MET K 189 7.42 -11.44 14.83
C MET K 189 8.41 -12.60 14.75
N SER K 190 9.69 -12.29 14.52
CA SER K 190 10.71 -13.32 14.52
C SER K 190 11.51 -13.44 15.82
N ILE K 191 11.72 -14.67 16.21
CA ILE K 191 12.50 -14.99 17.38
C ILE K 191 13.74 -15.79 16.95
N PRO K 192 14.94 -15.37 17.29
CA PRO K 192 16.18 -16.02 16.96
C PRO K 192 16.30 -17.24 17.83
N TYR K 193 17.13 -18.19 17.47
CA TYR K 193 17.38 -19.30 18.36
C TYR K 193 17.82 -18.75 19.70
N VAL K 194 17.14 -19.17 20.76
CA VAL K 194 17.46 -18.69 22.11
C VAL K 194 17.85 -19.81 23.04
N GLY K 195 18.23 -20.92 22.50
CA GLY K 195 18.60 -22.02 23.37
C GLY K 195 19.91 -21.69 24.06
N ILE K 196 20.14 -22.40 25.14
CA ILE K 196 21.35 -22.21 25.88
C ILE K 196 22.40 -23.13 25.33
N ALA K 197 21.97 -24.33 25.06
CA ALA K 197 22.80 -25.35 24.51
C ALA K 197 22.97 -25.01 23.06
N ASN K 198 23.64 -25.85 22.29
CA ASN K 198 23.93 -25.46 20.94
C ASN K 198 22.79 -25.94 20.02
N ALA K 199 21.81 -26.55 20.63
CA ALA K 199 20.60 -27.05 20.02
C ALA K 199 19.59 -27.20 21.12
N TYR K 200 18.33 -27.21 20.79
CA TYR K 200 17.33 -27.49 21.77
C TYR K 200 17.27 -28.99 21.89
N SER K 201 17.06 -29.48 23.09
CA SER K 201 16.91 -30.91 23.22
C SER K 201 15.44 -31.21 23.29
N HIS K 202 15.00 -32.19 22.52
CA HIS K 202 13.60 -32.57 22.55
C HIS K 202 13.33 -33.52 23.70
N PHE K 203 14.39 -34.15 24.18
CA PHE K 203 14.31 -35.13 25.23
C PHE K 203 15.39 -34.88 26.26
N TYR K 204 15.14 -35.22 27.51
CA TYR K 204 16.22 -35.15 28.49
C TYR K 204 16.24 -36.31 29.42
N ASP K 205 17.18 -37.20 29.21
CA ASP K 205 17.28 -38.38 30.03
C ASP K 205 18.11 -38.04 31.25
N GLY K 206 17.51 -37.30 32.14
CA GLY K 206 18.22 -36.84 33.31
C GLY K 206 17.38 -36.02 34.24
N PHE K 207 18.05 -35.52 35.25
CA PHE K 207 17.44 -34.73 36.31
C PHE K 207 18.02 -33.34 36.32
N ALA K 208 17.24 -32.36 36.78
CA ALA K 208 17.77 -31.00 36.93
C ALA K 208 18.88 -30.93 37.97
N ARG K 209 18.74 -31.72 39.02
CA ARG K 209 19.69 -31.72 40.10
C ARG K 209 19.94 -33.15 40.51
N VAL K 210 21.01 -33.39 41.24
CA VAL K 210 21.29 -34.75 41.68
C VAL K 210 20.97 -34.86 43.14
N PRO K 211 19.99 -35.65 43.56
CA PRO K 211 19.73 -35.84 44.95
C PRO K 211 20.98 -36.50 45.47
N LEU K 212 21.46 -36.06 46.61
CA LEU K 212 22.68 -36.60 47.20
C LEU K 212 22.37 -37.54 48.33
N GLU K 213 23.39 -38.15 48.89
CA GLU K 213 23.19 -39.10 49.96
C GLU K 213 22.18 -38.61 50.99
N GLY K 214 22.29 -37.34 51.40
CA GLY K 214 21.41 -36.75 52.41
C GLY K 214 20.07 -36.24 51.85
N GLU K 215 19.29 -37.15 51.25
CA GLU K 215 18.01 -36.83 50.59
C GLU K 215 16.90 -37.84 50.75
N ASN K 216 15.77 -37.47 50.17
CA ASN K 216 14.54 -38.24 50.12
C ASN K 216 14.71 -39.39 49.13
N THR K 217 14.30 -40.59 49.50
CA THR K 217 14.40 -41.77 48.63
C THR K 217 13.71 -41.54 47.28
N ASP K 218 12.58 -40.85 47.30
CA ASP K 218 11.81 -40.62 46.09
C ASP K 218 12.29 -39.42 45.29
N ALA K 219 13.31 -38.73 45.79
CA ALA K 219 13.76 -37.53 45.15
C ALA K 219 14.05 -37.79 43.69
N GLY K 220 13.56 -36.88 42.87
CA GLY K 220 13.64 -36.93 41.41
C GLY K 220 12.22 -37.08 40.88
N ASP K 221 11.31 -37.46 41.75
CA ASP K 221 9.93 -37.60 41.38
C ASP K 221 9.30 -36.29 40.91
N THR K 222 9.81 -35.18 41.42
CA THR K 222 9.32 -33.87 41.01
C THR K 222 10.13 -33.21 39.89
N PHE K 223 11.17 -33.89 39.37
CA PHE K 223 11.99 -33.26 38.33
C PHE K 223 12.66 -34.15 37.26
N TYR K 224 12.44 -35.44 37.25
CA TYR K 224 13.00 -36.19 36.13
C TYR K 224 12.42 -35.74 34.82
N GLY K 225 13.28 -35.55 33.83
CA GLY K 225 12.84 -35.22 32.49
C GLY K 225 13.02 -33.76 32.12
N LEU K 226 12.71 -33.48 30.86
CA LEU K 226 12.90 -32.18 30.19
C LEU K 226 12.10 -31.11 30.87
N VAL K 227 11.06 -31.55 31.53
CA VAL K 227 10.10 -30.74 32.22
C VAL K 227 10.76 -29.89 33.29
N SER K 228 11.92 -30.29 33.77
CA SER K 228 12.59 -29.52 34.78
C SER K 228 13.76 -28.70 34.27
N ILE K 229 14.10 -28.76 32.98
CA ILE K 229 15.25 -27.95 32.57
C ILE K 229 14.87 -26.96 31.46
N ASN K 230 13.75 -27.23 30.80
CA ASN K 230 13.24 -26.42 29.71
C ASN K 230 12.34 -25.31 30.22
N ASP K 231 12.86 -24.09 30.24
CA ASP K 231 12.13 -22.95 30.77
C ASP K 231 12.45 -21.72 29.95
N PHE K 232 11.49 -21.31 29.13
CA PHE K 232 11.69 -20.17 28.28
C PHE K 232 10.78 -19.02 28.62
N GLY K 233 10.24 -19.01 29.83
CA GLY K 233 9.36 -17.93 30.24
C GLY K 233 7.93 -18.12 29.76
N VAL K 234 7.15 -17.05 29.89
CA VAL K 234 5.74 -17.08 29.57
C VAL K 234 5.28 -15.94 28.69
N LEU K 235 4.13 -16.13 28.07
CA LEU K 235 3.51 -15.01 27.38
C LEU K 235 2.39 -14.52 28.25
N ALA K 236 2.28 -13.21 28.35
CA ALA K 236 1.25 -12.58 29.13
C ALA K 236 0.34 -11.80 28.22
N VAL K 237 -0.90 -12.22 28.13
CA VAL K 237 -1.80 -11.58 27.20
C VAL K 237 -2.97 -10.90 27.89
N ARG K 238 -3.18 -9.63 27.59
CA ARG K 238 -4.31 -8.94 28.21
C ARG K 238 -5.06 -8.08 27.22
N ALA K 239 -6.33 -7.84 27.49
CA ALA K 239 -6.96 -6.80 26.70
C ALA K 239 -6.39 -5.50 27.24
N VAL K 240 -6.12 -4.54 26.40
CA VAL K 240 -5.56 -3.30 26.92
C VAL K 240 -6.67 -2.38 27.36
N ASN K 241 -7.76 -2.42 26.63
CA ASN K 241 -8.92 -1.60 26.84
C ASN K 241 -9.53 -1.84 28.21
N ARG K 242 -10.03 -0.77 28.79
CA ARG K 242 -10.71 -0.82 30.06
C ARG K 242 -12.00 -1.61 29.82
N SER K 243 -12.57 -2.16 30.88
CA SER K 243 -13.74 -2.98 30.66
C SER K 243 -15.02 -2.30 30.23
N ASN K 244 -15.84 -3.08 29.53
CA ASN K 244 -17.17 -2.67 29.08
C ASN K 244 -18.30 -3.26 29.90
N PRO K 245 -19.49 -2.62 29.92
CA PRO K 245 -20.72 -3.12 30.50
C PRO K 245 -21.17 -4.42 29.87
N HIS K 246 -20.71 -4.67 28.66
CA HIS K 246 -21.08 -5.86 27.93
C HIS K 246 -19.91 -6.77 27.74
N THR K 247 -20.03 -7.94 28.32
CA THR K 247 -18.96 -8.92 28.28
C THR K 247 -18.68 -9.41 26.89
N ILE K 248 -17.39 -9.46 26.58
CA ILE K 248 -16.91 -10.00 25.33
C ILE K 248 -15.80 -11.02 25.63
N HIS K 249 -15.93 -12.20 25.04
CA HIS K 249 -15.00 -13.30 25.23
C HIS K 249 -14.05 -13.36 24.09
N THR K 250 -12.77 -13.45 24.37
CA THR K 250 -11.88 -13.47 23.25
C THR K 250 -10.83 -14.54 23.38
N SER K 251 -10.18 -14.87 22.27
CA SER K 251 -9.10 -15.83 22.30
C SER K 251 -8.03 -15.66 21.24
N VAL K 252 -6.85 -16.19 21.54
CA VAL K 252 -5.72 -16.15 20.65
C VAL K 252 -5.28 -17.52 20.27
N ARG K 253 -5.32 -17.76 18.97
CA ARG K 253 -4.75 -19.02 18.44
C ARG K 253 -3.31 -18.76 18.04
N VAL K 254 -2.41 -19.28 18.86
CA VAL K 254 -1.02 -18.98 18.65
C VAL K 254 -0.45 -19.94 17.67
N TYR K 255 0.16 -19.42 16.62
CA TYR K 255 0.79 -20.22 15.60
C TYR K 255 2.28 -20.08 15.66
N MET K 256 2.97 -21.17 15.46
CA MET K 256 4.40 -21.15 15.48
C MET K 256 5.02 -21.93 14.33
N LYS K 257 6.12 -21.40 13.79
CA LYS K 257 6.81 -22.06 12.70
C LYS K 257 8.33 -22.09 12.82
N PRO K 258 8.99 -23.27 12.76
CA PRO K 258 10.43 -23.43 12.67
C PRO K 258 10.93 -22.83 11.39
N LYS K 259 12.07 -22.18 11.42
CA LYS K 259 12.65 -21.63 10.21
C LYS K 259 14.17 -21.75 10.32
N HIS K 260 14.88 -21.99 9.22
CA HIS K 260 16.34 -22.12 9.30
C HIS K 260 16.61 -23.25 10.29
N ILE K 261 15.97 -24.40 10.02
CA ILE K 261 16.02 -25.54 10.93
C ILE K 261 16.83 -26.74 10.50
N ARG K 262 17.66 -27.21 11.41
CA ARG K 262 18.47 -28.40 11.17
C ARG K 262 18.28 -29.32 12.36
N CYS K 263 18.31 -30.62 12.09
CA CYS K 263 18.11 -31.60 13.14
C CYS K 263 19.17 -32.67 13.21
N TRP K 264 19.27 -33.30 14.37
CA TRP K 264 20.21 -34.37 14.62
C TRP K 264 19.60 -35.57 15.29
N CYS K 265 20.21 -36.72 14.99
CA CYS K 265 19.91 -37.94 15.69
C CYS K 265 18.45 -38.33 15.60
N PRO K 266 18.02 -38.91 14.49
CA PRO K 266 16.66 -39.27 14.20
C PRO K 266 16.25 -40.37 15.13
N ARG K 267 14.96 -40.45 15.41
CA ARG K 267 14.41 -41.46 16.29
C ARG K 267 12.99 -41.82 15.79
N PRO K 268 12.31 -42.85 16.32
CA PRO K 268 10.99 -43.25 15.91
C PRO K 268 9.95 -42.19 16.24
N PRO K 269 8.91 -42.03 15.42
CA PRO K 269 7.77 -41.18 15.66
C PRO K 269 6.89 -41.82 16.70
N ARG K 270 6.12 -41.02 17.42
CA ARG K 270 5.20 -41.58 18.41
C ARG K 270 4.07 -42.40 17.79
N ALA K 271 3.82 -43.57 18.39
CA ALA K 271 2.80 -44.52 17.96
C ALA K 271 1.52 -44.49 18.79
N VAL K 272 1.55 -43.82 19.92
CA VAL K 272 0.42 -43.83 20.84
C VAL K 272 -0.07 -42.44 21.19
N LEU K 273 -1.27 -42.37 21.74
CA LEU K 273 -1.80 -41.09 22.11
C LEU K 273 -0.85 -40.41 23.09
N TYR K 274 -0.41 -39.20 22.75
CA TYR K 274 0.41 -38.52 23.77
C TYR K 274 -0.52 -38.28 24.95
N ARG K 275 0.15 -37.88 26.01
CA ARG K 275 -0.51 -37.29 27.17
C ARG K 275 0.48 -36.70 28.15
N GLY K 276 0.29 -35.43 28.50
CA GLY K 276 1.18 -34.79 29.48
C GLY K 276 2.41 -34.20 28.83
N GLU K 277 3.45 -33.99 29.63
CA GLU K 277 4.68 -33.32 29.22
C GLU K 277 5.84 -34.24 28.80
N GLY K 278 5.82 -35.48 29.29
CA GLY K 278 6.90 -36.44 29.05
C GLY K 278 6.54 -37.36 27.91
N VAL K 279 7.03 -38.61 27.96
CA VAL K 279 6.77 -39.52 26.85
C VAL K 279 5.70 -40.51 27.27
N ASP K 280 5.28 -40.36 28.50
CA ASP K 280 4.37 -41.24 29.18
C ASP K 280 3.09 -41.45 28.38
N MET K 281 2.68 -42.70 28.29
CA MET K 281 1.47 -43.12 27.60
C MET K 281 0.41 -43.45 28.61
N ILE K 282 -0.82 -43.67 28.16
CA ILE K 282 -1.90 -44.02 29.08
C ILE K 282 -2.33 -45.43 28.79
N SER K 283 -2.88 -46.14 29.78
CA SER K 283 -3.22 -47.54 29.57
C SER K 283 -4.29 -47.81 28.54
N SER K 284 -5.16 -46.86 28.32
CA SER K 284 -6.25 -47.02 27.37
C SER K 284 -5.80 -46.83 25.93
N ALA K 285 -4.55 -46.44 25.71
CA ALA K 285 -4.11 -46.18 24.36
C ALA K 285 -2.73 -46.73 24.09
N ILE K 286 -2.55 -48.03 24.28
CA ILE K 286 -1.25 -48.66 24.09
C ILE K 286 -1.31 -49.69 22.97
N LEU K 287 -2.28 -49.53 22.10
CA LEU K 287 -2.50 -50.48 21.01
C LEU K 287 -2.57 -49.83 19.62
N PRO K 288 -1.46 -49.33 19.04
CA PRO K 288 -1.41 -48.61 17.76
C PRO K 288 -1.90 -49.32 16.49
N LEU K 289 -1.91 -50.65 16.45
CA LEU K 289 -2.33 -51.33 15.21
C LEU K 289 -3.65 -52.05 15.25
N ALA K 290 -4.27 -52.06 14.08
CA ALA K 290 -5.48 -52.80 13.82
C ALA K 290 -5.18 -54.27 13.59
N LYS K 291 -6.16 -55.10 13.91
CA LYS K 291 -6.10 -56.54 13.68
C LYS K 291 -6.44 -56.91 12.24
N VAL K 292 -5.75 -57.95 11.76
CA VAL K 292 -5.96 -58.57 10.48
C VAL K 292 -6.35 -60.00 10.78
N ASP K 293 -7.32 -60.55 10.08
CA ASP K 293 -7.76 -61.90 10.38
C ASP K 293 -6.70 -62.96 10.06
N SER K 294 -5.89 -62.69 9.07
CA SER K 294 -4.85 -63.62 8.68
C SER K 294 -3.61 -63.02 8.06
N ILE K 295 -2.49 -63.70 8.30
CA ILE K 295 -1.18 -63.38 7.76
C ILE K 295 -1.17 -63.42 6.23
N THR K 296 -2.12 -64.18 5.66
CA THR K 296 -2.26 -64.35 4.22
C THR K 296 -3.34 -63.47 3.61
N THR K 297 -3.94 -62.57 4.37
CA THR K 297 -4.96 -61.70 3.81
C THR K 297 -4.39 -60.47 3.11
N PHE K 298 -4.86 -60.18 1.87
CA PHE K 298 -4.49 -58.99 1.07
C PHE K 298 -5.49 -57.87 1.39
N SER L 10 39.46 -63.17 8.20
CA SER L 10 38.21 -62.65 7.69
C SER L 10 37.66 -61.62 8.69
N ASP L 11 36.62 -60.86 8.27
CA ASP L 11 35.95 -59.77 9.00
C ASP L 11 35.18 -60.22 10.23
N ARG L 12 34.94 -61.52 10.26
CA ARG L 12 34.26 -62.18 11.33
C ARG L 12 35.11 -62.14 12.59
N VAL L 13 36.43 -62.16 12.44
CA VAL L 13 37.27 -62.21 13.61
C VAL L 13 37.80 -60.83 13.89
N ARG L 14 37.57 -60.34 15.10
CA ARG L 14 37.97 -58.99 15.40
C ARG L 14 38.68 -58.90 16.73
N GLN L 15 39.55 -57.93 16.86
CA GLN L 15 40.19 -57.71 18.14
C GLN L 15 40.13 -56.25 18.49
N ILE L 16 39.58 -55.95 19.66
CA ILE L 16 39.46 -54.57 20.07
C ILE L 16 40.34 -54.26 21.24
N THR L 17 41.26 -53.35 21.06
CA THR L 17 42.17 -53.04 22.15
C THR L 17 41.97 -51.62 22.62
N LEU L 18 41.79 -51.45 23.92
CA LEU L 18 41.64 -50.13 24.51
C LEU L 18 42.28 -50.08 25.88
N GLY L 19 43.07 -49.05 26.16
CA GLY L 19 43.63 -48.96 27.49
C GLY L 19 44.49 -50.17 27.75
N ASN L 20 44.19 -50.87 28.83
CA ASN L 20 44.92 -52.05 29.23
C ASN L 20 44.11 -53.35 29.13
N SER L 21 43.10 -53.39 28.28
CA SER L 21 42.35 -54.64 28.10
C SER L 21 41.92 -54.86 26.66
N THR L 22 41.74 -56.14 26.31
CA THR L 22 41.38 -56.52 24.95
C THR L 22 40.25 -57.51 24.83
N ILE L 23 39.38 -57.29 23.84
CA ILE L 23 38.35 -58.25 23.51
C ILE L 23 38.64 -58.95 22.21
N THR L 24 38.68 -60.27 22.24
CA THR L 24 38.90 -61.00 21.01
C THR L 24 37.65 -61.80 20.74
N THR L 25 37.08 -61.60 19.56
CA THR L 25 35.86 -62.26 19.15
C THR L 25 36.03 -63.03 17.87
N GLN L 26 35.56 -64.28 17.88
CA GLN L 26 35.68 -65.13 16.71
C GLN L 26 34.59 -64.91 15.66
N GLU L 27 33.40 -64.54 16.10
CA GLU L 27 32.26 -64.37 15.20
C GLU L 27 31.49 -63.08 15.42
N ALA L 28 31.97 -62.00 14.81
CA ALA L 28 31.33 -60.70 14.93
C ALA L 28 30.75 -60.27 13.59
N ALA L 29 29.61 -59.61 13.63
CA ALA L 29 29.01 -59.14 12.38
C ALA L 29 29.60 -57.80 11.96
N ASN L 30 30.84 -57.82 11.51
CA ASN L 30 31.61 -56.62 11.20
C ASN L 30 31.57 -55.67 12.42
N ALA L 31 31.40 -54.36 12.20
CA ALA L 31 31.28 -53.40 13.30
C ALA L 31 30.58 -52.13 12.84
N ILE L 32 29.89 -51.49 13.77
CA ILE L 32 29.18 -50.24 13.53
C ILE L 32 29.70 -49.05 14.29
N VAL L 33 29.73 -47.91 13.62
CA VAL L 33 30.11 -46.66 14.27
C VAL L 33 28.90 -45.76 14.17
N ALA L 34 28.35 -45.29 15.27
CA ALA L 34 27.13 -44.52 15.12
C ALA L 34 27.41 -43.32 14.24
N TYR L 35 26.57 -43.16 13.24
CA TYR L 35 26.62 -42.06 12.28
C TYR L 35 27.92 -42.03 11.46
N GLY L 36 28.77 -43.03 11.64
CA GLY L 36 30.05 -43.09 10.97
C GLY L 36 31.05 -42.15 11.65
N GLU L 37 30.68 -41.65 12.82
CA GLU L 37 31.49 -40.69 13.53
C GLU L 37 32.26 -41.29 14.70
N TRP L 38 33.57 -41.26 14.58
CA TRP L 38 34.45 -41.83 15.56
C TRP L 38 34.47 -40.84 16.73
N PRO L 39 34.52 -41.27 17.99
CA PRO L 39 34.71 -40.41 19.15
C PRO L 39 36.04 -39.66 19.10
N THR L 40 36.02 -38.39 19.46
CA THR L 40 37.23 -37.57 19.52
C THR L 40 37.19 -36.75 20.79
N TYR L 41 38.27 -36.03 21.08
CA TYR L 41 38.39 -35.12 22.22
C TYR L 41 37.84 -33.75 21.86
N ILE L 42 37.52 -32.94 22.88
CA ILE L 42 36.99 -31.60 22.65
C ILE L 42 38.04 -30.67 22.06
N ASN L 43 37.67 -30.02 20.97
CA ASN L 43 38.53 -29.07 20.27
C ASN L 43 38.52 -27.73 20.99
N ASP L 44 39.59 -26.97 20.84
CA ASP L 44 39.67 -25.64 21.45
C ASP L 44 38.53 -24.75 20.94
N SER L 45 38.16 -24.96 19.68
CA SER L 45 37.13 -24.18 19.02
C SER L 45 35.74 -24.41 19.58
N GLU L 46 35.55 -25.48 20.35
CA GLU L 46 34.26 -25.77 20.91
C GLU L 46 34.37 -26.13 22.38
N ALA L 47 34.55 -25.16 23.26
CA ALA L 47 34.69 -25.57 24.66
C ALA L 47 34.04 -24.61 25.63
N ASN L 48 33.29 -25.16 26.57
CA ASN L 48 32.70 -24.36 27.64
C ASN L 48 33.65 -24.21 28.81
N PRO L 49 34.21 -25.29 29.39
CA PRO L 49 35.04 -25.24 30.55
C PRO L 49 36.26 -24.47 30.18
N VAL L 50 36.86 -23.83 31.16
CA VAL L 50 38.06 -23.10 30.89
C VAL L 50 39.25 -23.68 31.61
N ASP L 51 39.03 -24.60 32.54
CA ASP L 51 40.11 -25.18 33.30
C ASP L 51 40.83 -26.23 32.48
N ALA L 52 42.06 -26.49 32.82
CA ALA L 52 42.73 -27.56 32.12
C ALA L 52 41.98 -28.86 32.44
N PRO L 53 41.62 -29.70 31.45
CA PRO L 53 40.90 -30.96 31.59
C PRO L 53 41.75 -32.08 32.13
N THR L 54 41.07 -33.02 32.74
CA THR L 54 41.63 -34.27 33.19
C THR L 54 41.44 -35.27 32.06
N GLU L 55 42.49 -35.96 31.67
CA GLU L 55 42.37 -36.94 30.57
C GLU L 55 42.95 -38.30 30.97
N PRO L 56 42.21 -39.09 31.77
CA PRO L 56 42.64 -40.33 32.38
C PRO L 56 42.52 -41.45 31.36
N ASP L 57 43.32 -41.38 30.33
CA ASP L 57 43.12 -42.29 29.20
C ASP L 57 43.22 -43.77 29.47
N VAL L 58 44.10 -44.22 30.32
CA VAL L 58 44.16 -45.66 30.51
C VAL L 58 43.21 -46.10 31.60
N SER L 59 43.12 -45.31 32.65
CA SER L 59 42.28 -45.66 33.76
C SER L 59 40.82 -45.70 33.31
N SER L 60 40.43 -44.83 32.39
CA SER L 60 39.07 -44.82 31.93
C SER L 60 38.82 -45.56 30.62
N ASN L 61 39.69 -45.50 29.64
CA ASN L 61 39.31 -46.09 28.38
C ASN L 61 39.69 -47.56 28.30
N ARG L 62 39.03 -48.38 29.08
CA ARG L 62 39.31 -49.81 29.14
C ARG L 62 37.99 -50.53 29.23
N PHE L 63 37.94 -51.79 28.86
CA PHE L 63 36.68 -52.49 28.97
C PHE L 63 36.34 -52.99 30.35
N TYR L 64 35.07 -52.83 30.70
CA TYR L 64 34.53 -53.32 31.94
C TYR L 64 33.35 -54.23 31.67
N THR L 65 33.20 -55.27 32.46
CA THR L 65 32.08 -56.18 32.25
C THR L 65 30.98 -55.99 33.26
N LEU L 66 29.75 -55.90 32.77
CA LEU L 66 28.58 -55.74 33.59
C LEU L 66 28.06 -57.13 33.92
N GLU L 67 27.33 -57.28 35.00
CA GLU L 67 26.79 -58.60 35.30
C GLU L 67 25.91 -59.07 34.15
N SER L 68 26.10 -60.31 33.75
CA SER L 68 25.36 -60.91 32.66
C SER L 68 23.92 -61.18 33.03
N VAL L 69 23.10 -61.41 32.03
CA VAL L 69 21.70 -61.72 32.28
C VAL L 69 21.34 -63.02 31.61
N SER L 70 20.26 -63.64 32.07
CA SER L 70 19.82 -64.89 31.43
C SER L 70 18.72 -64.64 30.43
N TRP L 71 18.91 -65.22 29.26
CA TRP L 71 17.95 -65.16 28.19
C TRP L 71 17.09 -66.40 28.24
N LYS L 72 15.83 -66.20 28.53
CA LYS L 72 14.85 -67.24 28.63
C LYS L 72 13.83 -66.98 27.56
N THR L 73 12.99 -67.94 27.24
CA THR L 73 11.97 -67.75 26.22
C THR L 73 10.88 -66.79 26.67
N THR L 74 10.87 -66.49 27.95
CA THR L 74 9.95 -65.58 28.59
C THR L 74 10.57 -64.20 28.85
N SER L 75 11.82 -63.99 28.45
CA SER L 75 12.45 -62.71 28.66
C SER L 75 11.84 -61.76 27.66
N ARG L 76 11.68 -60.49 28.02
CA ARG L 76 11.17 -59.54 27.05
C ARG L 76 12.12 -58.40 26.79
N GLY L 77 13.33 -58.51 27.31
CA GLY L 77 14.33 -57.49 27.06
C GLY L 77 14.97 -56.97 28.32
N TRP L 78 16.10 -56.30 28.12
CA TRP L 78 16.92 -55.74 29.17
C TRP L 78 17.36 -54.35 28.81
N TRP L 79 17.59 -53.52 29.81
CA TRP L 79 18.11 -52.20 29.49
C TRP L 79 19.04 -51.59 30.49
N TRP L 80 19.90 -50.72 29.99
CA TRP L 80 20.83 -50.00 30.82
C TRP L 80 20.92 -48.56 30.46
N LYS L 81 21.24 -47.73 31.41
CA LYS L 81 21.59 -46.36 31.05
C LYS L 81 23.10 -46.48 30.96
N LEU L 82 23.71 -45.98 29.90
CA LEU L 82 25.13 -46.22 29.69
C LEU L 82 26.10 -45.66 30.75
N PRO L 83 26.20 -44.36 31.01
CA PRO L 83 27.10 -43.88 32.02
C PRO L 83 26.64 -44.33 33.39
N ASP L 84 25.36 -44.66 33.54
CA ASP L 84 24.92 -45.11 34.83
C ASP L 84 25.45 -46.49 35.14
N CYS L 85 25.43 -47.39 34.16
CA CYS L 85 25.88 -48.73 34.48
C CYS L 85 27.35 -48.72 34.84
N LEU L 86 28.08 -47.74 34.33
CA LEU L 86 29.49 -47.62 34.66
C LEU L 86 29.80 -46.64 35.80
N LYS L 87 28.79 -46.05 36.44
CA LYS L 87 29.06 -45.00 37.43
C LYS L 87 29.84 -45.45 38.65
N ASP L 88 29.77 -46.72 39.01
CA ASP L 88 30.48 -47.20 40.17
C ASP L 88 31.66 -48.04 39.72
N MET L 89 31.98 -47.93 38.44
CA MET L 89 32.97 -48.79 37.87
C MET L 89 34.41 -48.42 38.11
N GLY L 90 34.86 -48.72 39.31
CA GLY L 90 36.24 -48.54 39.71
C GLY L 90 36.74 -47.12 39.58
N MET L 91 37.89 -47.00 38.92
CA MET L 91 38.57 -45.74 38.73
C MET L 91 37.79 -44.84 37.79
N PHE L 92 37.03 -45.43 36.88
CA PHE L 92 36.24 -44.64 35.96
C PHE L 92 35.19 -43.96 36.76
N GLY L 93 34.53 -44.75 37.60
CA GLY L 93 33.48 -44.24 38.44
C GLY L 93 34.00 -43.15 39.36
N GLN L 94 35.23 -43.29 39.87
CA GLN L 94 35.70 -42.24 40.75
C GLN L 94 35.83 -40.94 40.01
N ASN L 95 36.32 -40.94 38.77
CA ASN L 95 36.43 -39.67 38.10
C ASN L 95 35.07 -39.06 37.82
N MET L 96 34.08 -39.91 37.59
CA MET L 96 32.75 -39.39 37.35
C MET L 96 32.19 -38.69 38.56
N TYR L 97 32.53 -39.18 39.75
CA TYR L 97 32.03 -38.57 40.97
C TYR L 97 32.88 -37.38 41.41
N TYR L 98 34.15 -37.36 41.05
CA TYR L 98 35.00 -36.24 41.41
C TYR L 98 34.83 -35.04 40.51
N HIS L 99 34.39 -35.22 39.29
CA HIS L 99 34.26 -34.05 38.44
C HIS L 99 32.82 -33.70 38.13
N TYR L 100 32.57 -32.41 38.03
CA TYR L 100 31.27 -31.89 37.65
C TYR L 100 30.91 -32.19 36.23
N LEU L 101 31.84 -31.96 35.32
CA LEU L 101 31.59 -32.14 33.91
C LEU L 101 32.46 -33.22 33.32
N GLY L 102 31.96 -33.87 32.29
CA GLY L 102 32.77 -34.83 31.57
C GLY L 102 32.13 -35.29 30.30
N ARG L 103 32.94 -35.96 29.50
CA ARG L 103 32.50 -36.40 28.21
C ARG L 103 33.19 -37.66 27.80
N SER L 104 32.45 -38.59 27.23
CA SER L 104 33.10 -39.76 26.71
C SER L 104 32.28 -40.46 25.65
N GLY L 105 32.98 -41.16 24.77
CA GLY L 105 32.35 -42.02 23.81
C GLY L 105 32.46 -43.40 24.40
N TYR L 106 31.93 -44.38 23.73
CA TYR L 106 32.00 -45.74 24.22
C TYR L 106 32.15 -46.82 23.16
N THR L 107 32.74 -47.93 23.53
CA THR L 107 32.67 -49.08 22.68
C THR L 107 31.84 -50.08 23.41
N ILE L 108 30.74 -50.48 22.81
CA ILE L 108 29.84 -51.40 23.46
C ILE L 108 29.86 -52.73 22.75
N HIS L 109 30.28 -53.75 23.46
CA HIS L 109 30.39 -55.06 22.88
C HIS L 109 29.45 -56.02 23.58
N VAL L 110 28.56 -56.60 22.82
CA VAL L 110 27.58 -57.50 23.40
C VAL L 110 27.79 -58.88 22.85
N GLN L 111 27.95 -59.85 23.73
CA GLN L 111 28.17 -61.20 23.27
C GLN L 111 27.22 -62.22 23.86
N CYS L 112 26.77 -63.13 23.02
CA CYS L 112 25.89 -64.19 23.44
C CYS L 112 26.20 -65.44 22.65
N ASN L 113 26.81 -66.43 23.28
CA ASN L 113 27.21 -67.63 22.58
C ASN L 113 26.09 -68.63 22.61
N ALA L 114 26.04 -69.51 21.63
CA ALA L 114 25.04 -70.55 21.62
C ALA L 114 25.49 -71.68 20.73
N SER L 115 24.85 -72.83 20.85
CA SER L 115 25.12 -73.95 20.00
C SER L 115 24.52 -73.73 18.65
N LYS L 116 25.01 -74.43 17.66
CA LYS L 116 24.49 -74.39 16.31
C LYS L 116 23.04 -74.87 16.27
N PHE L 117 22.64 -75.58 17.32
CA PHE L 117 21.30 -76.10 17.49
C PHE L 117 20.39 -75.11 18.20
N HIS L 118 20.90 -73.95 18.58
CA HIS L 118 20.04 -72.97 19.21
C HIS L 118 19.52 -72.08 18.14
N GLN L 119 18.37 -71.52 18.42
CA GLN L 119 17.70 -70.66 17.52
C GLN L 119 17.18 -69.44 18.22
N GLY L 120 17.27 -68.27 17.60
CA GLY L 120 16.74 -67.05 18.21
C GLY L 120 17.62 -65.88 17.89
N ALA L 121 17.18 -64.69 18.28
CA ALA L 121 17.95 -63.48 17.97
C ALA L 121 17.70 -62.39 18.99
N LEU L 122 18.72 -61.54 19.17
CA LEU L 122 18.70 -60.37 20.05
C LEU L 122 19.09 -59.10 19.34
N GLY L 123 18.29 -58.07 19.42
CA GLY L 123 18.70 -56.84 18.77
C GLY L 123 19.35 -55.94 19.76
N VAL L 124 20.40 -55.23 19.34
CA VAL L 124 21.06 -54.30 20.21
C VAL L 124 20.93 -52.91 19.63
N PHE L 125 20.30 -52.03 20.38
CA PHE L 125 20.06 -50.69 19.89
C PHE L 125 20.63 -49.67 20.85
N LEU L 126 21.22 -48.61 20.33
CA LEU L 126 21.69 -47.57 21.22
C LEU L 126 20.90 -46.32 21.02
N ILE L 127 20.29 -45.89 22.09
CA ILE L 127 19.40 -44.77 22.04
C ILE L 127 19.93 -43.53 22.71
N PRO L 128 20.15 -42.41 22.01
CA PRO L 128 20.60 -41.21 22.62
C PRO L 128 19.38 -40.77 23.38
N GLU L 129 19.55 -40.17 24.53
CA GLU L 129 18.40 -39.67 25.27
C GLU L 129 17.31 -40.71 25.48
N PHE L 130 17.64 -41.84 26.08
CA PHE L 130 16.63 -42.87 26.30
C PHE L 130 15.70 -42.56 27.44
N VAL L 131 14.75 -41.69 27.16
CA VAL L 131 13.80 -41.29 28.15
C VAL L 131 12.68 -42.30 28.23
N MET L 132 12.51 -42.87 29.40
CA MET L 132 11.51 -43.89 29.61
C MET L 132 10.28 -43.34 30.27
N ALA L 133 9.15 -43.92 29.93
CA ALA L 133 7.87 -43.58 30.52
C ALA L 133 7.73 -43.96 31.98
N CYS L 134 7.01 -43.11 32.69
CA CYS L 134 6.68 -43.35 34.08
C CYS L 134 5.69 -44.49 34.16
N ASN L 135 5.82 -45.34 35.16
CA ASN L 135 4.87 -46.42 35.26
C ASN L 135 3.49 -46.03 35.73
N THR L 136 3.39 -45.08 36.64
CA THR L 136 2.11 -44.79 37.26
C THR L 136 1.15 -43.85 36.51
N GLU L 137 -0.11 -44.30 36.37
CA GLU L 137 -1.14 -43.63 35.56
C GLU L 137 -1.47 -42.23 35.99
N SER L 138 -1.41 -41.93 37.27
CA SER L 138 -1.77 -40.58 37.63
C SER L 138 -0.87 -39.55 36.99
N LYS L 139 0.39 -39.92 36.69
CA LYS L 139 1.35 -39.02 36.08
C LYS L 139 1.51 -37.74 36.88
N THR L 140 1.45 -37.86 38.22
CA THR L 140 1.64 -36.72 39.11
C THR L 140 2.98 -36.82 39.78
N SER L 141 3.68 -37.87 39.41
CA SER L 141 4.98 -38.22 39.93
C SER L 141 5.81 -38.89 38.87
N TYR L 142 7.03 -38.45 38.75
CA TYR L 142 7.96 -38.99 37.83
C TYR L 142 8.85 -39.96 38.57
N VAL L 143 9.74 -40.57 37.86
CA VAL L 143 10.59 -41.58 38.39
C VAL L 143 11.72 -41.01 39.22
N SER L 144 11.93 -41.60 40.40
CA SER L 144 12.95 -41.11 41.31
C SER L 144 14.32 -41.38 40.76
N TYR L 145 15.31 -40.67 41.27
CA TYR L 145 16.69 -40.81 40.87
C TYR L 145 17.15 -42.23 41.02
N ILE L 146 16.81 -42.83 42.13
CA ILE L 146 17.23 -44.19 42.36
C ILE L 146 16.61 -45.15 41.38
N ASN L 147 15.31 -45.06 41.20
CA ASN L 147 14.67 -46.02 40.34
C ASN L 147 15.04 -45.83 38.88
N ALA L 148 15.38 -44.60 38.53
CA ALA L 148 15.76 -44.25 37.19
C ALA L 148 17.17 -44.65 36.82
N ASN L 149 17.96 -45.08 37.80
CA ASN L 149 19.36 -45.38 37.58
C ASN L 149 19.76 -46.72 38.22
N PRO L 150 19.46 -47.84 37.57
CA PRO L 150 19.63 -49.21 38.02
C PRO L 150 21.05 -49.69 38.31
N GLY L 151 22.04 -48.95 37.83
CA GLY L 151 23.41 -49.36 38.04
C GLY L 151 23.79 -50.45 37.06
N GLU L 152 24.77 -51.26 37.46
CA GLU L 152 25.36 -52.27 36.57
C GLU L 152 24.37 -53.33 36.12
N ARG L 153 23.46 -53.69 37.02
CA ARG L 153 22.46 -54.72 36.79
C ARG L 153 21.49 -54.37 35.69
N GLY L 154 21.15 -53.10 35.60
CA GLY L 154 20.20 -52.67 34.59
C GLY L 154 18.78 -52.98 35.02
N GLY L 155 17.88 -52.86 34.06
CA GLY L 155 16.47 -53.09 34.26
C GLY L 155 15.98 -54.07 33.23
N GLU L 156 14.67 -54.27 33.19
CA GLU L 156 14.05 -55.21 32.27
C GLU L 156 12.82 -54.65 31.63
N PHE L 157 12.45 -55.21 30.49
CA PHE L 157 11.20 -54.84 29.81
C PHE L 157 10.10 -55.84 30.12
N THR L 158 8.89 -55.35 30.14
CA THR L 158 7.72 -56.16 30.38
C THR L 158 6.85 -56.25 29.17
N ASN L 159 5.78 -57.02 29.28
CA ASN L 159 4.84 -57.16 28.19
C ASN L 159 3.45 -56.70 28.59
N THR L 160 3.32 -56.18 29.81
CA THR L 160 2.04 -55.66 30.28
C THR L 160 2.25 -54.30 30.92
N TYR L 161 1.21 -53.51 30.96
CA TYR L 161 1.31 -52.21 31.60
C TYR L 161 0.45 -52.22 32.83
N ASN L 162 1.04 -51.97 33.98
CA ASN L 162 0.31 -52.07 35.22
C ASN L 162 0.51 -50.86 36.10
N PRO L 163 -0.01 -49.70 35.70
CA PRO L 163 0.30 -48.40 36.24
C PRO L 163 -0.41 -48.06 37.55
N SER L 164 -0.17 -48.86 38.58
CA SER L 164 -0.82 -48.69 39.86
C SER L 164 -0.44 -47.44 40.63
N ASN L 165 -1.46 -46.67 41.04
CA ASN L 165 -1.25 -45.42 41.76
C ASN L 165 -0.94 -45.58 43.25
N SER L 169 6.25 -47.89 45.26
CA SER L 169 7.31 -48.56 44.51
C SER L 169 7.03 -48.55 43.02
N GLU L 170 5.76 -48.35 42.65
CA GLU L 170 5.34 -48.28 41.28
C GLU L 170 5.25 -46.80 40.90
N GLY L 171 4.85 -46.00 41.90
CA GLY L 171 4.62 -44.56 41.80
C GLY L 171 5.84 -43.82 41.31
N ARG L 172 7.01 -44.30 41.72
CA ARG L 172 8.25 -43.68 41.32
C ARG L 172 9.16 -44.51 40.43
N LYS L 173 8.67 -45.55 39.72
CA LYS L 173 9.59 -46.34 38.87
C LYS L 173 9.28 -46.22 37.38
N PHE L 174 10.26 -46.57 36.55
CA PHE L 174 10.04 -46.64 35.11
C PHE L 174 9.41 -47.95 34.77
N ALA L 175 8.64 -47.94 33.72
CA ALA L 175 8.15 -49.20 33.22
C ALA L 175 8.11 -49.13 31.75
N ALA L 176 8.34 -50.25 31.12
CA ALA L 176 8.31 -50.22 29.70
C ALA L 176 7.88 -51.49 29.11
N LEU L 177 6.99 -51.37 28.17
CA LEU L 177 6.61 -52.50 27.42
C LEU L 177 7.75 -52.66 26.50
N ASP L 178 8.07 -53.88 26.16
CA ASP L 178 9.09 -54.13 25.18
C ASP L 178 8.56 -53.63 23.86
N TYR L 179 7.29 -53.84 23.68
CA TYR L 179 6.55 -53.52 22.51
C TYR L 179 6.69 -52.08 22.09
N LEU L 180 6.59 -51.16 23.06
CA LEU L 180 6.68 -49.75 22.75
C LEU L 180 7.98 -49.08 23.20
N LEU L 181 8.95 -49.89 23.61
CA LEU L 181 10.26 -49.47 24.10
C LEU L 181 10.21 -48.48 25.25
N GLY L 182 9.13 -48.48 26.01
CA GLY L 182 9.01 -47.52 27.11
C GLY L 182 8.86 -46.10 26.61
N SER L 183 8.70 -45.94 25.31
CA SER L 183 8.73 -44.63 24.71
C SER L 183 7.44 -44.27 24.03
N GLY L 184 6.59 -45.26 23.78
CA GLY L 184 5.35 -44.95 23.11
C GLY L 184 5.54 -44.95 21.62
N VAL L 185 6.52 -45.69 21.14
CA VAL L 185 6.82 -45.77 19.72
C VAL L 185 6.79 -47.22 19.42
N LEU L 186 6.67 -47.64 18.19
CA LEU L 186 6.74 -49.07 18.01
C LEU L 186 8.18 -49.51 17.98
N ALA L 187 8.45 -50.65 18.62
CA ALA L 187 9.78 -51.25 18.67
C ALA L 187 10.32 -51.58 17.29
N GLY L 188 9.47 -51.86 16.31
CA GLY L 188 9.97 -52.20 15.00
C GLY L 188 10.71 -51.05 14.33
N ASN L 189 10.55 -49.82 14.84
CA ASN L 189 11.22 -48.68 14.23
C ASN L 189 12.50 -48.33 14.95
N ALA L 190 12.91 -49.19 15.89
CA ALA L 190 14.11 -49.03 16.71
C ALA L 190 15.37 -49.01 15.87
N PHE L 191 15.27 -49.53 14.68
CA PHE L 191 16.35 -49.67 13.74
C PHE L 191 16.83 -48.33 13.21
N VAL L 192 16.07 -47.28 13.51
CA VAL L 192 16.49 -45.93 13.19
C VAL L 192 17.72 -45.55 14.02
N TYR L 193 17.85 -46.15 15.18
CA TYR L 193 18.94 -45.89 16.08
C TYR L 193 20.12 -46.69 15.59
N PRO L 194 21.37 -46.33 15.88
CA PRO L 194 22.49 -47.17 15.55
C PRO L 194 22.21 -48.51 16.17
N HIS L 195 22.40 -49.57 15.41
CA HIS L 195 22.10 -50.89 15.90
C HIS L 195 22.86 -51.97 15.18
N GLN L 196 22.90 -53.12 15.82
CA GLN L 196 23.49 -54.31 15.23
C GLN L 196 22.73 -55.48 15.82
N ILE L 197 22.66 -56.61 15.11
CA ILE L 197 21.85 -57.70 15.62
C ILE L 197 22.63 -58.95 15.88
N ILE L 198 22.36 -59.62 16.99
CA ILE L 198 23.01 -60.87 17.22
C ILE L 198 22.03 -61.96 16.86
N ASN L 199 22.29 -62.61 15.76
CA ASN L 199 21.47 -63.70 15.27
C ASN L 199 22.22 -64.91 15.68
N LEU L 200 21.68 -65.77 16.50
CA LEU L 200 22.52 -66.86 16.96
C LEU L 200 23.01 -67.71 15.81
N ARG L 201 22.25 -67.75 14.71
CA ARG L 201 22.58 -68.50 13.52
C ARG L 201 23.81 -67.94 12.78
N THR L 202 24.10 -66.65 12.98
CA THR L 202 25.13 -65.94 12.22
C THR L 202 26.34 -65.45 13.00
N ASN L 203 26.12 -64.95 14.21
CA ASN L 203 27.21 -64.32 14.95
C ASN L 203 27.04 -64.38 16.45
N ASN L 204 28.15 -64.25 17.18
CA ASN L 204 28.10 -64.22 18.62
C ASN L 204 28.03 -62.81 19.15
N SER L 205 28.50 -61.84 18.37
CA SER L 205 28.50 -60.51 18.95
C SER L 205 28.25 -59.37 18.00
N ALA L 206 27.96 -58.26 18.66
CA ALA L 206 27.74 -56.96 18.07
C ALA L 206 28.68 -55.96 18.72
N THR L 207 29.22 -55.05 17.92
CA THR L 207 30.10 -54.01 18.41
C THR L 207 29.68 -52.67 17.89
N ILE L 208 29.38 -51.74 18.77
CA ILE L 208 29.02 -50.42 18.31
C ILE L 208 29.91 -49.35 18.94
N VAL L 209 30.48 -48.51 18.10
CA VAL L 209 31.31 -47.39 18.53
C VAL L 209 30.39 -46.19 18.65
N VAL L 210 30.42 -45.59 19.82
CA VAL L 210 29.55 -44.51 20.16
C VAL L 210 30.23 -43.18 20.46
N PRO L 211 30.01 -42.11 19.70
CA PRO L 211 30.53 -40.79 19.96
C PRO L 211 29.72 -40.19 21.09
N TYR L 212 30.25 -39.20 21.79
CA TYR L 212 29.42 -38.50 22.74
C TYR L 212 28.41 -37.69 21.98
N VAL L 213 27.13 -37.77 22.34
CA VAL L 213 26.14 -37.00 21.60
C VAL L 213 25.24 -36.18 22.49
N ASN L 214 25.30 -34.89 22.35
CA ASN L 214 24.44 -34.01 23.13
C ASN L 214 24.29 -32.69 22.41
N SER L 215 23.51 -31.80 22.99
CA SER L 215 23.37 -30.44 22.52
C SER L 215 24.50 -29.62 23.14
N LEU L 216 25.17 -30.22 24.08
CA LEU L 216 26.28 -29.64 24.80
C LEU L 216 27.55 -30.36 24.45
N VAL L 217 28.65 -29.65 24.52
CA VAL L 217 29.90 -30.31 24.27
C VAL L 217 30.23 -31.31 25.36
N ILE L 218 30.06 -30.88 26.60
CA ILE L 218 30.39 -31.65 27.80
C ILE L 218 29.21 -31.54 28.78
N ASP L 219 28.96 -32.54 29.64
CA ASP L 219 27.83 -32.39 30.58
C ASP L 219 28.09 -33.09 31.93
N CYS L 220 27.15 -33.02 32.86
CA CYS L 220 27.34 -33.64 34.16
C CYS L 220 26.79 -35.04 34.25
N MET L 221 27.69 -35.98 34.51
CA MET L 221 27.40 -37.42 34.54
C MET L 221 26.40 -37.81 35.58
N ALA L 222 26.39 -37.10 36.68
CA ALA L 222 25.48 -37.43 37.75
C ALA L 222 24.05 -37.01 37.42
N LYS L 223 23.86 -36.13 36.44
CA LYS L 223 22.54 -35.67 36.09
C LYS L 223 22.01 -36.26 34.81
N HIS L 224 22.88 -36.53 33.85
CA HIS L 224 22.41 -36.93 32.54
C HIS L 224 23.03 -38.18 31.96
N ASN L 225 22.14 -39.02 31.44
CA ASN L 225 22.52 -40.25 30.77
C ASN L 225 22.59 -40.02 29.27
N ASN L 226 23.80 -39.91 28.74
CA ASN L 226 23.91 -39.55 27.34
C ASN L 226 23.25 -40.55 26.38
N TRP L 227 23.41 -41.83 26.67
CA TRP L 227 22.86 -42.92 25.87
C TRP L 227 22.28 -43.98 26.75
N GLY L 228 21.33 -44.73 26.20
CA GLY L 228 20.82 -45.93 26.83
C GLY L 228 21.10 -47.13 25.93
N ILE L 229 21.07 -48.32 26.52
CA ILE L 229 21.27 -49.55 25.80
C ILE L 229 20.05 -50.40 25.88
N VAL L 230 19.53 -50.77 24.74
CA VAL L 230 18.37 -51.62 24.70
C VAL L 230 18.61 -52.92 23.99
N ILE L 231 18.35 -54.02 24.71
CA ILE L 231 18.50 -55.32 24.11
C ILE L 231 17.18 -56.05 24.14
N LEU L 232 16.71 -56.46 22.97
CA LEU L 232 15.42 -57.13 22.93
C LEU L 232 15.50 -58.46 22.24
N PRO L 233 14.73 -59.45 22.65
CA PRO L 233 14.61 -60.66 21.90
C PRO L 233 13.89 -60.23 20.66
N LEU L 234 14.29 -60.73 19.54
CA LEU L 234 13.64 -60.43 18.30
C LEU L 234 12.91 -61.66 17.87
N ALA L 235 13.54 -62.78 18.23
CA ALA L 235 13.07 -64.10 17.90
C ALA L 235 13.30 -64.91 19.15
N PRO L 236 12.44 -65.85 19.49
CA PRO L 236 12.49 -66.61 20.71
C PRO L 236 13.67 -67.51 20.74
N LEU L 237 14.13 -67.82 21.94
CA LEU L 237 15.25 -68.71 22.13
C LEU L 237 14.84 -70.16 22.09
N ALA L 238 14.44 -70.58 20.93
CA ALA L 238 14.01 -71.94 20.70
C ALA L 238 15.18 -72.91 20.76
N PHE L 239 14.91 -74.09 21.27
CA PHE L 239 15.90 -75.15 21.32
C PHE L 239 15.22 -76.51 21.41
N ALA L 240 15.72 -77.52 20.66
CA ALA L 240 15.25 -78.91 20.73
C ALA L 240 16.45 -79.80 21.03
N SER L 244 12.85 -75.50 29.83
CA SER L 244 13.11 -74.49 28.82
C SER L 244 14.65 -74.35 28.69
N PRO L 245 15.22 -73.78 27.56
CA PRO L 245 16.63 -73.42 27.39
C PRO L 245 16.94 -72.12 28.09
N GLN L 246 18.20 -71.91 28.46
CA GLN L 246 18.62 -70.61 28.94
C GLN L 246 19.98 -70.31 28.32
N VAL L 247 20.18 -69.07 27.90
CA VAL L 247 21.46 -68.64 27.36
C VAL L 247 21.92 -67.31 27.98
N PRO L 248 23.12 -67.20 28.54
CA PRO L 248 23.61 -65.96 29.12
C PRO L 248 23.93 -64.93 28.05
N ILE L 249 23.76 -63.66 28.41
CA ILE L 249 24.14 -62.52 27.59
C ILE L 249 25.09 -61.64 28.38
N THR L 250 26.25 -61.33 27.81
CA THR L 250 27.20 -60.50 28.53
C THR L 250 27.48 -59.20 27.81
N VAL L 251 27.41 -58.10 28.57
CA VAL L 251 27.66 -56.78 28.01
C VAL L 251 28.93 -56.19 28.62
N THR L 252 29.88 -55.86 27.75
CA THR L 252 31.17 -55.29 28.15
C THR L 252 31.38 -53.93 27.46
N ILE L 253 31.70 -52.91 28.25
CA ILE L 253 31.80 -51.55 27.72
C ILE L 253 33.07 -50.80 28.09
N ALA L 254 33.65 -50.08 27.12
CA ALA L 254 34.79 -49.21 27.43
C ALA L 254 34.49 -47.78 27.04
N PRO L 255 34.83 -46.79 27.84
CA PRO L 255 34.84 -45.38 27.51
C PRO L 255 35.87 -45.10 26.42
N MET L 256 35.65 -44.07 25.62
CA MET L 256 36.58 -43.61 24.60
C MET L 256 36.82 -42.13 24.73
N CYS L 257 38.07 -41.71 24.55
CA CYS L 257 38.42 -40.29 24.63
C CYS L 257 37.85 -39.64 25.88
N THR L 258 37.87 -40.33 27.01
CA THR L 258 37.28 -39.75 28.19
C THR L 258 38.01 -38.52 28.68
N GLU L 259 37.26 -37.49 29.01
CA GLU L 259 37.84 -36.30 29.62
C GLU L 259 36.89 -35.67 30.64
N PHE L 260 37.46 -35.00 31.64
CA PHE L 260 36.66 -34.35 32.68
C PHE L 260 37.10 -32.94 33.03
N ASN L 261 36.15 -32.14 33.50
CA ASN L 261 36.38 -30.76 33.93
C ASN L 261 35.65 -30.45 35.23
N GLY L 262 36.08 -29.42 35.94
CA GLY L 262 35.30 -29.08 37.13
C GLY L 262 35.59 -29.96 38.33
N LEU L 263 36.86 -30.17 38.66
CA LEU L 263 37.20 -31.01 39.80
C LEU L 263 36.68 -30.44 41.11
N ARG L 264 36.05 -31.32 41.90
CA ARG L 264 35.46 -30.97 43.17
C ARG L 264 35.56 -32.12 44.14
N ASN L 265 34.95 -31.94 45.29
CA ASN L 265 34.89 -32.95 46.32
C ASN L 265 34.03 -34.10 45.83
N ILE L 266 34.18 -35.27 46.42
CA ILE L 266 33.46 -36.42 45.90
C ILE L 266 31.96 -36.26 45.97
N THR L 267 31.31 -36.56 44.85
CA THR L 267 29.88 -36.50 44.76
C THR L 267 29.32 -37.83 45.18
N VAL L 268 28.42 -37.81 46.14
CA VAL L 268 27.82 -39.04 46.56
C VAL L 268 26.31 -38.90 46.43
N PRO L 269 25.66 -39.62 45.51
CA PRO L 269 24.27 -39.55 45.13
C PRO L 269 23.40 -40.16 46.19
N VAL L 270 22.12 -39.89 46.10
CA VAL L 270 21.18 -40.53 46.99
C VAL L 270 21.28 -42.03 46.76
N HIS L 271 21.35 -42.77 47.86
CA HIS L 271 21.49 -44.21 47.84
C HIS L 271 20.23 -44.93 48.30
N GLN L 272 20.12 -46.22 47.93
CA GLN L 272 19.05 -47.15 48.31
C GLN L 272 19.71 -48.32 49.07
N GLY M 1 6.03 8.83 -0.70
CA GLY M 1 4.65 8.76 -1.15
C GLY M 1 4.52 8.06 -2.51
N LEU M 2 5.18 6.89 -2.65
CA LEU M 2 5.16 6.05 -3.84
C LEU M 2 3.78 5.43 -4.02
N PRO M 3 3.03 5.68 -5.09
CA PRO M 3 1.72 5.14 -5.26
C PRO M 3 1.75 3.65 -5.37
N THR M 4 0.84 2.99 -4.67
CA THR M 4 0.75 1.57 -4.61
C THR M 4 -0.67 1.05 -4.62
N MET M 5 -0.83 -0.22 -4.93
CA MET M 5 -2.15 -0.81 -4.91
C MET M 5 -2.15 -2.14 -4.19
N ASN M 6 -3.07 -2.37 -3.27
CA ASN M 6 -3.08 -3.64 -2.56
C ASN M 6 -3.86 -4.67 -3.36
N THR M 7 -3.21 -5.76 -3.73
CA THR M 7 -3.85 -6.78 -4.53
C THR M 7 -4.52 -7.79 -3.60
N PRO M 8 -5.42 -8.63 -4.10
CA PRO M 8 -6.02 -9.69 -3.36
C PRO M 8 -4.91 -10.50 -2.79
N GLY M 9 -5.17 -11.03 -1.62
CA GLY M 9 -4.21 -11.78 -0.86
C GLY M 9 -3.60 -10.90 0.23
N SER M 10 -3.82 -9.59 0.13
CA SER M 10 -3.33 -8.67 1.12
C SER M 10 -4.00 -8.87 2.47
N ASN M 11 -3.23 -8.71 3.54
CA ASN M 11 -3.68 -8.84 4.90
C ASN M 11 -4.34 -10.18 5.23
N GLN M 12 -3.71 -11.27 4.82
CA GLN M 12 -4.21 -12.62 5.10
C GLN M 12 -3.07 -13.42 5.67
N PHE M 13 -3.38 -14.41 6.48
CA PHE M 13 -2.34 -15.32 6.99
C PHE M 13 -2.32 -16.69 6.42
N LEU M 14 -1.30 -16.97 5.65
CA LEU M 14 -1.10 -18.26 5.03
C LEU M 14 -0.06 -19.03 5.85
N THR M 15 -0.42 -20.20 6.34
CA THR M 15 0.43 -20.98 7.25
C THR M 15 1.63 -21.57 6.53
N SER M 16 1.57 -21.57 5.23
CA SER M 16 2.60 -22.09 4.37
C SER M 16 3.33 -20.99 3.62
N ASP M 17 3.21 -19.74 4.07
CA ASP M 17 3.88 -18.67 3.35
C ASP M 17 5.36 -18.56 3.69
N ASP M 18 6.03 -17.59 3.07
CA ASP M 18 7.44 -17.37 3.32
C ASP M 18 7.81 -15.90 3.18
N PHE M 19 7.63 -15.15 4.24
CA PHE M 19 7.90 -13.73 4.21
C PHE M 19 8.89 -13.41 5.27
N GLN M 20 9.53 -12.28 5.13
CA GLN M 20 10.46 -11.83 6.14
C GLN M 20 9.68 -11.27 7.30
N SER M 21 10.29 -11.25 8.46
CA SER M 21 9.63 -10.74 9.66
C SER M 21 10.64 -10.16 10.63
N PRO M 22 10.45 -8.96 11.18
CA PRO M 22 11.40 -8.30 12.05
C PRO M 22 11.62 -9.10 13.29
N CYS M 23 12.86 -9.09 13.74
CA CYS M 23 13.25 -9.77 14.95
C CYS M 23 12.74 -9.00 16.13
N ALA M 24 12.16 -9.71 17.08
CA ALA M 24 11.67 -9.09 18.29
C ALA M 24 12.78 -8.83 19.29
N LEU M 25 13.95 -9.40 19.04
CA LEU M 25 15.07 -9.27 19.94
C LEU M 25 16.31 -8.80 19.16
N PRO M 26 16.37 -7.56 18.66
CA PRO M 26 17.39 -7.07 17.76
C PRO M 26 18.78 -7.22 18.35
N ASN M 27 19.73 -7.62 17.51
CA ASN M 27 21.13 -7.82 17.87
C ASN M 27 21.35 -8.93 18.87
N PHE M 28 20.36 -9.79 19.09
CA PHE M 28 20.55 -10.90 20.01
C PHE M 28 21.66 -11.83 19.59
N ASP M 29 22.52 -12.20 20.53
CA ASP M 29 23.60 -13.09 20.22
C ASP M 29 23.17 -14.55 20.33
N VAL M 30 23.23 -15.23 19.20
CA VAL M 30 22.85 -16.63 19.08
C VAL M 30 24.00 -17.55 19.45
N THR M 31 23.71 -18.52 20.31
CA THR M 31 24.67 -19.48 20.81
C THR M 31 25.34 -20.08 19.59
N PRO M 32 26.67 -20.11 19.51
CA PRO M 32 27.39 -20.61 18.37
C PRO M 32 27.09 -22.08 18.21
N PRO M 33 27.08 -22.61 16.99
CA PRO M 33 26.87 -24.00 16.67
C PRO M 33 28.08 -24.81 16.99
N ILE M 34 27.88 -26.10 17.22
CA ILE M 34 28.96 -27.06 17.36
C ILE M 34 28.66 -28.21 16.44
N HIS M 35 29.64 -29.02 16.14
CA HIS M 35 29.37 -30.17 15.29
C HIS M 35 28.66 -31.29 16.03
N ILE M 36 27.33 -31.20 16.08
CA ILE M 36 26.51 -32.18 16.75
C ILE M 36 26.43 -33.41 15.83
N PRO M 37 26.75 -34.61 16.29
CA PRO M 37 26.70 -35.86 15.54
C PRO M 37 25.31 -36.23 15.06
N GLY M 38 25.29 -36.96 13.96
CA GLY M 38 24.02 -37.50 13.47
C GLY M 38 23.14 -36.53 12.69
N GLU M 39 23.73 -35.52 12.07
CA GLU M 39 22.93 -34.54 11.34
C GLU M 39 22.12 -35.17 10.23
N VAL M 40 20.87 -34.75 10.16
CA VAL M 40 19.91 -35.17 9.16
C VAL M 40 19.67 -33.96 8.24
N LYS M 41 19.67 -34.18 6.94
CA LYS M 41 19.40 -33.10 6.00
C LYS M 41 18.02 -33.21 5.40
N ASN M 42 17.56 -34.44 5.23
CA ASN M 42 16.32 -34.70 4.55
C ASN M 42 15.61 -35.88 5.18
N MET M 43 14.28 -35.88 5.15
CA MET M 43 13.50 -36.97 5.68
C MET M 43 13.71 -38.25 4.89
N MET M 44 14.12 -38.12 3.65
CA MET M 44 14.33 -39.30 2.83
C MET M 44 15.54 -40.09 3.26
N GLU M 45 16.45 -39.46 4.00
CA GLU M 45 17.62 -40.17 4.50
C GLU M 45 17.16 -41.18 5.53
N LEU M 46 15.97 -40.96 6.08
CA LEU M 46 15.44 -41.83 7.09
C LEU M 46 14.51 -42.83 6.42
N ALA M 47 13.90 -42.43 5.32
CA ALA M 47 12.99 -43.29 4.57
C ALA M 47 13.74 -44.53 4.08
N GLU M 48 15.03 -44.39 3.80
CA GLU M 48 15.87 -45.50 3.33
C GLU M 48 16.34 -46.44 4.45
N ILE M 49 15.98 -46.18 5.70
CA ILE M 49 16.38 -47.05 6.82
C ILE M 49 15.44 -48.22 6.96
N ASP M 50 16.01 -49.42 7.03
CA ASP M 50 15.22 -50.63 7.22
C ASP M 50 14.61 -50.75 8.58
N THR M 51 13.31 -50.94 8.64
CA THR M 51 12.65 -51.16 9.93
C THR M 51 11.79 -52.38 9.81
N LEU M 52 11.34 -52.93 10.92
CA LEU M 52 10.55 -54.14 10.85
C LEU M 52 9.13 -53.93 10.46
N ILE M 53 8.61 -54.92 9.78
CA ILE M 53 7.24 -54.92 9.38
C ILE M 53 6.44 -55.70 10.39
N PRO M 54 5.42 -55.12 11.03
CA PRO M 54 4.57 -55.77 12.01
C PRO M 54 3.59 -56.60 11.25
N MET M 55 4.12 -57.60 10.55
CA MET M 55 3.37 -58.37 9.61
C MET M 55 2.35 -59.31 10.21
N ASN M 56 2.63 -59.81 11.40
CA ASN M 56 1.78 -60.80 12.01
C ASN M 56 0.82 -60.20 12.98
N ALA M 57 0.15 -59.14 12.56
CA ALA M 57 -0.84 -58.49 13.41
C ALA M 57 -2.16 -59.21 13.28
N VAL M 58 -2.18 -60.42 13.81
CA VAL M 58 -3.32 -61.31 13.74
C VAL M 58 -3.77 -61.62 15.13
N ASP M 59 -4.95 -62.18 15.31
CA ASP M 59 -5.44 -62.39 16.65
C ASP M 59 -4.44 -63.15 17.52
N GLY M 60 -4.17 -62.57 18.69
CA GLY M 60 -3.24 -63.10 19.69
C GLY M 60 -1.83 -62.52 19.53
N LYS M 61 -1.59 -61.89 18.40
CA LYS M 61 -0.32 -61.30 18.05
C LYS M 61 -0.42 -59.79 17.80
N VAL M 62 -1.59 -59.23 17.96
CA VAL M 62 -1.79 -57.83 17.70
C VAL M 62 -1.26 -56.99 18.85
N ASN M 63 -0.52 -55.95 18.48
CA ASN M 63 0.09 -55.01 19.37
C ASN M 63 1.02 -55.59 20.42
N THR M 64 1.79 -56.58 20.01
CA THR M 64 2.80 -57.20 20.84
C THR M 64 4.08 -57.38 20.07
N MET M 65 5.10 -57.87 20.75
CA MET M 65 6.40 -58.06 20.11
C MET M 65 6.38 -59.19 19.09
N GLU M 66 5.54 -60.18 19.31
CA GLU M 66 5.43 -61.34 18.44
C GLU M 66 4.86 -60.95 17.07
N MET M 67 4.33 -59.74 16.98
CA MET M 67 3.72 -59.18 15.78
C MET M 67 4.73 -59.06 14.66
N TYR M 68 6.00 -59.04 15.02
CA TYR M 68 7.02 -58.87 14.00
C TYR M 68 7.64 -60.20 13.61
N GLN M 69 7.13 -61.31 14.11
CA GLN M 69 7.73 -62.61 13.84
C GLN M 69 6.94 -63.41 12.82
N ILE M 70 7.55 -63.72 11.67
CA ILE M 70 6.85 -64.46 10.63
C ILE M 70 7.15 -65.92 10.83
N PRO M 71 6.18 -66.78 11.12
CA PRO M 71 6.41 -68.17 11.38
C PRO M 71 6.78 -68.94 10.15
N LEU M 72 7.61 -69.93 10.35
CA LEU M 72 8.00 -70.92 9.37
C LEU M 72 7.84 -72.31 9.97
N ASN M 73 7.56 -73.29 9.12
CA ASN M 73 7.39 -74.66 9.56
C ASN M 73 8.10 -75.60 8.60
N ASP M 74 8.49 -76.79 9.04
CA ASP M 74 9.16 -77.72 8.16
C ASP M 74 8.23 -78.71 7.44
N ASN M 75 6.94 -78.55 7.63
CA ASN M 75 5.96 -79.40 7.00
C ASN M 75 5.64 -78.94 5.61
N LEU M 76 5.10 -79.85 4.83
CA LEU M 76 4.66 -79.50 3.51
C LEU M 76 3.52 -78.52 3.55
N SER M 77 3.64 -77.47 2.77
CA SER M 77 2.60 -76.49 2.64
C SER M 77 2.65 -75.89 1.28
N LYS M 78 1.49 -75.70 0.71
CA LYS M 78 1.35 -75.10 -0.60
C LYS M 78 0.79 -73.70 -0.46
N ALA M 79 0.46 -73.36 0.77
CA ALA M 79 -0.14 -72.10 1.11
C ALA M 79 0.92 -71.04 1.12
N PRO M 80 0.60 -69.77 0.92
CA PRO M 80 1.52 -68.70 1.11
C PRO M 80 1.82 -68.65 2.58
N ILE M 81 3.02 -68.23 2.88
CA ILE M 81 3.51 -68.00 4.22
C ILE M 81 2.90 -66.71 4.67
N PHE M 82 2.92 -65.75 3.77
CA PHE M 82 2.33 -64.45 4.04
C PHE M 82 1.87 -63.72 2.79
N CYS M 83 1.01 -62.72 3.01
CA CYS M 83 0.56 -61.82 1.95
C CYS M 83 0.48 -60.36 2.40
N LEU M 84 0.99 -59.44 1.60
CA LEU M 84 0.82 -58.01 1.85
C LEU M 84 0.33 -57.31 0.63
N SER M 85 -0.45 -56.28 0.81
CA SER M 85 -0.80 -55.47 -0.33
C SER M 85 0.22 -54.33 -0.32
N LEU M 86 0.75 -53.95 -1.47
CA LEU M 86 1.77 -52.93 -1.43
C LEU M 86 1.25 -51.52 -1.44
N SER M 87 0.80 -51.13 -0.28
CA SER M 87 0.22 -49.82 -0.06
C SER M 87 0.88 -49.30 1.23
N PRO M 88 2.09 -48.76 1.12
CA PRO M 88 2.97 -48.44 2.22
C PRO M 88 2.45 -47.42 3.21
N ALA M 89 1.50 -46.57 2.82
CA ALA M 89 0.98 -45.61 3.78
C ALA M 89 -0.47 -45.92 4.16
N SER M 90 -1.05 -47.00 3.62
CA SER M 90 -2.43 -47.29 3.96
C SER M 90 -2.69 -48.69 4.51
N ASP M 91 -1.79 -49.64 4.25
CA ASP M 91 -1.99 -51.00 4.72
C ASP M 91 -1.88 -50.99 6.22
N LYS M 92 -2.67 -51.80 6.89
CA LYS M 92 -2.63 -51.89 8.34
C LYS M 92 -1.25 -52.23 8.88
N ARG M 93 -0.48 -53.04 8.17
CA ARG M 93 0.83 -53.41 8.66
C ARG M 93 1.94 -52.47 8.20
N LEU M 94 1.79 -51.88 7.02
CA LEU M 94 2.86 -51.08 6.47
C LEU M 94 2.83 -49.61 6.87
N SER M 95 1.66 -49.07 7.20
CA SER M 95 1.54 -47.65 7.50
C SER M 95 2.26 -47.30 8.78
N HIS M 96 2.61 -48.30 9.56
CA HIS M 96 3.29 -48.12 10.82
C HIS M 96 4.80 -48.35 10.82
N THR M 97 5.38 -48.67 9.68
CA THR M 97 6.83 -48.91 9.63
C THR M 97 7.47 -47.56 9.49
N MET M 98 8.78 -47.42 9.64
CA MET M 98 9.31 -46.07 9.46
C MET M 98 9.01 -45.54 8.10
N LEU M 99 9.04 -46.40 7.09
CA LEU M 99 8.78 -45.90 5.76
C LEU M 99 7.37 -45.39 5.69
N GLY M 100 6.43 -46.16 6.24
CA GLY M 100 5.04 -45.77 6.23
C GLY M 100 4.81 -44.49 7.01
N GLU M 101 5.46 -44.36 8.16
CA GLU M 101 5.26 -43.21 9.01
C GLU M 101 5.79 -41.94 8.42
N ILE M 102 6.92 -41.98 7.75
CA ILE M 102 7.38 -40.76 7.13
C ILE M 102 6.40 -40.45 6.02
N LEU M 103 6.06 -41.49 5.28
CA LEU M 103 5.15 -41.39 4.16
C LEU M 103 3.72 -40.99 4.55
N ASN M 104 3.31 -41.19 5.80
CA ASN M 104 1.99 -40.78 6.25
C ASN M 104 1.88 -39.26 6.27
N TYR M 105 3.00 -38.57 6.14
CA TYR M 105 2.99 -37.13 6.10
C TYR M 105 3.00 -36.65 4.69
N TYR M 106 2.87 -37.54 3.72
CA TYR M 106 2.84 -37.13 2.34
C TYR M 106 1.60 -37.63 1.61
N THR M 107 1.17 -36.89 0.60
CA THR M 107 0.00 -37.24 -0.20
C THR M 107 0.25 -38.24 -1.31
N HIS M 108 1.40 -38.13 -1.95
CA HIS M 108 1.76 -38.95 -3.09
C HIS M 108 3.20 -39.36 -3.01
N TRP M 109 3.53 -40.45 -3.70
CA TRP M 109 4.90 -40.94 -3.67
C TRP M 109 5.33 -41.78 -4.86
N THR M 110 6.63 -41.93 -4.99
CA THR M 110 7.19 -42.77 -6.04
C THR M 110 8.43 -43.51 -5.60
N GLY M 111 8.97 -44.27 -6.54
CA GLY M 111 10.19 -45.06 -6.37
C GLY M 111 9.94 -46.46 -5.94
N SER M 112 10.98 -47.25 -6.03
CA SER M 112 10.95 -48.65 -5.74
C SER M 112 11.03 -48.86 -4.24
N ILE M 113 10.54 -50.00 -3.77
CA ILE M 113 10.61 -50.34 -2.34
C ILE M 113 11.36 -51.64 -2.12
N ARG M 114 12.30 -51.62 -1.18
CA ARG M 114 13.07 -52.80 -0.91
C ARG M 114 12.62 -53.51 0.35
N PHE M 115 12.58 -54.82 0.24
CA PHE M 115 12.24 -55.64 1.37
C PHE M 115 13.38 -56.57 1.66
N THR M 116 13.67 -56.76 2.92
CA THR M 116 14.72 -57.68 3.31
C THR M 116 14.21 -58.66 4.30
N PHE M 117 14.53 -59.91 4.12
CA PHE M 117 14.11 -60.90 5.05
C PHE M 117 15.29 -61.60 5.66
N LEU M 118 15.14 -62.00 6.92
CA LEU M 118 16.19 -62.67 7.67
C LEU M 118 15.76 -63.95 8.36
N PHE M 119 16.51 -65.02 8.15
CA PHE M 119 16.15 -66.28 8.83
C PHE M 119 16.72 -66.30 10.26
N CYS M 120 15.85 -66.49 11.26
CA CYS M 120 16.30 -66.51 12.65
C CYS M 120 16.12 -67.91 13.18
N GLY M 121 16.43 -68.86 12.31
CA GLY M 121 16.33 -70.27 12.58
C GLY M 121 17.62 -70.85 13.16
N SER M 122 17.69 -72.15 13.30
CA SER M 122 18.89 -72.83 13.76
C SER M 122 19.89 -72.84 12.62
N MET M 123 21.18 -73.15 12.89
CA MET M 123 22.18 -73.24 11.82
C MET M 123 22.04 -74.54 11.09
N MET M 124 21.45 -75.47 11.80
CA MET M 124 21.28 -76.82 11.35
C MET M 124 20.25 -76.95 10.22
N ALA M 125 19.24 -76.10 10.23
CA ALA M 125 18.19 -76.17 9.21
C ALA M 125 18.61 -75.57 7.86
N THR M 126 18.13 -76.21 6.79
CA THR M 126 18.33 -75.75 5.40
C THR M 126 17.04 -75.76 4.58
N GLY M 127 17.10 -75.26 3.36
CA GLY M 127 15.91 -75.23 2.50
C GLY M 127 15.91 -73.94 1.68
N LYS M 128 14.79 -73.64 0.99
CA LYS M 128 14.70 -72.44 0.15
C LYS M 128 13.31 -71.79 0.15
N LEU M 129 13.27 -70.46 0.12
CA LEU M 129 12.00 -69.71 0.01
C LEU M 129 11.88 -68.88 -1.25
N LEU M 130 10.65 -68.73 -1.71
CA LEU M 130 10.32 -67.89 -2.85
C LEU M 130 9.71 -66.57 -2.46
N LEU M 131 10.40 -65.48 -2.78
CA LEU M 131 9.85 -64.17 -2.47
C LEU M 131 9.31 -63.69 -3.80
N SER M 132 8.12 -63.10 -3.81
CA SER M 132 7.57 -62.65 -5.07
C SER M 132 6.67 -61.43 -5.05
N TYR M 133 6.82 -60.61 -6.08
CA TYR M 133 6.03 -59.44 -6.27
C TYR M 133 5.22 -59.49 -7.55
N SER M 134 3.94 -59.27 -7.43
CA SER M 134 3.04 -59.28 -8.56
C SER M 134 2.47 -57.89 -8.78
N PRO M 135 2.64 -57.27 -9.94
CA PRO M 135 2.09 -55.98 -10.28
C PRO M 135 0.55 -56.00 -10.13
N PRO M 136 -0.07 -54.83 -10.04
CA PRO M 136 -1.50 -54.54 -9.87
C PRO M 136 -2.41 -55.00 -10.99
N GLY M 137 -3.71 -55.08 -10.67
CA GLY M 137 -4.76 -55.36 -11.64
C GLY M 137 -5.00 -56.80 -12.08
N ALA M 138 -4.63 -57.76 -11.24
CA ALA M 138 -4.81 -59.16 -11.57
C ALA M 138 -5.10 -59.91 -10.32
N LYS M 139 -5.65 -61.10 -10.44
CA LYS M 139 -5.92 -61.89 -9.27
C LYS M 139 -4.61 -61.92 -8.49
N PRO M 140 -4.58 -61.63 -7.19
CA PRO M 140 -3.37 -61.64 -6.42
C PRO M 140 -2.96 -63.09 -6.42
N PRO M 141 -1.68 -63.42 -6.27
CA PRO M 141 -1.22 -64.77 -6.31
C PRO M 141 -1.96 -65.62 -5.32
N THR M 142 -2.39 -66.79 -5.76
CA THR M 142 -3.11 -67.69 -4.87
C THR M 142 -2.27 -68.90 -4.56
N ASN M 143 -1.26 -69.13 -5.38
CA ASN M 143 -0.41 -70.28 -5.25
C ASN M 143 1.00 -69.99 -5.76
N ARG M 144 1.85 -70.98 -5.67
CA ARG M 144 3.22 -70.87 -6.09
C ARG M 144 3.39 -70.59 -7.58
N LYS M 145 2.48 -71.06 -8.42
CA LYS M 145 2.66 -70.86 -9.85
C LYS M 145 2.52 -69.40 -10.17
N ASP M 146 1.58 -68.76 -9.51
CA ASP M 146 1.36 -67.35 -9.76
C ASP M 146 2.57 -66.59 -9.27
N ALA M 147 3.11 -67.04 -8.14
CA ALA M 147 4.26 -66.41 -7.57
C ALA M 147 5.46 -66.51 -8.51
N MET M 148 5.63 -67.66 -9.19
CA MET M 148 6.74 -67.84 -10.14
C MET M 148 6.56 -67.02 -11.41
N LEU M 149 5.32 -66.78 -11.80
CA LEU M 149 5.08 -66.03 -13.01
C LEU M 149 5.51 -64.57 -12.89
N GLY M 150 5.22 -63.95 -11.76
CA GLY M 150 5.57 -62.54 -11.59
C GLY M 150 7.03 -62.40 -11.17
N THR M 151 7.46 -61.19 -10.80
CA THR M 151 8.84 -60.96 -10.43
C THR M 151 9.21 -61.72 -9.18
N HIS M 152 10.29 -62.45 -9.22
CA HIS M 152 10.62 -63.19 -8.02
C HIS M 152 12.09 -63.48 -7.87
N ILE M 153 12.43 -63.85 -6.66
CA ILE M 153 13.78 -64.25 -6.33
C ILE M 153 13.78 -65.46 -5.42
N ILE M 154 14.77 -66.33 -5.57
CA ILE M 154 14.87 -67.46 -4.67
C ILE M 154 15.90 -67.16 -3.61
N TRP M 155 15.46 -67.28 -2.37
CA TRP M 155 16.26 -67.03 -1.20
C TRP M 155 16.66 -68.33 -0.53
N ASP M 156 17.90 -68.71 -0.72
CA ASP M 156 18.32 -69.96 -0.13
C ASP M 156 18.65 -69.75 1.33
N LEU M 157 18.52 -70.78 2.15
CA LEU M 157 19.04 -70.64 3.48
C LEU M 157 20.55 -70.71 3.30
N GLY M 158 21.30 -69.91 4.04
CA GLY M 158 22.74 -69.94 3.92
C GLY M 158 23.38 -68.99 4.92
N LEU M 159 24.71 -68.84 4.84
CA LEU M 159 25.40 -67.99 5.80
C LEU M 159 25.02 -66.53 5.61
N GLN M 160 24.84 -66.12 4.36
CA GLN M 160 24.40 -64.76 4.14
C GLN M 160 22.92 -64.85 4.18
N SER M 161 22.42 -64.94 5.39
CA SER M 161 21.04 -65.24 5.69
C SER M 161 20.10 -64.22 5.13
N SER M 162 20.46 -62.96 5.20
CA SER M 162 19.58 -61.92 4.71
C SER M 162 19.43 -61.93 3.22
N CYS M 163 18.23 -61.65 2.76
CA CYS M 163 18.01 -61.51 1.34
C CYS M 163 17.07 -60.44 1.02
N SER M 164 17.42 -59.65 0.02
CA SER M 164 16.51 -58.63 -0.36
C SER M 164 15.90 -58.86 -1.71
N MET M 165 14.71 -58.32 -1.84
CA MET M 165 13.93 -58.30 -3.04
C MET M 165 13.49 -56.87 -3.23
N VAL M 166 13.42 -56.44 -4.46
CA VAL M 166 12.97 -55.09 -4.67
C VAL M 166 11.73 -55.11 -5.50
N ALA M 167 10.72 -54.43 -5.01
CA ALA M 167 9.49 -54.29 -5.75
C ALA M 167 9.76 -53.08 -6.62
N PRO M 168 9.95 -53.25 -7.92
CA PRO M 168 10.37 -52.23 -8.82
C PRO M 168 9.28 -51.23 -9.01
N TRP M 169 9.64 -50.00 -9.30
CA TRP M 169 8.61 -49.05 -9.55
C TRP M 169 7.92 -49.22 -10.87
N ILE M 170 6.83 -49.94 -10.81
CA ILE M 170 5.97 -50.18 -11.93
C ILE M 170 4.69 -49.50 -11.59
N SER M 171 4.32 -48.53 -12.39
CA SER M 171 3.13 -47.75 -12.14
C SER M 171 2.66 -47.14 -13.42
N ASN M 172 1.37 -46.97 -13.55
CA ASN M 172 0.84 -46.27 -14.70
C ASN M 172 1.07 -44.78 -14.50
N THR M 173 0.71 -44.30 -13.33
CA THR M 173 0.87 -42.93 -12.99
C THR M 173 2.31 -42.73 -12.63
N VAL M 174 2.75 -41.50 -12.54
CA VAL M 174 4.12 -41.31 -12.16
C VAL M 174 4.19 -41.53 -10.67
N TYR M 175 3.25 -40.92 -9.97
CA TYR M 175 3.20 -41.01 -8.53
C TYR M 175 1.94 -41.71 -8.09
N ARG M 176 2.02 -42.43 -7.01
CA ARG M 176 0.88 -43.10 -6.46
C ARG M 176 0.36 -42.36 -5.28
N ARG M 177 -0.90 -42.51 -4.97
CA ARG M 177 -1.42 -41.88 -3.79
C ARG M 177 -0.94 -42.66 -2.60
N CYS M 178 -0.69 -41.97 -1.51
CA CYS M 178 -0.36 -42.62 -0.27
C CYS M 178 -1.62 -43.30 0.29
N ALA M 179 -2.72 -42.60 0.12
CA ALA M 179 -4.07 -42.97 0.54
C ALA M 179 -4.57 -44.18 -0.19
N ARG M 180 -5.36 -45.00 0.50
CA ARG M 180 -5.96 -46.16 -0.13
C ARG M 180 -6.81 -45.66 -1.26
N ASP M 181 -6.70 -46.31 -2.40
CA ASP M 181 -7.43 -45.90 -3.59
C ASP M 181 -7.89 -47.09 -4.43
N ASP M 182 -9.16 -47.12 -4.81
CA ASP M 182 -9.65 -48.20 -5.64
C ASP M 182 -8.91 -48.23 -6.97
N PHE M 183 -8.58 -47.03 -7.48
CA PHE M 183 -7.86 -46.88 -8.73
C PHE M 183 -6.39 -47.26 -8.64
N THR M 184 -5.72 -46.78 -7.61
CA THR M 184 -4.31 -47.00 -7.48
C THR M 184 -3.94 -47.97 -6.37
N GLU M 185 -3.39 -49.11 -6.77
CA GLU M 185 -2.83 -50.05 -5.78
C GLU M 185 -1.44 -50.43 -6.22
N GLY M 186 -0.61 -50.79 -5.25
CA GLY M 186 0.78 -51.08 -5.58
C GLY M 186 1.10 -52.49 -5.96
N GLY M 187 0.11 -53.34 -6.10
CA GLY M 187 0.37 -54.74 -6.42
C GLY M 187 0.49 -55.53 -5.15
N PHE M 188 1.02 -56.74 -5.26
CA PHE M 188 1.01 -57.65 -4.15
C PHE M 188 2.35 -58.28 -3.83
N ILE M 189 2.60 -58.50 -2.55
CA ILE M 189 3.81 -59.21 -2.13
C ILE M 189 3.48 -60.48 -1.40
N THR M 190 4.08 -61.55 -1.85
CA THR M 190 3.86 -62.82 -1.21
C THR M 190 5.11 -63.63 -1.02
N CYS M 191 4.99 -64.67 -0.23
CA CYS M 191 6.07 -65.62 -0.08
C CYS M 191 5.54 -67.02 0.10
N PHE M 192 6.16 -67.94 -0.64
CA PHE M 192 5.88 -69.38 -0.64
C PHE M 192 7.12 -70.19 -0.40
N TYR M 193 6.95 -71.41 0.09
CA TYR M 193 8.12 -72.26 0.20
C TYR M 193 8.53 -72.69 -1.20
N GLN M 194 9.83 -72.69 -1.46
CA GLN M 194 10.31 -73.19 -2.74
C GLN M 194 10.48 -74.68 -2.53
N THR M 195 10.87 -75.01 -1.31
CA THR M 195 11.06 -76.37 -0.86
C THR M 195 10.90 -76.44 0.64
N ARG M 196 10.55 -77.61 1.13
CA ARG M 196 10.37 -77.82 2.54
C ARG M 196 11.63 -77.54 3.32
N ILE M 197 11.48 -76.93 4.48
CA ILE M 197 12.66 -76.71 5.31
C ILE M 197 13.04 -78.05 5.88
N VAL M 198 14.31 -78.35 5.77
CA VAL M 198 14.84 -79.59 6.25
C VAL M 198 15.44 -79.36 7.61
N VAL M 199 14.95 -80.09 8.57
CA VAL M 199 15.39 -79.94 9.94
C VAL M 199 16.03 -81.23 10.46
N PRO M 200 17.30 -81.21 10.86
CA PRO M 200 18.06 -82.28 11.48
C PRO M 200 17.52 -82.62 12.84
N ALA M 201 17.99 -83.72 13.39
CA ALA M 201 17.54 -84.17 14.70
C ALA M 201 17.86 -83.15 15.78
N SER M 202 17.00 -83.11 16.80
CA SER M 202 17.16 -82.25 17.99
C SER M 202 17.36 -80.80 17.63
N THR M 203 16.65 -80.38 16.60
CA THR M 203 16.73 -79.06 16.08
C THR M 203 15.31 -78.56 16.08
N PRO M 204 15.03 -77.28 16.39
CA PRO M 204 13.69 -76.74 16.36
C PRO M 204 13.07 -77.06 15.03
N THR M 205 11.80 -77.41 15.05
CA THR M 205 11.03 -77.82 13.88
C THR M 205 10.11 -76.72 13.46
N SER M 206 10.34 -75.58 14.07
CA SER M 206 9.60 -74.38 13.79
C SER M 206 10.57 -73.28 14.00
N MET M 207 10.41 -72.22 13.21
CA MET M 207 11.36 -71.07 13.24
C MET M 207 10.56 -69.78 13.10
N PHE M 208 11.29 -68.67 13.04
CA PHE M 208 10.79 -67.43 12.56
C PHE M 208 11.76 -66.71 11.66
N MET M 209 11.20 -65.83 10.84
CA MET M 209 12.00 -64.93 10.06
C MET M 209 11.48 -63.52 10.29
N LEU M 210 12.36 -62.57 10.15
CA LEU M 210 11.95 -61.19 10.29
C LEU M 210 11.89 -60.55 8.94
N GLY M 211 11.02 -59.58 8.77
CA GLY M 211 10.99 -58.85 7.51
C GLY M 211 11.15 -57.38 7.78
N PHE M 212 11.84 -56.70 6.88
CA PHE M 212 12.12 -55.30 6.93
C PHE M 212 11.71 -54.58 5.67
N VAL M 213 11.35 -53.32 5.80
CA VAL M 213 11.05 -52.51 4.62
C VAL M 213 11.76 -51.18 4.64
N SER M 214 12.22 -50.74 3.46
CA SER M 214 12.85 -49.43 3.29
C SER M 214 12.73 -48.87 1.89
N ALA M 215 12.90 -47.56 1.79
CA ALA M 215 12.91 -46.89 0.49
C ALA M 215 14.13 -47.22 -0.34
N CYS M 216 13.96 -47.30 -1.66
CA CYS M 216 15.09 -47.45 -2.54
C CYS M 216 15.64 -46.06 -2.86
N PRO M 217 16.85 -45.93 -3.40
CA PRO M 217 17.48 -44.68 -3.79
C PRO M 217 16.69 -43.82 -4.80
N ASP M 218 15.72 -44.40 -5.52
CA ASP M 218 14.95 -43.61 -6.49
C ASP M 218 13.62 -43.07 -5.88
N PHE M 219 13.44 -43.28 -4.58
CA PHE M 219 12.25 -42.90 -3.80
C PHE M 219 12.08 -41.41 -3.54
N SER M 220 10.84 -40.94 -3.62
CA SER M 220 10.52 -39.54 -3.30
C SER M 220 9.05 -39.37 -2.92
N VAL M 221 8.72 -38.19 -2.39
CA VAL M 221 7.36 -37.82 -2.00
C VAL M 221 6.96 -36.48 -2.63
N ARG M 222 5.65 -36.18 -2.72
CA ARG M 222 5.25 -34.90 -3.36
C ARG M 222 4.72 -33.76 -2.50
N LEU M 223 3.98 -34.05 -1.46
CA LEU M 223 3.35 -32.98 -0.71
C LEU M 223 3.04 -33.32 0.71
N LEU M 224 3.49 -32.46 1.60
CA LEU M 224 3.28 -32.64 3.02
C LEU M 224 1.79 -32.55 3.42
N ARG M 225 1.32 -33.47 4.28
CA ARG M 225 -0.07 -33.51 4.79
C ARG M 225 -0.14 -33.93 6.24
N ASP M 226 -1.24 -33.64 6.92
CA ASP M 226 -1.41 -34.11 8.29
C ASP M 226 -1.56 -35.64 8.32
N THR M 227 -1.00 -36.29 9.35
CA THR M 227 -1.14 -37.74 9.49
C THR M 227 -2.39 -38.12 10.25
N PRO M 228 -2.98 -39.29 10.00
CA PRO M 228 -4.10 -39.87 10.72
C PRO M 228 -3.75 -40.60 11.99
N HIS M 229 -2.47 -40.84 12.25
CA HIS M 229 -2.13 -41.66 13.40
C HIS M 229 -2.14 -40.97 14.74
N ILE M 230 -2.01 -39.66 14.80
CA ILE M 230 -2.00 -39.04 16.11
C ILE M 230 -3.20 -38.15 16.24
N SER M 231 -3.79 -38.21 17.42
CA SER M 231 -4.97 -37.43 17.70
C SER M 231 -4.93 -36.80 19.06
N GLN M 232 -5.91 -35.95 19.31
CA GLN M 232 -5.96 -35.24 20.56
C GLN M 232 -7.37 -34.89 20.97
N SER M 233 -7.66 -35.08 22.25
CA SER M 233 -8.92 -34.64 22.79
C SER M 233 -8.76 -33.15 23.09
N GLY N 2 21.55 -4.14 -2.93
CA GLY N 2 22.17 -5.31 -2.33
C GLY N 2 21.30 -6.59 -2.39
N ALA N 3 20.62 -6.78 -3.54
CA ALA N 3 19.72 -7.89 -3.90
C ALA N 3 20.45 -9.11 -4.40
N GLN N 4 19.81 -10.25 -4.26
CA GLN N 4 20.31 -11.48 -4.81
C GLN N 4 19.29 -12.02 -5.79
N VAL N 5 19.78 -12.63 -6.86
CA VAL N 5 18.87 -13.22 -7.81
C VAL N 5 19.14 -14.70 -7.91
N SER N 6 18.10 -15.46 -7.69
CA SER N 6 18.17 -16.91 -7.69
C SER N 6 17.12 -17.49 -8.60
N THR N 7 17.29 -18.73 -9.02
CA THR N 7 16.28 -19.32 -9.87
C THR N 7 15.10 -19.80 -9.06
N GLN N 8 14.00 -20.02 -9.73
CA GLN N 8 12.77 -20.49 -9.09
C GLN N 8 12.62 -21.97 -9.31
N LYS N 9 11.83 -22.61 -8.47
CA LYS N 9 11.53 -24.00 -8.69
C LYS N 9 10.57 -24.06 -9.87
N THR N 10 10.72 -25.07 -10.72
CA THR N 10 9.93 -25.13 -11.94
C THR N 10 8.43 -25.27 -11.77
N GLY N 11 7.69 -24.55 -12.63
CA GLY N 11 6.23 -24.56 -12.70
C GLY N 11 5.68 -25.32 -13.90
N ALA N 12 4.37 -25.22 -14.11
CA ALA N 12 3.71 -25.97 -15.19
C ALA N 12 4.18 -25.61 -16.59
N HIS N 13 4.51 -24.36 -16.82
CA HIS N 13 4.85 -23.91 -18.15
C HIS N 13 6.25 -24.17 -18.59
N GLU N 14 7.09 -24.65 -17.71
CA GLU N 14 8.45 -24.80 -18.09
C GLU N 14 8.68 -26.10 -18.83
N ASN N 15 9.32 -25.99 -19.99
CA ASN N 15 9.64 -27.17 -20.79
C ASN N 15 11.06 -27.59 -20.54
N GLN N 16 11.66 -26.91 -19.57
CA GLN N 16 13.01 -27.15 -19.16
C GLN N 16 13.02 -27.52 -17.70
N ASN N 17 13.03 -28.81 -17.42
CA ASN N 17 12.95 -29.31 -16.07
C ASN N 17 14.35 -29.47 -15.50
N VAL N 18 15.25 -28.84 -16.22
CA VAL N 18 16.65 -28.73 -15.96
C VAL N 18 16.97 -27.27 -15.68
N ALA N 19 15.91 -26.45 -15.52
CA ALA N 19 16.04 -25.04 -15.23
C ALA N 19 16.92 -24.33 -16.24
N ALA N 20 16.64 -24.55 -17.52
CA ALA N 20 17.44 -23.94 -18.57
C ALA N 20 16.61 -23.26 -19.64
N ASN N 21 15.68 -22.38 -19.25
CA ASN N 21 14.86 -21.67 -20.22
C ASN N 21 15.17 -20.17 -20.23
N GLY N 22 16.37 -19.80 -19.78
CA GLY N 22 16.80 -18.41 -19.77
C GLY N 22 16.36 -17.62 -18.54
N SER N 23 16.44 -16.28 -18.65
CA SER N 23 16.21 -15.32 -17.55
C SER N 23 14.77 -15.31 -17.11
N THR N 24 13.94 -15.92 -17.93
CA THR N 24 12.54 -16.08 -17.73
C THR N 24 12.25 -16.55 -16.32
N ILE N 25 13.03 -17.49 -15.79
CA ILE N 25 12.72 -17.98 -14.46
C ILE N 25 13.75 -17.60 -13.42
N ASN N 26 13.42 -16.58 -12.65
CA ASN N 26 14.24 -16.00 -11.61
C ASN N 26 13.40 -15.29 -10.59
N TYR N 27 13.93 -15.13 -9.39
CA TYR N 27 13.24 -14.27 -8.46
C TYR N 27 14.27 -13.41 -7.77
N THR N 28 13.82 -12.26 -7.31
CA THR N 28 14.73 -11.34 -6.65
C THR N 28 14.40 -11.18 -5.20
N THR N 29 15.42 -11.29 -4.37
CA THR N 29 15.24 -11.13 -2.95
C THR N 29 16.17 -10.12 -2.31
N ILE N 30 15.61 -9.34 -1.40
CA ILE N 30 16.35 -8.36 -0.62
C ILE N 30 16.06 -8.57 0.84
N ASN N 31 17.08 -8.69 1.67
CA ASN N 31 16.87 -8.81 3.10
C ASN N 31 16.65 -7.41 3.67
N TYR N 32 15.59 -7.22 4.44
CA TYR N 32 15.26 -5.89 4.96
C TYR N 32 15.50 -5.69 6.45
N TYR N 33 16.14 -6.64 7.10
CA TYR N 33 16.27 -6.56 8.55
C TYR N 33 17.67 -6.74 9.10
N LYS N 34 17.84 -6.20 10.30
CA LYS N 34 19.10 -6.28 11.06
C LYS N 34 19.59 -7.67 11.44
N ASP N 35 18.68 -8.60 11.73
CA ASP N 35 19.10 -9.93 12.13
C ASP N 35 18.79 -10.90 11.01
N SER N 36 19.58 -11.95 10.87
CA SER N 36 19.29 -12.95 9.83
C SER N 36 18.09 -13.81 10.20
N ALA N 37 17.69 -13.78 11.46
CA ALA N 37 16.54 -14.55 11.93
C ALA N 37 15.27 -14.01 11.26
N SER N 38 15.35 -12.81 10.72
CA SER N 38 14.26 -12.17 10.05
C SER N 38 14.19 -12.50 8.58
N ASN N 39 15.20 -13.20 8.08
CA ASN N 39 15.25 -13.56 6.67
C ASN N 39 14.28 -14.67 6.41
N SER N 40 13.88 -14.78 5.17
CA SER N 40 12.98 -15.80 4.71
C SER N 40 13.72 -17.12 4.73
N ALA N 41 13.00 -18.21 4.48
CA ALA N 41 13.58 -19.56 4.54
C ALA N 41 14.79 -19.70 3.63
N THR N 42 15.71 -20.59 4.02
CA THR N 42 16.96 -20.78 3.31
C THR N 42 16.80 -21.39 1.94
N ARG N 43 17.88 -21.30 1.18
CA ARG N 43 17.94 -21.87 -0.13
C ARG N 43 17.87 -23.35 0.04
N GLN N 44 17.19 -24.01 -0.87
CA GLN N 44 17.11 -25.43 -0.77
C GLN N 44 18.45 -26.07 -1.00
N ASP N 45 18.74 -27.05 -0.18
CA ASP N 45 19.98 -27.79 -0.27
C ASP N 45 19.64 -29.26 -0.25
N LEU N 46 19.82 -29.91 -1.38
CA LEU N 46 19.44 -31.30 -1.54
C LEU N 46 20.58 -32.25 -1.29
N SER N 47 21.73 -31.77 -0.82
CA SER N 47 22.78 -32.71 -0.56
C SER N 47 22.34 -33.63 0.56
N GLN N 48 22.55 -34.92 0.36
CA GLN N 48 22.17 -35.96 1.32
C GLN N 48 23.23 -37.01 1.45
N ASP N 49 23.25 -37.70 2.58
CA ASP N 49 24.14 -38.84 2.73
C ASP N 49 23.58 -39.90 3.65
N PRO N 50 22.66 -40.74 3.16
CA PRO N 50 21.94 -41.75 3.88
C PRO N 50 22.85 -42.82 4.46
N SER N 51 24.13 -42.91 4.02
CA SER N 51 24.94 -44.00 4.55
C SER N 51 25.15 -43.82 6.03
N LYS N 52 24.97 -42.59 6.49
CA LYS N 52 25.11 -42.25 7.88
C LYS N 52 24.17 -43.07 8.72
N PHE N 53 22.99 -43.37 8.19
CA PHE N 53 22.03 -44.09 8.96
C PHE N 53 21.76 -45.49 8.43
N THR N 54 22.08 -45.77 7.16
CA THR N 54 21.73 -47.08 6.60
C THR N 54 22.92 -48.04 6.47
N GLU N 55 24.14 -47.51 6.44
CA GLU N 55 25.32 -48.33 6.34
C GLU N 55 26.48 -47.73 7.11
N PRO N 56 26.34 -47.41 8.40
CA PRO N 56 27.38 -46.81 9.21
C PRO N 56 28.36 -47.88 9.69
N VAL N 57 29.03 -48.50 8.74
CA VAL N 57 29.86 -49.64 9.04
C VAL N 57 31.31 -49.22 9.04
N LYS N 58 32.04 -49.63 10.06
CA LYS N 58 33.44 -49.27 10.14
C LYS N 58 34.20 -49.80 8.94
N ASP N 59 33.89 -51.03 8.57
CA ASP N 59 34.49 -51.74 7.46
C ASP N 59 33.75 -51.40 6.19
N LEU N 60 34.44 -50.99 5.14
CA LEU N 60 33.70 -50.71 3.92
C LEU N 60 33.10 -51.98 3.35
N MET N 61 31.83 -51.92 3.01
CA MET N 61 31.16 -53.04 2.38
C MET N 61 30.78 -52.65 0.98
N LEU N 62 30.92 -53.55 0.03
CA LEU N 62 30.49 -53.28 -1.32
C LEU N 62 29.21 -54.05 -1.52
N LYS N 63 28.31 -53.58 -2.38
CA LYS N 63 27.03 -54.28 -2.50
C LYS N 63 27.09 -55.74 -2.95
N THR N 64 28.11 -56.16 -3.68
CA THR N 64 28.15 -57.56 -4.12
C THR N 64 29.10 -58.37 -3.27
N ALA N 65 29.71 -57.73 -2.30
CA ALA N 65 30.65 -58.41 -1.47
C ALA N 65 29.86 -59.36 -0.60
N PRO N 66 30.37 -60.52 -0.23
CA PRO N 66 29.74 -61.30 0.77
C PRO N 66 29.72 -60.37 1.95
N ALA N 67 28.61 -60.31 2.66
CA ALA N 67 28.57 -59.41 3.80
C ALA N 67 29.58 -59.81 4.85
N LEU N 68 29.78 -61.11 4.98
CA LEU N 68 30.72 -61.69 5.91
C LEU N 68 31.45 -62.78 5.13
N ASN N 69 32.80 -62.84 5.20
CA ASN N 69 33.65 -63.83 4.48
C ASN N 69 34.09 -65.02 5.38
N PRO O 19 32.98 -8.40 13.40
CA PRO O 19 32.74 -7.72 14.66
C PRO O 19 33.82 -7.99 15.69
N PRO O 20 34.05 -7.08 16.64
CA PRO O 20 34.80 -7.27 17.86
C PRO O 20 34.15 -8.34 18.69
N SER O 21 34.95 -9.02 19.48
CA SER O 21 34.44 -10.10 20.31
C SER O 21 35.00 -10.01 21.72
N THR O 22 34.54 -10.92 22.55
CA THR O 22 34.90 -11.04 23.95
C THR O 22 36.24 -11.72 24.12
N GLN O 23 36.75 -11.80 25.35
CA GLN O 23 38.08 -12.38 25.50
C GLN O 23 38.15 -13.88 25.66
N SER O 24 39.11 -14.44 24.95
CA SER O 24 39.44 -15.85 24.93
C SER O 24 40.30 -16.27 26.10
N THR O 25 40.45 -17.58 26.27
CA THR O 25 41.31 -18.10 27.33
C THR O 25 42.48 -18.85 26.76
N GLU O 26 43.68 -18.52 27.22
CA GLU O 26 44.86 -19.21 26.75
C GLU O 26 45.15 -20.40 27.62
N ALA O 27 45.81 -21.41 27.07
CA ALA O 27 46.19 -22.53 27.91
C ALA O 27 47.34 -22.12 28.81
N THR O 28 47.34 -22.60 30.05
CA THR O 28 48.42 -22.28 30.99
C THR O 28 48.89 -23.48 31.77
N SER O 29 49.98 -23.29 32.50
CA SER O 29 50.51 -24.34 33.35
C SER O 29 50.88 -23.77 34.71
N GLY O 30 51.64 -24.53 35.49
CA GLY O 30 51.98 -24.12 36.85
C GLY O 30 52.87 -22.88 36.89
N VAL O 31 52.67 -22.06 37.91
CA VAL O 31 53.44 -20.85 38.08
C VAL O 31 54.19 -20.77 39.39
N ASN O 32 55.50 -20.53 39.27
CA ASN O 32 56.39 -20.38 40.42
C ASN O 32 57.04 -19.01 40.44
N SER O 33 56.36 -18.07 39.82
CA SER O 33 56.78 -16.68 39.67
C SER O 33 56.88 -15.94 40.99
N GLN O 34 57.87 -15.05 41.07
CA GLN O 34 58.02 -14.19 42.23
C GLN O 34 57.04 -13.00 42.12
N GLU O 35 56.47 -12.84 40.93
CA GLU O 35 55.49 -11.80 40.63
C GLU O 35 54.13 -12.45 40.39
N VAL O 36 53.21 -12.25 41.34
CA VAL O 36 51.94 -12.95 41.33
C VAL O 36 50.71 -12.08 41.02
N PRO O 37 49.97 -12.38 39.92
CA PRO O 37 48.82 -11.63 39.42
C PRO O 37 47.59 -11.70 40.32
N ALA O 38 47.58 -12.68 41.20
CA ALA O 38 46.44 -12.88 42.09
C ALA O 38 46.51 -11.96 43.28
N LEU O 39 47.62 -11.24 43.46
CA LEU O 39 47.70 -10.37 44.62
C LEU O 39 47.65 -8.95 44.15
N THR O 40 46.91 -8.13 44.88
CA THR O 40 46.75 -6.75 44.51
C THR O 40 46.43 -5.87 45.71
N ALA O 41 45.89 -4.69 45.46
CA ALA O 41 45.51 -3.76 46.51
C ALA O 41 44.40 -2.85 46.00
N VAL O 42 43.17 -3.14 46.39
CA VAL O 42 42.04 -2.39 45.85
C VAL O 42 41.96 -0.98 46.37
N GLU O 43 42.81 -0.63 47.34
CA GLU O 43 42.83 0.70 47.89
C GLU O 43 43.19 1.74 46.86
N THR O 44 43.83 1.31 45.78
CA THR O 44 44.23 2.23 44.75
C THR O 44 43.05 2.73 43.99
N GLY O 45 41.91 2.04 44.05
CA GLY O 45 40.73 2.46 43.33
C GLY O 45 40.57 1.64 42.07
N ALA O 46 41.60 0.88 41.74
CA ALA O 46 41.51 0.02 40.58
C ALA O 46 40.82 -1.26 41.01
N SER O 47 40.14 -1.90 40.08
CA SER O 47 39.52 -3.18 40.32
C SER O 47 40.57 -4.28 40.22
N GLY O 48 40.31 -5.44 40.79
CA GLY O 48 41.25 -6.54 40.63
C GLY O 48 41.24 -6.93 39.16
N GLN O 49 42.39 -7.29 38.60
CA GLN O 49 42.44 -7.65 37.18
C GLN O 49 42.67 -9.11 36.80
N ALA O 50 42.74 -10.00 37.78
CA ALA O 50 43.06 -11.40 37.50
C ALA O 50 41.99 -12.12 36.68
N ILE O 51 42.42 -13.04 35.83
CA ILE O 51 41.48 -13.85 35.06
C ILE O 51 41.78 -15.31 35.38
N PRO O 52 40.92 -16.28 35.02
CA PRO O 52 41.08 -17.68 35.33
C PRO O 52 42.42 -18.25 34.95
N SER O 53 43.04 -17.74 33.88
CA SER O 53 44.33 -18.26 33.42
C SER O 53 45.49 -17.89 34.34
N ASP O 54 45.25 -16.91 35.20
CA ASP O 54 46.23 -16.45 36.17
C ASP O 54 46.07 -17.19 37.47
N VAL O 55 44.83 -17.58 37.75
CA VAL O 55 44.51 -18.23 39.00
C VAL O 55 44.72 -19.76 38.97
N VAL O 56 44.26 -20.44 37.91
CA VAL O 56 44.41 -21.89 37.78
C VAL O 56 44.99 -22.27 36.44
N GLU O 57 45.47 -23.49 36.31
CA GLU O 57 45.89 -23.92 34.99
C GLU O 57 44.63 -24.00 34.13
N THR O 58 44.70 -23.44 32.92
CA THR O 58 43.59 -23.40 31.98
C THR O 58 43.86 -24.05 30.65
N ARG O 59 42.79 -24.26 29.89
CA ARG O 59 42.91 -24.82 28.56
C ARG O 59 42.66 -23.72 27.57
N HIS O 60 43.04 -23.92 26.33
CA HIS O 60 42.70 -22.90 25.38
C HIS O 60 41.22 -22.98 25.05
N VAL O 61 40.56 -21.83 25.02
CA VAL O 61 39.16 -21.72 24.64
C VAL O 61 38.93 -20.59 23.65
N VAL O 62 38.26 -20.91 22.54
CA VAL O 62 37.93 -19.86 21.59
C VAL O 62 36.61 -19.24 22.04
N ASN O 63 36.57 -17.93 22.23
CA ASN O 63 35.38 -17.32 22.77
C ASN O 63 34.70 -16.32 21.85
N TYR O 64 33.55 -16.70 21.31
CA TYR O 64 32.79 -15.88 20.39
C TYR O 64 31.53 -15.32 21.03
N LYS O 65 31.44 -15.40 22.34
CA LYS O 65 30.22 -14.95 22.99
C LYS O 65 30.23 -13.43 23.11
N THR O 66 29.85 -12.79 22.01
CA THR O 66 29.91 -11.34 21.79
C THR O 66 28.92 -10.51 22.59
N ARG O 67 29.43 -9.44 23.17
CA ARG O 67 28.65 -8.52 24.00
C ARG O 67 27.81 -7.51 23.22
N SER O 68 26.83 -8.01 22.50
CA SER O 68 25.98 -7.13 21.70
C SER O 68 24.71 -6.64 22.40
N GLU O 69 24.10 -7.49 23.19
CA GLU O 69 22.83 -7.23 23.89
C GLU O 69 23.05 -6.20 24.99
N SER O 70 24.27 -6.13 25.42
CA SER O 70 24.71 -5.25 26.45
C SER O 70 25.14 -3.88 25.95
N CYS O 71 25.07 -3.63 24.65
CA CYS O 71 25.46 -2.31 24.15
C CYS O 71 24.43 -1.31 24.62
N LEU O 72 24.83 -0.05 24.85
CA LEU O 72 23.82 0.91 25.32
C LEU O 72 22.71 1.09 24.31
N GLU O 73 23.06 0.98 23.04
CA GLU O 73 22.10 1.14 21.96
C GLU O 73 21.02 0.05 22.04
N SER O 74 21.39 -1.15 22.49
CA SER O 74 20.43 -2.24 22.58
C SER O 74 19.67 -2.16 23.90
N PHE O 75 20.37 -1.75 24.97
CA PHE O 75 19.83 -1.70 26.33
C PHE O 75 18.62 -0.80 26.36
N PHE O 76 18.75 0.35 25.73
CA PHE O 76 17.70 1.35 25.72
C PHE O 76 16.82 1.27 24.48
N GLY O 77 16.87 0.18 23.74
CA GLY O 77 16.14 0.07 22.49
C GLY O 77 14.65 -0.29 22.57
N ARG O 78 14.09 -0.47 23.75
CA ARG O 78 12.68 -0.82 23.84
C ARG O 78 11.83 0.38 24.21
N ALA O 79 10.63 0.44 23.63
CA ALA O 79 9.68 1.50 23.95
C ALA O 79 8.88 1.16 25.17
N ALA O 80 9.13 1.91 26.23
CA ALA O 80 8.50 1.68 27.51
C ALA O 80 7.25 2.48 27.62
N CYS O 81 6.26 2.00 28.35
CA CYS O 81 5.15 2.89 28.60
C CYS O 81 5.65 3.93 29.57
N VAL O 82 5.34 5.17 29.28
CA VAL O 82 5.70 6.31 30.09
C VAL O 82 4.52 6.90 30.80
N THR O 83 3.41 7.08 30.12
CA THR O 83 2.29 7.70 30.82
C THR O 83 0.96 7.26 30.31
N ILE O 84 -0.03 7.43 31.18
CA ILE O 84 -1.41 7.14 30.86
C ILE O 84 -2.24 8.40 30.89
N LEU O 85 -2.88 8.72 29.79
CA LEU O 85 -3.73 9.89 29.79
C LEU O 85 -5.15 9.39 29.83
N SER O 86 -6.04 10.15 30.44
CA SER O 86 -7.44 9.78 30.53
C SER O 86 -8.32 10.88 29.99
N LEU O 87 -9.06 10.56 28.93
CA LEU O 87 -9.92 11.55 28.28
C LEU O 87 -11.35 11.06 28.13
N THR O 88 -12.30 11.95 28.26
CA THR O 88 -13.68 11.55 28.13
C THR O 88 -14.42 12.39 27.13
N ASN O 89 -15.16 11.75 26.23
CA ASN O 89 -16.01 12.50 25.28
C ASN O 89 -17.46 12.35 25.78
N SER O 90 -17.99 13.38 26.45
CA SER O 90 -19.27 13.28 27.16
C SER O 90 -20.38 14.25 26.78
N SER O 91 -21.61 13.78 26.93
CA SER O 91 -22.82 14.55 26.67
C SER O 91 -23.16 15.53 27.77
N LYS O 92 -22.53 15.38 28.93
CA LYS O 92 -22.80 16.25 30.05
C LYS O 92 -22.03 17.54 29.90
N SER O 93 -22.69 18.67 30.11
CA SER O 93 -22.01 19.94 29.96
C SER O 93 -20.90 20.14 30.98
N GLY O 94 -21.06 19.54 32.14
CA GLY O 94 -20.09 19.69 33.20
C GLY O 94 -18.83 18.89 32.93
N GLU O 95 -18.85 18.05 31.91
CA GLU O 95 -17.71 17.23 31.58
C GLU O 95 -17.01 17.69 30.31
N GLU O 96 -17.33 18.86 29.75
CA GLU O 96 -16.63 19.29 28.53
C GLU O 96 -15.14 19.34 28.74
N LYS O 97 -14.77 19.77 29.93
CA LYS O 97 -13.39 19.92 30.35
C LYS O 97 -12.64 18.60 30.36
N LYS O 98 -13.34 17.49 30.40
CA LYS O 98 -12.70 16.22 30.51
C LYS O 98 -12.30 15.68 29.17
N HIS O 99 -12.68 16.43 28.14
CA HIS O 99 -12.39 16.23 26.70
C HIS O 99 -10.92 16.54 26.43
N PHE O 100 -10.31 17.25 27.38
CA PHE O 100 -9.03 17.91 27.25
C PHE O 100 -8.03 17.50 28.33
N ASN O 101 -6.89 16.96 27.92
CA ASN O 101 -5.90 16.50 28.91
C ASN O 101 -4.47 16.91 28.61
N ILE O 102 -3.88 17.72 29.49
CA ILE O 102 -2.49 18.13 29.30
C ILE O 102 -1.54 17.51 30.30
N TRP O 103 -0.53 16.83 29.77
CA TRP O 103 0.51 16.15 30.53
C TRP O 103 1.90 16.71 30.30
N ASN O 104 2.70 16.84 31.36
CA ASN O 104 4.05 17.38 31.17
C ASN O 104 4.91 16.37 30.49
N ILE O 105 5.84 16.77 29.63
CA ILE O 105 6.68 15.71 29.13
C ILE O 105 7.63 15.32 30.24
N THR O 106 7.68 14.03 30.52
CA THR O 106 8.53 13.46 31.54
C THR O 106 8.72 11.99 31.32
N TYR O 107 9.77 11.46 31.89
CA TYR O 107 10.03 10.02 31.84
C TYR O 107 9.95 9.44 33.25
N THR O 108 9.65 10.28 34.23
CA THR O 108 9.69 9.86 35.62
C THR O 108 8.40 9.27 36.12
N ASP O 109 7.41 9.19 35.26
CA ASP O 109 6.12 8.64 35.65
C ASP O 109 6.16 7.13 35.84
N THR O 110 7.00 6.42 35.10
CA THR O 110 7.08 4.97 35.22
C THR O 110 8.46 4.57 35.69
N VAL O 111 8.48 3.69 36.68
CA VAL O 111 9.73 3.32 37.32
C VAL O 111 10.66 2.46 36.51
N GLN O 112 10.14 1.60 35.66
CA GLN O 112 11.09 0.75 34.99
C GLN O 112 11.99 1.54 34.04
N LEU O 113 11.39 2.51 33.34
CA LEU O 113 12.18 3.31 32.42
C LEU O 113 13.06 4.25 33.18
N ARG O 114 12.52 4.83 34.23
CA ARG O 114 13.29 5.76 34.99
C ARG O 114 14.53 5.12 35.54
N ARG O 115 14.42 3.90 36.07
CA ARG O 115 15.58 3.27 36.63
C ARG O 115 16.64 3.05 35.59
N LYS O 116 16.26 2.64 34.39
CA LYS O 116 17.28 2.44 33.38
C LYS O 116 17.96 3.75 33.01
N LEU O 117 17.19 4.80 32.85
CA LEU O 117 17.79 6.06 32.44
C LEU O 117 18.71 6.62 33.50
N GLU O 118 18.36 6.43 34.77
CA GLU O 118 19.14 6.94 35.88
C GLU O 118 20.45 6.22 36.12
N PHE O 119 20.78 5.22 35.30
CA PHE O 119 22.11 4.64 35.40
C PHE O 119 23.11 5.68 34.94
N PHE O 120 22.70 6.62 34.10
CA PHE O 120 23.70 7.56 33.64
C PHE O 120 23.38 8.97 34.07
N THR O 121 24.42 9.69 34.44
CA THR O 121 24.23 11.06 34.90
C THR O 121 23.77 11.95 33.76
N TYR O 122 24.41 11.78 32.60
CA TYR O 122 24.13 12.58 31.43
C TYR O 122 23.94 11.69 30.23
N SER O 123 23.04 12.08 29.33
CA SER O 123 22.85 11.32 28.10
C SER O 123 22.38 12.14 26.93
N ARG O 124 22.64 11.64 25.75
CA ARG O 124 22.21 12.30 24.55
C ARG O 124 21.62 11.30 23.60
N PHE O 125 20.41 11.55 23.15
CA PHE O 125 19.77 10.62 22.25
C PHE O 125 18.67 11.24 21.46
N ASP O 126 18.29 10.58 20.38
CA ASP O 126 17.12 10.98 19.64
C ASP O 126 15.98 10.19 20.23
N LEU O 127 14.80 10.80 20.35
CA LEU O 127 13.68 10.11 20.96
C LEU O 127 12.58 9.67 20.02
N GLU O 128 12.17 8.43 20.12
CA GLU O 128 11.05 8.01 19.31
C GLU O 128 9.81 7.79 20.16
N MET O 129 8.71 8.45 19.77
CA MET O 129 7.45 8.31 20.49
C MET O 129 6.37 7.63 19.69
N THR O 130 5.72 6.68 20.34
CA THR O 130 4.61 5.91 19.76
C THR O 130 3.40 5.98 20.68
N PHE O 131 2.23 6.11 20.09
CA PHE O 131 1.06 6.19 20.95
C PHE O 131 0.14 5.00 20.72
N VAL O 132 -0.48 4.54 21.78
CA VAL O 132 -1.47 3.49 21.69
C VAL O 132 -2.80 3.98 22.26
N PHE O 133 -3.85 3.90 21.47
CA PHE O 133 -5.15 4.37 21.95
C PHE O 133 -6.13 3.26 22.21
N THR O 134 -6.86 3.38 23.31
CA THR O 134 -7.94 2.46 23.63
C THR O 134 -9.18 3.19 24.11
N GLU O 135 -10.32 2.49 24.07
CA GLU O 135 -11.56 3.04 24.61
C GLU O 135 -12.54 2.00 25.12
N ASN O 136 -13.42 2.43 26.01
CA ASN O 136 -14.50 1.61 26.55
C ASN O 136 -15.63 2.50 26.96
N TYR O 137 -16.73 1.91 27.40
CA TYR O 137 -17.80 2.73 27.91
C TYR O 137 -17.72 2.80 29.44
N PRO O 138 -17.65 4.00 30.04
CA PRO O 138 -17.57 4.22 31.46
C PRO O 138 -18.92 4.07 32.13
N SER O 139 -19.97 4.04 31.31
CA SER O 139 -21.34 4.01 31.77
C SER O 139 -22.02 2.75 31.34
N THR O 140 -23.04 2.36 32.10
CA THR O 140 -23.80 1.17 31.75
C THR O 140 -24.51 1.39 30.43
N ALA O 141 -25.07 2.58 30.28
CA ALA O 141 -25.78 2.92 29.06
C ALA O 141 -24.80 3.11 27.93
N SER O 142 -25.21 2.72 26.75
CA SER O 142 -24.42 2.88 25.54
C SER O 142 -25.35 2.95 24.33
N GLY O 143 -24.81 3.27 23.18
CA GLY O 143 -25.56 3.38 21.94
C GLY O 143 -24.55 3.65 20.85
N GLU O 144 -24.99 3.96 19.65
CA GLU O 144 -24.01 4.11 18.59
C GLU O 144 -23.09 5.31 18.81
N VAL O 145 -21.80 5.05 18.69
CA VAL O 145 -20.72 6.02 18.77
C VAL O 145 -19.89 5.89 17.51
N ARG O 146 -19.60 7.02 16.88
CA ARG O 146 -18.88 7.03 15.62
C ARG O 146 -17.38 6.86 15.83
N ASN O 147 -16.67 6.47 14.78
CA ASN O 147 -15.23 6.28 14.92
C ASN O 147 -14.63 7.57 15.43
N GLN O 148 -13.89 7.43 16.52
CA GLN O 148 -13.28 8.56 17.16
C GLN O 148 -11.92 8.83 16.58
N VAL O 149 -11.64 10.11 16.46
CA VAL O 149 -10.39 10.66 16.00
C VAL O 149 -9.82 11.58 17.06
N TYR O 150 -8.52 11.48 17.26
CA TYR O 150 -7.86 12.24 18.28
C TYR O 150 -6.77 13.13 17.77
N GLN O 151 -6.60 14.24 18.44
CA GLN O 151 -5.53 15.17 18.13
C GLN O 151 -4.53 15.27 19.25
N ILE O 152 -3.29 15.02 18.92
CA ILE O 152 -2.25 15.20 19.91
C ILE O 152 -1.43 16.39 19.48
N MET O 153 -1.49 17.45 20.26
CA MET O 153 -0.79 18.66 19.91
C MET O 153 0.37 18.86 20.85
N TYR O 154 1.50 19.22 20.33
CA TYR O 154 2.59 19.47 21.21
C TYR O 154 2.64 20.93 21.53
N ILE O 155 2.73 21.28 22.80
CA ILE O 155 2.82 22.67 23.17
C ILE O 155 4.17 22.94 23.81
N PRO O 156 5.13 23.50 23.08
CA PRO O 156 6.47 23.80 23.51
C PRO O 156 6.39 24.76 24.66
N PRO O 157 7.42 24.88 25.48
CA PRO O 157 7.39 25.71 26.65
C PRO O 157 7.16 27.14 26.28
N GLY O 158 6.26 27.77 27.00
CA GLY O 158 5.92 29.18 26.84
C GLY O 158 4.87 29.42 25.75
N ALA O 159 4.51 28.38 25.02
CA ALA O 159 3.53 28.51 23.97
C ALA O 159 2.19 28.65 24.67
N PRO O 160 1.17 29.28 24.09
CA PRO O 160 -0.12 29.39 24.70
C PRO O 160 -0.73 28.02 24.78
N ARG O 161 -1.49 27.76 25.82
CA ARG O 161 -2.17 26.49 25.93
C ARG O 161 -3.63 26.76 25.69
N PRO O 162 -4.42 25.79 25.23
CA PRO O 162 -5.84 25.91 25.11
C PRO O 162 -6.35 26.06 26.51
N SER O 163 -7.43 26.80 26.73
CA SER O 163 -7.98 26.80 28.07
C SER O 163 -8.96 25.67 28.19
N SER O 164 -9.49 25.25 27.05
CA SER O 164 -10.46 24.20 27.04
C SER O 164 -10.37 23.30 25.82
N TRP O 165 -11.37 22.43 25.64
CA TRP O 165 -11.20 21.40 24.57
C TRP O 165 -11.30 22.01 23.17
N ASP O 166 -12.13 23.04 22.93
CA ASP O 166 -12.09 23.46 21.55
C ASP O 166 -11.76 24.93 21.48
N ASP O 167 -10.52 25.26 21.82
CA ASP O 167 -10.09 26.63 21.81
C ASP O 167 -9.48 26.95 20.45
N TYR O 168 -9.06 28.19 20.27
CA TYR O 168 -8.47 28.60 18.98
C TYR O 168 -7.06 28.08 18.85
N THR O 169 -6.44 27.75 19.97
CA THR O 169 -5.06 27.34 19.98
C THR O 169 -4.87 26.01 19.31
N TRP O 170 -5.94 25.27 19.07
CA TRP O 170 -5.82 23.97 18.47
C TRP O 170 -5.54 24.04 16.97
N GLN O 171 -5.46 25.28 16.45
CA GLN O 171 -5.12 25.52 15.06
C GLN O 171 -3.72 24.99 14.82
N SER O 172 -2.88 25.04 15.86
CA SER O 172 -1.54 24.49 15.81
C SER O 172 -0.75 24.94 14.60
N SER O 173 -0.68 26.23 14.34
CA SER O 173 0.04 26.67 13.14
C SER O 173 1.53 26.40 13.19
N SER O 174 2.10 26.50 14.38
CA SER O 174 3.51 26.26 14.53
C SER O 174 3.71 25.00 15.35
N ASN O 175 2.81 24.78 16.30
CA ASN O 175 2.92 23.62 17.16
C ASN O 175 2.85 22.33 16.33
N PRO O 176 3.70 21.33 16.57
CA PRO O 176 3.61 20.03 15.95
C PRO O 176 2.29 19.42 16.35
N SER O 177 1.64 18.70 15.46
CA SER O 177 0.36 18.05 15.79
C SER O 177 0.12 16.79 14.97
N ILE O 178 -0.41 15.76 15.63
CA ILE O 178 -0.71 14.51 14.95
C ILE O 178 -2.16 14.02 15.15
N PHE O 179 -2.80 13.55 14.08
CA PHE O 179 -4.17 13.05 14.15
C PHE O 179 -4.28 11.55 13.89
N TYR O 180 -5.07 10.88 14.72
CA TYR O 180 -5.29 9.42 14.66
C TYR O 180 -6.72 8.93 14.78
N MET O 181 -7.11 7.95 13.94
CA MET O 181 -8.43 7.34 14.01
C MET O 181 -8.38 5.88 14.49
N TYR O 182 -9.33 5.47 15.32
CA TYR O 182 -9.29 4.08 15.78
C TYR O 182 -9.36 3.04 14.70
N GLY O 183 -8.53 2.02 14.88
CA GLY O 183 -8.46 0.89 13.97
C GLY O 183 -7.31 1.08 13.04
N ASN O 184 -6.75 2.28 13.01
CA ASN O 184 -5.64 2.50 12.15
C ASN O 184 -4.36 2.18 12.87
N ALA O 185 -3.24 2.28 12.18
CA ALA O 185 -1.97 1.96 12.80
C ALA O 185 -1.67 2.95 13.92
N PRO O 186 -1.07 2.51 15.04
CA PRO O 186 -0.67 3.37 16.12
C PRO O 186 0.19 4.45 15.49
N PRO O 187 -0.02 5.74 15.77
CA PRO O 187 0.69 6.88 15.26
C PRO O 187 2.04 7.00 15.95
N ARG O 188 3.00 7.66 15.29
CA ARG O 188 4.29 7.94 15.91
C ARG O 188 5.10 9.04 15.23
N MET O 189 6.11 9.53 15.94
CA MET O 189 7.02 10.52 15.37
C MET O 189 8.41 10.50 15.99
N SER O 190 9.42 10.88 15.20
CA SER O 190 10.79 10.99 15.70
C SER O 190 11.19 12.38 16.15
N ILE O 191 11.72 12.47 17.33
CA ILE O 191 12.07 13.72 17.93
C ILE O 191 13.59 13.88 18.13
N PRO O 192 14.28 14.72 17.34
CA PRO O 192 15.70 14.92 17.38
C PRO O 192 16.06 15.39 18.75
N TYR O 193 17.24 15.11 19.22
CA TYR O 193 17.63 15.58 20.53
C TYR O 193 17.35 17.04 20.65
N VAL O 194 16.59 17.39 21.67
CA VAL O 194 16.25 18.76 21.96
C VAL O 194 16.83 19.06 23.30
N GLY O 195 17.55 20.14 23.41
CA GLY O 195 18.07 20.45 24.72
C GLY O 195 18.92 21.68 24.73
N ILE O 196 18.81 22.34 25.86
CA ILE O 196 19.49 23.55 26.29
C ILE O 196 20.99 23.35 26.43
N ALA O 197 21.32 22.19 26.98
CA ALA O 197 22.67 21.71 27.19
C ALA O 197 23.01 20.74 26.10
N ASN O 198 24.21 20.17 26.11
CA ASN O 198 24.62 19.30 25.03
C ASN O 198 24.24 17.85 25.33
N ALA O 199 23.63 17.66 26.48
CA ALA O 199 23.16 16.38 26.96
C ALA O 199 22.06 16.63 27.97
N TYR O 200 21.22 15.67 28.18
CA TYR O 200 20.20 15.77 29.18
C TYR O 200 20.85 15.46 30.48
N SER O 201 20.43 16.14 31.52
CA SER O 201 20.93 15.80 32.84
C SER O 201 19.82 15.05 33.52
N HIS O 202 20.17 13.98 34.22
CA HIS O 202 19.16 13.25 34.98
C HIS O 202 19.19 13.63 36.43
N PHE O 203 20.21 14.38 36.80
CA PHE O 203 20.41 14.81 38.15
C PHE O 203 20.80 16.27 38.12
N TYR O 204 20.39 17.03 39.11
CA TYR O 204 20.85 18.40 39.19
C TYR O 204 21.08 18.86 40.58
N ASP O 205 22.31 18.83 40.99
CA ASP O 205 22.64 19.22 42.34
C ASP O 205 22.78 20.72 42.38
N GLY O 206 21.66 21.38 42.36
CA GLY O 206 21.65 22.82 42.31
C GLY O 206 20.27 23.44 42.36
N PHE O 207 20.26 24.75 42.27
CA PHE O 207 19.04 25.52 42.33
C PHE O 207 18.77 26.31 41.08
N ALA O 208 17.49 26.51 40.78
CA ALA O 208 17.15 27.35 39.64
C ALA O 208 17.61 28.79 39.85
N ARG O 209 17.54 29.26 41.09
CA ARG O 209 17.92 30.62 41.47
C ARG O 209 18.69 30.62 42.76
N VAL O 210 19.70 31.49 42.87
CA VAL O 210 20.41 31.65 44.12
C VAL O 210 19.75 32.78 44.88
N PRO O 211 19.14 32.56 46.04
CA PRO O 211 18.54 33.61 46.82
C PRO O 211 19.67 34.45 47.28
N LEU O 212 19.50 35.76 47.35
CA LEU O 212 20.58 36.59 47.82
C LEU O 212 20.30 37.15 49.20
N GLU O 213 21.37 37.37 49.95
CA GLU O 213 21.30 37.82 51.33
C GLU O 213 20.57 39.10 51.53
N ASP O 218 16.35 32.63 54.74
CA ASP O 218 16.68 31.39 54.11
C ASP O 218 15.69 31.33 53.00
N ALA O 219 16.05 30.65 51.95
CA ALA O 219 15.20 30.63 50.78
C ALA O 219 15.64 29.60 49.77
N GLY O 220 14.81 29.39 48.74
CA GLY O 220 15.18 28.53 47.62
C GLY O 220 14.71 27.12 47.84
N ASP O 221 13.93 26.92 48.87
CA ASP O 221 13.45 25.63 49.28
C ASP O 221 12.62 24.91 48.24
N THR O 222 11.93 25.68 47.44
CA THR O 222 11.09 25.13 46.38
C THR O 222 11.78 25.09 45.01
N PHE O 223 13.05 25.49 44.94
CA PHE O 223 13.76 25.57 43.66
C PHE O 223 14.88 24.56 43.49
N TYR O 224 14.95 23.57 44.36
CA TYR O 224 16.04 22.60 44.30
C TYR O 224 15.80 21.40 43.40
N GLY O 225 16.83 21.05 42.65
CA GLY O 225 16.80 19.83 41.88
C GLY O 225 16.41 20.00 40.44
N LEU O 226 16.56 18.92 39.70
CA LEU O 226 16.34 18.90 38.26
C LEU O 226 14.99 19.38 37.87
N VAL O 227 14.01 19.08 38.68
CA VAL O 227 12.67 19.44 38.36
C VAL O 227 12.47 20.95 38.22
N SER O 228 13.25 21.75 38.94
CA SER O 228 13.09 23.20 38.91
C SER O 228 13.66 23.80 37.65
N ILE O 229 14.43 23.02 36.89
CA ILE O 229 15.02 23.52 35.68
C ILE O 229 14.56 22.67 34.50
N ASN O 230 13.57 21.80 34.73
CA ASN O 230 13.08 20.87 33.72
C ASN O 230 11.80 21.30 33.05
N ASP O 231 11.91 21.84 31.85
CA ASP O 231 10.73 22.27 31.14
C ASP O 231 10.94 22.09 29.65
N PHE O 232 10.35 21.05 29.12
CA PHE O 232 10.52 20.75 27.72
C PHE O 232 9.26 21.02 26.95
N GLY O 233 8.23 21.52 27.63
CA GLY O 233 6.91 21.71 27.06
C GLY O 233 5.97 20.61 27.51
N VAL O 234 4.72 20.66 27.03
CA VAL O 234 3.69 19.73 27.47
C VAL O 234 2.96 19.08 26.29
N LEU O 235 2.33 17.95 26.55
CA LEU O 235 1.59 17.27 25.51
C LEU O 235 0.10 17.45 25.72
N ALA O 236 -0.61 17.95 24.71
CA ALA O 236 -2.04 18.19 24.85
C ALA O 236 -2.85 17.26 24.00
N VAL O 237 -3.73 16.52 24.63
CA VAL O 237 -4.53 15.60 23.88
C VAL O 237 -5.97 15.98 23.94
N ARG O 238 -6.60 15.91 22.79
CA ARG O 238 -8.00 16.24 22.66
C ARG O 238 -8.81 15.30 21.81
N ALA O 239 -9.98 14.93 22.31
CA ALA O 239 -10.87 14.14 21.47
C ALA O 239 -11.44 15.09 20.44
N VAL O 240 -11.29 14.78 19.16
CA VAL O 240 -11.71 15.70 18.12
C VAL O 240 -13.20 15.65 17.88
N ASN O 241 -13.77 14.48 18.01
CA ASN O 241 -15.19 14.29 17.78
C ASN O 241 -15.97 15.12 18.75
N ARG O 242 -17.05 15.67 18.26
CA ARG O 242 -17.94 16.42 19.09
C ARG O 242 -18.69 15.40 19.93
N SER O 243 -19.30 15.85 21.00
CA SER O 243 -19.99 14.94 21.88
C SER O 243 -21.17 14.20 21.30
N ASN O 244 -21.26 12.93 21.70
CA ASN O 244 -22.32 11.99 21.37
C ASN O 244 -23.19 11.74 22.60
N PRO O 245 -24.44 11.31 22.47
CA PRO O 245 -25.33 10.95 23.56
C PRO O 245 -24.77 9.88 24.50
N HIS O 246 -23.82 9.09 24.03
CA HIS O 246 -23.26 8.04 24.85
C HIS O 246 -21.80 8.29 25.08
N THR O 247 -21.47 8.61 26.31
CA THR O 247 -20.13 8.96 26.70
C THR O 247 -19.17 7.83 26.49
N ILE O 248 -18.04 8.16 25.88
CA ILE O 248 -16.99 7.19 25.66
C ILE O 248 -15.74 7.59 26.46
N HIS O 249 -15.09 6.63 27.10
CA HIS O 249 -13.90 6.86 27.93
C HIS O 249 -12.69 6.31 27.23
N THR O 250 -11.73 7.18 26.96
CA THR O 250 -10.59 6.75 26.22
C THR O 250 -9.34 6.82 27.09
N SER O 251 -8.32 6.16 26.62
CA SER O 251 -7.05 6.14 27.31
C SER O 251 -5.92 6.16 26.32
N VAL O 252 -4.91 6.98 26.60
CA VAL O 252 -3.78 7.03 25.70
C VAL O 252 -2.55 6.60 26.40
N ARG O 253 -1.93 5.60 25.87
CA ARG O 253 -0.74 5.08 26.44
C ARG O 253 0.42 5.60 25.63
N VAL O 254 1.29 6.35 26.27
CA VAL O 254 2.41 6.97 25.58
C VAL O 254 3.66 6.16 25.80
N TYR O 255 4.32 5.77 24.72
CA TYR O 255 5.53 4.97 24.77
C TYR O 255 6.77 5.71 24.27
N MET O 256 7.91 5.44 24.91
CA MET O 256 9.17 6.06 24.49
C MET O 256 10.38 5.16 24.43
N LYS O 257 11.23 5.39 23.43
CA LYS O 257 12.54 4.75 23.42
C LYS O 257 13.61 5.69 22.89
N PRO O 258 14.76 5.78 23.54
CA PRO O 258 15.96 6.41 23.03
C PRO O 258 16.55 5.64 21.87
N LYS O 259 17.15 6.32 20.94
CA LYS O 259 17.93 5.70 19.88
C LYS O 259 19.11 6.60 19.56
N HIS O 260 20.16 6.04 18.95
CA HIS O 260 21.33 6.84 18.61
C HIS O 260 21.80 7.47 19.92
N ILE O 261 21.99 6.62 20.93
CA ILE O 261 22.26 7.06 22.30
C ILE O 261 23.67 6.88 22.86
N ARG O 262 24.14 7.95 23.49
CA ARG O 262 25.41 7.97 24.20
C ARG O 262 25.20 8.44 25.64
N CYS O 263 26.01 7.92 26.55
CA CYS O 263 25.94 8.26 27.96
C CYS O 263 27.31 8.56 28.54
N TRP O 264 27.39 9.54 29.44
CA TRP O 264 28.70 9.92 29.98
C TRP O 264 29.07 9.75 31.42
N CYS O 265 28.38 8.93 32.17
CA CYS O 265 28.80 8.75 33.54
C CYS O 265 27.96 7.74 34.26
N PRO O 266 28.46 6.56 34.57
CA PRO O 266 27.71 5.53 35.22
C PRO O 266 27.42 5.87 36.66
N ARG O 267 26.27 5.45 37.13
CA ARG O 267 25.85 5.59 38.50
C ARG O 267 25.21 4.27 38.88
N PRO O 268 25.06 3.94 40.15
CA PRO O 268 24.31 2.78 40.53
C PRO O 268 22.85 3.11 40.23
N PRO O 269 22.01 2.13 39.99
CA PRO O 269 20.59 2.28 39.83
C PRO O 269 19.94 2.47 41.17
N ARG O 270 18.73 2.98 41.17
CA ARG O 270 17.97 3.12 42.39
C ARG O 270 17.65 1.75 43.01
N ALA O 271 17.89 1.60 44.32
CA ALA O 271 17.64 0.36 45.04
C ALA O 271 16.24 0.28 45.66
N VAL O 272 15.68 1.42 46.00
CA VAL O 272 14.38 1.41 46.68
C VAL O 272 13.33 2.22 45.92
N LEU O 273 12.07 2.05 46.29
CA LEU O 273 10.95 2.71 45.63
C LEU O 273 11.01 4.25 45.62
N TYR O 274 10.76 4.81 44.43
CA TYR O 274 10.79 6.24 44.19
C TYR O 274 9.61 7.01 44.77
N ARG O 275 9.86 8.23 45.21
CA ARG O 275 8.83 9.15 45.66
C ARG O 275 8.87 10.48 44.94
N GLY O 276 8.01 10.65 43.97
CA GLY O 276 7.99 11.91 43.23
C GLY O 276 8.97 11.86 42.07
N GLU O 277 9.03 12.98 41.36
CA GLU O 277 9.83 13.19 40.16
C GLU O 277 11.32 13.30 40.41
N GLY O 278 11.69 13.89 41.52
CA GLY O 278 13.09 14.11 41.83
C GLY O 278 13.62 12.91 42.57
N VAL O 279 14.82 13.04 43.12
CA VAL O 279 15.38 11.93 43.84
C VAL O 279 15.00 12.07 45.27
N ASP O 280 14.20 11.14 45.76
CA ASP O 280 13.80 11.27 47.11
C ASP O 280 13.42 9.89 47.66
N MET O 281 13.04 9.81 48.94
CA MET O 281 12.74 8.52 49.63
C MET O 281 11.45 8.44 50.46
N ILE O 282 10.97 7.23 50.58
CA ILE O 282 9.78 6.86 51.34
C ILE O 282 10.25 6.29 52.67
N SER O 283 9.77 6.83 53.78
CA SER O 283 10.32 6.40 55.07
C SER O 283 10.02 4.94 55.40
N SER O 284 8.95 4.42 54.82
CA SER O 284 8.53 3.05 55.01
C SER O 284 9.09 2.08 53.98
N ALA O 285 9.91 2.56 53.04
CA ALA O 285 10.40 1.67 52.00
C ALA O 285 11.87 1.88 51.72
N ILE O 286 12.68 1.68 52.75
CA ILE O 286 14.13 1.86 52.66
C ILE O 286 14.85 0.57 53.00
N LEU O 287 14.19 -0.54 52.77
CA LEU O 287 14.77 -1.82 53.14
C LEU O 287 14.84 -2.81 51.99
N PRO O 288 15.74 -2.61 51.00
CA PRO O 288 15.85 -3.41 49.79
C PRO O 288 16.32 -4.85 49.94
N LEU O 289 16.99 -5.19 51.04
CA LEU O 289 17.52 -6.53 51.18
C LEU O 289 16.78 -7.43 52.14
N ALA O 290 16.89 -8.73 51.85
CA ALA O 290 16.36 -9.80 52.65
C ALA O 290 17.42 -10.42 53.54
N LYS O 291 16.95 -11.12 54.56
CA LYS O 291 17.80 -11.85 55.50
C LYS O 291 18.19 -13.22 55.02
N VAL O 292 19.35 -13.66 55.48
CA VAL O 292 19.76 -15.03 55.29
C VAL O 292 19.95 -15.53 56.71
N ASP O 293 19.96 -16.84 56.92
CA ASP O 293 20.07 -17.33 58.30
C ASP O 293 21.36 -16.92 58.98
N SER O 294 22.44 -16.97 58.23
CA SER O 294 23.74 -16.60 58.74
C SER O 294 24.65 -16.35 57.58
N ILE O 295 25.80 -15.74 57.85
CA ILE O 295 26.80 -15.48 56.83
C ILE O 295 27.42 -16.77 56.26
N THR O 296 27.26 -17.89 56.99
CA THR O 296 27.77 -19.20 56.63
C THR O 296 26.69 -20.07 56.01
N THR O 297 25.53 -19.50 55.78
CA THR O 297 24.47 -20.24 55.13
C THR O 297 24.50 -19.78 53.67
N PHE O 298 24.54 -20.73 52.72
CA PHE O 298 24.61 -20.45 51.27
C PHE O 298 23.32 -19.77 50.75
N SER P 10 59.25 3.78 43.45
CA SER P 10 58.62 3.77 44.76
C SER P 10 57.24 4.48 44.67
N ASP P 11 56.13 3.69 44.76
CA ASP P 11 54.74 4.16 44.69
C ASP P 11 54.30 4.83 45.97
N ARG P 12 55.02 4.51 47.03
CA ARG P 12 54.63 4.87 48.37
C ARG P 12 54.63 6.35 48.68
N VAL P 13 55.61 7.09 48.18
CA VAL P 13 55.73 8.48 48.55
C VAL P 13 55.40 9.40 47.40
N ARG P 14 54.45 10.27 47.64
CA ARG P 14 54.03 11.16 46.59
C ARG P 14 54.09 12.62 46.98
N GLN P 15 54.68 13.39 46.08
CA GLN P 15 54.83 14.83 46.25
C GLN P 15 53.96 15.53 45.23
N ILE P 16 52.84 16.05 45.67
CA ILE P 16 51.92 16.65 44.73
C ILE P 16 51.90 18.15 44.89
N THR P 17 52.07 18.85 43.81
CA THR P 17 52.12 20.29 43.91
C THR P 17 51.46 21.02 42.79
N LEU P 18 51.01 22.22 43.12
CA LEU P 18 50.46 23.15 42.16
C LEU P 18 50.47 24.52 42.79
N GLY P 19 50.56 25.56 41.99
CA GLY P 19 50.47 26.90 42.55
C GLY P 19 51.60 27.12 43.54
N ASN P 20 51.27 27.54 44.74
CA ASN P 20 52.25 27.81 45.77
C ASN P 20 52.10 26.84 46.94
N SER P 21 51.63 25.63 46.68
CA SER P 21 51.47 24.65 47.76
C SER P 21 51.80 23.20 47.34
N THR P 22 52.29 22.43 48.33
CA THR P 22 52.61 21.02 48.12
C THR P 22 52.13 20.15 49.26
N ILE P 23 51.65 18.97 48.94
CA ILE P 23 51.33 17.99 49.95
C ILE P 23 52.22 16.80 49.78
N THR P 24 52.92 16.42 50.85
CA THR P 24 53.76 15.25 50.72
C THR P 24 53.20 14.18 51.61
N THR P 25 52.97 13.02 51.01
CA THR P 25 52.46 11.88 51.74
C THR P 25 53.47 10.77 51.73
N GLN P 26 53.73 10.25 52.90
CA GLN P 26 54.71 9.18 53.04
C GLN P 26 54.17 7.83 52.59
N GLU P 27 52.89 7.61 52.79
CA GLU P 27 52.26 6.35 52.42
C GLU P 27 50.90 6.57 51.77
N ALA P 28 50.87 6.36 50.47
CA ALA P 28 49.64 6.54 49.72
C ALA P 28 49.50 5.54 48.61
N ALA P 29 48.27 5.27 48.27
CA ALA P 29 47.92 4.39 47.18
C ALA P 29 48.10 5.12 45.87
N ASN P 30 48.26 4.40 44.77
CA ASN P 30 48.42 5.07 43.49
C ASN P 30 47.26 5.99 43.24
N ALA P 31 47.55 7.20 42.76
CA ALA P 31 46.54 8.22 42.46
C ALA P 31 45.65 7.82 41.29
N ILE P 32 44.42 8.28 41.36
CA ILE P 32 43.39 8.07 40.34
C ILE P 32 43.07 9.29 39.56
N VAL P 33 42.97 9.11 38.26
CA VAL P 33 42.54 10.21 37.42
C VAL P 33 41.20 9.83 36.89
N ALA P 34 40.16 10.51 37.35
CA ALA P 34 38.84 10.03 36.99
C ALA P 34 38.68 10.01 35.50
N TYR P 35 38.19 8.89 35.02
CA TYR P 35 37.91 8.62 33.61
C TYR P 35 39.13 8.75 32.70
N GLY P 36 40.32 8.82 33.28
CA GLY P 36 41.54 8.95 32.53
C GLY P 36 41.76 10.37 32.03
N GLU P 37 41.03 11.35 32.57
CA GLU P 37 41.19 12.70 32.06
C GLU P 37 41.59 13.73 33.11
N TRP P 38 42.40 14.65 32.68
CA TRP P 38 42.83 15.77 33.48
C TRP P 38 41.95 16.93 33.12
N PRO P 39 41.70 17.88 34.00
CA PRO P 39 41.01 19.07 33.66
C PRO P 39 41.90 19.86 32.74
N THR P 40 41.27 20.50 31.79
CA THR P 40 41.92 21.40 30.85
C THR P 40 41.04 22.61 30.74
N TYR P 41 41.55 23.61 30.07
CA TYR P 41 40.82 24.83 29.77
C TYR P 41 39.91 24.57 28.60
N ILE P 42 38.83 25.32 28.48
CA ILE P 42 37.95 25.09 27.35
C ILE P 42 38.69 25.48 26.09
N ASN P 43 38.72 24.57 25.12
CA ASN P 43 39.40 24.79 23.86
C ASN P 43 38.55 25.70 23.01
N ASP P 44 39.14 26.35 22.02
CA ASP P 44 38.36 27.34 21.26
C ASP P 44 37.42 26.75 20.24
N SER P 45 37.44 25.44 20.14
CA SER P 45 36.57 24.71 19.27
C SER P 45 35.15 24.70 19.80
N GLU P 46 34.97 24.99 21.10
CA GLU P 46 33.63 24.97 21.66
C GLU P 46 33.46 25.84 22.89
N ALA P 47 32.53 26.79 22.84
CA ALA P 47 32.25 27.58 24.03
C ALA P 47 30.90 28.20 23.95
N ASN P 48 30.29 28.37 25.11
CA ASN P 48 29.05 29.10 25.18
C ASN P 48 29.31 30.60 25.26
N PRO P 49 30.01 31.13 26.27
CA PRO P 49 30.23 32.55 26.40
C PRO P 49 31.21 33.08 25.41
N VAL P 50 31.06 34.36 25.10
CA VAL P 50 32.02 35.03 24.23
C VAL P 50 32.99 35.99 24.93
N ASP P 51 32.80 36.34 26.20
CA ASP P 51 33.73 37.26 26.84
C ASP P 51 35.11 36.68 26.97
N ALA P 52 36.13 37.51 26.86
CA ALA P 52 37.44 36.98 27.10
C ALA P 52 37.42 36.43 28.54
N PRO P 53 37.99 35.25 28.80
CA PRO P 53 38.03 34.57 30.08
C PRO P 53 38.99 35.16 31.10
N THR P 54 38.71 34.86 32.35
CA THR P 54 39.56 35.14 33.49
C THR P 54 40.24 33.84 33.86
N GLU P 55 41.56 33.85 34.02
CA GLU P 55 42.29 32.65 34.40
C GLU P 55 43.17 32.96 35.62
N PRO P 56 42.67 32.80 36.86
CA PRO P 56 43.29 33.17 38.12
C PRO P 56 44.63 32.51 38.36
N ASP P 57 44.90 31.40 37.67
CA ASP P 57 46.14 30.70 37.84
C ASP P 57 46.33 30.36 39.30
N VAL P 58 47.51 30.67 39.86
CA VAL P 58 47.89 30.39 41.24
C VAL P 58 46.94 30.88 42.30
N SER P 59 46.18 31.94 42.04
CA SER P 59 45.29 32.41 43.07
C SER P 59 44.25 31.36 43.42
N SER P 60 43.84 30.56 42.43
CA SER P 60 42.85 29.54 42.70
C SER P 60 43.44 28.15 42.66
N ASN P 61 44.49 27.98 41.88
CA ASN P 61 45.03 26.66 41.67
C ASN P 61 46.07 26.33 42.73
N ARG P 62 45.59 26.12 43.94
CA ARG P 62 46.43 25.84 45.10
C ARG P 62 45.64 25.02 46.09
N PHE P 63 46.29 24.38 47.05
CA PHE P 63 45.54 23.63 48.02
C PHE P 63 45.00 24.44 49.18
N TYR P 64 43.75 24.14 49.50
CA TYR P 64 43.03 24.71 50.62
C TYR P 64 42.66 23.62 51.60
N THR P 65 42.64 23.92 52.88
CA THR P 65 42.28 22.88 53.85
C THR P 65 40.91 23.13 54.46
N LEU P 66 40.07 22.12 54.45
CA LEU P 66 38.75 22.26 55.04
C LEU P 66 38.84 21.89 56.50
N GLU P 67 37.95 22.41 57.31
CA GLU P 67 37.97 22.04 58.71
C GLU P 67 37.86 20.53 58.85
N SER P 68 38.72 19.96 59.68
CA SER P 68 38.77 18.54 59.91
C SER P 68 37.62 18.03 60.75
N VAL P 69 37.42 16.73 60.69
CA VAL P 69 36.39 16.06 61.48
C VAL P 69 37.03 14.90 62.18
N SER P 70 36.39 14.34 63.20
CA SER P 70 37.01 13.16 63.77
C SER P 70 36.23 11.94 63.38
N TRP P 71 36.95 10.84 63.27
CA TRP P 71 36.40 9.56 62.98
C TRP P 71 36.09 8.82 64.24
N LYS P 72 34.91 9.04 64.77
CA LYS P 72 34.51 8.33 65.96
C LYS P 72 34.05 7.00 65.43
N THR P 73 34.10 6.00 66.28
CA THR P 73 33.72 4.65 65.93
C THR P 73 32.23 4.50 65.65
N THR P 74 31.48 5.53 65.95
CA THR P 74 30.04 5.57 65.74
C THR P 74 29.62 6.43 64.55
N SER P 75 30.60 7.00 63.83
CA SER P 75 30.28 7.86 62.69
C SER P 75 29.66 7.11 61.55
N ARG P 76 28.75 7.74 60.84
CA ARG P 76 28.12 7.10 59.72
C ARG P 76 28.56 7.69 58.40
N GLY P 77 29.51 8.61 58.44
CA GLY P 77 30.00 9.23 57.22
C GLY P 77 29.87 10.73 57.20
N TRP P 78 30.56 11.33 56.22
CA TRP P 78 30.62 12.76 56.03
C TRP P 78 30.45 13.13 54.58
N TRP P 79 29.94 14.32 54.32
CA TRP P 79 29.87 14.74 52.93
C TRP P 79 30.05 16.23 52.67
N TRP P 80 30.54 16.53 51.47
CA TRP P 80 30.74 17.90 51.05
C TRP P 80 30.26 18.15 49.64
N LYS P 81 29.82 19.35 49.37
CA LYS P 81 29.56 19.73 47.99
C LYS P 81 30.86 20.40 47.57
N LEU P 82 31.43 19.99 46.46
CA LEU P 82 32.77 20.46 46.16
C LEU P 82 32.97 21.95 45.89
N PRO P 83 32.35 22.62 44.92
CA PRO P 83 32.58 24.04 44.75
C PRO P 83 32.02 24.84 45.93
N ASP P 84 31.08 24.25 46.66
CA ASP P 84 30.52 24.93 47.81
C ASP P 84 31.49 25.01 48.97
N CYS P 85 32.26 23.96 49.19
CA CYS P 85 33.11 23.95 50.35
C CYS P 85 34.19 25.03 50.31
N LEU P 86 34.57 25.53 49.13
CA LEU P 86 35.55 26.60 49.07
C LEU P 86 34.95 27.95 48.74
N LYS P 87 33.63 28.09 48.77
CA LYS P 87 33.02 29.33 48.32
C LYS P 87 33.44 30.57 49.06
N ASP P 88 33.74 30.47 50.33
CA ASP P 88 34.14 31.62 51.10
C ASP P 88 35.61 31.55 51.44
N MET P 89 36.36 30.68 50.76
CA MET P 89 37.73 30.53 51.13
C MET P 89 38.73 31.00 50.07
N GLY P 90 39.54 31.97 50.47
CA GLY P 90 40.58 32.50 49.62
C GLY P 90 40.08 33.27 48.44
N MET P 91 40.98 33.43 47.49
CA MET P 91 40.66 34.19 46.30
C MET P 91 39.78 33.38 45.40
N PHE P 92 39.85 32.04 45.50
CA PHE P 92 39.01 31.19 44.68
C PHE P 92 37.59 31.49 45.03
N GLY P 93 37.30 31.55 46.33
CA GLY P 93 35.97 31.89 46.79
C GLY P 93 35.54 33.22 46.16
N GLN P 94 36.39 34.24 46.30
CA GLN P 94 36.03 35.54 45.75
C GLN P 94 35.74 35.53 44.26
N ASN P 95 36.54 34.82 43.49
CA ASN P 95 36.33 34.81 42.05
C ASN P 95 35.04 34.09 41.69
N MET P 96 34.65 33.11 42.48
CA MET P 96 33.41 32.42 42.19
C MET P 96 32.25 33.34 42.41
N TYR P 97 32.36 34.26 43.36
CA TYR P 97 31.25 35.15 43.58
C TYR P 97 31.20 36.25 42.55
N TYR P 98 32.34 36.66 42.03
CA TYR P 98 32.32 37.71 41.01
C TYR P 98 31.92 37.27 39.61
N HIS P 99 32.19 36.05 39.21
CA HIS P 99 31.83 35.70 37.84
C HIS P 99 30.61 34.81 37.73
N TYR P 100 29.87 35.01 36.66
CA TYR P 100 28.68 34.21 36.42
C TYR P 100 28.98 32.79 36.11
N LEU P 101 29.90 32.58 35.19
CA LEU P 101 30.24 31.25 34.77
C LEU P 101 31.62 30.87 35.27
N GLY P 102 31.84 29.60 35.42
CA GLY P 102 33.16 29.11 35.72
C GLY P 102 33.29 27.61 35.52
N ARG P 103 34.53 27.20 35.41
CA ARG P 103 34.91 25.83 35.21
C ARG P 103 36.12 25.50 36.04
N SER P 104 36.08 24.38 36.70
CA SER P 104 37.29 23.96 37.37
C SER P 104 37.32 22.48 37.63
N GLY P 105 38.52 21.94 37.62
CA GLY P 105 38.69 20.57 38.03
C GLY P 105 39.21 20.68 39.42
N TYR P 106 39.44 19.56 40.04
CA TYR P 106 39.95 19.56 41.39
C TYR P 106 40.94 18.47 41.69
N THR P 107 41.73 18.69 42.71
CA THR P 107 42.56 17.65 43.25
C THR P 107 42.01 17.41 44.62
N ILE P 108 41.56 16.20 44.87
CA ILE P 108 41.02 15.93 46.18
C ILE P 108 41.99 15.01 46.88
N HIS P 109 42.52 15.45 47.99
CA HIS P 109 43.48 14.62 48.69
C HIS P 109 43.04 14.47 50.13
N VAL P 110 42.69 13.25 50.50
CA VAL P 110 42.18 13.02 51.83
C VAL P 110 43.23 12.35 52.68
N GLN P 111 43.43 12.90 53.87
CA GLN P 111 44.44 12.39 54.78
C GLN P 111 43.80 11.89 56.08
N CYS P 112 44.28 10.78 56.61
CA CYS P 112 43.81 10.27 57.89
C CYS P 112 44.91 9.40 58.48
N ASN P 113 45.65 9.95 59.41
CA ASN P 113 46.82 9.27 59.93
C ASN P 113 46.56 8.46 61.17
N ALA P 114 47.10 7.26 61.23
CA ALA P 114 46.96 6.44 62.42
C ALA P 114 48.12 5.46 62.50
N SER P 115 48.41 4.98 63.70
CA SER P 115 49.44 3.98 63.85
C SER P 115 48.90 2.64 63.39
N LYS P 116 49.79 1.68 63.25
CA LYS P 116 49.50 0.34 62.77
C LYS P 116 48.47 -0.44 63.57
N PHE P 117 48.24 -0.03 64.80
CA PHE P 117 47.32 -0.71 65.68
C PHE P 117 45.89 -0.24 65.50
N HIS P 118 45.65 0.73 64.63
CA HIS P 118 44.31 1.22 64.40
C HIS P 118 43.81 0.59 63.14
N GLN P 119 42.70 -0.09 63.22
CA GLN P 119 42.18 -0.74 62.04
C GLN P 119 40.99 0.03 61.55
N GLY P 120 40.40 -0.41 60.44
CA GLY P 120 39.26 0.29 59.87
C GLY P 120 39.67 0.93 58.56
N ALA P 121 38.68 1.38 57.80
CA ALA P 121 38.98 1.95 56.50
C ALA P 121 37.93 2.94 56.06
N LEU P 122 38.37 3.97 55.35
CA LEU P 122 37.46 4.97 54.79
C LEU P 122 37.38 4.97 53.29
N GLY P 123 36.19 4.89 52.77
CA GLY P 123 36.06 4.94 51.34
C GLY P 123 35.84 6.38 50.97
N VAL P 124 36.55 6.84 49.97
CA VAL P 124 36.37 8.20 49.51
C VAL P 124 35.83 8.12 48.11
N PHE P 125 34.66 8.67 47.91
CA PHE P 125 34.03 8.58 46.60
C PHE P 125 33.76 9.96 46.06
N LEU P 126 34.02 10.17 44.79
CA LEU P 126 33.69 11.45 44.20
C LEU P 126 32.55 11.28 43.26
N ILE P 127 31.45 11.91 43.60
CA ILE P 127 30.23 11.71 42.89
C ILE P 127 29.82 12.93 42.11
N PRO P 128 29.78 12.90 40.78
CA PRO P 128 29.37 14.02 39.99
C PRO P 128 27.90 14.08 40.31
N GLU P 129 27.33 15.24 40.40
CA GLU P 129 25.91 15.34 40.69
C GLU P 129 25.47 14.57 41.93
N PHE P 130 26.09 14.82 43.05
CA PHE P 130 25.65 14.13 44.25
C PHE P 130 24.33 14.74 44.71
N VAL P 131 23.25 13.99 44.59
CA VAL P 131 21.93 14.52 44.93
C VAL P 131 21.30 13.73 46.06
N MET P 132 20.93 14.45 47.11
CA MET P 132 20.34 13.86 48.30
C MET P 132 18.84 14.09 48.39
N ALA P 133 18.14 13.15 49.01
CA ALA P 133 16.70 13.14 49.28
C ALA P 133 16.31 14.16 50.35
N CYS P 134 15.11 14.70 50.26
CA CYS P 134 14.54 15.62 51.24
C CYS P 134 14.17 14.88 52.51
N ASN P 135 14.38 15.46 53.69
CA ASN P 135 13.90 14.74 54.85
C ASN P 135 12.36 14.79 54.92
N THR P 136 11.71 15.89 54.50
CA THR P 136 10.25 15.94 54.55
C THR P 136 9.71 14.85 53.65
N GLU P 137 8.77 14.05 54.16
CA GLU P 137 8.19 12.99 53.34
C GLU P 137 7.08 13.53 52.45
N SER P 138 6.40 14.56 52.90
CA SER P 138 5.29 15.17 52.19
C SER P 138 5.71 16.05 51.02
N LYS P 139 7.00 16.39 50.92
CA LYS P 139 7.48 17.26 49.85
C LYS P 139 8.57 16.57 49.05
N THR P 140 8.66 16.88 47.77
CA THR P 140 9.70 16.24 46.94
C THR P 140 10.81 17.21 46.60
N SER P 141 12.07 16.80 46.83
CA SER P 141 13.22 17.63 46.52
C SER P 141 13.10 19.02 47.13
N TYR P 142 12.70 19.06 48.37
CA TYR P 142 12.54 20.32 49.04
C TYR P 142 13.69 20.54 50.01
N VAL P 143 14.48 21.56 49.73
CA VAL P 143 15.65 21.88 50.56
C VAL P 143 16.06 23.28 50.29
N SER P 144 16.37 24.03 51.31
CA SER P 144 16.77 25.40 51.14
C SER P 144 18.18 25.52 50.67
N TYR P 145 18.53 26.71 50.19
CA TYR P 145 19.85 26.98 49.73
C TYR P 145 20.81 26.74 50.87
N ILE P 146 20.48 27.21 52.06
CA ILE P 146 21.40 27.03 53.15
C ILE P 146 21.59 25.59 53.55
N ASN P 147 20.53 24.81 53.64
CA ASN P 147 20.72 23.42 54.03
C ASN P 147 21.39 22.60 52.95
N ALA P 148 21.16 22.95 51.69
CA ALA P 148 21.72 22.24 50.57
C ALA P 148 23.20 22.51 50.40
N ASN P 149 23.64 23.67 50.86
CA ASN P 149 25.00 24.11 50.73
C ASN P 149 25.63 24.51 52.06
N PRO P 150 26.07 23.54 52.89
CA PRO P 150 26.57 23.71 54.24
C PRO P 150 27.90 24.44 54.38
N GLY P 151 28.67 24.61 53.30
CA GLY P 151 29.96 25.28 53.40
C GLY P 151 31.10 24.31 53.66
N GLU P 152 32.22 24.86 54.14
CA GLU P 152 33.47 24.12 54.30
C GLU P 152 33.37 23.02 55.34
N ARG P 153 32.38 23.12 56.20
CA ARG P 153 32.14 22.13 57.22
C ARG P 153 31.55 20.84 56.67
N GLY P 154 30.76 20.95 55.60
CA GLY P 154 30.08 19.77 55.07
C GLY P 154 28.94 19.35 55.97
N GLY P 155 28.50 18.12 55.77
CA GLY P 155 27.42 17.53 56.52
C GLY P 155 27.80 16.12 56.95
N GLU P 156 26.83 15.40 57.49
CA GLU P 156 27.04 14.03 57.99
C GLU P 156 25.90 13.12 57.59
N PHE P 157 26.17 11.84 57.60
CA PHE P 157 25.14 10.84 57.30
C PHE P 157 24.49 10.30 58.57
N THR P 158 23.24 9.90 58.41
CA THR P 158 22.46 9.29 59.48
C THR P 158 22.27 7.81 59.26
N ASN P 159 22.14 7.07 60.33
CA ASN P 159 21.83 5.66 60.21
C ASN P 159 20.34 5.45 60.02
N THR P 160 19.55 6.50 60.26
CA THR P 160 18.11 6.41 60.18
C THR P 160 17.41 7.68 59.68
N TYR P 161 16.33 7.45 58.95
CA TYR P 161 15.48 8.47 58.33
C TYR P 161 14.20 8.76 59.09
N ASN P 162 14.10 10.00 59.55
CA ASN P 162 12.99 10.48 60.35
C ASN P 162 12.44 11.81 59.85
N PRO P 163 11.44 11.81 58.96
CA PRO P 163 10.85 12.98 58.39
C PRO P 163 10.35 13.83 59.53
N SER P 164 10.48 15.15 59.42
CA SER P 164 10.04 16.04 60.47
C SER P 164 8.61 16.48 60.24
N ASN P 165 8.07 16.11 59.09
CA ASN P 165 6.73 16.51 58.66
C ASN P 165 6.56 18.03 58.64
N THR P 166 7.57 18.71 58.11
CA THR P 166 7.68 20.16 57.98
C THR P 166 7.71 20.83 59.35
N ASP P 167 8.62 20.36 60.19
CA ASP P 167 8.77 20.90 61.53
C ASP P 167 10.13 21.57 61.75
N ALA P 168 10.11 22.89 61.93
CA ALA P 168 11.28 23.71 62.19
C ALA P 168 12.40 23.57 61.19
N SER P 169 12.05 23.48 59.92
CA SER P 169 13.02 23.37 58.83
C SER P 169 13.88 22.12 58.88
N GLU P 170 13.55 21.16 59.75
CA GLU P 170 14.30 19.92 59.82
C GLU P 170 13.91 19.07 58.65
N GLY P 171 12.83 19.47 58.00
CA GLY P 171 12.34 18.80 56.83
C GLY P 171 13.03 19.33 55.56
N ARG P 172 13.74 20.46 55.69
CA ARG P 172 14.47 21.04 54.58
C ARG P 172 15.81 20.38 54.52
N LYS P 173 16.29 19.97 55.67
CA LYS P 173 17.55 19.29 55.76
C LYS P 173 17.41 17.99 55.00
N PHE P 174 18.51 17.48 54.48
CA PHE P 174 18.45 16.25 53.71
C PHE P 174 18.31 15.01 54.55
N ALA P 175 17.60 14.05 54.00
CA ALA P 175 17.58 12.72 54.54
C ALA P 175 18.96 12.22 54.22
N ALA P 176 19.60 11.46 55.08
CA ALA P 176 20.94 11.07 54.69
C ALA P 176 21.28 9.67 55.09
N LEU P 177 20.53 8.70 54.66
CA LEU P 177 20.86 7.37 55.12
C LEU P 177 22.22 6.98 54.61
N ASP P 178 23.03 6.41 55.47
CA ASP P 178 24.37 6.04 55.05
C ASP P 178 24.36 4.85 54.12
N TYR P 179 23.63 3.82 54.49
CA TYR P 179 23.62 2.59 53.69
C TYR P 179 23.00 2.82 52.32
N LEU P 180 22.16 3.85 52.19
CA LEU P 180 21.56 4.21 50.91
C LEU P 180 22.11 5.51 50.29
N LEU P 181 23.25 5.99 50.79
CA LEU P 181 23.96 7.18 50.27
C LEU P 181 23.14 8.44 50.23
N GLY P 182 22.10 8.53 51.02
CA GLY P 182 21.23 9.69 51.07
C GLY P 182 20.29 9.78 49.89
N SER P 183 20.32 8.78 48.99
CA SER P 183 19.51 8.83 47.78
C SER P 183 18.60 7.63 47.53
N GLY P 184 18.77 6.54 48.29
CA GLY P 184 17.96 5.35 48.03
C GLY P 184 18.72 4.38 47.14
N VAL P 185 20.04 4.54 47.12
CA VAL P 185 20.96 3.74 46.35
C VAL P 185 21.94 3.05 47.27
N LEU P 186 22.06 1.75 47.17
CA LEU P 186 22.95 1.05 48.08
C LEU P 186 24.40 1.46 47.93
N ALA P 187 25.01 1.71 49.07
CA ALA P 187 26.40 2.15 49.21
C ALA P 187 27.38 1.20 48.61
N GLY P 188 27.10 -0.08 48.57
CA GLY P 188 28.07 -1.01 48.03
C GLY P 188 28.38 -0.75 46.56
N ASN P 189 27.50 -0.02 45.88
CA ASN P 189 27.70 0.22 44.47
C ASN P 189 28.35 1.58 44.24
N ALA P 190 28.74 2.26 45.32
CA ALA P 190 29.34 3.58 45.28
C ALA P 190 30.67 3.54 44.57
N PHE P 191 31.24 2.36 44.49
CA PHE P 191 32.53 2.08 43.91
C PHE P 191 32.52 2.29 42.40
N VAL P 192 31.34 2.47 41.81
CA VAL P 192 31.27 2.78 40.39
C VAL P 192 31.84 4.16 40.14
N TYR P 193 31.81 5.02 41.16
CA TYR P 193 32.29 6.36 41.05
C TYR P 193 33.79 6.32 41.30
N PRO P 194 34.58 7.27 40.82
CA PRO P 194 35.99 7.32 41.12
C PRO P 194 36.13 7.27 42.62
N HIS P 195 37.02 6.42 43.10
CA HIS P 195 37.18 6.28 44.54
C HIS P 195 38.53 5.74 44.91
N GLN P 196 38.88 5.95 46.17
CA GLN P 196 40.06 5.35 46.79
C GLN P 196 39.76 4.95 48.22
N ILE P 197 40.52 4.01 48.78
CA ILE P 197 40.24 3.62 50.16
C ILE P 197 41.38 3.91 51.09
N ILE P 198 41.12 4.68 52.12
CA ILE P 198 42.17 4.91 53.07
C ILE P 198 42.00 3.90 54.16
N ASN P 199 42.60 2.77 53.90
CA ASN P 199 42.63 1.59 54.76
C ASN P 199 43.81 1.88 55.63
N LEU P 200 43.56 2.13 56.92
CA LEU P 200 44.60 2.66 57.78
C LEU P 200 45.82 1.79 57.87
N ARG P 201 45.64 0.50 57.79
CA ARG P 201 46.80 -0.35 57.91
C ARG P 201 47.87 -0.13 56.81
N THR P 202 47.50 0.27 55.59
CA THR P 202 48.50 0.46 54.53
C THR P 202 48.62 1.86 53.93
N ASN P 203 47.63 2.71 54.11
CA ASN P 203 47.67 4.03 53.48
C ASN P 203 47.18 5.14 54.38
N ASN P 204 47.96 6.20 54.49
CA ASN P 204 47.57 7.36 55.27
C ASN P 204 46.77 8.31 54.44
N SER P 205 46.96 8.27 53.13
CA SER P 205 46.18 9.18 52.33
C SER P 205 45.88 8.66 50.95
N ALA P 206 44.98 9.36 50.26
CA ALA P 206 44.64 9.01 48.90
C ALA P 206 44.28 10.24 48.06
N THR P 207 44.69 10.25 46.78
CA THR P 207 44.42 11.39 45.88
C THR P 207 43.70 11.06 44.58
N ILE P 208 42.64 11.82 44.30
CA ILE P 208 41.88 11.68 43.07
C ILE P 208 41.80 12.98 42.27
N VAL P 209 42.10 12.89 40.97
CA VAL P 209 41.98 13.99 40.03
C VAL P 209 40.57 14.04 39.47
N VAL P 210 39.98 15.21 39.57
CA VAL P 210 38.64 15.47 39.15
C VAL P 210 38.54 16.42 37.95
N PRO P 211 38.11 15.99 36.78
CA PRO P 211 37.94 16.81 35.60
C PRO P 211 36.65 17.58 35.83
N TYR P 212 36.46 18.69 35.15
CA TYR P 212 35.16 19.34 35.23
C TYR P 212 34.16 18.46 34.51
N VAL P 213 33.03 18.19 35.13
CA VAL P 213 32.02 17.39 34.47
C VAL P 213 30.64 18.03 34.49
N ASN P 214 30.09 18.21 33.32
CA ASN P 214 28.76 18.74 33.13
C ASN P 214 28.28 18.39 31.74
N SER P 215 27.05 18.78 31.43
CA SER P 215 26.44 18.72 30.10
C SER P 215 26.78 20.00 29.33
N LEU P 216 27.42 20.89 30.06
CA LEU P 216 27.87 22.18 29.63
C LEU P 216 29.36 22.29 29.75
N VAL P 217 29.96 23.19 29.00
CA VAL P 217 31.39 23.40 29.16
C VAL P 217 31.69 24.26 30.39
N ILE P 218 30.80 25.16 30.73
CA ILE P 218 31.04 26.07 31.84
C ILE P 218 29.68 26.31 32.50
N ASP P 219 29.62 26.56 33.81
CA ASP P 219 28.31 26.82 34.43
C ASP P 219 28.41 27.76 35.61
N CYS P 220 27.31 28.06 36.25
CA CYS P 220 27.37 28.97 37.38
C CYS P 220 27.54 28.24 38.69
N MET P 221 28.68 28.46 39.32
CA MET P 221 29.08 27.76 40.53
C MET P 221 28.25 28.12 41.74
N ALA P 222 27.55 29.25 41.68
CA ALA P 222 26.71 29.65 42.79
C ALA P 222 25.40 28.86 42.76
N LYS P 223 25.11 28.22 41.62
CA LYS P 223 23.86 27.53 41.45
C LYS P 223 24.04 26.04 41.41
N HIS P 224 25.15 25.58 40.85
CA HIS P 224 25.33 24.16 40.63
C HIS P 224 26.61 23.57 41.14
N ASN P 225 26.47 22.49 41.89
CA ASN P 225 27.60 21.78 42.41
C ASN P 225 27.95 20.63 41.49
N ASN P 226 29.04 20.73 40.76
CA ASN P 226 29.31 19.71 39.77
C ASN P 226 29.62 18.35 40.40
N TRP P 227 30.27 18.37 41.54
CA TRP P 227 30.67 17.17 42.25
C TRP P 227 30.44 17.30 43.73
N GLY P 228 30.27 16.15 44.39
CA GLY P 228 30.28 16.09 45.84
C GLY P 228 31.35 15.09 46.30
N ILE P 229 31.70 15.15 47.57
CA ILE P 229 32.66 14.25 48.19
C ILE P 229 31.98 13.45 49.25
N VAL P 230 32.08 12.15 49.15
CA VAL P 230 31.48 11.29 50.16
C VAL P 230 32.49 10.39 50.83
N ILE P 231 32.56 10.48 52.15
CA ILE P 231 33.47 9.63 52.88
C ILE P 231 32.72 8.74 53.85
N LEU P 232 32.91 7.45 53.72
CA LEU P 232 32.20 6.53 54.57
C LEU P 232 33.14 5.57 55.26
N PRO P 233 32.92 5.19 56.50
CA PRO P 233 33.61 4.07 57.07
C PRO P 233 33.17 2.91 56.22
N LEU P 234 34.08 2.04 55.87
CA LEU P 234 33.74 0.86 55.11
C LEU P 234 33.93 -0.22 56.10
N ALA P 235 34.93 0.01 56.91
CA ALA P 235 35.33 -0.91 57.95
C ALA P 235 35.41 -0.06 59.20
N PRO P 236 34.98 -0.56 60.35
CA PRO P 236 34.87 0.22 61.55
C PRO P 236 36.21 0.58 62.08
N LEU P 237 36.29 1.75 62.67
CA LEU P 237 37.51 2.12 63.33
C LEU P 237 37.60 1.37 64.60
N ALA P 238 38.77 0.83 64.89
CA ALA P 238 38.91 0.17 66.17
C ALA P 238 40.34 0.21 66.66
N PHE P 239 40.46 0.30 67.96
CA PHE P 239 41.76 0.32 68.59
C PHE P 239 41.70 -0.29 69.99
N ALA P 240 42.70 -1.12 70.35
CA ALA P 240 42.84 -1.72 71.68
C ALA P 240 44.11 -1.20 72.31
N SER P 243 37.45 1.87 74.30
CA SER P 243 38.25 2.97 73.80
C SER P 243 37.81 3.29 72.35
N SER P 244 37.56 4.57 72.06
CA SER P 244 37.12 5.12 70.77
C SER P 244 38.04 6.28 70.43
N PRO P 245 39.08 6.06 69.62
CA PRO P 245 40.14 7.01 69.34
C PRO P 245 39.78 8.29 68.58
N GLN P 246 38.64 8.34 67.87
CA GLN P 246 38.32 9.58 67.15
C GLN P 246 39.45 10.06 66.26
N VAL P 247 39.87 9.22 65.33
CA VAL P 247 41.00 9.53 64.48
C VAL P 247 40.68 10.68 63.53
N PRO P 248 41.44 11.77 63.48
CA PRO P 248 41.19 12.90 62.61
C PRO P 248 41.18 12.57 61.13
N ILE P 249 40.29 13.21 60.39
CA ILE P 249 40.19 13.13 58.94
C ILE P 249 40.28 14.55 58.39
N THR P 250 41.19 14.76 57.45
CA THR P 250 41.37 16.07 56.84
C THR P 250 41.19 16.01 55.34
N VAL P 251 40.43 16.94 54.81
CA VAL P 251 40.24 16.97 53.38
C VAL P 251 40.87 18.23 52.82
N THR P 252 41.82 18.04 51.90
CA THR P 252 42.53 19.16 51.33
C THR P 252 42.22 19.22 49.82
N ILE P 253 41.77 20.38 49.36
CA ILE P 253 41.32 20.54 47.99
C ILE P 253 41.97 21.61 47.16
N ALA P 254 42.36 21.29 45.94
CA ALA P 254 42.88 22.33 45.08
C ALA P 254 42.16 22.37 43.73
N PRO P 255 41.63 23.49 43.30
CA PRO P 255 41.07 23.68 41.98
C PRO P 255 42.17 23.53 40.94
N MET P 256 41.83 23.05 39.76
CA MET P 256 42.79 22.96 38.67
C MET P 256 42.23 23.56 37.40
N CYS P 257 43.10 24.22 36.66
CA CYS P 257 42.72 24.86 35.41
C CYS P 257 41.53 25.76 35.61
N THR P 258 41.51 26.51 36.69
CA THR P 258 40.37 27.35 36.96
C THR P 258 40.19 28.44 35.94
N GLU P 259 38.95 28.60 35.48
CA GLU P 259 38.61 29.74 34.63
C GLU P 259 37.24 30.27 34.96
N PHE P 260 37.05 31.55 34.70
CA PHE P 260 35.78 32.20 34.89
C PHE P 260 35.37 33.06 33.72
N ASN P 261 34.07 33.29 33.59
CA ASN P 261 33.63 34.10 32.49
C ASN P 261 32.36 34.93 32.78
N GLY P 262 32.49 36.23 32.56
CA GLY P 262 31.38 37.16 32.75
C GLY P 262 31.40 37.81 34.12
N LEU P 263 31.82 39.07 34.18
CA LEU P 263 31.87 39.76 35.47
C LEU P 263 30.53 40.35 35.81
N ARG P 264 30.06 40.08 37.03
CA ARG P 264 28.79 40.61 37.54
C ARG P 264 29.06 41.36 38.85
N ASN P 265 28.00 41.76 39.55
CA ASN P 265 28.11 42.22 40.91
C ASN P 265 28.51 41.08 41.78
N ILE P 266 29.29 41.32 42.80
CA ILE P 266 29.65 40.18 43.59
C ILE P 266 28.41 39.55 44.13
N THR P 267 28.33 38.24 44.01
CA THR P 267 27.19 37.54 44.48
C THR P 267 27.30 37.33 45.96
N VAL P 268 26.27 37.67 46.67
CA VAL P 268 26.24 37.42 48.07
C VAL P 268 24.99 36.60 48.38
N PRO P 269 25.10 35.28 48.49
CA PRO P 269 24.02 34.32 48.63
C PRO P 269 23.42 34.46 49.99
N VAL P 270 22.19 34.03 50.13
CA VAL P 270 21.56 34.11 51.42
C VAL P 270 22.38 33.40 52.46
N HIS P 271 22.58 34.10 53.56
CA HIS P 271 23.38 33.69 54.67
C HIS P 271 22.57 33.31 55.90
N GLN P 272 23.00 32.25 56.60
CA GLN P 272 22.42 31.72 57.83
C GLN P 272 22.70 32.69 58.99
N GLY Q 1 -0.43 2.92 -9.75
CA GLY Q 1 -0.09 2.32 -8.48
C GLY Q 1 0.63 0.96 -8.64
N LEU Q 2 1.80 0.82 -7.98
CA LEU Q 2 2.63 -0.39 -7.93
C LEU Q 2 1.96 -1.50 -7.12
N PRO Q 3 1.61 -2.65 -7.69
CA PRO Q 3 0.96 -3.73 -6.98
C PRO Q 3 1.79 -4.21 -5.79
N THR Q 4 1.13 -4.30 -4.65
CA THR Q 4 1.72 -4.72 -3.39
C THR Q 4 0.80 -5.63 -2.59
N MET Q 5 1.35 -6.27 -1.58
CA MET Q 5 0.53 -7.12 -0.73
C MET Q 5 0.93 -7.01 0.73
N ASN Q 6 0.00 -6.71 1.62
CA ASN Q 6 0.39 -6.59 3.01
C ASN Q 6 0.48 -7.96 3.64
N THR Q 7 1.60 -8.26 4.27
CA THR Q 7 1.79 -9.56 4.89
C THR Q 7 1.40 -9.46 6.36
N PRO Q 8 1.23 -10.58 7.08
CA PRO Q 8 0.99 -10.60 8.49
C PRO Q 8 2.10 -9.81 9.08
N GLY Q 9 1.80 -9.12 10.14
CA GLY Q 9 2.73 -8.23 10.78
C GLY Q 9 2.39 -6.78 10.47
N SER Q 10 1.53 -6.55 9.49
CA SER Q 10 1.11 -5.19 9.18
C SER Q 10 0.26 -4.57 10.28
N ASN Q 11 0.41 -3.27 10.45
CA ASN Q 11 -0.33 -2.44 11.39
C ASN Q 11 -0.20 -2.93 12.82
N GLN Q 12 1.00 -3.27 13.25
CA GLN Q 12 1.21 -3.75 14.60
C GLN Q 12 2.29 -2.94 15.26
N PHE Q 13 2.24 -2.83 16.58
CA PHE Q 13 3.28 -2.14 17.32
C PHE Q 13 4.06 -2.98 18.26
N LEU Q 14 5.31 -3.17 17.93
CA LEU Q 14 6.18 -3.97 18.75
C LEU Q 14 7.10 -3.02 19.48
N THR Q 15 7.30 -3.20 20.76
CA THR Q 15 8.13 -2.28 21.52
C THR Q 15 9.61 -2.33 21.15
N SER Q 16 10.02 -3.36 20.43
CA SER Q 16 11.38 -3.53 19.97
C SER Q 16 11.49 -3.26 18.45
N ASP Q 17 10.41 -2.76 17.86
CA ASP Q 17 10.28 -2.44 16.44
C ASP Q 17 11.37 -1.44 16.04
N ASP Q 18 12.12 -1.72 14.99
CA ASP Q 18 13.19 -0.83 14.57
C ASP Q 18 13.06 -0.43 13.12
N PHE Q 19 12.48 0.74 12.88
CA PHE Q 19 12.20 1.23 11.54
C PHE Q 19 12.31 2.72 11.53
N GLN Q 20 12.10 3.28 10.37
CA GLN Q 20 12.17 4.70 10.19
C GLN Q 20 10.83 5.35 10.45
N SER Q 21 10.87 6.63 10.76
CA SER Q 21 9.64 7.39 11.01
C SER Q 21 9.87 8.85 10.65
N PRO Q 22 8.83 9.64 10.35
CA PRO Q 22 8.94 11.04 10.04
C PRO Q 22 9.39 11.80 11.22
N CYS Q 23 10.09 12.88 10.96
CA CYS Q 23 10.56 13.74 12.00
C CYS Q 23 9.46 14.67 12.45
N ALA Q 24 9.26 14.73 13.74
CA ALA Q 24 8.29 15.60 14.35
C ALA Q 24 8.63 17.04 14.10
N LEU Q 25 9.93 17.32 14.10
CA LEU Q 25 10.46 18.65 13.94
C LEU Q 25 11.44 18.81 12.78
N PRO Q 26 10.99 18.89 11.53
CA PRO Q 26 11.83 18.96 10.37
C PRO Q 26 12.80 20.10 10.47
N ASN Q 27 14.03 19.82 10.06
CA ASN Q 27 15.15 20.73 10.02
C ASN Q 27 15.59 21.23 11.38
N PHE Q 28 15.18 20.57 12.45
CA PHE Q 28 15.58 21.02 13.77
C PHE Q 28 17.08 21.05 13.93
N ASP Q 29 17.59 22.14 14.48
CA ASP Q 29 19.01 22.29 14.68
C ASP Q 29 19.43 21.71 16.03
N VAL Q 30 20.09 20.57 15.99
CA VAL Q 30 20.51 19.83 17.17
C VAL Q 30 21.78 20.41 17.75
N THR Q 31 21.77 20.61 19.06
CA THR Q 31 22.86 21.16 19.85
C THR Q 31 24.10 20.32 19.58
N PRO Q 32 25.26 20.87 19.21
CA PRO Q 32 26.47 20.12 18.95
C PRO Q 32 26.85 19.31 20.19
N PRO Q 33 27.46 18.15 20.03
CA PRO Q 33 27.94 17.34 21.11
C PRO Q 33 29.19 17.99 21.62
N ILE Q 34 29.51 17.76 22.88
CA ILE Q 34 30.78 18.21 23.39
C ILE Q 34 31.41 17.03 24.04
N HIS Q 35 32.71 17.07 24.28
CA HIS Q 35 33.27 15.95 25.01
C HIS Q 35 32.92 16.04 26.46
N ILE Q 36 32.47 14.93 27.00
CA ILE Q 36 32.16 14.82 28.41
C ILE Q 36 32.97 13.63 28.92
N PRO Q 37 33.79 13.76 29.96
CA PRO Q 37 34.57 12.69 30.53
C PRO Q 37 33.65 11.60 30.99
N GLY Q 38 34.08 10.34 30.91
CA GLY Q 38 33.25 9.24 31.41
C GLY Q 38 32.37 8.51 30.40
N GLU Q 39 32.61 8.66 29.10
CA GLU Q 39 31.76 7.97 28.12
C GLU Q 39 31.71 6.48 28.31
N VAL Q 40 30.49 5.97 28.27
CA VAL Q 40 30.17 4.55 28.42
C VAL Q 40 29.70 4.00 27.08
N LYS Q 41 30.19 2.83 26.70
CA LYS Q 41 29.78 2.22 25.44
C LYS Q 41 28.88 1.01 25.65
N ASN Q 42 29.15 0.29 26.72
CA ASN Q 42 28.49 -0.98 26.94
C ASN Q 42 28.24 -1.20 28.43
N MET Q 43 27.17 -1.90 28.77
CA MET Q 43 26.87 -2.17 30.16
C MET Q 43 27.91 -3.07 30.78
N MET Q 44 28.61 -3.85 29.98
CA MET Q 44 29.61 -4.74 30.52
C MET Q 44 30.80 -3.98 31.08
N GLU Q 45 30.99 -2.75 30.64
CA GLU Q 45 32.08 -1.97 31.15
C GLU Q 45 31.84 -1.66 32.62
N LEU Q 46 30.58 -1.72 33.05
CA LEU Q 46 30.27 -1.42 34.41
C LEU Q 46 30.25 -2.73 35.18
N ALA Q 47 29.89 -3.80 34.48
CA ALA Q 47 29.84 -5.13 35.07
C ALA Q 47 31.22 -5.52 35.57
N GLU Q 48 32.26 -5.04 34.90
CA GLU Q 48 33.64 -5.34 35.27
C GLU Q 48 34.17 -4.51 36.45
N ILE Q 49 33.37 -3.59 37.01
CA ILE Q 49 33.82 -2.78 38.14
C ILE Q 49 33.56 -3.45 39.49
N ASP Q 50 34.58 -3.52 40.34
CA ASP Q 50 34.41 -4.16 41.66
C ASP Q 50 33.35 -3.50 42.53
N THR Q 51 32.42 -4.32 43.00
CA THR Q 51 31.31 -3.93 43.86
C THR Q 51 31.35 -4.59 45.21
N LEU Q 52 31.09 -3.82 46.26
CA LEU Q 52 31.13 -4.37 47.60
C LEU Q 52 29.89 -5.23 47.85
N ILE Q 53 30.12 -6.47 48.28
CA ILE Q 53 29.07 -7.46 48.48
C ILE Q 53 28.48 -7.39 49.88
N PRO Q 54 27.16 -7.27 50.07
CA PRO Q 54 26.49 -7.20 51.36
C PRO Q 54 26.40 -8.60 51.95
N MET Q 55 27.56 -9.14 52.29
CA MET Q 55 27.68 -10.49 52.80
C MET Q 55 27.05 -10.77 54.13
N ASN Q 56 27.09 -9.84 55.04
CA ASN Q 56 26.58 -10.09 56.37
C ASN Q 56 25.16 -9.64 56.43
N ALA Q 57 24.37 -10.16 55.52
CA ALA Q 57 22.95 -9.83 55.40
C ALA Q 57 22.17 -10.70 56.32
N VAL Q 58 22.39 -10.51 57.59
CA VAL Q 58 21.81 -11.35 58.61
C VAL Q 58 20.92 -10.53 59.49
N ASP Q 59 20.13 -11.17 60.30
CA ASP Q 59 19.20 -10.40 61.09
C ASP Q 59 19.93 -9.37 61.96
N GLY Q 60 19.55 -8.10 61.80
CA GLY Q 60 20.15 -6.97 62.51
C GLY Q 60 21.22 -6.24 61.70
N LYS Q 61 21.63 -6.86 60.62
CA LYS Q 61 22.63 -6.30 59.72
C LYS Q 61 22.02 -6.00 58.36
N VAL Q 62 20.97 -6.72 58.02
CA VAL Q 62 20.36 -6.51 56.73
C VAL Q 62 19.87 -5.08 56.67
N ASN Q 63 20.20 -4.40 55.58
CA ASN Q 63 19.89 -3.01 55.32
C ASN Q 63 20.56 -2.02 56.28
N THR Q 64 21.71 -2.38 56.82
CA THR Q 64 22.49 -1.43 57.61
C THR Q 64 23.87 -1.41 56.97
N MET Q 65 24.76 -0.49 57.35
CA MET Q 65 26.06 -0.46 56.70
C MET Q 65 26.92 -1.70 57.01
N GLU Q 66 26.70 -2.29 58.16
CA GLU Q 66 27.45 -3.42 58.66
C GLU Q 66 27.31 -4.67 57.81
N MET Q 67 26.33 -4.71 56.90
CA MET Q 67 26.11 -5.86 56.03
C MET Q 67 27.28 -6.04 55.09
N TYR Q 68 28.10 -5.03 54.92
CA TYR Q 68 29.20 -5.17 54.00
C TYR Q 68 30.48 -5.59 54.71
N GLN Q 69 30.40 -5.84 56.00
CA GLN Q 69 31.60 -6.16 56.78
C GLN Q 69 31.69 -7.63 57.17
N ILE Q 70 32.66 -8.36 56.64
CA ILE Q 70 32.75 -9.78 56.95
C ILE Q 70 33.66 -9.91 58.16
N PRO Q 71 33.20 -10.43 59.29
CA PRO Q 71 33.98 -10.57 60.50
C PRO Q 71 34.99 -11.66 60.37
N LEU Q 72 36.09 -11.50 61.09
CA LEU Q 72 37.14 -12.46 61.23
C LEU Q 72 37.65 -12.52 62.67
N ASN Q 73 37.80 -13.72 63.20
CA ASN Q 73 38.29 -13.84 64.56
C ASN Q 73 39.77 -14.13 64.64
N ASP Q 74 40.38 -13.71 65.73
CA ASP Q 74 41.75 -14.11 66.04
C ASP Q 74 41.72 -15.51 66.66
N ASN Q 75 40.57 -15.83 67.19
CA ASN Q 75 40.26 -17.04 67.89
C ASN Q 75 40.19 -18.21 66.93
N LEU Q 76 40.37 -19.39 67.46
CA LEU Q 76 40.32 -20.61 66.70
C LEU Q 76 38.92 -20.97 66.26
N SER Q 77 38.80 -21.29 64.99
CA SER Q 77 37.56 -21.77 64.44
C SER Q 77 37.87 -22.67 63.30
N LYS Q 78 37.06 -23.72 63.17
CA LYS Q 78 37.18 -24.66 62.06
C LYS Q 78 35.99 -24.51 61.14
N ALA Q 79 35.13 -23.57 61.49
CA ALA Q 79 33.93 -23.26 60.76
C ALA Q 79 34.28 -22.41 59.58
N PRO Q 80 33.46 -22.36 58.54
CA PRO Q 80 33.65 -21.44 57.47
C PRO Q 80 33.42 -20.07 58.02
N ILE Q 81 34.09 -19.12 57.43
CA ILE Q 81 33.97 -17.71 57.69
C ILE Q 81 32.69 -17.27 57.04
N PHE Q 82 32.53 -17.73 55.81
CA PHE Q 82 31.31 -17.45 55.07
C PHE Q 82 31.04 -18.52 54.03
N CYS Q 83 29.79 -18.52 53.56
CA CYS Q 83 29.33 -19.38 52.48
C CYS Q 83 28.43 -18.58 51.55
N LEU Q 84 28.65 -18.65 50.25
CA LEU Q 84 27.87 -17.89 49.27
C LEU Q 84 27.54 -18.67 47.99
N SER Q 85 26.29 -18.56 47.53
CA SER Q 85 25.92 -19.17 46.26
C SER Q 85 26.58 -18.41 45.12
N LEU Q 86 27.04 -19.10 44.08
CA LEU Q 86 27.64 -18.35 42.98
C LEU Q 86 26.70 -17.51 42.15
N SER Q 87 25.51 -18.01 41.84
CA SER Q 87 24.69 -17.29 40.89
C SER Q 87 24.51 -15.81 41.25
N PRO Q 88 25.07 -14.88 40.45
CA PRO Q 88 25.09 -13.45 40.70
C PRO Q 88 23.75 -12.80 40.57
N ALA Q 89 22.84 -13.46 39.87
CA ALA Q 89 21.54 -12.87 39.66
C ALA Q 89 20.51 -13.44 40.65
N SER Q 90 20.71 -14.68 41.06
CA SER Q 90 19.75 -15.33 41.92
C SER Q 90 20.03 -15.08 43.40
N ASP Q 91 21.29 -15.17 43.78
CA ASP Q 91 21.63 -15.05 45.18
C ASP Q 91 21.16 -13.74 45.78
N LYS Q 92 20.57 -13.85 46.96
CA LYS Q 92 20.02 -12.70 47.67
C LYS Q 92 21.02 -11.60 47.97
N ARG Q 93 22.27 -11.95 48.22
CA ARG Q 93 23.24 -10.96 48.60
C ARG Q 93 23.88 -10.36 47.33
N LEU Q 94 24.09 -11.21 46.31
CA LEU Q 94 24.73 -10.75 45.07
C LEU Q 94 23.81 -10.03 44.09
N SER Q 95 22.50 -10.25 44.15
CA SER Q 95 21.58 -9.67 43.18
C SER Q 95 21.50 -8.16 43.28
N HIS Q 96 22.02 -7.60 44.36
CA HIS Q 96 22.02 -6.18 44.57
C HIS Q 96 23.39 -5.52 44.38
N THR Q 97 24.34 -6.27 43.86
CA THR Q 97 25.66 -5.71 43.56
C THR Q 97 25.57 -5.14 42.16
N MET Q 98 26.51 -4.31 41.71
CA MET Q 98 26.40 -3.83 40.34
C MET Q 98 26.34 -4.95 39.35
N LEU Q 99 27.10 -6.01 39.58
CA LEU Q 99 27.07 -7.10 38.63
C LEU Q 99 25.71 -7.71 38.63
N GLY Q 100 25.16 -7.95 39.81
CA GLY Q 100 23.85 -8.54 39.92
C GLY Q 100 22.79 -7.65 39.29
N GLU Q 101 22.83 -6.36 39.59
CA GLU Q 101 21.86 -5.42 39.11
C GLU Q 101 21.87 -5.35 37.61
N ILE Q 102 23.04 -5.39 37.00
CA ILE Q 102 23.06 -5.38 35.56
C ILE Q 102 22.49 -6.67 35.05
N LEU Q 103 22.88 -7.79 35.65
CA LEU Q 103 22.40 -9.08 35.20
C LEU Q 103 20.96 -9.31 35.50
N ASN Q 104 20.36 -8.53 36.37
CA ASN Q 104 18.97 -8.71 36.65
C ASN Q 104 18.14 -8.27 35.47
N TYR Q 105 18.78 -7.57 34.51
CA TYR Q 105 18.14 -7.11 33.30
C TYR Q 105 18.41 -8.09 32.21
N TYR Q 106 19.01 -9.21 32.51
CA TYR Q 106 19.29 -10.22 31.52
C TYR Q 106 18.73 -11.57 31.92
N THR Q 107 18.41 -12.39 30.93
CA THR Q 107 17.86 -13.71 31.17
C THR Q 107 18.88 -14.80 31.38
N HIS Q 108 20.04 -14.62 30.79
CA HIS Q 108 21.12 -15.58 30.86
C HIS Q 108 22.43 -14.86 30.95
N TRP Q 109 23.43 -15.51 31.51
CA TRP Q 109 24.75 -14.93 31.63
C TRP Q 109 25.87 -15.95 31.51
N THR Q 110 27.06 -15.48 31.17
CA THR Q 110 28.19 -16.36 31.09
C THR Q 110 29.50 -15.72 31.37
N GLY Q 111 30.46 -16.53 31.79
CA GLY Q 111 31.83 -16.11 31.96
C GLY Q 111 32.26 -16.16 33.38
N SER Q 112 33.56 -16.08 33.58
CA SER Q 112 34.10 -16.16 34.90
C SER Q 112 33.78 -14.91 35.70
N ILE Q 113 33.79 -15.07 37.03
CA ILE Q 113 33.55 -13.97 37.97
C ILE Q 113 34.66 -13.78 38.98
N ARG Q 114 35.13 -12.56 39.10
CA ARG Q 114 36.20 -12.27 40.03
C ARG Q 114 35.73 -11.88 41.40
N PHE Q 115 36.31 -12.53 42.40
CA PHE Q 115 36.04 -12.21 43.79
C PHE Q 115 37.31 -11.72 44.46
N THR Q 116 37.28 -10.46 44.86
CA THR Q 116 38.46 -9.83 45.43
C THR Q 116 38.23 -9.49 46.87
N PHE Q 117 39.16 -9.84 47.71
CA PHE Q 117 39.00 -9.52 49.11
C PHE Q 117 40.07 -8.61 49.62
N LEU Q 118 39.63 -7.67 50.43
CA LEU Q 118 40.47 -6.70 51.10
C LEU Q 118 40.48 -6.88 52.60
N PHE Q 119 41.65 -6.97 53.19
CA PHE Q 119 41.71 -7.09 54.63
C PHE Q 119 41.86 -5.69 55.24
N CYS Q 120 41.00 -5.33 56.18
CA CYS Q 120 41.04 -4.00 56.80
C CYS Q 120 41.36 -4.01 58.28
N GLY Q 121 42.01 -5.07 58.72
CA GLY Q 121 42.35 -5.23 60.12
C GLY Q 121 43.67 -4.56 60.47
N SER Q 122 44.22 -4.86 61.62
CA SER Q 122 45.47 -4.25 62.06
C SER Q 122 46.60 -4.58 61.13
N MET Q 123 47.53 -3.64 60.93
CA MET Q 123 48.65 -3.92 60.04
C MET Q 123 49.54 -4.98 60.61
N MET Q 124 49.50 -5.13 61.90
CA MET Q 124 50.36 -6.07 62.58
C MET Q 124 49.70 -7.44 62.69
N ALA Q 125 48.51 -7.58 62.14
CA ALA Q 125 47.82 -8.84 62.20
C ALA Q 125 48.34 -9.73 61.10
N THR Q 126 48.59 -10.99 61.41
CA THR Q 126 49.06 -11.91 60.37
C THR Q 126 48.24 -13.19 60.35
N GLY Q 127 48.30 -13.89 59.25
CA GLY Q 127 47.59 -15.14 59.12
C GLY Q 127 47.33 -15.43 57.67
N LYS Q 128 46.63 -16.51 57.42
CA LYS Q 128 46.34 -16.93 56.06
C LYS Q 128 44.89 -17.36 55.93
N LEU Q 129 44.26 -16.89 54.87
CA LEU Q 129 42.88 -17.29 54.63
C LEU Q 129 42.74 -18.15 53.38
N LEU Q 130 41.87 -19.15 53.45
CA LEU Q 130 41.62 -20.03 52.32
C LEU Q 130 40.35 -19.68 51.60
N LEU Q 131 40.46 -19.29 50.36
CA LEU Q 131 39.30 -18.91 49.59
C LEU Q 131 39.10 -19.95 48.50
N SER Q 132 37.89 -20.50 48.38
CA SER Q 132 37.71 -21.51 47.35
C SER Q 132 36.34 -21.58 46.71
N TYR Q 133 36.33 -22.13 45.49
CA TYR Q 133 35.12 -22.37 44.73
C TYR Q 133 34.98 -23.79 44.26
N SER Q 134 33.86 -24.36 44.59
CA SER Q 134 33.54 -25.72 44.22
C SER Q 134 32.38 -25.69 43.23
N PRO Q 135 32.49 -26.31 42.06
CA PRO Q 135 31.44 -26.35 41.06
C PRO Q 135 30.28 -27.13 41.66
N PRO Q 136 29.07 -26.93 41.15
CA PRO Q 136 27.79 -27.45 41.59
C PRO Q 136 27.61 -28.93 41.37
N GLY Q 137 26.62 -29.52 42.04
CA GLY Q 137 26.33 -30.93 41.82
C GLY Q 137 27.04 -31.90 42.77
N ALA Q 138 27.48 -31.42 43.93
CA ALA Q 138 28.18 -32.23 44.93
C ALA Q 138 27.90 -31.63 46.29
N LYS Q 139 28.14 -32.40 47.34
CA LYS Q 139 27.91 -31.89 48.68
C LYS Q 139 28.63 -30.57 48.84
N PRO Q 140 28.03 -29.58 49.52
CA PRO Q 140 28.62 -28.30 49.72
C PRO Q 140 29.87 -28.46 50.55
N PRO Q 141 30.87 -27.60 50.36
CA PRO Q 141 32.15 -27.57 51.05
C PRO Q 141 32.05 -26.96 52.44
N THR Q 142 31.38 -27.67 53.33
CA THR Q 142 31.18 -27.18 54.68
C THR Q 142 32.35 -27.53 55.59
N ASN Q 143 33.12 -28.53 55.21
CA ASN Q 143 34.31 -28.93 55.94
C ASN Q 143 35.49 -28.37 55.16
N ARG Q 144 36.47 -27.79 55.85
CA ARG Q 144 37.61 -27.22 55.15
C ARG Q 144 38.29 -28.26 54.24
N LYS Q 145 38.32 -29.52 54.66
CA LYS Q 145 39.02 -30.50 53.84
C LYS Q 145 38.37 -30.66 52.48
N ASP Q 146 37.07 -30.38 52.37
CA ASP Q 146 36.41 -30.53 51.09
C ASP Q 146 36.54 -29.21 50.38
N ALA Q 147 36.64 -28.14 51.15
CA ALA Q 147 36.78 -26.80 50.59
C ALA Q 147 38.04 -26.72 49.74
N MET Q 148 39.07 -27.47 50.12
CA MET Q 148 40.34 -27.55 49.38
C MET Q 148 40.20 -28.25 48.03
N LEU Q 149 39.20 -29.08 47.89
CA LEU Q 149 39.05 -29.88 46.70
C LEU Q 149 38.25 -29.13 45.67
N GLY Q 150 38.89 -28.13 45.10
CA GLY Q 150 38.27 -27.21 44.16
C GLY Q 150 39.25 -26.09 43.82
N THR Q 151 38.74 -25.04 43.21
CA THR Q 151 39.61 -23.93 42.85
C THR Q 151 39.92 -23.18 44.09
N HIS Q 152 41.17 -22.92 44.36
CA HIS Q 152 41.40 -22.17 45.58
C HIS Q 152 42.69 -21.43 45.59
N ILE Q 153 42.73 -20.41 46.43
CA ILE Q 153 43.95 -19.70 46.69
C ILE Q 153 44.14 -19.56 48.17
N ILE Q 154 45.37 -19.34 48.58
CA ILE Q 154 45.61 -19.02 49.97
C ILE Q 154 46.15 -17.62 49.98
N TRP Q 155 45.51 -16.80 50.77
CA TRP Q 155 45.82 -15.41 50.87
C TRP Q 155 46.69 -15.06 52.05
N ASP Q 156 47.90 -14.61 51.74
CA ASP Q 156 48.84 -14.19 52.75
C ASP Q 156 48.48 -12.80 53.16
N LEU Q 157 48.12 -12.61 54.41
CA LEU Q 157 47.75 -11.27 54.80
C LEU Q 157 49.06 -10.50 54.91
N GLY Q 158 49.06 -9.24 54.51
CA GLY Q 158 50.29 -8.45 54.57
C GLY Q 158 50.08 -7.12 53.87
N LEU Q 159 51.16 -6.54 53.34
CA LEU Q 159 51.10 -5.24 52.66
C LEU Q 159 50.33 -5.33 51.36
N GLN Q 160 50.41 -6.48 50.70
CA GLN Q 160 49.63 -6.64 49.49
C GLN Q 160 48.28 -7.05 50.03
N SER Q 161 47.52 -6.02 50.36
CA SER Q 161 46.29 -5.99 51.10
C SER Q 161 45.12 -6.72 50.51
N SER Q 162 45.16 -6.98 49.21
CA SER Q 162 44.07 -7.66 48.58
C SER Q 162 44.50 -8.86 47.80
N CYS Q 163 43.55 -9.72 47.51
CA CYS Q 163 43.83 -10.84 46.65
C CYS Q 163 42.59 -11.19 45.92
N SER Q 164 42.73 -11.99 44.89
CA SER Q 164 41.53 -12.42 44.24
C SER Q 164 41.60 -13.80 43.69
N MET Q 165 40.42 -14.37 43.58
CA MET Q 165 40.18 -15.67 43.01
C MET Q 165 39.15 -15.49 41.94
N VAL Q 166 39.28 -16.21 40.86
CA VAL Q 166 38.27 -16.09 39.86
C VAL Q 166 37.54 -17.38 39.74
N ALA Q 167 36.22 -17.31 39.84
CA ALA Q 167 35.43 -18.50 39.70
C ALA Q 167 35.42 -18.74 38.21
N PRO Q 168 36.03 -19.83 37.73
CA PRO Q 168 36.19 -20.11 36.34
C PRO Q 168 34.87 -20.43 35.74
N TRP Q 169 34.74 -20.24 34.45
CA TRP Q 169 33.49 -20.60 33.83
C TRP Q 169 33.34 -22.07 33.60
N ILE Q 170 32.90 -22.75 34.64
CA ILE Q 170 32.70 -24.16 34.54
C ILE Q 170 31.23 -24.38 34.52
N SER Q 171 30.73 -24.84 33.42
CA SER Q 171 29.31 -25.00 33.25
C SER Q 171 29.03 -26.03 32.22
N ASN Q 172 27.97 -26.80 32.39
CA ASN Q 172 27.65 -27.73 31.33
C ASN Q 172 26.98 -26.97 30.21
N THR Q 173 26.23 -25.95 30.57
CA THR Q 173 25.56 -25.18 29.58
C THR Q 173 26.45 -24.05 29.15
N VAL Q 174 26.17 -23.47 27.99
CA VAL Q 174 26.98 -22.39 27.48
C VAL Q 174 26.76 -21.13 28.30
N TYR Q 175 25.51 -20.90 28.66
CA TYR Q 175 25.11 -19.75 29.45
C TYR Q 175 24.25 -20.28 30.58
N ARG Q 176 24.20 -19.58 31.69
CA ARG Q 176 23.31 -20.00 32.76
C ARG Q 176 22.19 -19.03 32.89
N ARG Q 177 21.04 -19.50 33.36
CA ARG Q 177 19.92 -18.62 33.57
C ARG Q 177 20.13 -17.69 34.74
N CYS Q 178 19.52 -16.52 34.65
CA CYS Q 178 19.53 -15.56 35.74
C CYS Q 178 18.36 -15.83 36.68
N ALA Q 179 17.56 -16.81 36.32
CA ALA Q 179 16.40 -17.26 37.06
C ALA Q 179 16.86 -18.16 38.19
N ARG Q 180 16.10 -18.22 39.28
CA ARG Q 180 16.47 -19.08 40.40
C ARG Q 180 16.07 -20.52 40.16
N ASP Q 181 16.79 -21.16 39.26
CA ASP Q 181 16.53 -22.53 38.88
C ASP Q 181 17.48 -23.57 39.47
N ASP Q 182 17.00 -24.80 39.52
CA ASP Q 182 17.79 -25.94 39.97
C ASP Q 182 18.78 -26.50 38.94
N PHE Q 183 18.47 -26.40 37.63
CA PHE Q 183 19.34 -27.00 36.63
C PHE Q 183 20.66 -26.28 36.52
N THR Q 184 20.58 -24.97 36.40
CA THR Q 184 21.74 -24.12 36.28
C THR Q 184 22.23 -23.75 37.67
N GLU Q 185 22.60 -24.78 38.41
CA GLU Q 185 23.05 -24.67 39.78
C GLU Q 185 24.31 -23.82 39.81
N GLY Q 186 24.37 -22.87 40.75
CA GLY Q 186 25.49 -21.95 40.87
C GLY Q 186 26.85 -22.54 41.23
N GLY Q 187 26.89 -23.27 42.33
CA GLY Q 187 28.12 -23.79 42.87
C GLY Q 187 28.35 -23.10 44.19
N PHE Q 188 29.46 -23.39 44.83
CA PHE Q 188 29.67 -22.91 46.18
C PHE Q 188 30.92 -22.11 46.39
N ILE Q 189 30.77 -20.93 47.00
CA ILE Q 189 31.93 -20.11 47.31
C ILE Q 189 32.10 -20.09 48.82
N THR Q 190 33.25 -20.51 49.31
CA THR Q 190 33.48 -20.47 50.75
C THR Q 190 34.82 -19.94 51.13
N CYS Q 191 34.92 -19.58 52.40
CA CYS Q 191 36.21 -19.22 52.91
C CYS Q 191 36.36 -19.74 54.32
N PHE Q 192 37.52 -20.32 54.57
CA PHE Q 192 37.95 -20.92 55.83
C PHE Q 192 39.26 -20.37 56.29
N TYR Q 193 39.54 -20.44 57.56
CA TYR Q 193 40.87 -20.05 57.95
C TYR Q 193 41.85 -21.11 57.54
N GLN Q 194 43.00 -20.69 57.02
CA GLN Q 194 44.06 -21.63 56.72
C GLN Q 194 44.80 -21.79 58.03
N THR Q 195 44.84 -20.69 58.76
CA THR Q 195 45.43 -20.57 60.08
C THR Q 195 44.73 -19.42 60.81
N ARG Q 196 44.73 -19.45 62.14
CA ARG Q 196 44.07 -18.39 62.90
C ARG Q 196 44.80 -17.08 62.73
N ILE Q 197 44.08 -15.98 62.79
CA ILE Q 197 44.76 -14.70 62.70
C ILE Q 197 45.37 -14.39 64.05
N VAL Q 198 46.63 -14.05 64.04
CA VAL Q 198 47.33 -13.75 65.27
C VAL Q 198 47.71 -12.31 65.31
N VAL Q 199 47.43 -11.68 66.45
CA VAL Q 199 47.72 -10.28 66.59
C VAL Q 199 48.58 -10.06 67.82
N PRO Q 200 49.34 -8.96 67.89
CA PRO Q 200 50.13 -8.53 69.02
C PRO Q 200 49.29 -8.00 70.14
N ALA Q 201 49.90 -7.83 71.29
CA ALA Q 201 49.19 -7.27 72.42
C ALA Q 201 48.67 -5.90 72.07
N SER Q 202 47.52 -5.57 72.68
CA SER Q 202 46.80 -4.32 72.49
C SER Q 202 46.34 -4.08 71.07
N THR Q 203 45.87 -5.15 70.45
CA THR Q 203 45.35 -5.12 69.10
C THR Q 203 43.95 -5.66 69.23
N PRO Q 204 42.95 -5.18 68.48
CA PRO Q 204 41.63 -5.73 68.45
C PRO Q 204 41.70 -7.18 68.05
N THR Q 205 40.72 -7.95 68.48
CA THR Q 205 40.60 -9.37 68.21
C THR Q 205 39.54 -9.64 67.14
N SER Q 206 38.97 -8.56 66.65
CA SER Q 206 37.92 -8.64 65.65
C SER Q 206 38.33 -7.86 64.43
N MET Q 207 38.54 -8.61 63.39
CA MET Q 207 39.03 -8.12 62.14
C MET Q 207 37.95 -8.17 61.11
N PHE Q 208 38.01 -7.28 60.14
CA PHE Q 208 37.05 -7.32 59.07
C PHE Q 208 37.67 -7.33 57.72
N MET Q 209 36.95 -7.92 56.78
CA MET Q 209 37.36 -7.88 55.40
C MET Q 209 36.19 -7.50 54.53
N LEU Q 210 36.51 -6.87 53.42
CA LEU Q 210 35.52 -6.45 52.47
C LEU Q 210 35.62 -7.25 51.19
N GLY Q 211 34.56 -7.97 50.84
CA GLY Q 211 34.60 -8.76 49.62
C GLY Q 211 33.96 -7.98 48.50
N PHE Q 212 34.52 -8.09 47.31
CA PHE Q 212 34.03 -7.44 46.14
C PHE Q 212 33.79 -8.39 44.99
N VAL Q 213 32.82 -8.09 44.14
CA VAL Q 213 32.57 -8.91 42.97
C VAL Q 213 32.57 -8.11 41.67
N SER Q 214 33.15 -8.70 40.63
CA SER Q 214 33.15 -8.10 39.29
C SER Q 214 33.23 -9.10 38.16
N ALA Q 215 32.75 -8.70 37.00
CA ALA Q 215 32.85 -9.53 35.80
C ALA Q 215 34.27 -9.58 35.25
N CYS Q 216 34.62 -10.71 34.66
CA CYS Q 216 35.90 -10.83 33.97
C CYS Q 216 35.74 -10.46 32.48
N PRO Q 217 36.82 -10.20 31.74
CA PRO Q 217 36.83 -9.88 30.31
C PRO Q 217 36.18 -10.92 29.37
N ASP Q 218 36.00 -12.16 29.82
CA ASP Q 218 35.38 -13.18 28.99
C ASP Q 218 33.86 -13.19 29.10
N PHE Q 219 33.35 -12.42 30.05
CA PHE Q 219 31.95 -12.34 30.48
C PHE Q 219 31.00 -11.67 29.49
N SER Q 220 29.79 -12.20 29.38
CA SER Q 220 28.74 -11.61 28.52
C SER Q 220 27.32 -12.01 28.95
N VAL Q 221 26.33 -11.39 28.31
CA VAL Q 221 24.91 -11.67 28.57
C VAL Q 221 24.15 -11.95 27.27
N ARG Q 222 22.97 -12.57 27.36
CA ARG Q 222 22.24 -12.89 26.12
C ARG Q 222 21.10 -11.98 25.71
N LEU Q 223 20.10 -11.90 26.57
CA LEU Q 223 18.82 -11.26 26.32
C LEU Q 223 18.33 -10.36 27.41
N LEU Q 224 17.91 -9.15 27.05
CA LEU Q 224 17.38 -8.16 27.98
C LEU Q 224 15.98 -8.56 28.53
N ARG Q 225 15.73 -8.32 29.83
CA ARG Q 225 14.42 -8.57 30.46
C ARG Q 225 14.11 -7.52 31.54
N ASP Q 226 12.85 -7.37 31.93
CA ASP Q 226 12.51 -6.47 33.06
C ASP Q 226 13.11 -7.02 34.36
N THR Q 227 13.59 -6.14 35.24
CA THR Q 227 14.11 -6.64 36.51
C THR Q 227 12.97 -6.78 37.49
N PRO Q 228 13.07 -7.67 38.49
CA PRO Q 228 12.15 -7.85 39.59
C PRO Q 228 12.43 -7.01 40.82
N HIS Q 229 13.40 -6.10 40.76
CA HIS Q 229 13.82 -5.42 41.97
C HIS Q 229 13.29 -4.01 42.12
N ILE Q 230 12.42 -3.62 41.23
CA ILE Q 230 11.79 -2.32 41.34
C ILE Q 230 10.32 -2.49 41.06
N SER Q 231 9.49 -1.71 41.75
CA SER Q 231 8.07 -1.78 41.55
C SER Q 231 7.39 -0.44 41.64
N GLN Q 232 6.14 -0.43 41.24
CA GLN Q 232 5.32 0.75 41.20
C GLN Q 232 3.87 0.47 41.49
N SER Q 233 3.23 1.35 42.22
CA SER Q 233 1.81 1.18 42.49
C SER Q 233 1.04 1.25 41.17
N LYS Q 234 -0.02 0.42 41.04
CA LYS Q 234 -0.96 0.28 39.91
C LYS Q 234 -1.20 1.60 39.13
N GLY R 2 22.09 5.21 -3.23
CA GLY R 2 22.15 5.72 -1.86
C GLY R 2 21.96 4.66 -0.75
N ALA R 3 21.63 3.41 -1.13
CA ALA R 3 21.43 2.26 -0.22
C ALA R 3 22.71 1.78 0.42
N GLN R 4 22.61 1.37 1.66
CA GLN R 4 23.75 0.82 2.34
C GLN R 4 23.58 -0.66 2.47
N VAL R 5 24.70 -1.38 2.51
CA VAL R 5 24.65 -2.80 2.73
C VAL R 5 25.50 -3.15 3.92
N SER R 6 24.90 -3.85 4.86
CA SER R 6 25.57 -4.23 6.08
C SER R 6 25.36 -5.69 6.42
N THR R 7 26.24 -6.24 7.22
CA THR R 7 26.15 -7.63 7.63
C THR R 7 25.10 -7.78 8.73
N GLN R 8 24.28 -8.82 8.63
CA GLN R 8 23.25 -9.16 9.60
C GLN R 8 23.82 -9.90 10.79
N LYS R 9 23.13 -9.80 11.92
CA LYS R 9 23.55 -10.59 13.08
C LYS R 9 23.29 -12.07 12.78
N THR R 10 24.24 -12.93 13.14
CA THR R 10 24.19 -14.37 12.92
C THR R 10 22.93 -15.00 13.53
N GLY R 11 22.23 -15.81 12.74
CA GLY R 11 21.01 -16.52 13.13
C GLY R 11 21.26 -17.98 13.46
N ALA R 12 20.19 -18.78 13.55
CA ALA R 12 20.33 -20.18 13.96
C ALA R 12 21.11 -21.03 12.99
N HIS R 13 20.92 -20.83 11.71
CA HIS R 13 21.59 -21.69 10.76
C HIS R 13 22.29 -20.90 9.73
N GLU R 14 23.22 -20.18 10.25
CA GLU R 14 24.08 -19.33 9.50
C GLU R 14 25.45 -19.91 9.54
N ASN R 15 26.34 -19.20 8.92
CA ASN R 15 27.70 -19.62 8.78
C ASN R 15 28.46 -19.58 10.08
N GLN R 16 29.73 -19.86 9.95
CA GLN R 16 30.66 -19.96 11.04
C GLN R 16 30.80 -18.59 11.66
N ASN R 17 31.26 -18.58 12.90
CA ASN R 17 31.40 -17.38 13.73
C ASN R 17 32.36 -16.34 13.14
N VAL R 18 33.06 -16.72 12.09
CA VAL R 18 33.96 -15.87 11.34
C VAL R 18 33.16 -14.71 10.72
N ALA R 19 31.86 -14.92 10.49
CA ALA R 19 30.94 -13.93 9.95
C ALA R 19 31.43 -13.34 8.64
N ALA R 20 31.94 -14.19 7.78
CA ALA R 20 32.46 -13.79 6.50
C ALA R 20 32.27 -14.90 5.50
N ASN R 21 31.04 -15.36 5.35
CA ASN R 21 30.76 -16.47 4.46
C ASN R 21 29.36 -16.42 3.85
N GLY R 22 29.26 -16.03 2.58
CA GLY R 22 27.98 -15.91 1.89
C GLY R 22 27.51 -14.48 1.71
N SER R 23 26.61 -14.28 0.73
CA SER R 23 26.03 -12.98 0.44
C SER R 23 24.65 -12.87 1.08
N THR R 24 24.21 -13.99 1.62
CA THR R 24 22.87 -14.16 2.15
C THR R 24 22.78 -13.73 3.58
N ILE R 25 23.90 -13.26 4.08
CA ILE R 25 24.01 -12.80 5.44
C ILE R 25 23.99 -11.29 5.50
N ASN R 26 23.84 -10.64 4.34
CA ASN R 26 23.82 -9.18 4.28
C ASN R 26 22.41 -8.64 4.18
N TYR R 27 22.21 -7.38 4.55
CA TYR R 27 20.91 -6.75 4.37
C TYR R 27 21.07 -5.35 3.81
N THR R 28 20.02 -4.88 3.17
CA THR R 28 20.07 -3.58 2.52
C THR R 28 19.13 -2.60 3.16
N THR R 29 19.62 -1.39 3.40
CA THR R 29 18.78 -0.36 3.98
C THR R 29 18.98 1.02 3.37
N ILE R 30 17.88 1.73 3.21
CA ILE R 30 17.82 3.07 2.65
C ILE R 30 17.17 4.03 3.60
N ASN R 31 17.77 5.21 3.82
CA ASN R 31 17.15 6.23 4.64
C ASN R 31 16.17 7.00 3.78
N TYR R 32 14.95 7.19 4.28
CA TYR R 32 13.91 7.84 3.49
C TYR R 32 13.56 9.24 3.97
N TYR R 33 14.31 9.76 4.91
CA TYR R 33 13.98 11.06 5.48
C TYR R 33 15.12 12.05 5.46
N LYS R 34 14.78 13.32 5.41
CA LYS R 34 15.74 14.43 5.43
C LYS R 34 16.44 14.70 6.76
N ASP R 35 15.83 14.23 7.82
CA ASP R 35 16.28 14.44 9.19
C ASP R 35 16.87 13.16 9.72
N SER R 36 18.13 13.13 10.13
CA SER R 36 18.75 11.87 10.52
C SER R 36 18.12 11.25 11.77
N ALA R 37 17.39 12.04 12.52
CA ALA R 37 16.71 11.54 13.71
C ALA R 37 15.68 10.48 13.31
N SER R 38 15.28 10.49 12.05
CA SER R 38 14.30 9.59 11.49
C SER R 38 14.88 8.24 11.11
N ASN R 39 16.20 8.13 11.14
CA ASN R 39 16.85 6.89 10.75
C ASN R 39 16.56 5.85 11.79
N SER R 40 16.57 4.60 11.36
CA SER R 40 16.35 3.48 12.24
C SER R 40 17.58 3.44 13.09
N ALA R 41 17.58 2.64 14.15
CA ALA R 41 18.71 2.68 15.04
C ALA R 41 19.99 2.38 14.29
N THR R 42 21.05 3.04 14.71
CA THR R 42 22.31 2.82 14.08
C THR R 42 22.89 1.51 14.49
N ARG R 43 23.99 1.16 13.87
CA ARG R 43 24.65 -0.11 14.12
C ARG R 43 25.30 -0.09 15.46
N GLN R 44 25.40 -1.24 16.07
CA GLN R 44 26.04 -1.30 17.36
C GLN R 44 27.55 -1.14 17.27
N ASP R 45 28.07 -0.39 18.21
CA ASP R 45 29.49 -0.20 18.37
C ASP R 45 29.97 -1.16 19.42
N LEU R 46 30.70 -2.16 19.02
CA LEU R 46 31.14 -3.19 19.95
C LEU R 46 32.48 -2.85 20.59
N SER R 47 33.02 -1.68 20.28
CA SER R 47 34.28 -1.25 20.88
C SER R 47 34.04 -0.97 22.34
N GLN R 48 34.97 -1.39 23.20
CA GLN R 48 34.83 -1.17 24.63
C GLN R 48 36.16 -0.74 25.23
N ASP R 49 36.11 -0.01 26.34
CA ASP R 49 37.34 0.33 27.04
C ASP R 49 37.14 0.40 28.56
N PRO R 50 36.96 -0.75 29.23
CA PRO R 50 36.64 -0.85 30.63
C PRO R 50 37.67 -0.20 31.53
N SER R 51 38.91 -0.03 31.05
CA SER R 51 39.97 0.54 31.89
C SER R 51 39.64 1.95 32.34
N LYS R 52 38.73 2.60 31.62
CA LYS R 52 38.33 3.94 31.96
C LYS R 52 37.75 3.97 33.36
N PHE R 53 37.05 2.91 33.74
CA PHE R 53 36.44 2.88 35.03
C PHE R 53 37.08 1.85 35.96
N THR R 54 37.76 0.84 35.41
CA THR R 54 38.33 -0.21 36.24
C THR R 54 39.80 -0.04 36.55
N GLU R 55 40.52 0.75 35.76
CA GLU R 55 41.91 1.00 36.02
C GLU R 55 42.31 2.44 35.70
N PRO R 56 41.61 3.47 36.21
CA PRO R 56 41.91 4.85 35.95
C PRO R 56 43.06 5.33 36.81
N VAL R 57 44.21 4.73 36.65
CA VAL R 57 45.33 5.01 37.53
C VAL R 57 46.33 5.89 36.84
N LYS R 58 46.77 6.94 37.52
CA LYS R 58 47.74 7.86 36.94
C LYS R 58 48.98 7.15 36.43
N ASP R 59 49.49 6.25 37.24
CA ASP R 59 50.68 5.50 36.97
C ASP R 59 50.31 4.07 36.63
N LEU R 60 50.53 3.66 35.39
CA LEU R 60 50.08 2.34 34.97
C LEU R 60 50.80 1.22 35.67
N MET R 61 50.05 0.18 36.00
CA MET R 61 50.57 -1.01 36.66
C MET R 61 50.26 -2.25 35.87
N LEU R 62 51.17 -3.22 35.95
CA LEU R 62 50.96 -4.51 35.30
C LEU R 62 50.31 -5.43 36.30
N LYS R 63 49.62 -6.44 35.82
CA LYS R 63 48.93 -7.36 36.71
C LYS R 63 49.82 -8.02 37.76
N THR R 64 51.05 -8.34 37.41
CA THR R 64 51.89 -9.05 38.36
C THR R 64 52.76 -8.11 39.18
N ALA R 65 52.67 -6.82 38.91
CA ALA R 65 53.48 -5.85 39.62
C ALA R 65 52.94 -5.77 41.03
N PRO R 66 53.75 -5.49 42.06
CA PRO R 66 53.25 -5.23 43.38
C PRO R 66 52.29 -4.08 43.25
N ALA R 67 51.13 -4.16 43.89
CA ALA R 67 50.15 -3.07 43.76
C ALA R 67 50.58 -1.79 44.50
N LEU R 68 51.31 -1.97 45.63
CA LEU R 68 51.82 -0.92 46.49
C LEU R 68 53.31 -1.19 46.52
N VAL S 16 26.69 17.67 -1.16
CA VAL S 16 27.41 17.17 0.00
C VAL S 16 28.50 18.22 0.39
N SER S 17 28.09 19.24 1.18
CA SER S 17 28.97 20.31 1.70
C SER S 17 28.48 20.79 3.05
N GLN S 18 29.39 21.39 3.80
CA GLN S 18 29.11 21.93 5.13
C GLN S 18 28.23 23.16 5.02
N PRO S 19 27.06 23.24 5.68
CA PRO S 19 26.18 24.38 5.62
C PRO S 19 26.84 25.50 6.37
N PRO S 20 26.50 26.75 6.09
CA PRO S 20 26.99 27.90 6.82
C PRO S 20 26.42 27.94 8.21
N SER S 21 27.23 28.41 9.14
CA SER S 21 26.88 28.64 10.52
C SER S 21 26.71 30.12 10.77
N THR S 22 26.26 30.47 11.97
CA THR S 22 26.10 31.88 12.28
C THR S 22 27.47 32.48 12.56
N GLN S 23 27.54 33.79 12.67
CA GLN S 23 28.83 34.47 12.82
C GLN S 23 29.68 34.00 14.00
N SER S 24 30.94 33.69 13.70
CA SER S 24 31.95 33.27 14.67
C SER S 24 32.58 34.46 15.37
N THR S 25 33.27 34.22 16.48
CA THR S 25 33.92 35.33 17.17
C THR S 25 35.43 35.22 17.27
N GLU S 26 36.12 36.27 16.87
CA GLU S 26 37.57 36.34 16.96
C GLU S 26 37.98 36.80 18.35
N ALA S 27 39.19 36.48 18.78
CA ALA S 27 39.65 37.02 20.05
C ALA S 27 40.00 38.49 19.88
N THR S 28 39.75 39.28 20.91
CA THR S 28 40.08 40.71 20.90
C THR S 28 40.77 41.19 22.16
N SER S 29 41.21 42.44 22.11
CA SER S 29 41.82 43.14 23.23
C SER S 29 41.32 44.57 23.13
N GLY S 30 41.45 45.35 24.19
CA GLY S 30 40.95 46.72 24.12
C GLY S 30 41.77 47.55 23.15
N VAL S 31 41.10 48.45 22.45
CA VAL S 31 41.80 49.27 21.50
C VAL S 31 41.72 50.76 21.79
N ASN S 32 42.85 51.36 22.08
CA ASN S 32 42.88 52.77 22.36
C ASN S 32 43.12 53.53 21.08
N SER S 33 42.10 53.65 20.25
CA SER S 33 42.31 54.28 18.97
C SER S 33 41.18 55.20 18.55
N GLN S 34 41.28 55.68 17.32
CA GLN S 34 40.29 56.60 16.75
C GLN S 34 39.19 55.84 16.05
N GLU S 35 39.33 54.53 15.99
CA GLU S 35 38.36 53.66 15.35
C GLU S 35 37.39 53.19 16.39
N VAL S 36 36.23 53.81 16.46
CA VAL S 36 35.28 53.49 17.50
C VAL S 36 33.90 53.20 16.93
N PRO S 37 33.65 51.98 16.43
CA PRO S 37 32.44 51.56 15.77
C PRO S 37 31.23 51.59 16.69
N ALA S 38 31.48 51.65 17.98
CA ALA S 38 30.39 51.71 18.91
C ALA S 38 29.54 52.94 18.65
N LEU S 39 30.15 54.03 18.20
CA LEU S 39 29.40 55.26 18.01
C LEU S 39 28.85 55.38 16.59
N THR S 40 27.84 54.56 16.30
CA THR S 40 27.21 54.49 14.99
C THR S 40 25.78 55.03 14.93
N ALA S 41 25.59 55.91 13.94
CA ALA S 41 24.37 56.61 13.58
C ALA S 41 23.29 55.65 13.12
N VAL S 42 22.04 56.00 13.41
CA VAL S 42 20.90 55.23 12.98
C VAL S 42 20.01 56.14 12.20
N GLU S 43 20.40 57.39 12.21
CA GLU S 43 19.66 58.46 11.55
C GLU S 43 19.67 58.23 10.05
N THR S 44 20.66 57.46 9.62
CA THR S 44 20.92 57.12 8.24
C THR S 44 19.97 56.06 7.73
N GLY S 45 19.27 55.37 8.63
CA GLY S 45 18.35 54.32 8.24
C GLY S 45 18.98 52.96 8.41
N ALA S 46 20.28 52.94 8.64
CA ALA S 46 20.98 51.70 8.84
C ALA S 46 20.84 51.32 10.31
N SER S 47 20.87 50.03 10.57
CA SER S 47 20.88 49.50 11.93
C SER S 47 22.29 49.53 12.47
N GLY S 48 22.44 49.50 13.79
CA GLY S 48 23.80 49.43 14.33
C GLY S 48 24.37 48.06 13.98
N GLN S 49 25.66 47.99 13.63
CA GLN S 49 26.27 46.70 13.29
C GLN S 49 27.26 46.13 14.28
N ALA S 50 27.42 46.76 15.43
CA ALA S 50 28.44 46.28 16.37
C ALA S 50 28.11 44.90 16.91
N ILE S 51 29.14 44.09 17.07
CA ILE S 51 29.03 42.76 17.66
C ILE S 51 30.01 42.78 18.84
N PRO S 52 30.01 41.82 19.76
CA PRO S 52 30.87 41.84 20.94
C PRO S 52 32.34 42.13 20.64
N SER S 53 32.87 41.69 19.52
CA SER S 53 34.28 41.92 19.22
C SER S 53 34.63 43.40 18.99
N ASP S 54 33.60 44.21 18.81
CA ASP S 54 33.73 45.64 18.60
C ASP S 54 33.72 46.43 19.90
N VAL S 55 33.12 45.87 20.95
CA VAL S 55 32.97 46.64 22.17
C VAL S 55 33.69 46.09 23.40
N VAL S 56 33.96 44.79 23.43
CA VAL S 56 34.63 44.18 24.57
C VAL S 56 35.78 43.27 24.18
N GLU S 57 36.60 42.93 25.16
CA GLU S 57 37.59 41.92 24.92
C GLU S 57 36.81 40.60 24.80
N THR S 58 37.07 39.82 23.76
CA THR S 58 36.38 38.55 23.50
C THR S 58 37.30 37.37 23.39
N ARG S 59 36.70 36.21 23.55
CA ARG S 59 37.33 34.93 23.43
C ARG S 59 37.15 34.44 22.03
N HIS S 60 38.12 33.74 21.46
CA HIS S 60 37.83 33.18 20.15
C HIS S 60 36.83 32.05 20.33
N VAL S 61 35.76 32.05 19.54
CA VAL S 61 34.79 30.98 19.61
C VAL S 61 34.42 30.44 18.23
N VAL S 62 34.57 29.14 18.04
CA VAL S 62 34.15 28.55 16.79
C VAL S 62 32.65 28.35 16.82
N ASN S 63 31.98 28.81 15.78
CA ASN S 63 30.53 28.76 15.71
C ASN S 63 29.97 27.69 14.77
N TYR S 64 29.31 26.69 15.32
CA TYR S 64 28.72 25.60 14.55
C TYR S 64 27.19 25.62 14.52
N LYS S 65 26.58 26.70 14.98
CA LYS S 65 25.12 26.81 15.07
C LYS S 65 24.50 27.14 13.72
N THR S 66 23.34 26.54 13.38
CA THR S 66 22.76 26.78 12.06
C THR S 66 21.33 27.36 12.04
N ARG S 67 21.13 28.43 11.30
CA ARG S 67 19.79 29.03 11.23
C ARG S 67 18.84 28.38 10.24
N SER S 68 18.44 27.17 10.56
CA SER S 68 17.55 26.43 9.70
C SER S 68 16.07 26.62 10.00
N GLU S 69 15.67 26.72 11.26
CA GLU S 69 14.25 26.85 11.59
C GLU S 69 13.74 28.24 11.28
N SER S 70 14.66 29.14 11.12
CA SER S 70 14.36 30.50 10.80
C SER S 70 14.32 30.72 9.31
N CYS S 71 14.64 29.72 8.51
CA CYS S 71 14.57 29.99 7.09
C CYS S 71 13.09 30.10 6.78
N LEU S 72 12.70 30.77 5.70
CA LEU S 72 11.26 30.87 5.50
C LEU S 72 10.57 29.57 5.23
N GLU S 73 11.23 28.64 4.57
CA GLU S 73 10.59 27.38 4.23
C GLU S 73 10.17 26.65 5.52
N SER S 74 10.99 26.73 6.56
CA SER S 74 10.70 26.11 7.83
C SER S 74 9.65 26.88 8.59
N PHE S 75 9.75 28.21 8.60
CA PHE S 75 8.81 29.05 9.34
C PHE S 75 7.40 28.75 8.87
N PHE S 76 7.25 28.66 7.56
CA PHE S 76 5.97 28.40 6.94
C PHE S 76 5.78 26.95 6.55
N GLY S 77 6.58 26.07 7.10
CA GLY S 77 6.55 24.67 6.71
C GLY S 77 5.61 23.77 7.50
N ARG S 78 4.72 24.32 8.32
CA ARG S 78 3.82 23.48 9.09
C ARG S 78 2.39 23.75 8.65
N ALA S 79 1.55 22.71 8.65
CA ALA S 79 0.14 22.88 8.31
C ALA S 79 -0.59 23.53 9.43
N ALA S 80 -1.60 24.31 9.11
CA ALA S 80 -2.42 24.94 10.14
C ALA S 80 -3.86 24.69 9.89
N CYS S 81 -4.67 24.64 10.93
CA CYS S 81 -6.08 24.56 10.66
C CYS S 81 -6.49 25.91 10.11
N VAL S 82 -7.27 25.87 9.06
CA VAL S 82 -7.77 27.07 8.44
C VAL S 82 -9.23 27.30 8.75
N THR S 83 -10.07 26.30 8.57
CA THR S 83 -11.47 26.53 8.88
C THR S 83 -12.19 25.30 9.30
N ILE S 84 -13.40 25.50 9.80
CA ILE S 84 -14.23 24.39 10.20
C ILE S 84 -15.58 24.46 9.50
N LEU S 85 -15.95 23.42 8.80
CA LEU S 85 -17.23 23.43 8.12
C LEU S 85 -18.19 22.48 8.81
N SER S 86 -19.46 22.85 8.84
CA SER S 86 -20.50 22.00 9.43
C SER S 86 -21.35 21.36 8.37
N LEU S 87 -21.33 20.03 8.33
CA LEU S 87 -22.08 19.27 7.34
C LEU S 87 -23.07 18.32 8.03
N THR S 88 -24.35 18.36 7.68
CA THR S 88 -25.34 17.51 8.35
C THR S 88 -26.10 16.60 7.44
N ASN S 89 -26.18 15.33 7.83
CA ASN S 89 -26.92 14.32 7.11
C ASN S 89 -28.21 13.88 7.84
N SER S 90 -29.38 14.24 7.32
CA SER S 90 -30.64 13.95 8.01
C SER S 90 -31.83 13.66 7.12
N SER S 91 -32.73 12.80 7.61
CA SER S 91 -33.94 12.45 6.89
C SER S 91 -35.02 13.52 6.95
N LYS S 92 -34.86 14.47 7.86
CA LYS S 92 -35.83 15.54 8.01
C LYS S 92 -35.75 16.47 6.80
N SER S 93 -36.88 16.82 6.22
CA SER S 93 -36.87 17.66 5.01
C SER S 93 -36.30 19.05 5.22
N GLY S 94 -36.42 19.56 6.42
CA GLY S 94 -35.94 20.89 6.74
C GLY S 94 -34.43 20.96 6.87
N GLU S 95 -33.79 19.79 6.85
CA GLU S 95 -32.36 19.69 6.97
C GLU S 95 -31.70 19.51 5.61
N GLU S 96 -32.45 19.51 4.51
CA GLU S 96 -31.83 19.26 3.21
C GLU S 96 -30.68 20.19 2.89
N LYS S 97 -30.87 21.43 3.20
CA LYS S 97 -29.90 22.47 2.90
C LYS S 97 -28.65 22.33 3.73
N LYS S 98 -28.69 21.51 4.76
CA LYS S 98 -27.57 21.39 5.65
C LYS S 98 -26.60 20.29 5.22
N HIS S 99 -26.93 19.57 4.13
CA HIS S 99 -26.05 18.52 3.59
C HIS S 99 -25.09 19.14 2.60
N PHE S 100 -25.24 20.44 2.41
CA PHE S 100 -24.51 21.22 1.45
C PHE S 100 -23.74 22.38 2.07
N ASN S 101 -22.42 22.38 1.99
CA ASN S 101 -21.67 23.46 2.62
C ASN S 101 -20.63 24.14 1.72
N ILE S 102 -20.87 25.43 1.50
CA ILE S 102 -20.04 26.28 0.65
C ILE S 102 -19.16 27.24 1.46
N TRP S 103 -17.85 27.22 1.15
CA TRP S 103 -16.91 28.09 1.84
C TRP S 103 -15.83 28.69 0.96
N ASN S 104 -15.66 30.01 1.05
CA ASN S 104 -14.67 30.72 0.24
C ASN S 104 -13.32 30.47 0.80
N ILE S 105 -12.31 30.33 -0.04
CA ILE S 105 -11.01 30.17 0.60
C ILE S 105 -10.44 31.50 1.02
N THR S 106 -10.17 31.59 2.30
CA THR S 106 -9.65 32.76 2.96
C THR S 106 -8.97 32.35 4.23
N TYR S 107 -8.05 33.17 4.72
CA TYR S 107 -7.46 32.76 6.01
C TYR S 107 -7.94 33.79 7.04
N THR S 108 -9.10 34.43 6.77
CA THR S 108 -9.76 35.27 7.74
C THR S 108 -10.16 34.43 8.95
N ASP S 109 -10.61 33.22 8.69
CA ASP S 109 -11.09 32.30 9.71
C ASP S 109 -9.99 31.80 10.68
N THR S 110 -8.72 31.88 10.29
CA THR S 110 -7.66 31.36 11.14
C THR S 110 -6.65 32.42 11.53
N VAL S 111 -6.71 32.88 12.79
CA VAL S 111 -5.76 33.96 13.20
C VAL S 111 -4.32 33.47 12.99
N GLN S 112 -3.99 32.27 13.47
CA GLN S 112 -2.57 31.88 13.65
C GLN S 112 -1.82 31.91 12.31
N LEU S 113 -2.48 31.46 11.22
CA LEU S 113 -1.85 31.38 9.93
C LEU S 113 -1.86 32.70 9.25
N ARG S 114 -2.99 33.41 9.35
CA ARG S 114 -3.08 34.76 8.72
C ARG S 114 -1.88 35.58 9.20
N ARG S 115 -1.68 35.61 10.52
CA ARG S 115 -0.67 36.49 11.14
C ARG S 115 0.71 36.19 10.56
N LYS S 116 1.05 34.90 10.40
CA LYS S 116 2.37 34.58 9.90
C LYS S 116 2.53 35.04 8.46
N LEU S 117 1.48 34.88 7.65
CA LEU S 117 1.57 35.29 6.26
C LEU S 117 1.78 36.79 6.15
N GLU S 118 1.16 37.53 7.08
CA GLU S 118 1.18 39.02 7.09
C GLU S 118 2.61 39.56 7.21
N PHE S 119 3.58 38.77 7.70
CA PHE S 119 4.92 39.31 7.85
C PHE S 119 5.46 39.77 6.51
N PHE S 120 4.85 39.32 5.41
CA PHE S 120 5.32 39.68 4.09
C PHE S 120 4.28 40.47 3.34
N THR S 121 4.73 41.32 2.43
CA THR S 121 3.75 42.12 1.63
C THR S 121 3.23 41.23 0.48
N TYR S 122 4.11 40.38 -0.06
CA TYR S 122 3.77 39.53 -1.19
C TYR S 122 4.36 38.15 -0.98
N SER S 123 3.74 37.13 -1.55
CA SER S 123 4.33 35.80 -1.42
C SER S 123 4.05 34.89 -2.61
N ARG S 124 4.90 33.92 -2.83
CA ARG S 124 4.70 32.98 -3.91
C ARG S 124 4.92 31.57 -3.40
N PHE S 125 3.89 30.75 -3.47
CA PHE S 125 4.01 29.40 -2.97
C PHE S 125 3.00 28.45 -3.54
N ASP S 126 3.30 27.17 -3.38
CA ASP S 126 2.39 26.11 -3.74
C ASP S 126 1.73 25.73 -2.43
N LEU S 127 0.52 25.18 -2.46
CA LEU S 127 -0.16 24.92 -1.20
C LEU S 127 -0.70 23.51 -1.03
N GLU S 128 -0.41 22.91 0.10
CA GLU S 128 -0.93 21.58 0.40
C GLU S 128 -2.23 21.65 1.19
N MET S 129 -3.23 20.90 0.76
CA MET S 129 -4.46 20.85 1.55
C MET S 129 -4.73 19.45 2.09
N THR S 130 -5.13 19.38 3.36
CA THR S 130 -5.49 18.12 4.05
C THR S 130 -6.85 18.25 4.75
N PHE S 131 -7.68 17.23 4.67
CA PHE S 131 -8.99 17.35 5.31
C PHE S 131 -9.27 16.37 6.44
N VAL S 132 -9.57 16.88 7.61
CA VAL S 132 -9.83 15.99 8.72
C VAL S 132 -11.33 15.97 9.03
N PHE S 133 -11.93 14.80 8.92
CA PHE S 133 -13.37 14.69 9.13
C PHE S 133 -13.66 14.01 10.43
N THR S 134 -14.59 14.55 11.22
CA THR S 134 -14.98 13.86 12.43
C THR S 134 -16.50 13.77 12.59
N GLU S 135 -16.99 12.60 12.93
CA GLU S 135 -18.43 12.40 13.08
C GLU S 135 -18.97 12.33 14.50
N ASN S 136 -20.19 12.84 14.69
CA ASN S 136 -20.92 12.74 15.94
C ASN S 136 -22.42 12.75 15.69
N TYR S 137 -23.20 12.40 16.71
CA TYR S 137 -24.65 12.52 16.62
C TYR S 137 -25.02 13.82 17.33
N PRO S 138 -25.59 14.81 16.64
CA PRO S 138 -25.92 16.13 17.15
C PRO S 138 -27.19 16.17 17.99
N SER S 139 -27.91 15.07 18.02
CA SER S 139 -29.20 15.01 18.68
C SER S 139 -29.13 13.87 19.64
N THR S 140 -30.26 13.41 20.12
CA THR S 140 -30.31 12.33 21.10
C THR S 140 -30.44 10.98 20.43
N ALA S 141 -30.51 10.99 19.10
CA ALA S 141 -30.58 9.79 18.30
C ALA S 141 -29.28 9.04 18.42
N SER S 142 -29.32 7.72 18.43
CA SER S 142 -28.07 6.97 18.45
C SER S 142 -28.20 5.57 17.84
N GLY S 143 -29.05 5.41 16.84
CA GLY S 143 -29.15 4.08 16.26
C GLY S 143 -28.16 3.96 15.11
N GLU S 144 -28.16 2.81 14.46
CA GLU S 144 -27.25 2.56 13.37
C GLU S 144 -27.49 3.41 12.14
N VAL S 145 -26.37 3.87 11.60
CA VAL S 145 -26.25 4.62 10.37
C VAL S 145 -25.18 3.91 9.58
N ARG S 146 -25.10 4.16 8.29
CA ARG S 146 -24.05 3.53 7.51
C ARG S 146 -22.84 4.43 7.40
N ASN S 147 -21.68 3.84 7.12
CA ASN S 147 -20.46 4.63 6.97
C ASN S 147 -20.60 5.59 5.81
N GLN S 148 -20.23 6.84 6.06
CA GLN S 148 -20.36 7.88 5.07
C GLN S 148 -19.16 8.10 4.18
N VAL S 149 -19.49 8.69 3.05
CA VAL S 149 -18.56 9.14 2.03
C VAL S 149 -18.78 10.62 1.85
N TYR S 150 -17.71 11.36 1.68
CA TYR S 150 -17.81 12.79 1.48
C TYR S 150 -17.21 13.22 0.16
N GLN S 151 -17.82 14.21 -0.47
CA GLN S 151 -17.25 14.74 -1.69
C GLN S 151 -16.87 16.17 -1.57
N ILE S 152 -15.65 16.47 -1.95
CA ILE S 152 -15.19 17.84 -2.00
C ILE S 152 -14.86 18.21 -3.41
N MET S 153 -15.45 19.27 -3.91
CA MET S 153 -15.09 19.68 -5.26
C MET S 153 -14.76 21.14 -5.20
N TYR S 154 -13.85 21.54 -6.03
CA TYR S 154 -13.52 22.93 -6.03
C TYR S 154 -14.19 23.63 -7.16
N ILE S 155 -14.78 24.77 -6.88
CA ILE S 155 -15.47 25.51 -7.89
C ILE S 155 -14.77 26.85 -8.13
N PRO S 156 -13.97 27.00 -9.18
CA PRO S 156 -13.25 28.21 -9.53
C PRO S 156 -14.26 29.30 -9.81
N PRO S 157 -13.91 30.58 -9.72
CA PRO S 157 -14.81 31.65 -9.99
C PRO S 157 -15.37 31.51 -11.38
N GLY S 158 -16.67 31.70 -11.51
CA GLY S 158 -17.34 31.62 -12.80
C GLY S 158 -17.94 30.25 -13.06
N ALA S 159 -17.56 29.25 -12.29
CA ALA S 159 -18.09 27.92 -12.43
C ALA S 159 -19.46 27.93 -11.76
N PRO S 160 -20.40 27.06 -12.11
CA PRO S 160 -21.70 27.00 -11.48
C PRO S 160 -21.60 26.51 -10.07
N ARG S 161 -22.52 26.97 -9.23
CA ARG S 161 -22.57 26.48 -7.88
C ARG S 161 -23.73 25.51 -7.85
N PRO S 162 -23.70 24.46 -7.02
CA PRO S 162 -24.83 23.59 -6.79
C PRO S 162 -25.87 24.39 -6.08
N SER S 163 -27.15 24.07 -6.27
CA SER S 163 -28.18 24.73 -5.49
C SER S 163 -28.41 23.96 -4.22
N SER S 164 -28.11 22.67 -4.27
CA SER S 164 -28.29 21.81 -3.15
C SER S 164 -27.26 20.75 -3.13
N TRP S 165 -27.37 19.90 -2.13
CA TRP S 165 -26.44 18.82 -1.91
C TRP S 165 -26.62 17.76 -2.98
N ASP S 166 -27.81 17.73 -3.52
CA ASP S 166 -28.18 16.76 -4.50
C ASP S 166 -28.54 17.53 -5.75
N ASP S 167 -27.58 17.65 -6.66
CA ASP S 167 -27.75 18.46 -7.86
C ASP S 167 -26.87 17.95 -9.01
N TYR S 168 -26.97 18.59 -10.17
CA TYR S 168 -26.20 18.19 -11.34
C TYR S 168 -24.78 18.70 -11.33
N THR S 169 -24.52 19.79 -10.64
CA THR S 169 -23.19 20.38 -10.75
C THR S 169 -22.12 19.50 -10.12
N TRP S 170 -22.57 18.56 -9.32
CA TRP S 170 -21.74 17.61 -8.61
C TRP S 170 -21.06 16.62 -9.52
N GLN S 171 -21.44 16.65 -10.80
CA GLN S 171 -20.86 15.83 -11.83
C GLN S 171 -19.38 16.13 -11.88
N SER S 172 -19.04 17.39 -11.64
CA SER S 172 -17.68 17.89 -11.59
C SER S 172 -16.86 17.41 -12.77
N SER S 173 -17.35 17.61 -13.99
CA SER S 173 -16.60 17.09 -15.14
C SER S 173 -15.29 17.81 -15.37
N SER S 174 -15.28 19.09 -15.15
CA SER S 174 -14.07 19.87 -15.30
C SER S 174 -13.54 20.36 -13.97
N ASN S 175 -14.37 20.43 -12.94
CA ASN S 175 -13.87 20.87 -11.66
C ASN S 175 -13.15 19.68 -11.01
N PRO S 176 -12.05 19.86 -10.30
CA PRO S 176 -11.37 18.81 -9.57
C PRO S 176 -12.19 18.42 -8.36
N SER S 177 -12.09 17.15 -7.94
CA SER S 177 -12.76 16.73 -6.72
C SER S 177 -12.13 15.50 -6.06
N ILE S 178 -12.41 15.34 -4.76
CA ILE S 178 -12.01 14.17 -3.98
C ILE S 178 -13.15 13.48 -3.26
N PHE S 179 -13.19 12.17 -3.41
CA PHE S 179 -14.14 11.33 -2.72
C PHE S 179 -13.46 10.59 -1.58
N TYR S 180 -13.88 10.89 -0.38
CA TYR S 180 -13.29 10.31 0.82
C TYR S 180 -14.21 9.43 1.61
N MET S 181 -13.72 8.24 1.91
CA MET S 181 -14.46 7.28 2.72
C MET S 181 -14.07 7.48 4.16
N TYR S 182 -15.05 7.67 5.02
CA TYR S 182 -14.72 7.94 6.40
C TYR S 182 -13.95 6.81 7.02
N GLY S 183 -12.88 7.15 7.69
CA GLY S 183 -12.05 6.17 8.36
C GLY S 183 -10.73 5.95 7.64
N ASN S 184 -10.64 6.35 6.38
CA ASN S 184 -9.35 6.19 5.72
C ASN S 184 -8.46 7.35 6.06
N ALA S 185 -7.23 7.33 5.58
CA ALA S 185 -6.33 8.41 5.89
C ALA S 185 -6.94 9.71 5.39
N PRO S 186 -6.80 10.83 6.11
CA PRO S 186 -7.32 12.11 5.69
C PRO S 186 -6.85 12.32 4.28
N PRO S 187 -7.71 12.78 3.37
CA PRO S 187 -7.41 13.01 1.98
C PRO S 187 -6.51 14.20 1.87
N ARG S 188 -5.70 14.19 0.83
CA ARG S 188 -4.73 15.24 0.55
C ARG S 188 -4.56 15.58 -0.93
N MET S 189 -4.33 16.86 -1.20
CA MET S 189 -3.99 17.27 -2.56
C MET S 189 -3.07 18.46 -2.62
N SER S 190 -2.21 18.52 -3.63
CA SER S 190 -1.37 19.68 -3.81
C SER S 190 -1.92 20.65 -4.82
N ILE S 191 -1.90 21.91 -4.45
CA ILE S 191 -2.36 22.97 -5.31
C ILE S 191 -1.17 23.81 -5.76
N PRO S 192 -0.94 24.01 -7.04
CA PRO S 192 0.14 24.81 -7.56
C PRO S 192 -0.21 26.24 -7.30
N TYR S 193 0.73 27.12 -7.37
CA TYR S 193 0.45 28.54 -7.27
C TYR S 193 -0.60 28.91 -8.30
N VAL S 194 -1.63 29.63 -7.85
CA VAL S 194 -2.74 30.03 -8.72
C VAL S 194 -2.96 31.51 -8.87
N GLY S 195 -1.96 32.30 -8.62
CA GLY S 195 -2.13 33.73 -8.77
C GLY S 195 -2.15 34.13 -10.24
N ILE S 196 -2.66 35.33 -10.50
CA ILE S 196 -2.72 35.88 -11.84
C ILE S 196 -1.78 37.06 -11.92
N ALA S 197 -1.02 37.14 -10.85
CA ALA S 197 0.03 38.06 -10.53
C ALA S 197 1.24 37.19 -10.37
N ASN S 198 2.40 37.76 -10.12
CA ASN S 198 3.56 36.92 -10.05
C ASN S 198 3.80 36.49 -8.61
N ALA S 199 2.94 36.99 -7.74
CA ALA S 199 2.92 36.71 -6.31
C ALA S 199 1.51 36.99 -5.82
N TYR S 200 1.13 36.40 -4.70
CA TYR S 200 -0.15 36.68 -4.12
C TYR S 200 0.06 37.96 -3.37
N SER S 201 -0.93 38.81 -3.35
CA SER S 201 -0.80 40.02 -2.57
C SER S 201 -1.42 39.78 -1.22
N HIS S 202 -0.70 40.09 -0.15
CA HIS S 202 -1.27 39.95 1.17
C HIS S 202 -2.10 41.16 1.50
N PHE S 203 -1.74 42.28 0.89
CA PHE S 203 -2.42 43.53 1.13
C PHE S 203 -2.72 44.20 -0.20
N TYR S 204 -3.79 44.97 -0.28
CA TYR S 204 -4.03 45.75 -1.48
C TYR S 204 -4.53 47.14 -1.18
N ASP S 205 -3.67 48.11 -1.33
CA ASP S 205 -4.07 49.47 -1.01
C ASP S 205 -4.74 50.10 -2.20
N GLY S 206 -5.97 49.72 -2.42
CA GLY S 206 -6.68 50.18 -3.58
C GLY S 206 -8.09 49.66 -3.70
N PHE S 207 -8.70 50.03 -4.81
CA PHE S 207 -10.09 49.68 -5.12
C PHE S 207 -10.12 48.79 -6.34
N ALA S 208 -11.13 47.93 -6.44
CA ALA S 208 -11.27 47.11 -7.63
C ALA S 208 -11.53 47.98 -8.85
N ARG S 209 -12.28 49.06 -8.66
CA ARG S 209 -12.61 49.97 -9.74
C ARG S 209 -12.53 51.38 -9.25
N VAL S 210 -12.33 52.31 -10.16
CA VAL S 210 -12.30 53.71 -9.82
C VAL S 210 -13.59 54.35 -10.20
N PRO S 211 -14.36 54.93 -9.28
CA PRO S 211 -15.60 55.59 -9.55
C PRO S 211 -15.23 56.87 -10.26
N LEU S 212 -16.07 57.35 -11.15
CA LEU S 212 -15.73 58.57 -11.87
C LEU S 212 -16.91 59.31 -12.48
N GLU S 213 -16.62 60.42 -13.14
CA GLU S 213 -17.62 61.24 -13.86
C GLU S 213 -18.77 61.73 -13.01
N GLY S 214 -18.48 62.08 -11.78
CA GLY S 214 -19.50 62.63 -10.92
C GLY S 214 -20.39 61.60 -10.21
N GLU S 215 -20.03 60.32 -10.21
CA GLU S 215 -20.88 59.38 -9.51
C GLU S 215 -20.68 59.61 -8.02
N ASN S 216 -21.38 58.85 -7.20
CA ASN S 216 -21.43 59.07 -5.76
C ASN S 216 -20.06 59.15 -5.09
N THR S 217 -19.86 60.14 -4.21
CA THR S 217 -18.60 60.34 -3.50
C THR S 217 -18.32 59.25 -2.48
N ASP S 218 -19.36 58.51 -2.16
CA ASP S 218 -19.26 57.39 -1.23
C ASP S 218 -18.99 56.12 -2.00
N ALA S 219 -18.86 56.24 -3.32
CA ALA S 219 -18.66 55.08 -4.15
C ALA S 219 -17.38 54.40 -3.74
N GLY S 220 -17.45 53.08 -3.75
CA GLY S 220 -16.33 52.24 -3.42
C GLY S 220 -16.24 52.01 -1.92
N ASP S 221 -17.17 52.58 -1.14
CA ASP S 221 -17.04 52.43 0.31
C ASP S 221 -17.06 51.00 0.79
N THR S 222 -17.81 50.14 0.12
CA THR S 222 -17.87 48.73 0.48
C THR S 222 -17.05 47.85 -0.46
N PHE S 223 -16.26 48.46 -1.33
CA PHE S 223 -15.48 47.72 -2.30
C PHE S 223 -14.04 48.19 -2.27
N TYR S 224 -13.36 47.93 -1.16
CA TYR S 224 -12.01 48.41 -0.94
C TYR S 224 -11.12 47.41 -0.27
N GLY S 225 -9.89 47.36 -0.71
CA GLY S 225 -8.92 46.53 -0.05
C GLY S 225 -8.87 45.22 -0.73
N LEU S 226 -8.06 44.32 -0.19
CA LEU S 226 -7.78 43.06 -0.84
C LEU S 226 -9.00 42.25 -1.11
N VAL S 227 -10.00 42.31 -0.27
CA VAL S 227 -11.15 41.48 -0.52
C VAL S 227 -11.82 41.81 -1.84
N SER S 228 -11.76 43.05 -2.29
CA SER S 228 -12.45 43.43 -3.50
C SER S 228 -11.83 42.88 -4.76
N ILE S 229 -10.60 42.36 -4.65
CA ILE S 229 -9.94 41.83 -5.82
C ILE S 229 -9.54 40.38 -5.59
N ASN S 230 -9.96 39.82 -4.45
CA ASN S 230 -9.52 38.50 -4.03
C ASN S 230 -10.56 37.43 -4.23
N ASP S 231 -10.45 36.69 -5.30
CA ASP S 231 -11.42 35.65 -5.57
C ASP S 231 -10.77 34.49 -6.27
N PHE S 232 -10.49 33.45 -5.51
CA PHE S 232 -9.83 32.28 -6.07
C PHE S 232 -10.79 31.13 -6.25
N GLY S 233 -12.06 31.36 -5.94
CA GLY S 233 -13.06 30.32 -6.00
C GLY S 233 -13.49 29.88 -4.61
N VAL S 234 -14.37 28.89 -4.62
CA VAL S 234 -14.99 28.41 -3.41
C VAL S 234 -14.90 26.90 -3.31
N LEU S 235 -14.79 26.41 -2.10
CA LEU S 235 -14.73 24.98 -1.88
C LEU S 235 -16.10 24.46 -1.47
N ALA S 236 -16.56 23.40 -2.15
CA ALA S 236 -17.86 22.83 -1.84
C ALA S 236 -17.74 21.43 -1.26
N VAL S 237 -18.33 21.23 -0.09
CA VAL S 237 -18.30 19.91 0.52
C VAL S 237 -19.73 19.41 0.66
N ARG S 238 -19.91 18.15 0.36
CA ARG S 238 -21.24 17.58 0.41
C ARG S 238 -21.33 16.13 0.90
N ALA S 239 -22.44 15.80 1.55
CA ALA S 239 -22.69 14.43 1.96
C ALA S 239 -22.92 13.54 0.72
N VAL S 240 -22.39 12.35 0.68
CA VAL S 240 -22.62 11.52 -0.49
C VAL S 240 -23.79 10.55 -0.33
N ASN S 241 -24.01 10.13 0.90
CA ASN S 241 -25.00 9.15 1.27
C ASN S 241 -26.43 9.70 1.26
N ARG S 242 -27.37 8.80 1.03
CA ARG S 242 -28.78 9.17 1.15
C ARG S 242 -29.04 9.23 2.64
N SER S 243 -30.08 9.91 3.07
CA SER S 243 -30.31 10.08 4.50
C SER S 243 -30.68 8.85 5.32
N ASN S 244 -30.20 8.86 6.56
CA ASN S 244 -30.48 7.85 7.58
C ASN S 244 -31.51 8.41 8.57
N PRO S 245 -32.31 7.58 9.25
CA PRO S 245 -33.25 7.94 10.30
C PRO S 245 -32.60 8.62 11.50
N HIS S 246 -31.31 8.43 11.68
CA HIS S 246 -30.61 9.01 12.80
C HIS S 246 -29.67 10.06 12.28
N THR S 247 -29.92 11.30 12.64
CA THR S 247 -29.11 12.41 12.13
C THR S 247 -27.68 12.27 12.55
N ILE S 248 -26.79 12.48 11.59
CA ILE S 248 -25.38 12.46 11.87
C ILE S 248 -24.74 13.76 11.39
N HIS S 249 -23.84 14.28 12.20
CA HIS S 249 -23.15 15.52 11.90
C HIS S 249 -21.67 15.36 11.76
N THR S 250 -21.12 16.03 10.77
CA THR S 250 -19.70 15.98 10.56
C THR S 250 -19.05 17.34 10.58
N SER S 251 -18.00 17.42 11.36
CA SER S 251 -17.21 18.62 11.44
C SER S 251 -16.02 18.42 10.55
N VAL S 252 -15.80 19.32 9.62
CA VAL S 252 -14.68 19.14 8.71
C VAL S 252 -13.65 20.20 8.96
N ARG S 253 -12.46 19.76 9.34
CA ARG S 253 -11.39 20.67 9.61
C ARG S 253 -10.46 20.71 8.42
N VAL S 254 -10.35 21.89 7.86
CA VAL S 254 -9.55 22.08 6.67
C VAL S 254 -8.21 22.60 7.07
N TYR S 255 -7.16 21.89 6.70
CA TYR S 255 -5.80 22.27 7.02
C TYR S 255 -5.03 22.68 5.79
N MET S 256 -4.16 23.68 5.93
CA MET S 256 -3.38 24.05 4.77
C MET S 256 -1.93 24.33 5.14
N LYS S 257 -1.02 23.99 4.22
CA LYS S 257 0.40 24.22 4.42
C LYS S 257 1.11 24.74 3.18
N PRO S 258 1.63 25.96 3.16
CA PRO S 258 2.31 26.48 2.01
C PRO S 258 3.63 25.75 1.93
N LYS S 259 4.16 25.59 0.74
CA LYS S 259 5.47 24.99 0.54
C LYS S 259 6.14 25.55 -0.68
N HIS S 260 7.45 25.36 -0.82
CA HIS S 260 8.14 25.90 -1.99
C HIS S 260 7.86 27.39 -1.97
N ILE S 261 8.14 28.02 -0.83
CA ILE S 261 7.77 29.41 -0.63
C ILE S 261 8.86 30.46 -0.63
N ARG S 262 8.58 31.53 -1.36
CA ARG S 262 9.43 32.71 -1.44
C ARG S 262 8.58 33.91 -1.01
N CYS S 263 9.17 34.89 -0.33
CA CYS S 263 8.40 36.06 0.08
C CYS S 263 9.13 37.37 -0.13
N TRP S 264 8.37 38.46 -0.26
CA TRP S 264 8.94 39.77 -0.43
C TRP S 264 8.36 40.84 0.46
N CYS S 265 9.26 41.72 0.86
CA CYS S 265 9.03 42.94 1.59
C CYS S 265 8.45 42.94 2.99
N PRO S 266 9.26 42.81 4.03
CA PRO S 266 8.87 42.52 5.36
C PRO S 266 7.87 43.51 5.86
N ARG S 267 7.04 43.08 6.78
CA ARG S 267 6.13 43.96 7.46
C ARG S 267 6.07 43.49 8.90
N PRO S 268 5.73 44.31 9.88
CA PRO S 268 5.52 43.88 11.23
C PRO S 268 4.27 43.05 11.27
N PRO S 269 4.14 42.17 12.24
CA PRO S 269 2.95 41.40 12.49
C PRO S 269 1.92 42.29 13.12
N ARG S 270 0.67 41.92 12.99
CA ARG S 270 -0.40 42.62 13.67
C ARG S 270 -0.26 42.44 15.17
N ALA S 271 -0.44 43.54 15.91
CA ALA S 271 -0.32 43.54 17.37
C ALA S 271 -1.64 43.44 18.11
N VAL S 272 -2.74 43.50 17.40
CA VAL S 272 -4.04 43.55 18.05
C VAL S 272 -4.99 42.48 17.52
N LEU S 273 -6.07 42.26 18.24
CA LEU S 273 -7.04 41.27 17.82
C LEU S 273 -7.58 41.65 16.45
N TYR S 274 -7.41 40.72 15.49
CA TYR S 274 -7.96 40.95 14.13
C TYR S 274 -9.48 41.00 14.29
N ARG S 275 -10.09 41.69 13.34
CA ARG S 275 -11.52 41.76 13.14
C ARG S 275 -11.89 41.88 11.69
N GLY S 276 -12.54 40.89 11.15
CA GLY S 276 -12.91 40.93 9.75
C GLY S 276 -11.74 40.52 8.90
N GLU S 277 -11.89 40.66 7.60
CA GLU S 277 -10.93 40.24 6.61
C GLU S 277 -9.68 41.08 6.49
N GLY S 278 -9.84 42.39 6.66
CA GLY S 278 -8.77 43.36 6.42
C GLY S 278 -7.99 43.76 7.65
N VAL S 279 -7.71 45.05 7.77
CA VAL S 279 -6.83 45.48 8.84
C VAL S 279 -7.59 46.16 9.94
N ASP S 280 -8.89 46.07 9.89
CA ASP S 280 -9.73 46.73 10.84
C ASP S 280 -9.46 46.37 12.27
N MET S 281 -9.45 47.41 13.07
CA MET S 281 -9.23 47.32 14.48
C MET S 281 -10.56 47.15 15.16
N ILE S 282 -10.53 46.57 16.33
CA ILE S 282 -11.70 46.41 17.15
C ILE S 282 -11.53 47.42 18.26
N SER S 283 -12.51 48.27 18.53
CA SER S 283 -12.25 49.31 19.51
C SER S 283 -11.97 48.80 20.91
N SER S 284 -12.47 47.63 21.24
CA SER S 284 -12.31 47.01 22.54
C SER S 284 -10.94 46.41 22.79
N ALA S 285 -10.09 46.31 21.77
CA ALA S 285 -8.82 45.66 21.99
C ALA S 285 -7.69 46.30 21.21
N ILE S 286 -7.44 47.58 21.45
CA ILE S 286 -6.38 48.31 20.75
C ILE S 286 -5.28 48.72 21.70
N LEU S 287 -5.20 48.04 22.82
CA LEU S 287 -4.20 48.35 23.81
C LEU S 287 -3.38 47.10 24.14
N PRO S 288 -2.59 46.57 23.19
CA PRO S 288 -1.88 45.32 23.29
C PRO S 288 -0.70 45.27 24.24
N LEU S 289 -0.13 46.41 24.58
CA LEU S 289 1.04 46.36 25.41
C LEU S 289 0.70 46.37 26.87
N ALA S 290 1.37 45.51 27.62
CA ALA S 290 1.22 45.45 29.05
C ALA S 290 1.90 46.62 29.72
N LYS S 291 1.31 47.09 30.80
CA LYS S 291 1.87 48.13 31.63
C LYS S 291 2.89 47.58 32.61
N VAL S 292 3.90 48.37 32.94
CA VAL S 292 4.80 47.97 34.01
C VAL S 292 4.77 49.08 35.03
N ASP S 293 5.26 48.80 36.22
CA ASP S 293 5.21 49.77 37.28
C ASP S 293 6.16 50.94 37.11
N SER S 294 7.30 50.69 36.51
CA SER S 294 8.28 51.74 36.37
C SER S 294 9.23 51.51 35.24
N ILE S 295 9.72 52.59 34.68
CA ILE S 295 10.73 52.53 33.64
C ILE S 295 12.02 51.88 34.15
N THR S 296 12.20 51.94 35.47
CA THR S 296 13.35 51.38 36.17
C THR S 296 13.06 50.05 36.87
N THR S 297 11.97 49.36 36.52
CA THR S 297 11.69 48.05 37.12
C THR S 297 12.66 47.00 36.55
N PHE S 298 13.09 46.00 37.37
CA PHE S 298 14.01 44.90 36.95
C PHE S 298 14.30 43.97 38.14
N SER T 10 31.28 64.53 1.54
CA SER T 10 30.81 64.10 2.84
C SER T 10 29.39 63.52 2.69
N ASP T 11 28.84 63.00 3.80
CA ASP T 11 27.50 62.40 3.95
C ASP T 11 26.42 63.45 4.13
N ARG T 12 26.86 64.67 4.44
CA ARG T 12 25.99 65.77 4.73
C ARG T 12 25.63 66.61 3.53
N VAL T 13 26.46 66.62 2.51
CA VAL T 13 26.16 67.47 1.40
C VAL T 13 25.77 66.66 0.21
N ARG T 14 24.57 66.92 -0.29
CA ARG T 14 24.08 66.18 -1.42
C ARG T 14 23.42 67.13 -2.41
N GLN T 15 23.60 66.81 -3.69
CA GLN T 15 22.99 67.55 -4.78
C GLN T 15 22.19 66.58 -5.60
N ILE T 16 20.88 66.54 -5.41
CA ILE T 16 20.11 65.54 -6.11
C ILE T 16 19.44 66.14 -7.30
N THR T 17 19.87 65.72 -8.46
CA THR T 17 19.38 66.30 -9.68
C THR T 17 18.48 65.34 -10.40
N LEU T 18 17.37 65.86 -10.89
CA LEU T 18 16.50 65.05 -11.70
C LEU T 18 15.75 65.95 -12.65
N GLY T 19 15.78 65.66 -13.93
CA GLY T 19 15.03 66.49 -14.84
C GLY T 19 15.51 67.93 -14.80
N ASN T 20 14.57 68.84 -14.58
CA ASN T 20 14.86 70.25 -14.53
C ASN T 20 14.77 70.83 -13.12
N SER T 21 14.94 69.98 -12.11
CA SER T 21 14.90 70.47 -10.73
C SER T 21 15.94 69.78 -9.84
N THR T 22 16.65 70.59 -9.05
CA THR T 22 17.68 70.06 -8.15
C THR T 22 17.42 70.46 -6.73
N ILE T 23 17.50 69.47 -5.84
CA ILE T 23 17.31 69.75 -4.44
C ILE T 23 18.61 69.56 -3.75
N THR T 24 19.06 70.56 -3.04
CA THR T 24 20.33 70.42 -2.36
C THR T 24 20.16 70.53 -0.89
N THR T 25 21.10 69.95 -0.18
CA THR T 25 21.14 70.04 1.25
C THR T 25 22.54 69.97 1.76
N GLN T 26 22.77 70.63 2.88
CA GLN T 26 24.05 70.52 3.56
C GLN T 26 23.88 69.84 4.90
N GLU T 27 22.69 69.32 5.15
CA GLU T 27 22.34 68.71 6.43
C GLU T 27 21.82 67.28 6.28
N ALA T 28 22.33 66.57 5.30
CA ALA T 28 21.96 65.18 5.02
C ALA T 28 22.59 64.22 6.00
N ALA T 29 22.11 62.98 5.98
CA ALA T 29 22.68 61.92 6.79
C ALA T 29 22.74 60.66 5.95
N ASN T 30 23.48 60.72 4.83
CA ASN T 30 23.50 59.62 3.87
C ASN T 30 22.10 59.55 3.31
N ALA T 31 21.85 58.61 2.42
CA ALA T 31 20.54 58.43 1.78
C ALA T 31 20.30 56.94 1.65
N ILE T 32 19.04 56.52 1.61
CA ILE T 32 18.85 55.08 1.47
C ILE T 32 18.16 54.70 0.20
N VAL T 33 18.40 53.46 -0.18
CA VAL T 33 17.78 52.86 -1.35
C VAL T 33 17.05 51.63 -0.89
N ALA T 34 15.74 51.62 -0.98
CA ALA T 34 15.01 50.51 -0.43
C ALA T 34 15.44 49.23 -1.10
N TYR T 35 15.73 48.25 -0.26
CA TYR T 35 16.11 46.91 -0.65
C TYR T 35 17.37 46.85 -1.49
N GLY T 36 18.10 47.95 -1.58
CA GLY T 36 19.33 48.00 -2.36
C GLY T 36 19.08 48.14 -3.87
N GLU T 37 17.86 48.48 -4.28
CA GLU T 37 17.61 48.56 -5.71
C GLU T 37 17.04 49.89 -6.20
N TRP T 38 17.46 50.24 -7.39
CA TRP T 38 17.00 51.42 -8.08
C TRP T 38 15.92 51.02 -9.04
N PRO T 39 14.99 51.88 -9.39
CA PRO T 39 14.03 51.60 -10.40
C PRO T 39 14.72 51.50 -11.72
N THR T 40 14.26 50.60 -12.54
CA THR T 40 14.73 50.45 -13.89
C THR T 40 13.52 50.35 -14.76
N TYR T 41 13.71 50.45 -16.06
CA TYR T 41 12.63 50.32 -17.01
C TYR T 41 12.36 48.85 -17.16
N ILE T 42 11.16 48.48 -17.56
CA ILE T 42 10.85 47.07 -17.69
C ILE T 42 11.71 46.39 -18.72
N ASN T 43 12.34 45.30 -18.30
CA ASN T 43 13.15 44.48 -19.16
C ASN T 43 12.20 43.70 -20.01
N ASP T 44 12.51 43.53 -21.27
CA ASP T 44 11.62 42.80 -22.16
C ASP T 44 11.25 41.43 -21.61
N SER T 45 12.15 40.77 -20.92
CA SER T 45 11.89 39.42 -20.45
C SER T 45 10.75 39.30 -19.45
N GLU T 46 10.38 40.41 -18.82
CA GLU T 46 9.29 40.42 -17.85
C GLU T 46 8.16 41.31 -18.30
N ALA T 47 8.20 41.78 -19.53
CA ALA T 47 7.14 42.69 -19.89
C ALA T 47 5.82 41.97 -19.92
N ASN T 48 4.84 42.55 -19.26
CA ASN T 48 3.53 41.99 -19.27
C ASN T 48 2.70 42.49 -20.46
N PRO T 49 2.42 43.81 -20.60
CA PRO T 49 1.62 44.33 -21.67
C PRO T 49 2.38 44.27 -22.97
N VAL T 50 1.64 44.12 -24.06
CA VAL T 50 2.24 44.11 -25.39
C VAL T 50 2.47 45.51 -25.97
N ASP T 51 1.59 46.45 -25.62
CA ASP T 51 1.60 47.81 -26.16
C ASP T 51 2.91 48.53 -25.97
N ALA T 52 3.40 49.18 -27.03
CA ALA T 52 4.65 49.89 -26.89
C ALA T 52 4.49 50.93 -25.79
N PRO T 53 5.42 51.03 -24.83
CA PRO T 53 5.39 51.92 -23.69
C PRO T 53 5.66 53.36 -24.02
N THR T 54 5.19 54.20 -23.12
CA THR T 54 5.45 55.62 -23.12
C THR T 54 6.42 55.94 -22.00
N GLU T 55 7.46 56.69 -22.35
CA GLU T 55 8.46 57.10 -21.36
C GLU T 55 8.57 58.62 -21.36
N PRO T 56 7.81 59.33 -20.52
CA PRO T 56 7.71 60.78 -20.47
C PRO T 56 9.04 61.47 -20.21
N ASP T 57 9.98 60.72 -19.67
CA ASP T 57 11.29 61.24 -19.38
C ASP T 57 11.20 62.47 -18.50
N VAL T 58 11.89 63.54 -18.87
CA VAL T 58 11.93 64.75 -18.07
C VAL T 58 10.58 65.40 -17.81
N SER T 59 9.59 65.14 -18.64
CA SER T 59 8.32 65.79 -18.39
C SER T 59 7.66 65.27 -17.11
N SER T 60 8.02 64.06 -16.64
CA SER T 60 7.43 63.57 -15.41
C SER T 60 8.48 63.45 -14.32
N ASN T 61 9.74 63.33 -14.72
CA ASN T 61 10.81 63.11 -13.76
C ASN T 61 11.30 64.43 -13.21
N ARG T 62 10.47 65.01 -12.39
CA ARG T 62 10.64 66.31 -11.77
C ARG T 62 10.27 66.26 -10.32
N PHE T 63 10.94 67.06 -9.52
CA PHE T 63 10.58 67.16 -8.12
C PHE T 63 9.50 68.15 -7.91
N TYR T 64 8.42 67.69 -7.33
CA TYR T 64 7.29 68.53 -7.08
C TYR T 64 7.13 68.77 -5.61
N THR T 65 7.03 70.02 -5.21
CA THR T 65 6.84 70.33 -3.81
C THR T 65 5.38 70.24 -3.48
N LEU T 66 5.08 69.58 -2.38
CA LEU T 66 3.71 69.42 -1.95
C LEU T 66 3.42 70.41 -0.85
N GLU T 67 2.12 70.71 -0.66
CA GLU T 67 1.71 71.66 0.39
C GLU T 67 2.26 71.18 1.75
N SER T 68 3.05 72.04 2.40
CA SER T 68 3.74 71.73 3.64
C SER T 68 2.78 71.53 4.78
N VAL T 69 3.29 70.95 5.85
CA VAL T 69 2.49 70.76 7.05
C VAL T 69 3.27 71.31 8.22
N SER T 70 2.61 71.58 9.33
CA SER T 70 3.38 72.06 10.45
C SER T 70 3.53 71.03 11.53
N TRP T 71 4.71 71.03 12.13
CA TRP T 71 5.04 70.20 13.25
C TRP T 71 4.75 70.99 14.49
N LYS T 72 3.76 70.51 15.20
CA LYS T 72 3.28 71.12 16.41
C LYS T 72 3.36 70.02 17.44
N THR T 73 3.35 70.40 18.70
CA THR T 73 3.46 69.45 19.80
C THR T 73 2.23 68.58 19.97
N THR T 74 1.18 68.93 19.26
CA THR T 74 -0.07 68.24 19.28
C THR T 74 -0.31 67.34 18.07
N SER T 75 0.63 67.27 17.14
CA SER T 75 0.41 66.41 15.97
C SER T 75 0.83 65.00 16.26
N ARG T 76 0.12 64.04 15.70
CA ARG T 76 0.48 62.67 15.96
C ARG T 76 1.04 62.00 14.71
N GLY T 77 1.36 62.80 13.71
CA GLY T 77 1.93 62.27 12.46
C GLY T 77 1.22 62.73 11.21
N TRP T 78 1.87 62.50 10.07
CA TRP T 78 1.35 62.91 8.77
C TRP T 78 1.39 61.76 7.76
N TRP T 79 0.41 61.78 6.87
CA TRP T 79 0.19 60.72 5.89
C TRP T 79 -0.12 61.06 4.42
N TRP T 80 0.68 60.52 3.51
CA TRP T 80 0.45 60.72 2.08
C TRP T 80 0.57 59.40 1.31
N LYS T 81 -0.09 59.28 0.15
CA LYS T 81 0.12 58.12 -0.72
C LYS T 81 0.69 58.60 -2.03
N LEU T 82 1.61 57.85 -2.63
CA LEU T 82 2.26 58.44 -3.79
C LEU T 82 1.48 58.63 -5.08
N PRO T 83 0.87 57.61 -5.73
CA PRO T 83 0.11 57.85 -6.94
C PRO T 83 -1.06 58.80 -6.72
N ASP T 84 -1.52 58.91 -5.48
CA ASP T 84 -2.59 59.82 -5.18
C ASP T 84 -2.14 61.26 -5.05
N CYS T 85 -1.11 61.50 -4.27
CA CYS T 85 -0.72 62.86 -4.02
C CYS T 85 -0.06 63.51 -5.21
N LEU T 86 0.45 62.72 -6.10
CA LEU T 86 1.10 63.25 -7.27
C LEU T 86 0.15 63.38 -8.45
N LYS T 87 -1.13 63.17 -8.23
CA LYS T 87 -2.12 63.19 -9.30
C LYS T 87 -2.22 64.50 -10.08
N ASP T 88 -1.86 65.62 -9.47
CA ASP T 88 -1.95 66.90 -10.15
C ASP T 88 -0.58 67.39 -10.58
N MET T 89 0.43 66.55 -10.46
CA MET T 89 1.76 67.01 -10.71
C MET T 89 2.23 67.03 -12.15
N GLY T 90 1.77 68.04 -12.84
CA GLY T 90 2.14 68.31 -14.22
C GLY T 90 1.83 67.15 -15.12
N MET T 91 2.82 66.79 -15.94
CA MET T 91 2.64 65.70 -16.86
C MET T 91 2.56 64.36 -16.19
N PHE T 92 3.13 64.22 -15.00
CA PHE T 92 3.03 62.93 -14.36
C PHE T 92 1.57 62.72 -14.07
N GLY T 93 0.98 63.75 -13.50
CA GLY T 93 -0.41 63.73 -13.14
C GLY T 93 -1.28 63.50 -14.36
N GLN T 94 -0.95 64.11 -15.49
CA GLN T 94 -1.81 63.88 -16.64
C GLN T 94 -1.65 62.49 -17.22
N ASN T 95 -0.45 61.96 -17.23
CA ASN T 95 -0.20 60.66 -17.81
C ASN T 95 -0.92 59.60 -17.00
N MET T 96 -1.07 59.89 -15.72
CA MET T 96 -1.76 59.02 -14.82
C MET T 96 -3.20 58.79 -15.24
N TYR T 97 -3.85 59.79 -15.83
CA TYR T 97 -5.24 59.61 -16.19
C TYR T 97 -5.44 59.32 -17.67
N TYR T 98 -4.45 59.64 -18.51
CA TYR T 98 -4.56 59.29 -19.93
C TYR T 98 -4.21 57.83 -20.20
N HIS T 99 -3.27 57.28 -19.45
CA HIS T 99 -2.82 55.93 -19.65
C HIS T 99 -3.49 55.01 -18.66
N TYR T 100 -3.51 53.71 -18.91
CA TYR T 100 -4.15 52.82 -17.95
C TYR T 100 -3.19 52.24 -16.96
N LEU T 101 -2.05 51.81 -17.45
CA LEU T 101 -1.05 51.18 -16.63
C LEU T 101 0.16 52.06 -16.50
N GLY T 102 0.89 51.89 -15.43
CA GLY T 102 2.15 52.58 -15.28
C GLY T 102 2.90 52.15 -14.04
N ARG T 103 4.09 52.68 -13.93
CA ARG T 103 4.96 52.38 -12.81
C ARG T 103 6.01 53.43 -12.67
N SER T 104 6.50 53.63 -11.48
CA SER T 104 7.61 54.52 -11.28
C SER T 104 8.29 54.25 -9.97
N GLY T 105 9.55 54.66 -9.85
CA GLY T 105 10.21 54.62 -8.57
C GLY T 105 10.09 56.01 -8.06
N TYR T 106 10.59 56.27 -6.88
CA TYR T 106 10.47 57.62 -6.37
C TYR T 106 11.69 58.09 -5.63
N THR T 107 11.89 59.38 -5.63
CA THR T 107 12.84 59.97 -4.74
C THR T 107 12.05 60.90 -3.85
N ILE T 108 12.11 60.65 -2.56
CA ILE T 108 11.36 61.44 -1.62
C ILE T 108 12.31 62.21 -0.78
N HIS T 109 12.16 63.53 -0.72
CA HIS T 109 13.07 64.31 0.10
C HIS T 109 12.27 65.13 1.09
N VAL T 110 12.45 64.80 2.36
CA VAL T 110 11.74 65.42 3.45
C VAL T 110 12.68 66.40 4.12
N GLN T 111 12.24 67.63 4.24
CA GLN T 111 13.10 68.64 4.81
C GLN T 111 12.49 69.41 5.97
N CYS T 112 13.37 69.81 6.88
CA CYS T 112 13.01 70.67 7.99
C CYS T 112 14.06 71.76 8.09
N ASN T 113 13.75 72.82 8.80
CA ASN T 113 14.70 73.88 9.01
C ASN T 113 14.57 74.25 10.46
N ALA T 114 15.59 73.97 11.23
CA ALA T 114 15.52 74.14 12.66
C ALA T 114 16.80 74.69 13.20
N SER T 115 16.70 75.33 14.34
CA SER T 115 17.86 75.93 14.98
C SER T 115 18.56 74.96 15.90
N LYS T 116 19.77 75.30 16.30
CA LYS T 116 20.56 74.47 17.21
C LYS T 116 19.91 74.37 18.59
N PHE T 117 19.07 75.36 18.91
CA PHE T 117 18.36 75.40 20.21
C PHE T 117 16.95 74.79 20.04
N HIS T 118 16.73 74.11 18.91
CA HIS T 118 15.51 73.28 18.79
C HIS T 118 15.83 71.85 19.21
N GLN T 119 14.75 71.09 19.41
CA GLN T 119 14.79 69.68 19.74
C GLN T 119 13.62 68.86 19.20
N GLY T 120 13.88 67.62 18.81
CA GLY T 120 12.81 66.72 18.37
C GLY T 120 13.25 65.88 17.21
N ALA T 121 12.43 64.89 16.81
CA ALA T 121 12.83 64.02 15.71
C ALA T 121 11.64 63.46 14.94
N LEU T 122 11.83 63.31 13.64
CA LEU T 122 10.82 62.74 12.78
C LEU T 122 11.23 61.49 12.07
N GLY T 123 10.45 60.47 12.22
CA GLY T 123 10.77 59.24 11.52
C GLY T 123 10.08 59.28 10.20
N VAL T 124 10.79 58.93 9.14
CA VAL T 124 10.20 58.91 7.83
C VAL T 124 10.18 57.49 7.33
N PHE T 125 8.99 56.93 7.18
CA PHE T 125 8.86 55.52 6.83
C PHE T 125 8.14 55.33 5.52
N LEU T 126 8.77 54.60 4.61
CA LEU T 126 8.12 54.35 3.34
C LEU T 126 7.54 52.94 3.35
N ILE T 127 6.22 52.85 3.33
CA ILE T 127 5.48 51.62 3.56
C ILE T 127 4.74 51.03 2.35
N PRO T 128 5.04 49.80 1.91
CA PRO T 128 4.36 49.15 0.82
C PRO T 128 2.93 48.88 1.24
N GLU T 129 1.99 48.94 0.32
CA GLU T 129 0.62 48.57 0.58
C GLU T 129 0.09 49.12 1.90
N PHE T 130 0.04 50.43 2.04
CA PHE T 130 -0.40 51.02 3.28
C PHE T 130 -1.92 51.05 3.44
N VAL T 131 -2.44 49.87 3.70
CA VAL T 131 -3.85 49.62 3.90
C VAL T 131 -4.20 50.00 5.33
N MET T 132 -5.22 50.83 5.49
CA MET T 132 -5.65 51.32 6.78
C MET T 132 -7.06 50.88 7.18
N ALA T 133 -7.29 50.85 8.48
CA ALA T 133 -8.56 50.49 9.12
C ALA T 133 -9.60 51.58 8.99
N CYS T 134 -10.88 51.19 9.04
CA CYS T 134 -12.01 52.13 8.97
C CYS T 134 -12.49 52.61 10.36
N ASN T 135 -13.35 53.64 10.35
CA ASN T 135 -13.91 54.25 11.56
C ASN T 135 -15.32 53.80 11.87
N THR T 136 -15.59 52.55 11.60
CA THR T 136 -16.88 51.95 11.90
C THR T 136 -16.69 50.51 12.24
N GLU T 137 -17.55 49.97 13.07
CA GLU T 137 -17.44 48.57 13.33
C GLU T 137 -18.41 47.74 12.50
N SER T 138 -19.50 48.36 12.04
CA SER T 138 -20.50 47.62 11.30
C SER T 138 -20.05 47.20 9.90
N LYS T 139 -19.13 47.94 9.30
CA LYS T 139 -18.64 47.60 7.99
C LYS T 139 -17.12 47.59 7.97
N THR T 140 -16.51 46.43 7.76
CA THR T 140 -15.06 46.35 7.73
C THR T 140 -14.56 46.66 6.34
N SER T 141 -13.26 46.95 6.22
CA SER T 141 -12.63 47.27 4.94
C SER T 141 -13.50 48.32 4.26
N TYR T 142 -13.86 49.31 5.04
CA TYR T 142 -14.78 50.31 4.58
C TYR T 142 -14.17 51.69 4.48
N VAL T 143 -14.13 52.24 3.28
CA VAL T 143 -13.58 53.58 3.06
C VAL T 143 -14.01 54.09 1.70
N SER T 144 -14.41 55.33 1.58
CA SER T 144 -14.78 55.76 0.24
C SER T 144 -13.57 56.03 -0.63
N TYR T 145 -13.77 56.03 -1.94
CA TYR T 145 -12.68 56.36 -2.84
C TYR T 145 -12.12 57.72 -2.52
N ILE T 146 -12.99 58.66 -2.22
CA ILE T 146 -12.51 60.00 -1.95
C ILE T 146 -11.69 60.06 -0.69
N ASN T 147 -12.18 59.46 0.37
CA ASN T 147 -11.47 59.56 1.63
C ASN T 147 -10.19 58.78 1.64
N ALA T 148 -10.14 57.74 0.84
CA ALA T 148 -8.98 56.90 0.75
C ALA T 148 -7.89 57.55 -0.06
N ASN T 149 -8.20 58.64 -0.75
CA ASN T 149 -7.29 59.32 -1.62
C ASN T 149 -7.38 60.84 -1.44
N PRO T 150 -6.82 61.39 -0.35
CA PRO T 150 -6.86 62.80 0.02
C PRO T 150 -6.24 63.72 -1.00
N GLY T 151 -5.38 63.17 -1.84
CA GLY T 151 -4.70 63.98 -2.81
C GLY T 151 -3.53 64.63 -2.12
N GLU T 152 -3.01 65.68 -2.71
CA GLU T 152 -1.80 66.31 -2.23
C GLU T 152 -1.79 66.67 -0.77
N ARG T 153 -2.89 67.16 -0.25
CA ARG T 153 -2.89 67.62 1.13
C ARG T 153 -2.57 66.52 2.14
N GLY T 154 -2.82 65.27 1.76
CA GLY T 154 -2.61 64.13 2.63
C GLY T 154 -3.65 64.04 3.74
N GLY T 155 -3.37 63.21 4.71
CA GLY T 155 -4.22 63.01 5.86
C GLY T 155 -3.37 63.17 7.11
N GLU T 156 -3.96 62.88 8.26
CA GLU T 156 -3.21 63.03 9.50
C GLU T 156 -3.47 61.92 10.48
N PHE T 157 -2.52 61.69 11.36
CA PHE T 157 -2.69 60.70 12.40
C PHE T 157 -3.26 61.30 13.68
N THR T 158 -3.99 60.47 14.39
CA THR T 158 -4.58 60.78 15.66
C THR T 158 -4.19 59.79 16.70
N ASN T 159 -4.58 60.02 17.93
CA ASN T 159 -4.25 59.13 19.02
C ASN T 159 -5.46 58.54 19.73
N THR T 160 -6.58 58.50 19.05
CA THR T 160 -7.77 57.94 19.67
C THR T 160 -8.64 57.28 18.63
N TYR T 161 -9.34 56.22 19.01
CA TYR T 161 -10.22 55.55 18.08
C TYR T 161 -11.64 55.61 18.55
N ASN T 162 -12.45 56.29 17.76
CA ASN T 162 -13.84 56.50 18.08
C ASN T 162 -14.69 56.23 16.87
N PRO T 163 -14.91 54.96 16.52
CA PRO T 163 -15.64 54.56 15.36
C PRO T 163 -17.08 54.89 15.63
N SER T 169 -20.64 58.92 7.22
CA SER T 169 -19.78 59.92 6.61
C SER T 169 -18.41 59.98 7.27
N GLU T 170 -18.31 59.52 8.52
CA GLU T 170 -17.06 59.50 9.24
C GLU T 170 -16.50 58.08 9.14
N GLY T 171 -17.39 57.09 9.12
CA GLY T 171 -17.02 55.68 9.07
C GLY T 171 -16.19 55.39 7.82
N ARG T 172 -16.50 56.14 6.76
CA ARG T 172 -15.88 56.08 5.46
C ARG T 172 -14.49 56.69 5.39
N LYS T 173 -14.00 57.29 6.48
CA LYS T 173 -12.67 57.86 6.60
C LYS T 173 -11.77 56.84 7.30
N PHE T 174 -10.45 56.97 7.19
CA PHE T 174 -9.58 56.02 7.87
C PHE T 174 -9.30 56.33 9.33
N ALA T 175 -9.19 55.26 10.09
CA ALA T 175 -8.88 55.25 11.50
C ALA T 175 -7.39 55.36 11.72
N ALA T 176 -6.86 56.53 11.47
CA ALA T 176 -5.42 56.73 11.47
C ALA T 176 -4.78 56.86 12.84
N LEU T 177 -4.76 55.78 13.62
CA LEU T 177 -4.09 55.83 14.93
C LEU T 177 -2.60 55.88 14.73
N ASP T 178 -1.91 56.68 15.52
CA ASP T 178 -0.48 56.80 15.37
C ASP T 178 0.31 55.62 15.93
N TYR T 179 0.06 55.25 17.17
CA TYR T 179 0.82 54.21 17.85
C TYR T 179 0.62 52.85 17.18
N LEU T 180 -0.50 52.68 16.48
CA LEU T 180 -0.80 51.46 15.74
C LEU T 180 -0.72 51.60 14.22
N LEU T 181 -0.14 52.70 13.75
CA LEU T 181 0.09 52.97 12.33
C LEU T 181 -1.13 52.86 11.44
N GLY T 182 -2.30 53.13 11.98
CA GLY T 182 -3.54 53.09 11.21
C GLY T 182 -4.03 51.69 10.90
N SER T 183 -3.32 50.65 11.35
CA SER T 183 -3.68 49.28 11.00
C SER T 183 -3.61 48.25 12.11
N GLY T 184 -3.32 48.64 13.34
CA GLY T 184 -3.26 47.65 14.40
C GLY T 184 -1.87 47.07 14.56
N VAL T 185 -0.88 47.80 14.09
CA VAL T 185 0.50 47.39 14.14
C VAL T 185 1.33 48.38 14.93
N LEU T 186 2.07 47.92 15.92
CA LEU T 186 2.83 48.88 16.70
C LEU T 186 3.89 49.60 15.90
N ALA T 187 3.95 50.90 16.13
CA ALA T 187 4.87 51.84 15.48
C ALA T 187 6.33 51.50 15.69
N GLY T 188 6.69 50.86 16.78
CA GLY T 188 8.10 50.56 17.00
C GLY T 188 8.66 49.62 15.96
N ASN T 189 7.79 48.93 15.23
CA ASN T 189 8.25 48.00 14.24
C ASN T 189 8.29 48.63 12.87
N ALA T 190 7.96 49.92 12.78
CA ALA T 190 7.89 50.68 11.53
C ALA T 190 9.22 50.74 10.85
N PHE T 191 10.25 50.55 11.62
CA PHE T 191 11.63 50.62 11.22
C PHE T 191 11.99 49.48 10.31
N VAL T 192 11.12 48.49 10.20
CA VAL T 192 11.35 47.40 9.30
C VAL T 192 11.24 47.90 7.86
N TYR T 193 10.44 48.95 7.66
CA TYR T 193 10.22 49.51 6.36
C TYR T 193 11.43 50.38 6.11
N PRO T 194 11.83 50.65 4.87
CA PRO T 194 12.93 51.52 4.60
C PRO T 194 12.60 52.86 5.22
N HIS T 195 13.57 53.43 5.93
CA HIS T 195 13.33 54.67 6.63
C HIS T 195 14.59 55.45 6.93
N GLN T 196 14.39 56.70 7.27
CA GLN T 196 15.42 57.58 7.80
C GLN T 196 14.85 58.43 8.91
N ILE T 197 15.70 58.98 9.77
CA ILE T 197 15.20 59.83 10.84
C ILE T 197 15.77 61.21 10.73
N ILE T 198 14.92 62.22 10.81
CA ILE T 198 15.45 63.55 10.86
C ILE T 198 15.51 63.93 12.30
N ASN T 199 16.71 63.97 12.83
CA ASN T 199 16.93 64.28 14.23
C ASN T 199 17.43 65.68 14.23
N LEU T 200 16.66 66.62 14.76
CA LEU T 200 17.03 68.03 14.61
C LEU T 200 18.35 68.35 15.29
N ARG T 201 18.79 67.48 16.18
CA ARG T 201 20.05 67.62 16.88
C ARG T 201 21.23 67.49 15.92
N THR T 202 21.01 66.78 14.82
CA THR T 202 22.02 66.46 13.81
C THR T 202 21.62 66.89 12.41
N ASN T 203 20.90 66.03 11.71
CA ASN T 203 20.50 66.28 10.33
C ASN T 203 19.17 66.98 10.25
N ASN T 204 18.94 67.69 9.14
CA ASN T 204 17.68 68.38 8.94
C ASN T 204 16.95 67.91 7.71
N SER T 205 17.39 66.81 7.18
CA SER T 205 16.76 66.28 6.00
C SER T 205 16.98 64.81 5.86
N ALA T 206 16.13 64.19 5.07
CA ALA T 206 16.26 62.78 4.77
C ALA T 206 15.75 62.45 3.39
N THR T 207 16.34 61.44 2.76
CA THR T 207 15.82 61.03 1.48
C THR T 207 15.71 59.53 1.34
N ILE T 208 14.71 59.14 0.57
CA ILE T 208 14.53 57.74 0.25
C ILE T 208 14.40 57.51 -1.23
N VAL T 209 15.18 56.57 -1.73
CA VAL T 209 15.10 56.11 -3.10
C VAL T 209 14.33 54.81 -3.08
N VAL T 210 13.30 54.72 -3.88
CA VAL T 210 12.55 53.48 -3.86
C VAL T 210 12.23 52.99 -5.27
N PRO T 211 12.35 51.68 -5.56
CA PRO T 211 11.96 51.08 -6.81
C PRO T 211 10.46 50.93 -6.86
N TYR T 212 9.92 50.70 -8.04
CA TYR T 212 8.52 50.33 -8.12
C TYR T 212 8.35 48.97 -7.46
N VAL T 213 7.36 48.84 -6.61
CA VAL T 213 7.11 47.56 -5.96
C VAL T 213 5.68 47.11 -6.08
N ASN T 214 5.49 45.88 -6.52
CA ASN T 214 4.19 45.27 -6.62
C ASN T 214 4.37 43.77 -6.83
N SER T 215 3.24 43.05 -6.90
CA SER T 215 3.21 41.64 -7.28
C SER T 215 3.10 41.56 -8.80
N LEU T 216 2.91 42.72 -9.39
CA LEU T 216 2.78 42.95 -10.81
C LEU T 216 3.91 43.79 -11.33
N VAL T 217 4.23 43.63 -12.59
CA VAL T 217 5.28 44.43 -13.18
C VAL T 217 4.88 45.90 -13.31
N ILE T 218 3.65 46.11 -13.74
CA ILE T 218 3.08 47.42 -14.01
C ILE T 218 1.63 47.40 -13.51
N ASP T 219 1.04 48.52 -13.07
CA ASP T 219 -0.36 48.46 -12.60
C ASP T 219 -1.12 49.76 -12.85
N CYS T 220 -2.38 49.80 -12.47
CA CYS T 220 -3.15 51.01 -12.71
C CYS T 220 -3.10 51.96 -11.51
N MET T 221 -2.52 53.14 -11.73
CA MET T 221 -2.30 54.11 -10.66
C MET T 221 -3.58 54.67 -10.06
N ALA T 222 -4.65 54.73 -10.83
CA ALA T 222 -5.88 55.25 -10.28
C ALA T 222 -6.56 54.23 -9.36
N LYS T 223 -6.18 52.96 -9.48
CA LYS T 223 -6.81 51.93 -8.69
C LYS T 223 -5.97 51.59 -7.48
N HIS T 224 -4.66 51.60 -7.64
CA HIS T 224 -3.81 51.14 -6.57
C HIS T 224 -2.62 52.02 -6.20
N ASN T 225 -2.47 52.22 -4.91
CA ASN T 225 -1.36 52.96 -4.36
C ASN T 225 -0.32 52.01 -3.83
N ASN T 226 0.74 51.74 -4.56
CA ASN T 226 1.64 50.72 -4.03
C ASN T 226 2.49 51.21 -2.87
N TRP T 227 2.78 52.48 -2.85
CA TRP T 227 3.57 53.01 -1.75
C TRP T 227 2.91 54.15 -1.02
N GLY T 228 3.00 54.09 0.33
CA GLY T 228 2.53 55.16 1.20
C GLY T 228 3.70 55.71 2.01
N ILE T 229 3.63 56.99 2.34
CA ILE T 229 4.69 57.62 3.10
C ILE T 229 4.18 58.24 4.39
N VAL T 230 4.76 57.79 5.49
CA VAL T 230 4.37 58.20 6.81
C VAL T 230 5.45 58.87 7.62
N ILE T 231 5.12 60.04 8.16
CA ILE T 231 6.05 60.76 9.00
C ILE T 231 5.55 60.82 10.43
N LEU T 232 6.37 60.37 11.36
CA LEU T 232 5.94 60.35 12.75
C LEU T 232 6.82 61.17 13.68
N PRO T 233 6.24 61.80 14.70
CA PRO T 233 6.91 62.56 15.74
C PRO T 233 7.50 61.62 16.77
N LEU T 234 8.56 60.93 16.37
CA LEU T 234 9.20 59.94 17.21
C LEU T 234 9.70 60.58 18.49
N ALA T 235 10.16 61.82 18.39
CA ALA T 235 10.58 62.55 19.58
C ALA T 235 9.84 63.88 19.46
N PRO T 236 9.30 64.42 20.55
CA PRO T 236 8.44 65.59 20.54
C PRO T 236 9.18 66.82 20.15
N LEU T 237 8.47 67.77 19.57
CA LEU T 237 9.06 69.05 19.25
C LEU T 237 9.11 69.97 20.44
N ALA T 238 10.24 70.58 20.64
CA ALA T 238 10.37 71.57 21.67
C ALA T 238 11.45 72.54 21.29
N PHE T 239 11.32 73.80 21.73
CA PHE T 239 12.37 74.84 21.57
C PHE T 239 12.43 75.69 22.83
N SER T 244 4.38 76.71 22.49
CA SER T 244 3.90 76.68 21.11
C SER T 244 4.99 76.76 20.04
N PRO T 245 5.99 75.87 20.05
CA PRO T 245 7.02 75.82 19.06
C PRO T 245 6.38 75.34 17.81
N GLN T 246 6.82 75.82 16.67
CA GLN T 246 6.29 75.35 15.40
C GLN T 246 7.42 75.22 14.41
N VAL T 247 7.50 74.09 13.74
CA VAL T 247 8.51 73.89 12.70
C VAL T 247 7.84 73.34 11.46
N PRO T 248 7.95 73.95 10.29
CA PRO T 248 7.33 73.45 9.10
C PRO T 248 8.04 72.20 8.60
N ILE T 249 7.31 71.32 7.96
CA ILE T 249 7.87 70.16 7.29
C ILE T 249 7.53 70.23 5.82
N THR T 250 8.54 70.20 4.98
CA THR T 250 8.32 70.28 3.55
C THR T 250 8.63 68.97 2.89
N VAL T 251 7.71 68.50 2.07
CA VAL T 251 7.93 67.26 1.38
C VAL T 251 7.92 67.47 -0.11
N THR T 252 9.01 67.10 -0.76
CA THR T 252 9.14 67.23 -2.21
C THR T 252 9.41 65.87 -2.84
N ILE T 253 8.60 65.51 -3.81
CA ILE T 253 8.68 64.18 -4.40
C ILE T 253 8.78 64.14 -5.89
N ALA T 254 9.67 63.29 -6.38
CA ALA T 254 9.76 63.05 -7.81
C ALA T 254 9.63 61.58 -8.14
N PRO T 255 8.75 61.18 -9.04
CA PRO T 255 8.70 59.84 -9.54
C PRO T 255 9.89 59.80 -10.45
N MET T 256 10.49 58.66 -10.65
CA MET T 256 11.57 58.58 -11.61
C MET T 256 11.56 57.29 -12.38
N CYS T 257 12.15 57.32 -13.58
CA CYS T 257 12.19 56.15 -14.45
C CYS T 257 10.78 55.63 -14.62
N THR T 258 9.90 56.56 -14.93
CA THR T 258 8.48 56.36 -15.10
C THR T 258 8.10 55.79 -16.44
N GLU T 259 7.15 54.86 -16.42
CA GLU T 259 6.59 54.29 -17.64
C GLU T 259 5.08 54.25 -17.58
N PHE T 260 4.49 54.38 -18.75
CA PHE T 260 3.06 54.23 -18.94
C PHE T 260 2.72 53.28 -20.08
N ASN T 261 1.55 52.66 -20.01
CA ASN T 261 1.13 51.72 -21.04
C ASN T 261 -0.38 51.76 -21.31
N GLY T 262 -0.74 51.64 -22.60
CA GLY T 262 -2.11 51.63 -23.03
C GLY T 262 -2.55 53.06 -23.20
N LEU T 263 -3.71 53.26 -23.80
CA LEU T 263 -4.24 54.60 -23.94
C LEU T 263 -5.72 54.59 -23.80
N ARG T 264 -6.22 55.35 -22.86
CA ARG T 264 -7.63 55.41 -22.55
C ARG T 264 -8.08 56.84 -22.67
N ASN T 265 -9.37 57.07 -22.60
CA ASN T 265 -9.76 58.44 -22.69
C ASN T 265 -9.46 59.04 -21.33
N ILE T 266 -9.73 60.29 -21.10
CA ILE T 266 -9.20 60.80 -19.84
C ILE T 266 -10.01 60.36 -18.66
N THR T 267 -9.36 59.79 -17.68
CA THR T 267 -10.04 59.38 -16.49
C THR T 267 -10.29 60.58 -15.62
N VAL T 268 -11.51 60.73 -15.14
CA VAL T 268 -11.83 61.82 -14.26
C VAL T 268 -12.51 61.31 -13.00
N PRO T 269 -11.72 60.90 -11.98
CA PRO T 269 -12.15 60.22 -10.78
C PRO T 269 -13.17 61.08 -10.09
N VAL T 270 -14.05 60.48 -9.33
CA VAL T 270 -15.06 61.30 -8.71
C VAL T 270 -14.40 62.39 -7.92
N HIS T 271 -14.86 63.60 -8.17
CA HIS T 271 -14.38 64.78 -7.51
C HIS T 271 -15.32 65.03 -6.34
N GLY U 1 1.05 -7.50 -5.24
CA GLY U 1 2.14 -8.19 -5.88
C GLY U 1 3.35 -8.27 -4.95
N LEU U 2 4.06 -7.14 -4.75
CA LEU U 2 5.26 -7.01 -3.89
C LEU U 2 4.94 -7.06 -2.39
N PRO U 3 5.36 -8.08 -1.65
CA PRO U 3 5.08 -8.19 -0.23
C PRO U 3 5.62 -7.00 0.56
N THR U 4 4.76 -6.43 1.38
CA THR U 4 5.08 -5.27 2.19
C THR U 4 4.51 -5.36 3.59
N MET U 5 5.05 -4.55 4.49
CA MET U 5 4.50 -4.50 5.82
C MET U 5 4.17 -3.09 6.26
N ASN U 6 2.98 -2.87 6.79
CA ASN U 6 2.63 -1.53 7.26
C ASN U 6 3.15 -1.31 8.67
N THR U 7 4.08 -0.39 8.84
CA THR U 7 4.65 -0.17 10.16
C THR U 7 3.82 0.86 10.92
N PRO U 8 3.98 1.01 12.24
CA PRO U 8 3.35 2.04 13.02
C PRO U 8 3.73 3.33 12.40
N GLY U 9 2.84 4.29 12.53
CA GLY U 9 3.01 5.60 11.94
C GLY U 9 2.27 5.67 10.62
N SER U 10 1.84 4.54 10.10
CA SER U 10 1.10 4.48 8.85
C SER U 10 -0.26 5.16 8.94
N ASN U 11 -0.66 5.84 7.87
CA ASN U 11 -1.95 6.52 7.73
C ASN U 11 -2.26 7.49 8.85
N GLN U 12 -1.29 8.31 9.23
CA GLN U 12 -1.50 9.28 10.28
C GLN U 12 -1.36 10.65 9.67
N PHE U 13 -2.00 11.64 10.26
CA PHE U 13 -1.78 13.00 9.75
C PHE U 13 -0.95 13.84 10.67
N LEU U 14 0.23 14.15 10.19
CA LEU U 14 1.17 14.94 10.95
C LEU U 14 1.26 16.32 10.29
N THR U 15 1.16 17.38 11.07
CA THR U 15 1.19 18.74 10.52
C THR U 15 2.57 19.16 10.06
N SER U 16 3.57 18.40 10.45
CA SER U 16 4.94 18.63 10.08
C SER U 16 5.40 17.65 9.00
N ASP U 17 4.45 16.90 8.45
CA ASP U 17 4.66 15.93 7.39
C ASP U 17 5.29 16.51 6.13
N ASP U 18 6.21 15.78 5.52
CA ASP U 18 6.86 16.26 4.29
C ASP U 18 6.81 15.20 3.19
N PHE U 19 5.65 14.61 3.00
CA PHE U 19 5.48 13.62 1.96
C PHE U 19 4.87 14.25 0.72
N GLN U 20 5.13 13.61 -0.40
CA GLN U 20 4.63 14.05 -1.70
C GLN U 20 3.17 13.74 -1.87
N SER U 21 2.51 14.46 -2.76
CA SER U 21 1.10 14.19 -3.00
C SER U 21 0.71 14.56 -4.41
N PRO U 22 -0.35 13.98 -5.00
CA PRO U 22 -0.87 14.29 -6.31
C PRO U 22 -1.25 15.73 -6.39
N CYS U 23 -1.09 16.29 -7.57
CA CYS U 23 -1.48 17.66 -7.82
C CYS U 23 -2.94 17.61 -8.21
N ALA U 24 -3.76 18.44 -7.58
CA ALA U 24 -5.18 18.50 -7.89
C ALA U 24 -5.41 19.16 -9.22
N LEU U 25 -4.45 19.99 -9.61
CA LEU U 25 -4.53 20.73 -10.83
C LEU U 25 -3.31 20.44 -11.65
N PRO U 26 -3.15 19.21 -12.12
CA PRO U 26 -1.96 18.76 -12.72
C PRO U 26 -1.74 19.47 -14.00
N ASN U 27 -0.49 19.75 -14.25
CA ASN U 27 0.01 20.36 -15.47
C ASN U 27 -0.40 21.79 -15.70
N PHE U 28 -1.02 22.39 -14.67
CA PHE U 28 -1.08 23.87 -14.51
C PHE U 28 0.33 24.43 -14.68
N ASP U 29 0.58 25.26 -15.70
CA ASP U 29 1.86 25.99 -15.66
C ASP U 29 1.79 27.20 -14.77
N VAL U 30 2.77 27.34 -13.89
CA VAL U 30 2.81 28.45 -12.96
C VAL U 30 3.05 29.80 -13.62
N THR U 31 2.31 30.81 -13.18
CA THR U 31 2.49 32.15 -13.71
C THR U 31 3.99 32.44 -13.52
N PRO U 32 4.74 32.87 -14.57
CA PRO U 32 6.15 33.10 -14.50
C PRO U 32 6.53 34.06 -13.38
N PRO U 33 7.67 33.88 -12.72
CA PRO U 33 8.19 34.72 -11.68
C PRO U 33 8.72 35.97 -12.30
N ILE U 34 8.75 37.05 -11.54
CA ILE U 34 9.41 38.27 -11.95
C ILE U 34 10.28 38.66 -10.80
N HIS U 35 11.27 39.49 -11.02
CA HIS U 35 12.00 39.94 -9.87
C HIS U 35 11.20 40.94 -9.08
N ILE U 36 11.15 40.71 -7.80
CA ILE U 36 10.48 41.59 -6.86
C ILE U 36 11.57 41.93 -5.86
N PRO U 37 11.81 43.19 -5.54
CA PRO U 37 12.81 43.62 -4.61
C PRO U 37 12.36 43.29 -3.21
N GLY U 38 13.29 43.21 -2.29
CA GLY U 38 12.91 43.01 -0.91
C GLY U 38 12.72 41.56 -0.56
N GLU U 39 13.28 40.66 -1.34
CA GLU U 39 13.12 39.26 -1.06
C GLU U 39 13.69 38.94 0.29
N VAL U 40 12.95 38.15 1.04
CA VAL U 40 13.36 37.70 2.35
C VAL U 40 13.64 36.22 2.24
N LYS U 41 14.77 35.78 2.74
CA LYS U 41 15.09 34.37 2.68
C LYS U 41 15.04 33.72 4.05
N ASN U 42 15.29 34.53 5.08
CA ASN U 42 15.37 34.01 6.44
C ASN U 42 14.75 35.03 7.39
N MET U 43 14.05 34.56 8.41
CA MET U 43 13.42 35.43 9.40
C MET U 43 14.47 36.20 10.18
N MET U 44 15.68 35.68 10.22
CA MET U 44 16.71 36.33 10.95
C MET U 44 17.08 37.65 10.30
N GLU U 45 16.84 37.79 9.00
CA GLU U 45 17.17 39.01 8.31
C GLU U 45 16.31 40.12 8.86
N LEU U 46 15.17 39.76 9.46
CA LEU U 46 14.31 40.79 9.96
C LEU U 46 14.62 41.01 11.44
N ALA U 47 15.05 39.95 12.11
CA ALA U 47 15.41 39.99 13.52
C ALA U 47 16.58 40.93 13.75
N GLU U 48 17.44 41.04 12.74
CA GLU U 48 18.62 41.89 12.77
C GLU U 48 18.33 43.38 12.48
N ILE U 49 17.07 43.76 12.26
CA ILE U 49 16.73 45.15 12.01
C ILE U 49 16.38 45.86 13.30
N ASP U 50 16.97 47.03 13.54
CA ASP U 50 16.70 47.80 14.75
C ASP U 50 15.23 48.18 14.86
N THR U 51 14.64 47.85 16.00
CA THR U 51 13.24 48.13 16.32
C THR U 51 13.11 48.84 17.65
N LEU U 52 12.17 49.77 17.78
CA LEU U 52 12.10 50.49 19.05
C LEU U 52 11.60 49.66 20.18
N ILE U 53 12.18 49.91 21.32
CA ILE U 53 11.82 49.22 22.51
C ILE U 53 10.77 50.06 23.24
N PRO U 54 9.60 49.54 23.58
CA PRO U 54 8.52 50.24 24.25
C PRO U 54 8.81 50.41 25.72
N MET U 55 9.83 51.20 26.00
CA MET U 55 10.42 51.36 27.32
C MET U 55 9.73 52.18 28.35
N ASN U 56 8.86 53.09 27.96
CA ASN U 56 8.29 54.00 28.93
C ASN U 56 6.83 53.73 29.11
N ALA U 57 6.45 52.46 29.00
CA ALA U 57 5.08 52.05 29.11
C ALA U 57 4.67 51.96 30.57
N VAL U 58 4.58 53.12 31.18
CA VAL U 58 4.28 53.27 32.58
C VAL U 58 3.19 54.33 32.84
N ASP U 59 2.24 54.04 33.72
CA ASP U 59 1.24 55.02 34.16
C ASP U 59 0.47 55.81 33.10
N GLY U 60 -0.07 55.16 32.09
CA GLY U 60 -0.83 55.89 31.09
C GLY U 60 -0.05 56.24 29.85
N LYS U 61 1.24 55.96 29.88
CA LYS U 61 2.12 56.19 28.74
C LYS U 61 2.19 54.90 27.95
N VAL U 62 1.36 53.96 28.31
CA VAL U 62 1.27 52.63 27.73
C VAL U 62 0.34 52.72 26.52
N ASN U 63 0.68 52.08 25.41
CA ASN U 63 -0.16 52.08 24.20
C ASN U 63 -0.48 53.47 23.65
N THR U 64 0.54 54.29 23.61
CA THR U 64 0.53 55.62 23.05
C THR U 64 1.84 55.87 22.34
N MET U 65 1.97 56.90 21.53
CA MET U 65 3.26 57.07 20.85
C MET U 65 4.40 57.38 21.82
N GLU U 66 4.07 58.06 22.91
CA GLU U 66 5.02 58.49 23.95
C GLU U 66 5.62 57.30 24.67
N MET U 67 5.07 56.14 24.46
CA MET U 67 5.44 54.89 25.05
C MET U 67 6.88 54.51 24.71
N TYR U 68 7.38 54.97 23.58
CA TYR U 68 8.74 54.63 23.23
C TYR U 68 9.74 55.69 23.66
N GLN U 69 9.28 56.75 24.32
CA GLN U 69 10.18 57.85 24.65
C GLN U 69 10.73 57.82 26.07
N ILE U 70 12.04 57.62 26.20
CA ILE U 70 12.69 57.54 27.49
C ILE U 70 13.00 58.96 27.93
N PRO U 71 12.52 59.46 29.06
CA PRO U 71 12.79 60.80 29.54
C PRO U 71 14.19 60.94 30.07
N LEU U 72 14.82 62.08 29.82
CA LEU U 72 16.12 62.46 30.36
C LEU U 72 16.08 63.88 30.87
N ASN U 73 16.96 64.21 31.81
CA ASN U 73 16.99 65.60 32.24
C ASN U 73 18.37 66.10 32.67
N ASP U 74 18.38 67.36 33.08
CA ASP U 74 19.54 68.08 33.51
C ASP U 74 19.70 68.13 35.02
N ASN U 75 18.98 67.29 35.75
CA ASN U 75 19.08 67.31 37.19
C ASN U 75 20.17 66.34 37.64
N LEU U 76 20.38 66.30 38.95
CA LEU U 76 21.33 65.38 39.54
C LEU U 76 20.66 64.12 39.98
N SER U 77 21.16 63.00 39.49
CA SER U 77 20.62 61.71 39.86
C SER U 77 21.66 60.64 39.77
N LYS U 78 21.60 59.71 40.71
CA LYS U 78 22.48 58.55 40.73
C LYS U 78 21.68 57.29 40.44
N ALA U 79 20.42 57.52 40.11
CA ALA U 79 19.43 56.50 39.84
C ALA U 79 19.43 56.17 38.37
N PRO U 80 18.95 55.01 37.98
CA PRO U 80 18.77 54.66 36.62
C PRO U 80 17.69 55.48 35.98
N ILE U 81 17.87 55.65 34.70
CA ILE U 81 17.01 56.31 33.75
C ILE U 81 16.01 55.27 33.38
N PHE U 82 16.53 54.09 33.09
CA PHE U 82 15.71 52.96 32.73
C PHE U 82 16.39 51.68 33.08
N CYS U 83 15.59 50.62 33.16
CA CYS U 83 16.08 49.28 33.36
C CYS U 83 15.28 48.26 32.55
N LEU U 84 15.97 47.31 31.95
CA LEU U 84 15.37 46.21 31.20
C LEU U 84 15.83 44.86 31.72
N SER U 85 14.97 43.86 31.73
CA SER U 85 15.48 42.54 32.00
C SER U 85 16.07 42.16 30.67
N LEU U 86 17.12 41.40 30.60
CA LEU U 86 17.58 41.07 29.26
C LEU U 86 16.65 40.17 28.49
N SER U 87 16.05 39.19 29.15
CA SER U 87 15.26 38.23 28.41
C SER U 87 14.33 38.90 27.37
N PRO U 88 14.64 38.75 26.07
CA PRO U 88 13.94 39.35 24.97
C PRO U 88 12.57 38.79 24.77
N ALA U 89 12.31 37.65 25.38
CA ALA U 89 11.03 37.02 25.24
C ALA U 89 10.12 37.27 26.45
N SER U 90 10.70 37.35 27.66
CA SER U 90 9.83 37.47 28.82
C SER U 90 9.65 38.88 29.31
N ASP U 91 10.56 39.78 28.98
CA ASP U 91 10.40 41.14 29.44
C ASP U 91 9.19 41.71 28.74
N LYS U 92 8.28 42.30 29.48
CA LYS U 92 7.06 42.81 28.88
C LYS U 92 7.32 43.82 27.77
N ARG U 93 8.38 44.61 27.88
CA ARG U 93 8.64 45.62 26.90
C ARG U 93 9.45 45.06 25.75
N LEU U 94 10.35 44.14 26.03
CA LEU U 94 11.14 43.61 24.92
C LEU U 94 10.34 42.62 24.09
N SER U 95 9.40 41.96 24.72
CA SER U 95 8.63 40.97 24.00
C SER U 95 7.88 41.63 22.87
N HIS U 96 7.29 42.79 23.12
CA HIS U 96 6.54 43.48 22.08
C HIS U 96 7.38 44.41 21.20
N THR U 97 8.39 43.83 20.55
CA THR U 97 9.30 44.49 19.61
C THR U 97 9.47 43.60 18.40
N MET U 98 10.02 44.08 17.29
CA MET U 98 10.18 43.14 16.17
C MET U 98 11.00 41.92 16.56
N LEU U 99 12.05 42.12 17.36
CA LEU U 99 12.88 40.98 17.72
C LEU U 99 12.08 40.03 18.57
N GLY U 100 11.35 40.58 19.52
CA GLY U 100 10.55 39.78 20.43
C GLY U 100 9.44 39.04 19.68
N GLU U 101 8.86 39.67 18.68
CA GLU U 101 7.78 39.06 17.93
C GLU U 101 8.25 37.93 17.07
N ILE U 102 9.43 38.05 16.47
CA ILE U 102 9.93 36.94 15.68
C ILE U 102 10.29 35.85 16.66
N LEU U 103 10.99 36.24 17.70
CA LEU U 103 11.46 35.34 18.73
C LEU U 103 10.36 34.55 19.39
N ASN U 104 9.18 35.15 19.57
CA ASN U 104 8.09 34.49 20.25
C ASN U 104 7.48 33.33 19.47
N TYR U 105 7.95 33.09 18.26
CA TYR U 105 7.52 31.94 17.49
C TYR U 105 8.49 30.81 17.73
N TYR U 106 9.45 31.01 18.62
CA TYR U 106 10.45 30.02 18.94
C TYR U 106 10.51 29.72 20.43
N THR U 107 11.00 28.54 20.78
CA THR U 107 11.15 28.19 22.18
C THR U 107 12.52 28.41 22.74
N HIS U 108 13.52 28.28 21.90
CA HIS U 108 14.91 28.41 22.29
C HIS U 108 15.59 29.44 21.43
N TRP U 109 16.54 30.14 22.02
CA TRP U 109 17.30 31.12 21.27
C TRP U 109 18.68 31.32 21.81
N THR U 110 19.54 31.85 20.98
CA THR U 110 20.88 32.12 21.43
C THR U 110 21.55 33.18 20.62
N GLY U 111 22.52 33.84 21.20
CA GLY U 111 23.30 34.83 20.49
C GLY U 111 23.32 36.16 21.19
N SER U 112 24.15 37.06 20.70
CA SER U 112 24.32 38.35 21.32
C SER U 112 23.19 39.26 20.89
N ILE U 113 22.84 40.23 21.75
CA ILE U 113 21.79 41.19 21.44
C ILE U 113 22.29 42.63 21.50
N ARG U 114 22.01 43.37 20.44
CA ARG U 114 22.44 44.74 20.31
C ARG U 114 21.43 45.77 20.78
N PHE U 115 21.88 46.68 21.62
CA PHE U 115 21.05 47.75 22.11
C PHE U 115 21.59 49.10 21.67
N THR U 116 20.80 49.78 20.89
CA THR U 116 21.25 51.05 20.32
C THR U 116 20.41 52.20 20.81
N PHE U 117 21.08 53.26 21.25
CA PHE U 117 20.35 54.40 21.76
C PHE U 117 20.60 55.67 20.98
N LEU U 118 19.50 56.34 20.65
CA LEU U 118 19.53 57.61 19.96
C LEU U 118 19.04 58.75 20.82
N PHE U 119 19.85 59.76 20.98
CA PHE U 119 19.50 60.91 21.77
C PHE U 119 18.88 61.98 20.91
N CYS U 120 17.70 62.46 21.30
CA CYS U 120 16.99 63.48 20.56
C CYS U 120 16.84 64.73 21.38
N GLY U 121 17.95 65.37 21.66
CA GLY U 121 18.03 66.59 22.43
C GLY U 121 18.28 67.78 21.52
N SER U 122 18.75 68.88 22.08
CA SER U 122 19.06 70.06 21.29
C SER U 122 20.50 69.87 20.81
N MET U 123 20.96 70.65 19.83
CA MET U 123 22.34 70.49 19.37
C MET U 123 23.30 71.01 20.39
N MET U 124 22.80 71.88 21.21
CA MET U 124 23.58 72.53 22.22
C MET U 124 23.70 71.70 23.50
N ALA U 125 23.03 70.54 23.54
CA ALA U 125 23.07 69.69 24.72
C ALA U 125 24.32 68.82 24.76
N THR U 126 24.88 68.68 25.96
CA THR U 126 26.03 67.81 26.22
C THR U 126 25.82 66.93 27.42
N GLY U 127 26.77 66.05 27.67
CA GLY U 127 26.71 65.15 28.80
C GLY U 127 27.21 63.76 28.41
N LYS U 128 27.28 62.86 29.39
CA LYS U 128 27.79 61.52 29.16
C LYS U 128 26.92 60.51 29.90
N LEU U 129 26.57 59.42 29.23
CA LEU U 129 25.74 58.38 29.82
C LEU U 129 26.46 57.06 30.03
N LEU U 130 26.09 56.37 31.10
CA LEU U 130 26.66 55.07 31.39
C LEU U 130 25.65 53.97 31.17
N LEU U 131 25.93 53.17 30.17
CA LEU U 131 25.04 52.09 29.80
C LEU U 131 25.73 50.79 30.09
N SER U 132 25.08 49.89 30.83
CA SER U 132 25.75 48.64 31.15
C SER U 132 24.88 47.41 31.23
N TYR U 133 25.55 46.26 31.03
CA TYR U 133 24.96 44.96 31.14
C TYR U 133 25.59 44.15 32.22
N SER U 134 24.76 43.66 33.10
CA SER U 134 25.19 42.87 34.23
C SER U 134 24.73 41.43 34.09
N PRO U 135 25.64 40.47 33.90
CA PRO U 135 25.32 39.06 33.77
C PRO U 135 24.52 38.69 35.00
N PRO U 136 23.70 37.67 34.91
CA PRO U 136 22.77 37.16 35.89
C PRO U 136 23.41 36.46 37.06
N GLY U 137 22.57 36.18 38.07
CA GLY U 137 22.94 35.39 39.23
C GLY U 137 23.61 36.14 40.38
N ALA U 138 23.39 37.45 40.47
CA ALA U 138 24.00 38.26 41.52
C ALA U 138 23.12 39.43 41.82
N LYS U 139 23.42 40.13 42.90
CA LYS U 139 22.68 41.30 43.29
C LYS U 139 22.41 42.09 42.03
N PRO U 140 21.20 42.59 41.81
CA PRO U 140 20.84 43.33 40.65
C PRO U 140 21.61 44.64 40.73
N PRO U 141 21.82 45.34 39.60
CA PRO U 141 22.51 46.61 39.49
C PRO U 141 22.16 47.73 40.46
N THR U 142 20.91 47.83 40.90
CA THR U 142 20.55 48.92 41.80
C THR U 142 21.16 50.27 41.40
N ASN U 143 22.20 50.69 42.10
CA ASN U 143 22.76 52.02 41.88
C ASN U 143 23.85 52.08 40.80
N ARG U 144 24.35 53.28 40.57
CA ARG U 144 25.33 53.51 39.52
C ARG U 144 26.70 52.89 39.73
N LYS U 145 27.02 52.49 40.95
CA LYS U 145 28.34 51.96 41.22
C LYS U 145 28.37 50.47 40.96
N ASP U 146 27.38 49.77 41.45
CA ASP U 146 27.36 48.32 41.28
C ASP U 146 27.14 48.02 39.81
N ALA U 147 26.43 48.90 39.14
CA ALA U 147 26.14 48.73 37.75
C ALA U 147 27.38 48.72 36.86
N MET U 148 28.54 49.17 37.36
CA MET U 148 29.75 49.19 36.54
C MET U 148 30.55 47.89 36.63
N LEU U 149 30.09 46.94 37.45
CA LEU U 149 30.75 45.65 37.55
C LEU U 149 30.17 44.75 36.50
N GLY U 150 30.56 45.02 35.28
CA GLY U 150 30.01 44.33 34.11
C GLY U 150 30.40 45.05 32.83
N THR U 151 29.72 44.70 31.73
CA THR U 151 30.02 45.29 30.44
C THR U 151 29.44 46.65 30.34
N HIS U 152 30.24 47.60 29.92
CA HIS U 152 29.66 48.91 29.81
C HIS U 152 30.27 49.75 28.73
N ILE U 153 29.51 50.72 28.31
CA ILE U 153 29.90 51.71 27.36
C ILE U 153 29.68 53.09 27.91
N ILE U 154 30.62 53.97 27.67
CA ILE U 154 30.43 55.32 28.07
C ILE U 154 30.09 56.07 26.82
N TRP U 155 28.91 56.63 26.79
CA TRP U 155 28.41 57.31 25.64
C TRP U 155 28.57 58.80 25.76
N ASP U 156 29.50 59.30 24.99
CA ASP U 156 29.82 60.71 25.03
C ASP U 156 28.91 61.35 24.00
N LEU U 157 27.95 62.16 24.43
CA LEU U 157 27.00 62.66 23.46
C LEU U 157 27.74 63.57 22.50
N GLY U 158 27.52 63.40 21.20
CA GLY U 158 28.20 64.22 20.20
C GLY U 158 27.46 64.10 18.88
N LEU U 159 28.07 64.56 17.79
CA LEU U 159 27.36 64.54 16.51
C LEU U 159 27.02 63.13 16.08
N GLN U 160 27.87 62.17 16.39
CA GLN U 160 27.52 60.80 16.03
C GLN U 160 26.69 60.41 17.21
N SER U 161 25.45 60.87 17.24
CA SER U 161 24.66 60.74 18.45
C SER U 161 24.40 59.33 18.82
N SER U 162 23.91 58.54 17.90
CA SER U 162 23.62 57.18 18.24
C SER U 162 24.81 56.34 18.57
N CYS U 163 24.63 55.44 19.52
CA CYS U 163 25.69 54.51 19.88
C CYS U 163 25.10 53.19 20.31
N SER U 164 25.93 52.17 20.42
CA SER U 164 25.39 50.93 20.89
C SER U 164 26.30 50.12 21.78
N MET U 165 25.63 49.32 22.57
CA MET U 165 26.21 48.35 23.47
C MET U 165 25.74 47.00 23.07
N VAL U 166 26.58 46.03 23.15
CA VAL U 166 26.12 44.71 22.85
C VAL U 166 26.15 43.93 24.11
N ALA U 167 25.02 43.33 24.45
CA ALA U 167 24.99 42.49 25.60
C ALA U 167 25.50 41.19 25.04
N PRO U 168 26.71 40.78 25.37
CA PRO U 168 27.37 39.68 24.75
C PRO U 168 26.66 38.43 25.12
N TRP U 169 26.74 37.45 24.26
CA TRP U 169 26.17 36.21 24.63
C TRP U 169 26.90 35.49 25.74
N ILE U 170 26.43 35.70 26.95
CA ILE U 170 26.95 35.01 28.11
C ILE U 170 25.84 34.19 28.69
N SER U 171 26.06 32.91 28.77
CA SER U 171 25.11 31.97 29.30
C SER U 171 25.85 30.74 29.71
N ASN U 172 25.27 29.97 30.61
CA ASN U 172 25.86 28.69 30.91
C ASN U 172 25.46 27.69 29.85
N THR U 173 24.28 27.88 29.33
CA THR U 173 23.67 27.02 28.36
C THR U 173 24.06 27.34 26.94
N VAL U 174 23.72 26.44 26.02
CA VAL U 174 24.01 26.71 24.63
C VAL U 174 22.92 27.62 24.13
N TYR U 175 21.69 27.28 24.54
CA TYR U 175 20.51 28.05 24.21
C TYR U 175 19.75 28.42 25.46
N ARG U 176 19.03 29.51 25.39
CA ARG U 176 18.14 29.93 26.45
C ARG U 176 16.72 29.74 26.06
N ARG U 177 15.85 29.60 27.04
CA ARG U 177 14.44 29.49 26.72
C ARG U 177 13.86 30.86 26.47
N CYS U 178 12.84 30.89 25.63
CA CYS U 178 12.03 32.06 25.42
C CYS U 178 11.02 32.14 26.55
N ALA U 179 10.64 30.98 27.07
CA ALA U 179 9.68 30.89 28.14
C ALA U 179 10.29 31.45 29.40
N ARG U 180 9.48 32.09 30.22
CA ARG U 180 10.02 32.54 31.48
C ARG U 180 10.10 31.41 32.46
N ASP U 181 11.23 31.29 33.13
CA ASP U 181 11.39 30.31 34.17
C ASP U 181 12.42 30.94 35.10
N ASP U 182 12.77 30.26 36.17
CA ASP U 182 13.69 30.84 37.13
C ASP U 182 15.16 30.61 36.79
N PHE U 183 15.41 29.54 36.04
CA PHE U 183 16.73 29.10 35.66
C PHE U 183 17.34 30.01 34.61
N THR U 184 16.55 30.33 33.59
CA THR U 184 17.01 31.11 32.46
C THR U 184 16.99 32.59 32.81
N GLU U 185 17.93 32.98 33.66
CA GLU U 185 18.00 34.36 34.08
C GLU U 185 18.80 35.11 33.04
N GLY U 186 18.22 36.13 32.45
CA GLY U 186 18.88 36.85 31.36
C GLY U 186 19.96 37.84 31.77
N GLY U 187 19.93 38.35 32.98
CA GLY U 187 20.87 39.38 33.38
C GLY U 187 20.14 40.69 33.19
N PHE U 188 20.81 41.80 33.46
CA PHE U 188 20.12 43.08 33.44
C PHE U 188 20.79 44.14 32.59
N ILE U 189 19.98 45.01 32.00
CA ILE U 189 20.50 46.18 31.33
C ILE U 189 19.99 47.44 31.95
N THR U 190 20.89 48.30 32.35
CA THR U 190 20.46 49.55 32.93
C THR U 190 21.25 50.71 32.39
N CYS U 191 20.71 51.90 32.55
CA CYS U 191 21.45 53.10 32.18
C CYS U 191 21.17 54.20 33.15
N PHE U 192 22.23 54.90 33.47
CA PHE U 192 22.31 55.99 34.42
C PHE U 192 23.33 57.01 33.97
N TYR U 193 23.35 58.17 34.57
CA TYR U 193 24.24 59.22 34.12
C TYR U 193 25.69 59.12 34.60
N GLN U 194 26.63 59.54 33.74
CA GLN U 194 27.99 59.72 34.18
C GLN U 194 28.02 61.11 34.74
N THR U 195 27.29 61.97 34.04
CA THR U 195 27.11 63.37 34.34
C THR U 195 25.74 63.78 33.84
N ARG U 196 25.17 64.81 34.44
CA ARG U 196 23.84 65.28 34.09
C ARG U 196 23.85 65.87 32.70
N ILE U 197 22.70 65.95 32.04
CA ILE U 197 22.71 66.63 30.76
C ILE U 197 22.82 68.10 31.00
N VAL U 198 23.71 68.72 30.29
CA VAL U 198 23.91 70.14 30.46
C VAL U 198 23.55 70.92 29.21
N VAL U 199 22.74 71.94 29.42
CA VAL U 199 22.32 72.77 28.33
C VAL U 199 22.54 74.23 28.71
N PRO U 200 22.67 75.14 27.75
CA PRO U 200 22.73 76.57 27.94
C PRO U 200 21.37 77.15 28.22
N ALA U 201 21.37 78.38 28.69
CA ALA U 201 20.14 79.09 28.96
C ALA U 201 19.28 79.24 27.72
N SER U 202 17.96 79.24 27.96
CA SER U 202 16.91 79.36 26.96
C SER U 202 16.91 78.28 25.90
N THR U 203 17.14 77.04 26.33
CA THR U 203 17.07 75.88 25.45
C THR U 203 16.26 74.85 26.26
N PRO U 204 15.78 73.73 25.68
CA PRO U 204 15.05 72.70 26.36
C PRO U 204 15.86 72.14 27.49
N THR U 205 15.21 71.73 28.56
CA THR U 205 15.92 71.15 29.69
C THR U 205 15.67 69.65 29.80
N SER U 206 14.60 69.17 29.18
CA SER U 206 14.27 67.76 29.20
C SER U 206 14.44 67.25 27.79
N MET U 207 14.75 65.97 27.67
CA MET U 207 15.01 65.34 26.39
C MET U 207 14.51 63.94 26.33
N PHE U 208 14.37 63.42 25.13
CA PHE U 208 13.98 62.05 25.02
C PHE U 208 14.99 61.24 24.26
N MET U 209 15.04 59.98 24.61
CA MET U 209 15.89 59.02 23.96
C MET U 209 15.11 57.85 23.47
N LEU U 210 15.51 57.35 22.33
CA LEU U 210 14.87 56.21 21.73
C LEU U 210 15.79 55.01 21.73
N GLY U 211 15.36 53.94 22.38
CA GLY U 211 16.19 52.75 22.39
C GLY U 211 15.71 51.80 21.34
N PHE U 212 16.63 51.08 20.74
CA PHE U 212 16.37 50.08 19.73
C PHE U 212 16.99 48.77 20.11
N VAL U 213 16.38 47.69 19.69
CA VAL U 213 16.99 46.38 19.90
C VAL U 213 17.06 45.60 18.61
N SER U 214 18.16 44.86 18.44
CA SER U 214 18.30 43.98 17.27
C SER U 214 19.18 42.79 17.51
N ALA U 215 18.97 41.75 16.70
CA ALA U 215 19.82 40.58 16.78
C ALA U 215 21.22 40.84 16.24
N CYS U 216 22.21 40.19 16.82
CA CYS U 216 23.54 40.23 16.27
C CYS U 216 23.64 39.11 15.22
N PRO U 217 24.57 39.15 14.29
CA PRO U 217 24.84 38.13 13.29
C PRO U 217 25.10 36.72 13.81
N ASP U 218 25.43 36.56 15.10
CA ASP U 218 25.66 35.23 15.63
C ASP U 218 24.37 34.58 16.17
N PHE U 219 23.27 35.33 16.09
CA PHE U 219 21.98 34.93 16.65
C PHE U 219 21.26 33.82 15.91
N SER U 220 20.61 32.96 16.67
CA SER U 220 19.80 31.90 16.11
C SER U 220 18.64 31.52 17.01
N VAL U 221 17.69 30.83 16.41
CA VAL U 221 16.52 30.30 17.11
C VAL U 221 16.37 28.86 16.71
N ARG U 222 15.64 28.08 17.51
CA ARG U 222 15.44 26.66 17.18
C ARG U 222 13.98 26.31 16.92
N LEU U 223 13.41 25.50 17.81
CA LEU U 223 12.06 25.00 17.70
C LEU U 223 10.96 26.03 17.66
N LEU U 224 10.06 25.84 16.70
CA LEU U 224 8.88 26.67 16.50
C LEU U 224 7.78 26.36 17.47
N ARG U 225 7.06 27.38 17.87
CA ARG U 225 5.92 27.21 18.75
C ARG U 225 4.83 28.20 18.38
N ASP U 226 3.58 27.95 18.77
CA ASP U 226 2.57 28.97 18.56
C ASP U 226 2.91 30.19 19.40
N THR U 227 2.65 31.38 18.85
CA THR U 227 2.90 32.63 19.53
C THR U 227 1.75 33.08 20.46
N PRO U 228 2.03 33.34 21.76
CA PRO U 228 1.07 33.71 22.79
C PRO U 228 0.44 35.07 22.61
N HIS U 229 1.01 35.88 21.74
CA HIS U 229 0.48 37.22 21.52
C HIS U 229 -0.68 37.23 20.54
N ILE U 230 -0.83 36.13 19.80
CA ILE U 230 -1.99 36.02 18.86
C ILE U 230 -3.15 35.40 19.62
N SER U 231 -4.34 35.94 19.38
CA SER U 231 -5.55 35.36 19.92
C SER U 231 -6.74 35.50 19.01
N GLN U 232 -7.77 34.70 19.30
CA GLN U 232 -9.00 34.67 18.54
C GLN U 232 -10.13 34.14 19.38
N SER U 233 -11.35 34.53 19.03
CA SER U 233 -12.54 34.01 19.66
C SER U 233 -12.69 32.55 19.27
N LYS U 234 -13.35 31.78 20.11
CA LYS U 234 -13.53 30.37 19.76
C LYS U 234 -14.40 30.24 18.50
N LEU U 235 -14.01 29.33 17.57
CA LEU U 235 -14.69 29.02 16.31
C LEU U 235 -15.57 27.78 16.50
N GLY V 2 16.51 7.31 -11.49
CA GLY V 2 16.65 8.76 -11.51
C GLY V 2 16.44 9.41 -10.12
N ALA V 3 16.98 8.77 -9.05
CA ALA V 3 16.93 9.22 -7.65
C ALA V 3 17.97 10.27 -7.32
N GLN V 4 17.65 11.11 -6.36
CA GLN V 4 18.59 12.08 -5.85
C GLN V 4 19.12 11.59 -4.53
N VAL V 5 20.39 11.82 -4.27
CA VAL V 5 20.96 11.46 -2.97
C VAL V 5 21.66 12.66 -2.39
N SER V 6 21.36 12.95 -1.13
CA SER V 6 21.94 14.08 -0.44
C SER V 6 22.03 13.85 1.04
N THR V 7 22.65 14.77 1.77
CA THR V 7 22.79 14.58 3.20
C THR V 7 21.59 15.01 4.02
N GLN V 8 21.54 14.48 5.23
CA GLN V 8 20.52 14.74 6.22
C GLN V 8 20.91 15.82 7.20
N LYS V 9 19.91 16.42 7.83
CA LYS V 9 20.18 17.33 8.93
C LYS V 9 20.70 16.40 10.03
N THR V 10 21.76 16.80 10.73
CA THR V 10 22.35 15.91 11.73
C THR V 10 21.51 15.67 12.98
N GLY V 11 21.79 14.53 13.65
CA GLY V 11 21.14 14.14 14.89
C GLY V 11 22.09 13.92 16.07
N ALA V 12 21.61 13.17 17.05
CA ALA V 12 22.30 12.98 18.34
C ALA V 12 23.67 12.31 18.28
N HIS V 13 23.86 11.38 17.38
CA HIS V 13 25.10 10.61 17.36
C HIS V 13 26.11 11.10 16.31
N GLU V 14 25.88 12.27 15.74
CA GLU V 14 26.78 12.76 14.69
C GLU V 14 27.83 13.74 15.18
N ASN V 15 28.94 13.82 14.45
CA ASN V 15 30.03 14.73 14.81
C ASN V 15 29.90 16.14 14.23
N GLN V 16 28.78 16.35 13.57
CA GLN V 16 28.34 17.59 12.96
C GLN V 16 29.12 18.10 11.77
N ASN V 17 30.02 17.28 11.24
CA ASN V 17 30.73 17.67 10.04
C ASN V 17 30.15 16.92 8.86
N VAL V 18 30.03 17.60 7.75
CA VAL V 18 29.47 16.95 6.59
C VAL V 18 30.45 16.02 5.98
N ALA V 19 29.95 14.81 5.77
CA ALA V 19 30.62 13.64 5.24
C ALA V 19 31.60 13.07 6.25
N ALA V 20 31.61 13.63 7.47
CA ALA V 20 32.49 13.13 8.49
C ALA V 20 31.83 11.98 9.19
N ASN V 21 30.60 11.74 8.79
CA ASN V 21 29.78 10.69 9.29
C ASN V 21 29.61 9.64 8.18
N GLY V 22 30.44 9.74 7.14
CA GLY V 22 30.43 8.82 6.03
C GLY V 22 29.10 8.81 5.29
N SER V 23 28.57 7.60 5.08
CA SER V 23 27.32 7.38 4.38
C SER V 23 26.12 7.39 5.32
N THR V 24 26.39 7.52 6.61
CA THR V 24 25.37 7.44 7.65
C THR V 24 24.32 8.47 7.45
N ILE V 25 24.73 9.64 7.00
CA ILE V 25 23.85 10.75 6.89
C ILE V 25 23.28 10.96 5.51
N ASN V 26 23.37 9.99 4.62
CA ASN V 26 22.75 10.22 3.33
C ASN V 26 21.34 9.72 3.30
N TYR V 27 20.52 10.30 2.43
CA TYR V 27 19.17 9.77 2.23
C TYR V 27 18.83 9.83 0.76
N THR V 28 17.86 9.03 0.37
CA THR V 28 17.46 8.96 -1.03
C THR V 28 16.06 9.48 -1.23
N THR V 29 15.89 10.34 -2.22
CA THR V 29 14.57 10.85 -2.55
C THR V 29 14.27 10.77 -4.03
N ILE V 30 13.05 10.34 -4.35
CA ILE V 30 12.55 10.20 -5.71
C ILE V 30 11.27 10.95 -5.89
N ASN V 31 11.16 11.76 -6.93
CA ASN V 31 9.92 12.44 -7.20
C ASN V 31 9.00 11.47 -7.94
N TYR V 32 7.76 11.33 -7.48
CA TYR V 32 6.85 10.37 -8.10
C TYR V 32 5.77 11.00 -8.93
N TYR V 33 5.84 12.29 -9.13
CA TYR V 33 4.82 12.98 -9.86
C TYR V 33 5.40 13.84 -10.96
N LYS V 34 4.65 14.01 -12.03
CA LYS V 34 5.09 14.84 -13.15
C LYS V 34 4.94 16.34 -12.94
N ASP V 35 4.22 16.71 -11.92
CA ASP V 35 3.94 18.09 -11.60
C ASP V 35 4.74 18.51 -10.38
N SER V 36 5.66 19.47 -10.51
CA SER V 36 6.55 19.81 -9.38
C SER V 36 5.79 20.31 -8.17
N ALA V 37 4.53 20.70 -8.32
CA ALA V 37 3.74 21.16 -7.18
C ALA V 37 3.61 20.03 -6.16
N SER V 38 3.74 18.80 -6.61
CA SER V 38 3.61 17.61 -5.83
C SER V 38 4.83 17.28 -5.01
N ASN V 39 5.94 17.96 -5.27
CA ASN V 39 7.17 17.67 -4.61
C ASN V 39 7.11 18.06 -3.16
N SER V 40 7.92 17.38 -2.36
CA SER V 40 8.08 17.66 -0.96
C SER V 40 8.89 18.93 -0.87
N ALA V 41 9.04 19.48 0.32
CA ALA V 41 9.73 20.76 0.48
C ALA V 41 11.15 20.72 -0.04
N THR V 42 11.63 21.88 -0.44
CA THR V 42 12.95 22.04 -1.02
C THR V 42 14.04 21.90 0.01
N ARG V 43 15.26 21.80 -0.49
CA ARG V 43 16.43 21.78 0.37
C ARG V 43 16.49 23.11 1.06
N GLN V 44 16.81 23.12 2.34
CA GLN V 44 16.89 24.40 3.01
C GLN V 44 17.89 25.27 2.30
N ASP V 45 17.52 26.53 2.12
CA ASP V 45 18.41 27.48 1.53
C ASP V 45 18.83 28.43 2.61
N LEU V 46 20.05 28.29 3.07
CA LEU V 46 20.55 29.05 4.18
C LEU V 46 21.23 30.34 3.76
N SER V 47 21.24 30.60 2.47
CA SER V 47 21.83 31.83 1.98
C SER V 47 20.98 32.97 2.45
N GLN V 48 21.60 34.09 2.80
CA GLN V 48 20.85 35.25 3.23
C GLN V 48 21.70 36.49 3.08
N ASP V 49 21.06 37.67 3.06
CA ASP V 49 21.79 38.93 2.98
C ASP V 49 21.00 40.09 3.57
N PRO V 50 21.17 40.38 4.86
CA PRO V 50 20.39 41.30 5.63
C PRO V 50 20.66 42.72 5.24
N SER V 51 21.69 42.99 4.43
CA SER V 51 22.02 44.38 4.17
C SER V 51 20.90 45.05 3.39
N LYS V 52 20.05 44.26 2.75
CA LYS V 52 18.92 44.80 2.02
C LYS V 52 18.02 45.56 2.96
N PHE V 53 18.00 45.15 4.23
CA PHE V 53 17.12 45.74 5.19
C PHE V 53 17.86 46.48 6.32
N THR V 54 19.11 46.11 6.60
CA THR V 54 19.80 46.70 7.73
C THR V 54 20.83 47.75 7.35
N GLU V 55 21.28 47.76 6.10
CA GLU V 55 22.24 48.75 5.65
C GLU V 55 21.93 49.14 4.22
N PRO V 56 20.71 49.57 3.90
CA PRO V 56 20.26 49.86 2.56
C PRO V 56 20.74 51.22 2.14
N VAL V 57 22.03 51.42 2.05
CA VAL V 57 22.46 52.79 1.83
C VAL V 57 23.16 53.03 0.55
N LYS V 58 23.08 54.28 0.10
CA LYS V 58 23.77 54.71 -1.08
C LYS V 58 25.26 54.92 -0.84
N ASP V 59 25.60 55.59 0.27
CA ASP V 59 27.00 55.87 0.53
C ASP V 59 27.49 54.75 1.40
N LEU V 60 28.44 53.97 0.93
CA LEU V 60 28.85 52.85 1.74
C LEU V 60 29.32 53.28 3.10
N MET V 61 28.76 52.66 4.11
CA MET V 61 29.14 52.94 5.47
C MET V 61 30.24 52.00 5.88
N LEU V 62 31.16 52.50 6.68
CA LEU V 62 32.18 51.63 7.21
C LEU V 62 31.91 51.55 8.68
N LYS V 63 32.20 50.43 9.30
CA LYS V 63 31.94 50.33 10.74
C LYS V 63 32.78 51.26 11.58
N THR V 64 34.04 51.47 11.23
CA THR V 64 34.89 52.31 12.06
C THR V 64 34.83 53.77 11.68
N ALA V 65 34.37 54.07 10.49
CA ALA V 65 34.29 55.45 10.10
C ALA V 65 33.18 56.07 10.90
N PRO V 66 33.22 57.37 11.21
CA PRO V 66 32.09 58.02 11.78
C PRO V 66 31.00 57.76 10.78
N ALA V 67 29.82 57.38 11.21
CA ALA V 67 28.79 57.13 10.22
C ALA V 67 28.49 58.39 9.46
N LEU V 68 28.46 59.48 10.18
CA LEU V 68 28.19 60.76 9.59
C LEU V 68 29.52 61.46 9.30
N ASN V 69 30.18 61.03 8.20
CA ASN V 69 31.48 61.49 7.73
C ASN V 69 31.41 62.94 7.25
C1 MYR W . -19.38 7.03 -28.46
O1 MYR W . -18.88 7.05 -29.68
O2 MYR W . -20.48 7.47 -28.30
C2 MYR W . -18.56 6.45 -27.30
C3 MYR W . -19.35 5.36 -26.52
C4 MYR W . -18.55 4.71 -25.33
C5 MYR W . -17.41 3.74 -25.82
C6 MYR W . -17.38 2.38 -25.07
C7 MYR W . -16.84 2.46 -23.60
C8 MYR W . -16.27 1.11 -23.07
C9 MYR W . -17.28 -0.07 -23.10
C10 MYR W . -16.71 -1.39 -22.50
C11 MYR W . -16.76 -1.44 -20.93
C12 MYR W . -16.00 -2.68 -20.39
C13 MYR W . -16.11 -2.83 -18.85
C14 MYR W . -15.34 -4.07 -18.33
C1 MYR X . -7.83 -30.19 -12.87
O1 MYR X . -7.09 -29.10 -12.83
O2 MYR X . -8.23 -30.54 -13.94
C2 MYR X . -8.17 -31.00 -11.64
C3 MYR X . -7.58 -30.46 -10.30
C4 MYR X . -8.20 -29.11 -9.86
C5 MYR X . -7.92 -28.79 -8.37
C6 MYR X . -6.45 -28.36 -8.08
C7 MYR X . -6.27 -27.89 -6.60
C8 MYR X . -5.92 -29.07 -5.63
C9 MYR X . -6.25 -28.75 -4.15
C10 MYR X . -5.12 -27.97 -3.41
C11 MYR X . -5.68 -26.87 -2.45
C12 MYR X . -4.57 -26.20 -1.59
C13 MYR X . -5.08 -24.93 -0.84
C14 MYR X . -4.37 -24.65 0.50
C1 MYR Y . 10.98 -24.32 21.75
O1 MYR Y . 11.28 -24.31 20.48
O2 MYR Y . 9.88 -24.69 22.04
C2 MYR Y . 11.95 -23.84 22.82
C3 MYR Y . 12.20 -22.30 22.76
C4 MYR Y . 10.97 -21.46 23.22
C5 MYR Y . 11.29 -19.94 23.33
C6 MYR Y . 11.23 -19.18 21.96
C7 MYR Y . 9.86 -18.44 21.72
C8 MYR Y . 9.76 -17.08 22.49
C9 MYR Y . 8.46 -16.30 22.12
C10 MYR Y . 8.52 -14.81 22.60
C11 MYR Y . 7.47 -13.91 21.87
C12 MYR Y . 7.66 -12.38 22.16
C13 MYR Y . 6.31 -11.64 22.37
C14 MYR Y . 6.50 -10.13 22.65
C1 MYR Z . 15.74 13.35 29.79
O1 MYR Z . 16.27 12.16 29.54
O2 MYR Z . 15.91 13.82 30.88
C2 MYR Z . 14.98 14.11 28.74
C3 MYR Z . 13.43 14.04 28.87
C4 MYR Z . 12.69 15.14 28.02
C5 MYR Z . 12.63 14.84 26.49
C6 MYR Z . 12.00 16.04 25.71
C7 MYR Z . 11.92 15.78 24.16
C8 MYR Z . 10.82 16.64 23.46
C9 MYR Z . 9.42 15.94 23.45
C10 MYR Z . 8.47 16.41 22.29
C11 MYR Z . 7.14 15.58 22.26
C12 MYR Z . 6.34 15.67 20.92
C13 MYR Z . 5.15 14.65 20.88
C14 MYR Z . 3.89 15.19 20.16
C1 MYR AA . -2.02 34.32 0.46
O1 MYR AA . -0.70 34.39 0.34
O2 MYR AA . -2.57 35.08 1.21
C2 MYR AA . -2.76 33.28 -0.34
C3 MYR AA . -4.19 33.71 -0.81
C4 MYR AA . -5.06 32.51 -1.31
C5 MYR AA . -4.47 31.83 -2.60
C6 MYR AA . -5.40 30.72 -3.17
C7 MYR AA . -5.22 29.32 -2.49
C8 MYR AA . -5.56 28.12 -3.43
C9 MYR AA . -7.05 28.13 -3.93
C10 MYR AA . -7.36 27.06 -5.02
C11 MYR AA . -7.71 25.66 -4.42
C12 MYR AA . -8.02 24.63 -5.55
C13 MYR AA . -8.52 23.28 -4.96
C14 MYR AA . -8.70 22.22 -6.07
#